data_8Q65
#
_entry.id   8Q65
#
_cell.length_a   1.00
_cell.length_b   1.00
_cell.length_c   1.00
_cell.angle_alpha   90.00
_cell.angle_beta   90.00
_cell.angle_gamma   90.00
#
_symmetry.space_group_name_H-M   'P 1'
#
loop_
_entity.id
_entity.type
_entity.pdbx_description
1 polymer "Inosine-5'-monophosphate dehydrogenase"
2 non-polymer "ADENOSINE-5'-TRIPHOSPHATE"
3 non-polymer 'MAGNESIUM ION'
#
_entity_poly.entity_id   1
_entity_poly.type   'polypeptide(L)'
_entity_poly.pdbx_seq_one_letter_code
;MSIAESSVPIAVPVPTGGDDPTKVAMLGLTFDDVLLLPAASDVVPATADTSSQLTKRIRLRVPLVSSAMDTVTESRMAIA
MARAGGMGVLHRNLPVAEQAGQVETVKRSEAGMVTDPVTCSPDNTLAEVDAMCARFRISGLPVVDDTGELVGIITNRDMR
FEVDQSKPVSEVMTKAPLITAKEGVSAEAALGLLRRHKIEKLPIVDGHGKLTGLITVKDFVKTEQFPLSTKDSDGRLLVG
AAVGVGDDAWTRAMTLVDAGVDVLIVDTAHAHNRGVLDMVSRLKQAVGERVDVVGGNVATRAAAAALVEAGADAVKVGVG
PGSICTTRVVAGVGAPQITAILEAVAACKPYGVPVIADGGLQYSGDIAKALAAGASTAMLGSLLAGTAESPGELIFVNGK
QFKSYRGMGSLGAMQGRGAAKSYSKDRYFQDDVLSEDKLVPEGIEGRVPFRGPLGTVIHQLTGGLRAAMGYTGSATIEQL
QQAQFVQITAAGLKESHPHDITMTVEAPNYYTR
;
_entity_poly.pdbx_strand_id   A,B,C,D,E,F,G,H
#
loop_
_chem_comp.id
_chem_comp.type
_chem_comp.name
_chem_comp.formula
ATP non-polymer ADENOSINE-5'-TRIPHOSPHATE 'C10 H16 N5 O13 P3'
MG non-polymer 'MAGNESIUM ION' 'Mg 2'
#
# COMPACT_ATOMS: atom_id res chain seq x y z
N VAL A 12 -19.01 -18.40 -45.98
CA VAL A 12 -17.91 -19.28 -46.37
C VAL A 12 -16.74 -19.25 -45.36
N PRO A 13 -16.20 -18.08 -45.02
CA PRO A 13 -15.07 -18.05 -44.09
C PRO A 13 -15.49 -18.44 -42.67
N VAL A 14 -14.49 -18.87 -41.91
CA VAL A 14 -14.69 -19.12 -40.48
C VAL A 14 -14.96 -17.78 -39.78
N PRO A 15 -15.87 -17.73 -38.80
CA PRO A 15 -16.13 -16.45 -38.12
C PRO A 15 -14.90 -15.84 -37.45
N THR A 16 -13.95 -16.66 -37.02
CA THR A 16 -12.73 -16.17 -36.40
C THR A 16 -11.57 -16.06 -37.38
N GLY A 17 -11.80 -16.27 -38.66
CA GLY A 17 -10.77 -16.10 -39.66
C GLY A 17 -10.35 -17.41 -40.28
N GLY A 18 -9.94 -17.34 -41.55
CA GLY A 18 -9.48 -18.52 -42.26
C GLY A 18 -10.62 -19.34 -42.84
N ASP A 19 -10.22 -20.46 -43.46
CA ASP A 19 -11.16 -21.39 -44.06
C ASP A 19 -11.20 -22.73 -43.34
N ASP A 20 -10.35 -22.94 -42.34
CA ASP A 20 -10.31 -24.21 -41.63
C ASP A 20 -11.18 -24.11 -40.38
N PRO A 21 -12.28 -24.89 -40.29
CA PRO A 21 -13.11 -24.85 -39.08
C PRO A 21 -12.45 -25.49 -37.86
N THR A 22 -11.39 -26.28 -38.04
CA THR A 22 -10.71 -26.95 -36.95
C THR A 22 -9.46 -26.22 -36.48
N LYS A 23 -9.12 -25.07 -37.07
CA LYS A 23 -7.95 -24.33 -36.63
C LYS A 23 -8.11 -23.89 -35.17
N VAL A 24 -9.26 -23.36 -34.81
CA VAL A 24 -9.64 -23.11 -33.43
C VAL A 24 -10.48 -24.31 -33.00
N ALA A 25 -9.83 -25.29 -32.38
CA ALA A 25 -10.46 -26.59 -32.16
C ALA A 25 -11.64 -26.50 -31.19
N MET A 26 -11.53 -25.67 -30.16
CA MET A 26 -12.54 -25.68 -29.11
C MET A 26 -12.46 -24.39 -28.31
N LEU A 27 -13.47 -24.18 -27.47
CA LEU A 27 -13.48 -23.11 -26.48
C LEU A 27 -13.18 -23.72 -25.12
N GLY A 28 -12.09 -23.28 -24.49
CA GLY A 28 -11.64 -23.87 -23.25
C GLY A 28 -12.25 -23.17 -22.05
N LEU A 29 -12.79 -23.97 -21.13
CA LEU A 29 -13.35 -23.47 -19.89
C LEU A 29 -12.39 -23.76 -18.75
N THR A 30 -12.13 -22.75 -17.93
CA THR A 30 -11.36 -22.91 -16.72
C THR A 30 -12.30 -23.05 -15.53
N PHE A 31 -11.71 -23.16 -14.34
CA PHE A 31 -12.52 -23.33 -13.12
C PHE A 31 -13.42 -22.13 -12.88
N ASP A 32 -12.91 -20.93 -13.11
CA ASP A 32 -13.70 -19.73 -12.89
C ASP A 32 -14.84 -19.56 -13.89
N ASP A 33 -14.88 -20.37 -14.95
CA ASP A 33 -15.94 -20.27 -15.94
C ASP A 33 -17.21 -21.01 -15.55
N VAL A 34 -17.17 -21.88 -14.55
CA VAL A 34 -18.28 -22.76 -14.26
C VAL A 34 -18.63 -22.72 -12.78
N LEU A 35 -19.89 -23.03 -12.48
CA LEU A 35 -20.36 -23.25 -11.13
C LEU A 35 -21.14 -24.55 -11.09
N LEU A 36 -21.19 -25.18 -9.92
CA LEU A 36 -21.96 -26.40 -9.74
C LEU A 36 -23.42 -26.05 -9.49
N LEU A 37 -24.31 -26.64 -10.27
CA LEU A 37 -25.73 -26.41 -10.10
C LEU A 37 -26.27 -27.27 -8.95
N PRO A 38 -26.99 -26.69 -8.00
CA PRO A 38 -27.64 -27.51 -6.97
C PRO A 38 -28.66 -28.46 -7.59
N ALA A 39 -28.77 -29.64 -7.01
CA ALA A 39 -29.68 -30.67 -7.48
C ALA A 39 -30.45 -31.23 -6.29
N ALA A 40 -31.38 -32.15 -6.57
CA ALA A 40 -32.11 -32.83 -5.51
C ALA A 40 -31.13 -33.56 -4.61
N SER A 41 -31.25 -33.35 -3.31
CA SER A 41 -30.24 -33.79 -2.37
C SER A 41 -30.86 -34.32 -1.10
N ASP A 42 -30.46 -35.53 -0.71
CA ASP A 42 -30.67 -36.04 0.63
C ASP A 42 -29.34 -36.25 1.36
N VAL A 43 -28.27 -35.65 0.83
CA VAL A 43 -26.92 -35.89 1.32
C VAL A 43 -26.60 -34.86 2.40
N VAL A 44 -26.30 -35.35 3.60
CA VAL A 44 -25.75 -34.48 4.64
C VAL A 44 -24.26 -34.30 4.38
N PRO A 45 -23.73 -33.06 4.43
CA PRO A 45 -22.31 -32.87 4.18
C PRO A 45 -21.40 -33.70 5.07
N ALA A 46 -21.78 -33.90 6.33
CA ALA A 46 -20.95 -34.68 7.24
C ALA A 46 -20.95 -36.17 6.88
N THR A 47 -22.06 -36.69 6.35
CA THR A 47 -22.18 -38.10 6.04
C THR A 47 -21.74 -38.45 4.63
N ALA A 48 -21.34 -37.48 3.82
CA ALA A 48 -20.93 -37.75 2.45
C ALA A 48 -19.67 -38.60 2.43
N ASP A 49 -19.56 -39.46 1.42
CA ASP A 49 -18.42 -40.34 1.23
C ASP A 49 -17.47 -39.71 0.22
N THR A 50 -16.34 -39.22 0.68
CA THR A 50 -15.37 -38.56 -0.18
C THR A 50 -14.31 -39.52 -0.73
N SER A 51 -14.43 -40.82 -0.47
CA SER A 51 -13.46 -41.77 -0.96
C SER A 51 -13.52 -41.88 -2.49
N SER A 52 -12.36 -42.08 -3.10
CA SER A 52 -12.27 -42.14 -4.55
C SER A 52 -11.05 -42.96 -4.95
N GLN A 53 -11.05 -43.42 -6.19
CA GLN A 53 -9.96 -44.23 -6.73
C GLN A 53 -8.82 -43.32 -7.18
N LEU A 54 -7.64 -43.51 -6.59
CA LEU A 54 -6.45 -42.86 -7.16
C LEU A 54 -6.00 -43.58 -8.43
N THR A 55 -5.97 -44.91 -8.40
CA THR A 55 -5.71 -45.71 -9.58
C THR A 55 -6.75 -46.82 -9.67
N LYS A 56 -6.54 -47.78 -10.58
CA LYS A 56 -7.50 -48.86 -10.73
C LYS A 56 -7.58 -49.73 -9.48
N ARG A 57 -6.45 -49.92 -8.78
CA ARG A 57 -6.40 -50.80 -7.62
C ARG A 57 -6.32 -50.07 -6.29
N ILE A 58 -6.12 -48.76 -6.28
CA ILE A 58 -5.90 -48.01 -5.05
C ILE A 58 -7.05 -47.03 -4.84
N ARG A 59 -7.66 -47.08 -3.66
CA ARG A 59 -8.73 -46.18 -3.27
C ARG A 59 -8.30 -45.38 -2.05
N LEU A 60 -8.42 -44.06 -2.13
CA LEU A 60 -8.09 -43.17 -1.04
C LEU A 60 -9.34 -42.75 -0.29
N ARG A 61 -9.20 -42.52 1.02
CA ARG A 61 -10.31 -42.02 1.81
C ARG A 61 -10.59 -40.56 1.49
N VAL A 62 -9.56 -39.79 1.16
CA VAL A 62 -9.68 -38.38 0.79
C VAL A 62 -9.03 -38.23 -0.58
N PRO A 63 -9.73 -37.70 -1.59
CA PRO A 63 -9.23 -37.71 -2.97
C PRO A 63 -8.20 -36.63 -3.26
N LEU A 64 -7.19 -36.52 -2.39
CA LEU A 64 -6.18 -35.48 -2.51
C LEU A 64 -4.80 -36.11 -2.51
N VAL A 65 -3.97 -35.73 -3.48
CA VAL A 65 -2.60 -36.21 -3.57
C VAL A 65 -1.66 -35.00 -3.63
N SER A 66 -0.61 -35.04 -2.82
CA SER A 66 0.37 -33.96 -2.85
C SER A 66 1.23 -34.05 -4.11
N SER A 67 1.46 -32.90 -4.75
CA SER A 67 2.22 -32.89 -6.00
C SER A 67 3.68 -33.24 -5.76
N ALA A 68 4.27 -33.93 -6.72
CA ALA A 68 5.68 -34.29 -6.64
C ALA A 68 6.59 -33.10 -6.92
N MET A 69 6.52 -32.07 -6.08
CA MET A 69 7.33 -30.88 -6.22
C MET A 69 8.34 -30.81 -5.09
N ASP A 70 9.56 -30.36 -5.41
CA ASP A 70 10.63 -30.30 -4.42
C ASP A 70 10.26 -29.43 -3.23
N THR A 71 9.40 -28.43 -3.43
CA THR A 71 8.94 -27.58 -2.35
C THR A 71 7.66 -28.07 -1.70
N VAL A 72 7.15 -29.23 -2.08
CA VAL A 72 5.85 -29.68 -1.58
C VAL A 72 5.99 -31.00 -0.82
N THR A 73 6.46 -32.04 -1.50
CA THR A 73 6.38 -33.39 -0.96
C THR A 73 7.77 -33.97 -0.72
N GLU A 74 8.06 -34.25 0.55
CA GLU A 74 9.13 -35.15 0.94
C GLU A 74 8.55 -36.19 1.89
N SER A 75 9.40 -36.96 2.57
CA SER A 75 8.91 -38.05 3.41
C SER A 75 7.93 -37.55 4.46
N ARG A 76 8.19 -36.39 5.05
CA ARG A 76 7.29 -35.83 6.05
C ARG A 76 5.92 -35.54 5.46
N MET A 77 5.89 -34.86 4.31
CA MET A 77 4.63 -34.56 3.64
C MET A 77 3.92 -35.83 3.21
N ALA A 78 4.67 -36.80 2.70
CA ALA A 78 4.06 -38.06 2.27
C ALA A 78 3.41 -38.78 3.45
N ILE A 79 4.10 -38.82 4.60
CA ILE A 79 3.54 -39.46 5.78
C ILE A 79 2.28 -38.72 6.24
N ALA A 80 2.33 -37.39 6.27
CA ALA A 80 1.17 -36.63 6.73
C ALA A 80 -0.02 -36.81 5.78
N MET A 81 0.24 -36.85 4.48
CA MET A 81 -0.84 -37.04 3.51
C MET A 81 -1.43 -38.44 3.62
N ALA A 82 -0.59 -39.46 3.79
CA ALA A 82 -1.10 -40.82 3.95
C ALA A 82 -1.93 -40.95 5.22
N ARG A 83 -1.49 -40.29 6.30
CA ARG A 83 -2.25 -40.36 7.55
C ARG A 83 -3.56 -39.60 7.45
N ALA A 84 -3.62 -38.58 6.60
CA ALA A 84 -4.83 -37.78 6.40
C ALA A 84 -5.87 -38.47 5.53
N GLY A 85 -5.54 -39.61 4.93
CA GLY A 85 -6.45 -40.29 4.04
C GLY A 85 -6.14 -40.13 2.56
N GLY A 86 -5.22 -39.26 2.20
CA GLY A 86 -4.79 -39.09 0.84
C GLY A 86 -3.51 -39.86 0.55
N MET A 87 -2.65 -39.26 -0.26
CA MET A 87 -1.34 -39.85 -0.55
C MET A 87 -0.40 -38.73 -0.99
N GLY A 88 0.89 -39.03 -0.96
CA GLY A 88 1.88 -38.11 -1.45
C GLY A 88 2.77 -38.79 -2.48
N VAL A 89 3.24 -37.99 -3.44
CA VAL A 89 4.20 -38.46 -4.44
C VAL A 89 5.51 -37.75 -4.18
N LEU A 90 6.57 -38.53 -3.95
CA LEU A 90 7.87 -37.96 -3.66
C LEU A 90 8.48 -37.36 -4.92
N HIS A 91 8.97 -36.14 -4.81
CA HIS A 91 9.60 -35.48 -5.95
C HIS A 91 10.91 -36.18 -6.28
N ARG A 92 11.35 -36.00 -7.53
CA ARG A 92 12.55 -36.66 -8.03
C ARG A 92 13.69 -35.69 -8.31
N ASN A 93 13.64 -34.49 -7.76
CA ASN A 93 14.73 -33.51 -7.92
C ASN A 93 15.81 -33.73 -6.85
N LEU A 94 16.35 -34.94 -6.84
CA LEU A 94 17.36 -35.39 -5.88
C LEU A 94 17.92 -36.75 -6.29
N PRO A 95 19.05 -37.18 -5.73
CA PRO A 95 19.63 -38.47 -6.13
C PRO A 95 18.72 -39.66 -5.89
N VAL A 96 18.99 -40.73 -6.64
CA VAL A 96 18.18 -41.95 -6.54
C VAL A 96 18.25 -42.53 -5.15
N ALA A 97 19.44 -42.55 -4.55
CA ALA A 97 19.61 -43.10 -3.20
C ALA A 97 18.77 -42.33 -2.19
N GLU A 98 18.77 -41.00 -2.29
CA GLU A 98 18.00 -40.18 -1.35
C GLU A 98 16.50 -40.44 -1.51
N GLN A 99 16.02 -40.56 -2.74
CA GLN A 99 14.59 -40.81 -2.95
C GLN A 99 14.19 -42.19 -2.44
N ALA A 100 15.04 -43.19 -2.66
CA ALA A 100 14.76 -44.51 -2.10
C ALA A 100 14.76 -44.47 -0.58
N GLY A 101 15.64 -43.66 0.01
CA GLY A 101 15.62 -43.49 1.46
C GLY A 101 14.35 -42.84 1.96
N GLN A 102 13.84 -41.84 1.24
CA GLN A 102 12.57 -41.23 1.61
C GLN A 102 11.42 -42.23 1.50
N VAL A 103 11.45 -43.06 0.46
CA VAL A 103 10.45 -44.12 0.32
C VAL A 103 10.51 -45.05 1.53
N GLU A 104 11.71 -45.46 1.92
CA GLU A 104 11.86 -46.38 3.04
C GLU A 104 11.40 -45.73 4.35
N THR A 105 11.69 -44.44 4.52
CA THR A 105 11.21 -43.72 5.69
C THR A 105 9.69 -43.75 5.77
N VAL A 106 9.03 -43.46 4.65
CA VAL A 106 7.56 -43.45 4.64
C VAL A 106 7.03 -44.85 4.91
N LYS A 107 7.65 -45.88 4.32
CA LYS A 107 7.16 -47.24 4.50
C LYS A 107 7.33 -47.72 5.93
N ARG A 108 8.41 -47.31 6.60
CA ARG A 108 8.67 -47.75 7.96
C ARG A 108 8.13 -46.80 9.02
N SER A 109 7.47 -45.71 8.63
CA SER A 109 6.81 -44.86 9.62
C SER A 109 5.72 -45.60 10.39
N GLU A 110 4.91 -46.40 9.70
CA GLU A 110 3.82 -47.15 10.35
C GLU A 110 3.79 -48.59 9.86
N ALA A 111 4.93 -49.28 9.95
CA ALA A 111 5.08 -50.65 9.48
C ALA A 111 3.91 -51.57 9.83
N GLY A 112 3.67 -51.79 11.12
CA GLY A 112 2.63 -52.73 11.56
C GLY A 112 3.00 -54.15 11.14
N MET A 113 2.05 -55.07 11.39
CA MET A 113 2.25 -56.48 11.06
C MET A 113 3.60 -56.99 11.57
N VAL A 114 4.46 -57.44 10.65
CA VAL A 114 5.78 -57.94 11.04
C VAL A 114 6.55 -56.86 11.79
N THR A 115 6.44 -55.60 11.35
CA THR A 115 7.11 -54.46 11.98
C THR A 115 8.62 -54.75 12.14
N ASP A 116 9.21 -55.44 11.15
CA ASP A 116 10.64 -55.71 11.14
C ASP A 116 11.38 -54.49 11.66
N PRO A 117 12.06 -54.60 12.80
CA PRO A 117 12.68 -53.43 13.42
C PRO A 117 13.98 -53.00 12.75
N VAL A 118 14.15 -51.68 12.62
CA VAL A 118 15.39 -51.14 12.09
C VAL A 118 16.53 -51.59 13.00
N THR A 119 17.57 -52.17 12.41
CA THR A 119 18.68 -52.70 13.19
C THR A 119 19.99 -52.09 12.74
N CYS A 120 20.90 -51.92 13.69
CA CYS A 120 22.24 -51.41 13.44
C CYS A 120 23.28 -52.45 13.81
N SER A 121 24.42 -52.40 13.16
CA SER A 121 25.50 -53.32 13.47
C SER A 121 26.19 -52.90 14.75
N PRO A 122 26.84 -53.83 15.45
CA PRO A 122 27.63 -53.45 16.63
C PRO A 122 28.80 -52.55 16.28
N ASP A 123 29.23 -52.53 15.02
CA ASP A 123 30.30 -51.65 14.59
C ASP A 123 29.82 -50.23 14.28
N ASN A 124 28.52 -49.98 14.38
CA ASN A 124 28.00 -48.63 14.19
C ASN A 124 28.35 -47.77 15.39
N THR A 125 28.01 -46.48 15.31
CA THR A 125 28.33 -45.52 16.35
C THR A 125 27.06 -44.84 16.83
N LEU A 126 27.20 -44.10 17.94
CA LEU A 126 26.04 -43.44 18.54
C LEU A 126 25.49 -42.34 17.64
N ALA A 127 26.34 -41.68 16.88
CA ALA A 127 25.86 -40.67 15.93
C ALA A 127 24.97 -41.30 14.88
N GLU A 128 25.37 -42.46 14.34
CA GLU A 128 24.57 -43.13 13.33
C GLU A 128 23.21 -43.57 13.89
N VAL A 129 23.20 -44.11 15.12
CA VAL A 129 21.93 -44.56 15.69
C VAL A 129 21.05 -43.36 16.04
N ASP A 130 21.64 -42.24 16.45
CA ASP A 130 20.84 -41.03 16.66
C ASP A 130 20.23 -40.54 15.36
N ALA A 131 21.00 -40.58 14.27
CA ALA A 131 20.47 -40.20 12.97
C ALA A 131 19.33 -41.12 12.54
N MET A 132 19.50 -42.42 12.75
CA MET A 132 18.44 -43.37 12.41
C MET A 132 17.19 -43.14 13.25
N CYS A 133 17.37 -42.86 14.54
CA CYS A 133 16.22 -42.59 15.41
C CYS A 133 15.47 -41.35 14.95
N ALA A 134 16.21 -40.29 14.60
CA ALA A 134 15.56 -39.09 14.09
C ALA A 134 14.84 -39.39 12.77
N ARG A 135 15.46 -40.20 11.92
CA ARG A 135 14.88 -40.51 10.62
C ARG A 135 13.57 -41.28 10.74
N PHE A 136 13.53 -42.30 11.58
CA PHE A 136 12.40 -43.21 11.65
C PHE A 136 11.46 -42.91 12.82
N ARG A 137 11.72 -41.86 13.60
CA ARG A 137 10.88 -41.47 14.72
C ARG A 137 10.74 -42.61 15.73
N ILE A 138 11.86 -43.24 16.07
CA ILE A 138 11.89 -44.37 16.98
C ILE A 138 12.91 -44.10 18.08
N SER A 139 12.78 -44.83 19.18
CA SER A 139 13.62 -44.62 20.36
C SER A 139 14.36 -45.90 20.74
N GLY A 140 14.62 -46.78 19.79
CA GLY A 140 15.31 -48.01 20.09
C GLY A 140 15.69 -48.82 18.87
N LEU A 141 16.86 -49.46 18.93
CA LEU A 141 17.39 -50.25 17.82
C LEU A 141 17.97 -51.56 18.33
N PRO A 142 17.51 -52.70 17.83
CA PRO A 142 18.23 -53.95 18.09
C PRO A 142 19.55 -53.97 17.33
N VAL A 143 20.48 -54.78 17.83
CA VAL A 143 21.83 -54.88 17.28
C VAL A 143 22.06 -56.33 16.91
N VAL A 144 22.32 -56.57 15.63
CA VAL A 144 22.50 -57.90 15.08
C VAL A 144 23.88 -57.99 14.43
N ASP A 145 24.43 -59.19 14.40
CA ASP A 145 25.77 -59.42 13.89
C ASP A 145 25.72 -59.65 12.39
N ASP A 146 26.84 -60.13 11.82
CA ASP A 146 26.92 -60.36 10.38
C ASP A 146 25.93 -61.44 9.92
N THR A 147 25.70 -62.44 10.75
CA THR A 147 24.79 -63.53 10.37
C THR A 147 23.32 -63.21 10.62
N GLY A 148 23.01 -62.04 11.17
CA GLY A 148 21.66 -61.70 11.56
C GLY A 148 21.29 -62.07 12.97
N GLU A 149 22.15 -62.79 13.69
CA GLU A 149 21.89 -63.13 15.07
C GLU A 149 21.97 -61.89 15.96
N LEU A 150 21.11 -61.87 16.98
CA LEU A 150 21.07 -60.75 17.90
C LEU A 150 22.35 -60.67 18.73
N VAL A 151 22.85 -59.46 18.94
CA VAL A 151 24.00 -59.27 19.81
C VAL A 151 23.74 -58.18 20.85
N GLY A 152 22.69 -57.39 20.68
CA GLY A 152 22.40 -56.38 21.68
C GLY A 152 21.17 -55.56 21.35
N ILE A 153 21.00 -54.48 22.12
CA ILE A 153 19.94 -53.52 21.86
C ILE A 153 20.35 -52.19 22.47
N ILE A 154 19.95 -51.10 21.84
CA ILE A 154 20.26 -49.74 22.29
C ILE A 154 18.97 -48.93 22.37
N THR A 155 18.82 -48.17 23.46
CA THR A 155 17.62 -47.39 23.71
C THR A 155 18.04 -46.03 24.28
N ASN A 156 17.04 -45.21 24.62
CA ASN A 156 17.32 -43.88 25.14
C ASN A 156 18.04 -43.97 26.49
N ARG A 157 17.62 -44.91 27.34
CA ARG A 157 18.26 -45.06 28.65
C ARG A 157 19.72 -45.50 28.54
N ASP A 158 20.12 -46.07 27.40
CA ASP A 158 21.49 -46.53 27.22
C ASP A 158 22.43 -45.42 26.77
N MET A 159 21.91 -44.34 26.18
CA MET A 159 22.77 -43.30 25.61
C MET A 159 22.28 -41.88 25.88
N ARG A 160 21.50 -41.66 26.94
CA ARG A 160 20.89 -40.35 27.15
C ARG A 160 21.95 -39.26 27.40
N PHE A 161 22.94 -39.55 28.23
CA PHE A 161 23.94 -38.56 28.60
C PHE A 161 25.34 -38.86 28.08
N GLU A 162 25.48 -39.87 27.23
CA GLU A 162 26.80 -40.24 26.75
C GLU A 162 27.45 -39.06 26.03
N VAL A 163 28.72 -38.80 26.36
CA VAL A 163 29.39 -37.61 25.86
C VAL A 163 29.98 -37.85 24.47
N ASP A 164 30.70 -38.96 24.31
CA ASP A 164 31.38 -39.24 23.04
C ASP A 164 30.38 -39.88 22.08
N GLN A 165 29.99 -39.13 21.05
CA GLN A 165 29.14 -39.69 20.01
C GLN A 165 29.86 -40.73 19.15
N SER A 166 31.18 -40.81 19.26
CA SER A 166 31.95 -41.82 18.54
C SER A 166 31.92 -43.18 19.22
N LYS A 167 31.27 -43.28 20.38
CA LYS A 167 31.19 -44.54 21.10
C LYS A 167 30.54 -45.62 20.23
N PRO A 168 31.20 -46.74 20.00
CA PRO A 168 30.60 -47.78 19.17
C PRO A 168 29.40 -48.43 19.85
N VAL A 169 28.53 -49.01 19.01
CA VAL A 169 27.32 -49.65 19.52
C VAL A 169 27.68 -50.78 20.46
N SER A 170 28.67 -51.59 20.10
CA SER A 170 29.08 -52.71 20.95
C SER A 170 29.54 -52.22 22.32
N GLU A 171 30.02 -50.98 22.41
CA GLU A 171 30.56 -50.50 23.67
C GLU A 171 29.46 -50.19 24.69
N VAL A 172 28.29 -49.77 24.23
CA VAL A 172 27.25 -49.28 25.12
C VAL A 172 25.95 -50.07 25.02
N MET A 173 25.83 -50.98 24.06
CA MET A 173 24.61 -51.75 23.90
C MET A 173 24.40 -52.70 25.09
N THR A 174 23.15 -53.05 25.32
CA THR A 174 22.81 -54.02 26.36
C THR A 174 23.19 -55.41 25.87
N LYS A 175 24.14 -56.03 26.56
CA LYS A 175 24.78 -57.24 26.04
C LYS A 175 23.83 -58.43 26.07
N ALA A 176 23.95 -59.29 25.05
CA ALA A 176 23.18 -60.53 25.02
C ALA A 176 23.69 -61.47 26.11
N PRO A 177 22.82 -62.36 26.62
CA PRO A 177 21.42 -62.63 26.25
C PRO A 177 20.45 -61.55 26.70
N LEU A 178 19.25 -61.53 26.12
CA LEU A 178 18.23 -60.54 26.44
C LEU A 178 16.89 -61.24 26.57
N ILE A 179 15.89 -60.48 26.99
CA ILE A 179 14.52 -60.99 27.08
C ILE A 179 13.93 -60.98 25.68
N THR A 180 13.75 -62.16 25.09
CA THR A 180 13.29 -62.28 23.71
C THR A 180 12.21 -63.34 23.62
N ALA A 181 11.42 -63.26 22.55
CA ALA A 181 10.37 -64.22 22.26
C ALA A 181 10.61 -64.84 20.88
N LYS A 182 9.87 -65.91 20.59
CA LYS A 182 10.03 -66.64 19.35
C LYS A 182 9.05 -66.13 18.29
N GLU A 183 9.35 -66.48 17.04
CA GLU A 183 8.46 -66.14 15.94
C GLU A 183 7.08 -66.74 16.15
N GLY A 184 6.05 -65.96 15.87
CA GLY A 184 4.69 -66.42 16.09
C GLY A 184 4.22 -66.39 17.52
N VAL A 185 4.91 -65.66 18.40
CA VAL A 185 4.49 -65.57 19.79
C VAL A 185 3.18 -64.78 19.87
N SER A 186 2.28 -65.24 20.74
CA SER A 186 0.97 -64.61 20.86
C SER A 186 1.09 -63.20 21.43
N ALA A 187 0.14 -62.35 21.05
CA ALA A 187 0.14 -60.96 21.52
C ALA A 187 -0.03 -60.88 23.03
N GLU A 188 -0.90 -61.71 23.60
CA GLU A 188 -1.10 -61.69 25.05
C GLU A 188 0.16 -62.14 25.78
N ALA A 189 0.86 -63.13 25.25
CA ALA A 189 2.14 -63.54 25.85
C ALA A 189 3.15 -62.41 25.80
N ALA A 190 3.22 -61.68 24.69
CA ALA A 190 4.13 -60.54 24.59
C ALA A 190 3.76 -59.46 25.59
N LEU A 191 2.47 -59.17 25.75
CA LEU A 191 2.05 -58.18 26.74
C LEU A 191 2.42 -58.64 28.15
N GLY A 192 2.26 -59.93 28.44
CA GLY A 192 2.65 -60.44 29.74
C GLY A 192 4.14 -60.30 29.99
N LEU A 193 4.96 -60.60 28.98
CA LEU A 193 6.40 -60.40 29.10
C LEU A 193 6.74 -58.93 29.32
N LEU A 194 6.09 -58.04 28.58
CA LEU A 194 6.37 -56.61 28.71
C LEU A 194 6.01 -56.10 30.10
N ARG A 195 4.91 -56.60 30.67
CA ARG A 195 4.54 -56.15 32.01
C ARG A 195 5.44 -56.78 33.07
N ARG A 196 5.79 -58.06 32.90
CA ARG A 196 6.60 -58.75 33.89
C ARG A 196 8.01 -58.18 33.97
N HIS A 197 8.67 -58.04 32.83
CA HIS A 197 10.04 -57.56 32.78
C HIS A 197 10.16 -56.05 32.69
N LYS A 198 9.06 -55.33 32.50
CA LYS A 198 9.01 -53.88 32.37
C LYS A 198 9.93 -53.32 31.30
N ILE A 199 10.47 -54.18 30.42
CA ILE A 199 11.12 -53.70 29.21
C ILE A 199 10.04 -53.20 28.25
N GLU A 200 10.39 -52.16 27.47
CA GLU A 200 9.40 -51.58 26.56
C GLU A 200 9.41 -52.17 25.16
N LYS A 201 10.59 -52.49 24.62
CA LYS A 201 10.71 -53.02 23.26
C LYS A 201 11.16 -54.48 23.33
N LEU A 202 10.25 -55.40 23.02
CA LEU A 202 10.54 -56.82 23.11
C LEU A 202 10.93 -57.37 21.74
N PRO A 203 12.16 -57.85 21.58
CA PRO A 203 12.54 -58.48 20.30
C PRO A 203 11.85 -59.82 20.11
N ILE A 204 11.65 -60.18 18.85
CA ILE A 204 11.04 -61.45 18.46
C ILE A 204 12.01 -62.17 17.55
N VAL A 205 12.40 -63.38 17.93
CA VAL A 205 13.51 -64.09 17.32
C VAL A 205 12.98 -65.31 16.57
N ASP A 206 13.76 -65.76 15.59
CA ASP A 206 13.44 -66.96 14.83
C ASP A 206 13.84 -68.19 15.64
N GLY A 207 13.86 -69.35 15.01
CA GLY A 207 14.23 -70.57 15.68
C GLY A 207 15.70 -70.87 15.70
N HIS A 208 16.53 -69.90 15.32
CA HIS A 208 17.98 -70.06 15.29
C HIS A 208 18.71 -69.06 16.18
N GLY A 209 18.20 -67.83 16.28
CA GLY A 209 18.85 -66.80 17.05
C GLY A 209 18.94 -65.50 16.30
N LYS A 210 18.44 -65.48 15.07
CA LYS A 210 18.44 -64.29 14.23
C LYS A 210 17.15 -63.51 14.45
N LEU A 211 17.28 -62.20 14.63
CA LEU A 211 16.12 -61.36 14.91
C LEU A 211 15.18 -61.34 13.72
N THR A 212 13.88 -61.36 13.99
CA THR A 212 12.84 -61.28 12.99
C THR A 212 11.93 -60.07 13.18
N GLY A 213 11.52 -59.76 14.41
CA GLY A 213 10.60 -58.66 14.62
C GLY A 213 10.75 -57.98 15.97
N LEU A 214 9.81 -57.08 16.28
CA LEU A 214 9.75 -56.43 17.58
C LEU A 214 8.30 -56.13 17.89
N ILE A 215 7.88 -56.40 19.12
CA ILE A 215 6.47 -56.29 19.50
C ILE A 215 6.26 -55.08 20.39
N THR A 216 5.33 -54.21 19.99
CA THR A 216 4.86 -53.10 20.81
C THR A 216 3.49 -52.68 20.30
N VAL A 217 2.61 -52.31 21.23
CA VAL A 217 1.23 -51.97 20.88
C VAL A 217 1.10 -50.58 20.27
N LYS A 218 2.19 -49.80 20.25
CA LYS A 218 2.11 -48.43 19.76
C LYS A 218 1.68 -48.37 18.29
N ASP A 219 1.99 -49.40 17.51
CA ASP A 219 1.50 -49.44 16.13
C ASP A 219 -0.02 -49.43 16.08
N PHE A 220 -0.65 -50.17 17.00
CA PHE A 220 -2.09 -50.04 17.19
C PHE A 220 -2.45 -48.65 17.69
N VAL A 221 -1.65 -48.11 18.61
CA VAL A 221 -1.94 -46.79 19.17
C VAL A 221 -1.96 -45.73 18.08
N LYS A 222 -0.96 -45.75 17.19
CA LYS A 222 -0.97 -44.83 16.05
C LYS A 222 -2.19 -45.07 15.17
N THR A 223 -2.64 -46.33 15.06
CA THR A 223 -3.88 -46.60 14.33
C THR A 223 -5.04 -45.85 14.98
N GLU A 224 -5.06 -45.80 16.30
CA GLU A 224 -6.05 -44.96 17.00
C GLU A 224 -5.82 -43.48 16.69
N GLN A 225 -4.56 -43.06 16.62
CA GLN A 225 -4.25 -41.66 16.41
C GLN A 225 -4.73 -41.18 15.03
N PHE A 226 -4.54 -41.99 14.00
CA PHE A 226 -4.87 -41.63 12.63
C PHE A 226 -5.74 -42.73 12.02
N PRO A 227 -7.04 -42.74 12.34
CA PRO A 227 -7.91 -43.80 11.80
C PRO A 227 -8.08 -43.76 10.29
N LEU A 228 -7.79 -42.63 9.64
CA LEU A 228 -8.02 -42.47 8.21
C LEU A 228 -6.81 -42.81 7.36
N SER A 229 -5.73 -43.32 7.96
CA SER A 229 -4.51 -43.58 7.22
C SER A 229 -4.76 -44.57 6.07
N THR A 230 -4.22 -44.26 4.90
CA THR A 230 -4.30 -45.14 3.75
C THR A 230 -3.11 -46.07 3.75
N LYS A 231 -3.39 -47.38 3.68
CA LYS A 231 -2.37 -48.40 3.89
C LYS A 231 -2.57 -49.54 2.91
N ASP A 232 -1.50 -50.29 2.66
CA ASP A 232 -1.59 -51.52 1.91
C ASP A 232 -2.12 -52.64 2.81
N SER A 233 -2.08 -53.88 2.31
CA SER A 233 -2.45 -55.02 3.14
C SER A 233 -1.42 -55.27 4.25
N ASP A 234 -0.16 -54.91 4.00
CA ASP A 234 0.88 -55.08 5.01
C ASP A 234 0.74 -54.11 6.17
N GLY A 235 -0.14 -53.13 6.09
CA GLY A 235 -0.31 -52.17 7.17
C GLY A 235 0.62 -51.00 7.15
N ARG A 236 1.41 -50.83 6.09
CA ARG A 236 2.30 -49.70 5.94
C ARG A 236 1.63 -48.60 5.11
N LEU A 237 2.10 -47.38 5.31
CA LEU A 237 1.53 -46.24 4.60
C LEU A 237 1.83 -46.33 3.10
N LEU A 238 0.85 -45.96 2.29
CA LEU A 238 1.04 -45.87 0.85
C LEU A 238 1.84 -44.62 0.50
N VAL A 239 2.66 -44.74 -0.54
CA VAL A 239 3.50 -43.63 -0.99
C VAL A 239 3.71 -43.78 -2.49
N GLY A 240 3.86 -42.65 -3.17
CA GLY A 240 4.17 -42.64 -4.58
C GLY A 240 5.49 -41.95 -4.88
N ALA A 241 6.06 -42.22 -6.04
CA ALA A 241 7.33 -41.61 -6.43
C ALA A 241 7.31 -41.26 -7.90
N ALA A 242 7.84 -40.08 -8.22
CA ALA A 242 7.93 -39.61 -9.60
C ALA A 242 9.21 -40.11 -10.24
N VAL A 243 9.11 -40.47 -11.53
CA VAL A 243 10.25 -40.84 -12.35
C VAL A 243 10.14 -40.11 -13.66
N GLY A 244 11.28 -39.97 -14.34
CA GLY A 244 11.33 -39.37 -15.65
C GLY A 244 11.30 -40.41 -16.76
N VAL A 245 12.00 -40.10 -17.85
CA VAL A 245 12.15 -41.04 -18.95
C VAL A 245 13.64 -41.18 -19.25
N GLY A 246 14.07 -42.40 -19.56
CA GLY A 246 15.44 -42.69 -19.90
C GLY A 246 15.99 -43.85 -19.10
N ASP A 247 17.30 -44.09 -19.26
CA ASP A 247 17.96 -45.17 -18.55
C ASP A 247 18.17 -44.83 -17.07
N ASP A 248 18.55 -43.59 -16.79
CA ASP A 248 18.59 -43.14 -15.39
C ASP A 248 17.21 -43.27 -14.76
N ALA A 249 16.16 -42.96 -15.52
CA ALA A 249 14.80 -43.12 -15.02
C ALA A 249 14.48 -44.59 -14.75
N TRP A 250 14.93 -45.50 -15.60
CA TRP A 250 14.70 -46.92 -15.35
C TRP A 250 15.42 -47.38 -14.08
N THR A 251 16.66 -46.95 -13.90
CA THR A 251 17.39 -47.31 -12.69
C THR A 251 16.69 -46.75 -11.44
N ARG A 252 16.25 -45.50 -11.52
CA ARG A 252 15.52 -44.89 -10.41
C ARG A 252 14.24 -45.67 -10.10
N ALA A 253 13.50 -46.05 -11.15
CA ALA A 253 12.24 -46.77 -10.95
C ALA A 253 12.49 -48.13 -10.32
N MET A 254 13.52 -48.85 -10.76
CA MET A 254 13.82 -50.14 -10.17
C MET A 254 14.22 -49.98 -8.70
N THR A 255 15.02 -48.97 -8.39
CA THR A 255 15.40 -48.73 -6.99
C THR A 255 14.17 -48.39 -6.14
N LEU A 256 13.26 -47.59 -6.67
CA LEU A 256 12.06 -47.22 -5.92
C LEU A 256 11.16 -48.43 -5.70
N VAL A 257 11.03 -49.29 -6.71
CA VAL A 257 10.22 -50.50 -6.55
C VAL A 257 10.86 -51.41 -5.50
N ASP A 258 12.18 -51.52 -5.51
CA ASP A 258 12.87 -52.31 -4.48
C ASP A 258 12.62 -51.72 -3.10
N ALA A 259 12.62 -50.40 -2.98
CA ALA A 259 12.37 -49.76 -1.69
C ALA A 259 10.94 -49.96 -1.21
N GLY A 260 10.03 -50.43 -2.06
CA GLY A 260 8.66 -50.68 -1.69
C GLY A 260 7.68 -49.61 -2.06
N VAL A 261 7.94 -48.82 -3.10
CA VAL A 261 7.00 -47.80 -3.53
C VAL A 261 5.72 -48.45 -4.03
N ASP A 262 4.61 -47.74 -3.90
CA ASP A 262 3.31 -48.26 -4.29
C ASP A 262 2.86 -47.75 -5.64
N VAL A 263 3.12 -46.48 -5.95
CA VAL A 263 2.75 -45.89 -7.22
C VAL A 263 4.00 -45.28 -7.84
N LEU A 264 4.25 -45.58 -9.10
CA LEU A 264 5.25 -44.91 -9.90
C LEU A 264 4.54 -43.98 -10.86
N ILE A 265 4.95 -42.72 -10.90
CA ILE A 265 4.33 -41.75 -11.80
C ILE A 265 5.39 -41.30 -12.79
N VAL A 266 5.15 -41.59 -14.06
CA VAL A 266 6.03 -41.06 -15.11
C VAL A 266 5.66 -39.59 -15.27
N ASP A 267 6.47 -38.73 -14.64
CA ASP A 267 6.19 -37.32 -14.43
C ASP A 267 6.86 -36.51 -15.53
N THR A 268 6.08 -36.07 -16.51
CA THR A 268 6.58 -35.25 -17.61
C THR A 268 5.63 -34.11 -17.86
N ALA A 269 6.16 -33.03 -18.43
CA ALA A 269 5.33 -31.88 -18.75
C ALA A 269 4.45 -32.15 -19.96
N HIS A 270 4.89 -33.05 -20.84
CA HIS A 270 4.17 -33.36 -22.07
C HIS A 270 4.24 -34.86 -22.26
N ALA A 271 3.19 -35.57 -21.84
CA ALA A 271 3.17 -37.03 -21.90
C ALA A 271 2.80 -37.56 -23.28
N HIS A 272 2.29 -36.73 -24.18
CA HIS A 272 1.99 -37.17 -25.55
C HIS A 272 3.28 -37.24 -26.34
N ASN A 273 4.10 -38.22 -25.99
CA ASN A 273 5.43 -38.37 -26.54
C ASN A 273 5.80 -39.84 -26.49
N ARG A 274 6.45 -40.33 -27.55
CA ARG A 274 6.74 -41.75 -27.66
C ARG A 274 7.62 -42.24 -26.53
N GLY A 275 8.54 -41.40 -26.06
CA GLY A 275 9.40 -41.81 -24.96
C GLY A 275 8.62 -42.06 -23.68
N VAL A 276 7.69 -41.17 -23.35
CA VAL A 276 6.88 -41.33 -22.15
C VAL A 276 6.01 -42.58 -22.26
N LEU A 277 5.39 -42.79 -23.42
CA LEU A 277 4.53 -43.95 -23.60
C LEU A 277 5.33 -45.24 -23.52
N ASP A 278 6.54 -45.26 -24.11
CA ASP A 278 7.38 -46.45 -24.03
C ASP A 278 7.81 -46.71 -22.59
N MET A 279 8.15 -45.66 -21.84
CA MET A 279 8.51 -45.83 -20.44
C MET A 279 7.33 -46.39 -19.64
N VAL A 280 6.13 -45.89 -19.89
CA VAL A 280 4.95 -46.37 -19.19
C VAL A 280 4.71 -47.85 -19.51
N SER A 281 4.81 -48.20 -20.79
CA SER A 281 4.61 -49.59 -21.18
C SER A 281 5.66 -50.51 -20.57
N ARG A 282 6.93 -50.07 -20.56
CA ARG A 282 8.00 -50.87 -19.98
C ARG A 282 7.76 -51.09 -18.48
N LEU A 283 7.42 -50.03 -17.76
CA LEU A 283 7.16 -50.16 -16.34
C LEU A 283 5.97 -51.07 -16.07
N LYS A 284 4.91 -50.93 -16.87
CA LYS A 284 3.74 -51.77 -16.69
C LYS A 284 4.06 -53.24 -16.93
N GLN A 285 4.87 -53.54 -17.95
CA GLN A 285 5.24 -54.92 -18.19
C GLN A 285 6.15 -55.47 -17.10
N ALA A 286 7.10 -54.66 -16.62
CA ALA A 286 8.10 -55.18 -15.69
C ALA A 286 7.56 -55.29 -14.26
N VAL A 287 7.00 -54.21 -13.72
CA VAL A 287 6.59 -54.19 -12.32
C VAL A 287 5.11 -53.88 -12.17
N GLY A 288 4.32 -54.22 -13.19
CA GLY A 288 2.90 -53.94 -13.15
C GLY A 288 2.16 -54.66 -12.04
N GLU A 289 2.58 -55.88 -11.71
CA GLU A 289 1.86 -56.66 -10.70
C GLU A 289 2.05 -56.08 -9.30
N ARG A 290 3.19 -55.45 -9.04
CA ARG A 290 3.47 -54.93 -7.71
C ARG A 290 3.02 -53.48 -7.54
N VAL A 291 3.37 -52.61 -8.47
CA VAL A 291 3.10 -51.19 -8.34
C VAL A 291 2.17 -50.77 -9.47
N ASP A 292 1.52 -49.62 -9.28
CA ASP A 292 0.69 -49.03 -10.31
C ASP A 292 1.46 -47.92 -11.00
N VAL A 293 1.24 -47.78 -12.31
CA VAL A 293 1.95 -46.81 -13.13
C VAL A 293 0.96 -45.73 -13.55
N VAL A 294 1.31 -44.47 -13.30
CA VAL A 294 0.48 -43.33 -13.64
C VAL A 294 1.18 -42.51 -14.71
N GLY A 295 0.45 -42.16 -15.77
CA GLY A 295 1.04 -41.42 -16.86
C GLY A 295 1.06 -39.92 -16.60
N GLY A 296 2.00 -39.26 -17.26
CA GLY A 296 2.29 -37.85 -17.06
C GLY A 296 1.17 -36.94 -17.53
N ASN A 297 1.50 -35.66 -17.54
CA ASN A 297 0.50 -34.63 -17.82
C ASN A 297 0.06 -34.65 -19.28
N VAL A 298 -1.25 -34.65 -19.48
CA VAL A 298 -1.87 -34.56 -20.79
C VAL A 298 -2.95 -33.49 -20.71
N ALA A 299 -3.40 -33.04 -21.87
CA ALA A 299 -4.45 -32.05 -21.93
C ALA A 299 -5.47 -32.30 -23.01
N THR A 300 -5.38 -33.40 -23.75
CA THR A 300 -6.27 -33.71 -24.85
C THR A 300 -6.79 -35.13 -24.72
N ARG A 301 -7.87 -35.41 -25.45
CA ARG A 301 -8.43 -36.76 -25.47
C ARG A 301 -7.47 -37.75 -26.11
N ALA A 302 -6.79 -37.34 -27.18
CA ALA A 302 -5.88 -38.26 -27.87
C ALA A 302 -4.71 -38.66 -26.98
N ALA A 303 -4.15 -37.71 -26.22
CA ALA A 303 -3.03 -38.03 -25.34
C ALA A 303 -3.47 -38.98 -24.23
N ALA A 304 -4.64 -38.74 -23.65
CA ALA A 304 -5.15 -39.65 -22.62
C ALA A 304 -5.42 -41.04 -23.19
N ALA A 305 -5.94 -41.11 -24.42
CA ALA A 305 -6.15 -42.39 -25.07
C ALA A 305 -4.84 -43.11 -25.32
N ALA A 306 -3.80 -42.37 -25.72
CA ALA A 306 -2.49 -42.98 -25.91
C ALA A 306 -1.94 -43.52 -24.60
N LEU A 307 -2.10 -42.76 -23.51
CA LEU A 307 -1.64 -43.25 -22.21
C LEU A 307 -2.40 -44.50 -21.78
N VAL A 308 -3.72 -44.52 -21.99
CA VAL A 308 -4.52 -45.69 -21.64
C VAL A 308 -4.09 -46.90 -22.46
N GLU A 309 -3.83 -46.68 -23.75
CA GLU A 309 -3.33 -47.76 -24.61
C GLU A 309 -1.96 -48.23 -24.15
N ALA A 310 -1.14 -47.33 -23.59
CA ALA A 310 0.15 -47.72 -23.06
C ALA A 310 0.04 -48.54 -21.77
N GLY A 311 -1.12 -48.57 -21.14
CA GLY A 311 -1.31 -49.36 -19.95
C GLY A 311 -1.22 -48.61 -18.64
N ALA A 312 -1.31 -47.29 -18.64
CA ALA A 312 -1.26 -46.52 -17.40
C ALA A 312 -2.49 -46.82 -16.54
N ASP A 313 -2.26 -46.92 -15.23
CA ASP A 313 -3.34 -47.16 -14.28
C ASP A 313 -4.09 -45.90 -13.88
N ALA A 314 -3.51 -44.73 -14.13
CA ALA A 314 -4.18 -43.46 -13.93
C ALA A 314 -3.52 -42.45 -14.84
N VAL A 315 -4.29 -41.44 -15.26
CA VAL A 315 -3.82 -40.44 -16.20
C VAL A 315 -3.81 -39.08 -15.51
N LYS A 316 -2.65 -38.42 -15.47
CA LYS A 316 -2.56 -37.12 -14.84
C LYS A 316 -2.78 -36.05 -15.91
N VAL A 317 -3.61 -35.05 -15.59
CA VAL A 317 -4.13 -34.11 -16.56
C VAL A 317 -3.76 -32.69 -16.15
N GLY A 318 -3.24 -31.93 -17.11
CA GLY A 318 -2.99 -30.51 -16.95
C GLY A 318 -1.71 -30.07 -17.61
N VAL A 319 -1.83 -29.13 -18.55
CA VAL A 319 -0.72 -28.56 -19.29
C VAL A 319 -1.00 -27.08 -19.44
N GLY A 320 -0.24 -26.24 -18.74
CA GLY A 320 -0.51 -24.83 -18.67
C GLY A 320 -1.89 -24.49 -18.15
N PRO A 321 -2.29 -25.07 -17.01
CA PRO A 321 -3.66 -24.85 -16.53
C PRO A 321 -3.89 -23.47 -15.95
N GLY A 322 -2.90 -22.89 -15.28
CA GLY A 322 -3.07 -21.58 -14.68
C GLY A 322 -3.18 -20.47 -15.72
N SER A 323 -3.85 -19.39 -15.34
CA SER A 323 -4.09 -18.30 -16.29
C SER A 323 -2.82 -17.52 -16.61
N ILE A 324 -1.99 -17.27 -15.60
CA ILE A 324 -0.76 -16.52 -15.79
C ILE A 324 0.39 -17.51 -15.72
N CYS A 325 0.11 -18.74 -16.12
CA CYS A 325 1.10 -19.81 -16.10
C CYS A 325 2.30 -19.44 -16.97
N THR A 326 3.49 -19.86 -16.54
CA THR A 326 4.70 -19.55 -17.29
C THR A 326 4.66 -20.16 -18.69
N THR A 327 4.11 -21.37 -18.81
CA THR A 327 4.02 -22.02 -20.11
C THR A 327 3.20 -21.19 -21.08
N ARG A 328 2.07 -20.64 -20.63
CA ARG A 328 1.25 -19.80 -21.49
C ARG A 328 2.00 -18.55 -21.94
N VAL A 329 2.70 -17.90 -21.02
CA VAL A 329 3.35 -16.63 -21.35
C VAL A 329 4.54 -16.85 -22.28
N VAL A 330 5.36 -17.85 -22.00
CA VAL A 330 6.61 -18.03 -22.73
C VAL A 330 6.42 -18.87 -23.99
N ALA A 331 5.76 -20.03 -23.87
CA ALA A 331 5.57 -20.90 -25.02
C ALA A 331 4.27 -20.67 -25.75
N GLY A 332 3.31 -19.94 -25.15
CA GLY A 332 2.02 -19.81 -25.77
C GLY A 332 1.20 -21.08 -25.78
N VAL A 333 1.49 -22.01 -24.88
CA VAL A 333 0.89 -23.33 -24.87
C VAL A 333 0.09 -23.49 -23.58
N GLY A 334 -1.10 -24.09 -23.70
CA GLY A 334 -1.88 -24.39 -22.53
C GLY A 334 -3.22 -24.96 -22.91
N ALA A 335 -3.97 -25.37 -21.89
CA ALA A 335 -5.32 -25.87 -22.07
C ALA A 335 -6.08 -25.57 -20.78
N PRO A 336 -7.21 -24.87 -20.85
CA PRO A 336 -8.01 -24.66 -19.65
C PRO A 336 -8.41 -25.98 -19.02
N GLN A 337 -8.39 -26.02 -17.68
CA GLN A 337 -8.34 -27.29 -16.98
C GLN A 337 -9.68 -28.03 -17.02
N ILE A 338 -10.80 -27.31 -16.99
CA ILE A 338 -12.09 -27.99 -17.00
C ILE A 338 -12.31 -28.71 -18.33
N THR A 339 -12.03 -28.03 -19.43
CA THR A 339 -12.17 -28.64 -20.75
C THR A 339 -11.18 -29.78 -20.92
N ALA A 340 -9.95 -29.61 -20.40
CA ALA A 340 -8.95 -30.67 -20.48
C ALA A 340 -9.41 -31.91 -19.72
N ILE A 341 -9.96 -31.73 -18.52
CA ILE A 341 -10.44 -32.86 -17.74
C ILE A 341 -11.60 -33.54 -18.45
N LEU A 342 -12.52 -32.76 -19.00
CA LEU A 342 -13.64 -33.36 -19.73
C LEU A 342 -13.15 -34.19 -20.90
N GLU A 343 -12.21 -33.65 -21.68
CA GLU A 343 -11.68 -34.36 -22.83
C GLU A 343 -10.93 -35.63 -22.43
N ALA A 344 -10.14 -35.57 -21.36
CA ALA A 344 -9.39 -36.74 -20.93
C ALA A 344 -10.29 -37.81 -20.33
N VAL A 345 -11.32 -37.39 -19.58
CA VAL A 345 -12.27 -38.34 -19.01
C VAL A 345 -13.04 -39.03 -20.10
N ALA A 346 -13.38 -38.31 -21.18
CA ALA A 346 -14.07 -38.94 -22.30
C ALA A 346 -13.29 -40.10 -22.89
N ALA A 347 -11.97 -40.12 -22.72
CA ALA A 347 -11.14 -41.22 -23.20
C ALA A 347 -10.85 -42.26 -22.13
N CYS A 348 -10.73 -41.84 -20.86
CA CYS A 348 -10.29 -42.72 -19.80
C CYS A 348 -11.44 -43.48 -19.13
N LYS A 349 -12.59 -42.84 -18.95
CA LYS A 349 -13.70 -43.50 -18.26
C LYS A 349 -14.16 -44.80 -18.90
N PRO A 350 -14.30 -44.93 -20.23
CA PRO A 350 -14.73 -46.22 -20.79
C PRO A 350 -13.82 -47.38 -20.40
N TYR A 351 -12.55 -47.11 -20.16
CA TYR A 351 -11.61 -48.15 -19.74
C TYR A 351 -11.42 -48.21 -18.23
N GLY A 352 -12.17 -47.41 -17.47
CA GLY A 352 -12.05 -47.47 -16.03
C GLY A 352 -10.76 -46.90 -15.47
N VAL A 353 -10.10 -46.01 -16.20
CA VAL A 353 -8.83 -45.44 -15.78
C VAL A 353 -9.10 -44.13 -15.05
N PRO A 354 -8.69 -43.99 -13.79
CA PRO A 354 -8.92 -42.74 -13.06
C PRO A 354 -8.12 -41.57 -13.63
N VAL A 355 -8.66 -40.38 -13.42
CA VAL A 355 -8.04 -39.13 -13.87
C VAL A 355 -7.66 -38.29 -12.66
N ILE A 356 -6.41 -37.84 -12.64
CA ILE A 356 -5.87 -36.99 -11.58
C ILE A 356 -5.73 -35.59 -12.15
N ALA A 357 -6.46 -34.63 -11.58
CA ALA A 357 -6.39 -33.25 -12.04
C ALA A 357 -5.23 -32.56 -11.34
N ASP A 358 -4.22 -32.14 -12.10
CA ASP A 358 -3.04 -31.49 -11.53
C ASP A 358 -2.93 -30.08 -12.07
N GLY A 359 -2.99 -29.09 -11.19
CA GLY A 359 -2.75 -27.72 -11.55
C GLY A 359 -4.03 -26.90 -11.70
N GLY A 360 -3.88 -25.59 -11.49
CA GLY A 360 -4.98 -24.66 -11.65
C GLY A 360 -5.86 -24.43 -10.44
N LEU A 361 -5.62 -25.12 -9.33
CA LEU A 361 -6.48 -24.99 -8.16
C LEU A 361 -6.10 -23.75 -7.36
N GLN A 362 -7.13 -23.02 -6.93
CA GLN A 362 -6.92 -21.84 -6.09
C GLN A 362 -7.79 -21.91 -4.84
N TYR A 363 -8.92 -22.60 -4.94
CA TYR A 363 -9.87 -22.73 -3.84
C TYR A 363 -10.43 -24.15 -3.81
N SER A 364 -11.06 -24.50 -2.69
CA SER A 364 -11.66 -25.82 -2.56
C SER A 364 -12.83 -26.02 -3.52
N GLY A 365 -13.50 -24.93 -3.89
CA GLY A 365 -14.52 -25.01 -4.92
C GLY A 365 -13.97 -25.52 -6.24
N ASP A 366 -12.72 -25.16 -6.56
CA ASP A 366 -12.09 -25.70 -7.75
C ASP A 366 -11.84 -27.20 -7.63
N ILE A 367 -11.54 -27.69 -6.43
CA ILE A 367 -11.41 -29.13 -6.24
C ILE A 367 -12.74 -29.81 -6.50
N ALA A 368 -13.82 -29.25 -5.97
CA ALA A 368 -15.15 -29.81 -6.21
C ALA A 368 -15.49 -29.80 -7.69
N LYS A 369 -15.18 -28.71 -8.39
CA LYS A 369 -15.44 -28.64 -9.83
C LYS A 369 -14.62 -29.65 -10.61
N ALA A 370 -13.34 -29.82 -10.23
CA ALA A 370 -12.48 -30.77 -10.92
C ALA A 370 -12.98 -32.19 -10.75
N LEU A 371 -13.43 -32.55 -9.54
CA LEU A 371 -14.02 -33.86 -9.35
C LEU A 371 -15.32 -34.01 -10.12
N ALA A 372 -16.15 -32.95 -10.13
CA ALA A 372 -17.42 -33.02 -10.84
C ALA A 372 -17.23 -33.07 -12.35
N ALA A 373 -16.15 -32.48 -12.86
CA ALA A 373 -15.86 -32.57 -14.29
C ALA A 373 -15.53 -33.99 -14.74
N GLY A 374 -15.22 -34.88 -13.80
CA GLY A 374 -14.94 -36.26 -14.15
C GLY A 374 -13.66 -36.82 -13.57
N ALA A 375 -12.81 -35.96 -13.02
CA ALA A 375 -11.58 -36.44 -12.42
C ALA A 375 -11.87 -37.23 -11.15
N SER A 376 -11.00 -38.19 -10.86
CA SER A 376 -11.15 -39.01 -9.68
C SER A 376 -10.33 -38.50 -8.50
N THR A 377 -9.21 -37.84 -8.75
CA THR A 377 -8.44 -37.26 -7.65
C THR A 377 -7.93 -35.89 -8.07
N ALA A 378 -7.68 -35.04 -7.08
CA ALA A 378 -7.04 -33.75 -7.31
C ALA A 378 -5.65 -33.77 -6.70
N MET A 379 -4.66 -33.33 -7.47
CA MET A 379 -3.28 -33.28 -7.04
C MET A 379 -2.96 -31.88 -6.55
N LEU A 380 -2.53 -31.76 -5.29
CA LEU A 380 -2.37 -30.48 -4.62
C LEU A 380 -0.91 -30.04 -4.73
N GLY A 381 -0.70 -28.86 -5.29
CA GLY A 381 0.62 -28.32 -5.52
C GLY A 381 0.95 -27.12 -4.68
N SER A 382 0.79 -25.93 -5.25
CA SER A 382 1.16 -24.70 -4.56
C SER A 382 0.33 -24.46 -3.30
N LEU A 383 -0.85 -25.07 -3.19
CA LEU A 383 -1.64 -24.92 -1.97
C LEU A 383 -0.97 -25.58 -0.77
N LEU A 384 -0.07 -26.53 -1.00
CA LEU A 384 0.63 -27.23 0.06
C LEU A 384 2.10 -26.84 0.19
N ALA A 385 2.59 -25.95 -0.66
CA ALA A 385 4.02 -25.68 -0.73
C ALA A 385 4.55 -25.05 0.55
N GLY A 386 3.76 -24.18 1.18
CA GLY A 386 4.23 -23.48 2.36
C GLY A 386 3.87 -24.09 3.70
N THR A 387 3.22 -25.24 3.72
CA THR A 387 2.78 -25.82 4.99
C THR A 387 3.98 -26.35 5.78
N ALA A 388 3.75 -26.58 7.07
CA ALA A 388 4.82 -27.04 7.95
C ALA A 388 5.34 -28.42 7.52
N GLU A 389 4.44 -29.30 7.08
CA GLU A 389 4.85 -30.63 6.66
C GLU A 389 5.65 -30.61 5.37
N SER A 390 5.62 -29.52 4.62
CA SER A 390 6.41 -29.41 3.40
C SER A 390 7.89 -29.27 3.74
N PRO A 391 8.78 -29.70 2.85
CA PRO A 391 10.22 -29.54 3.11
C PRO A 391 10.60 -28.08 3.23
N GLY A 392 11.62 -27.83 4.04
CA GLY A 392 12.09 -26.48 4.32
C GLY A 392 12.12 -26.20 5.81
N GLU A 393 12.76 -25.09 6.15
CA GLU A 393 12.90 -24.66 7.52
C GLU A 393 12.27 -23.28 7.71
N LEU A 394 11.57 -23.11 8.82
CA LEU A 394 10.91 -21.83 9.08
C LEU A 394 11.93 -20.76 9.47
N ILE A 395 11.79 -19.58 8.88
CA ILE A 395 12.56 -18.41 9.25
C ILE A 395 11.59 -17.25 9.44
N PHE A 396 12.01 -16.27 10.22
CA PHE A 396 11.19 -15.09 10.49
C PHE A 396 11.90 -13.87 9.93
N VAL A 397 11.26 -13.19 8.97
CA VAL A 397 11.82 -12.01 8.33
C VAL A 397 10.77 -10.91 8.39
N ASN A 398 11.21 -9.71 8.76
CA ASN A 398 10.29 -8.59 8.98
C ASN A 398 9.21 -8.97 9.97
N GLY A 399 7.96 -8.93 9.53
CA GLY A 399 6.85 -9.37 10.36
C GLY A 399 6.20 -10.66 9.90
N LYS A 400 6.86 -11.41 9.03
CA LYS A 400 6.26 -12.59 8.41
C LYS A 400 7.20 -13.78 8.47
N GLN A 401 6.60 -14.97 8.49
CA GLN A 401 7.34 -16.22 8.52
C GLN A 401 7.39 -16.82 7.12
N PHE A 402 8.59 -17.23 6.72
CA PHE A 402 8.80 -17.83 5.41
C PHE A 402 9.47 -19.19 5.56
N LYS A 403 9.51 -19.93 4.46
CA LYS A 403 10.18 -21.22 4.39
C LYS A 403 11.44 -21.08 3.55
N SER A 404 12.56 -21.59 4.07
CA SER A 404 13.86 -21.43 3.44
C SER A 404 14.51 -22.79 3.28
N TYR A 405 15.51 -22.86 2.40
CA TYR A 405 16.16 -24.12 2.09
C TYR A 405 17.68 -23.93 2.08
N ARG A 427 19.21 -28.16 -13.55
CA ARG A 427 19.91 -29.02 -12.59
C ARG A 427 20.20 -30.40 -13.19
N TYR A 428 20.92 -31.21 -12.42
CA TYR A 428 21.22 -32.57 -12.85
C TYR A 428 19.95 -33.40 -12.98
N PHE A 429 19.04 -33.27 -12.01
CA PHE A 429 17.85 -34.10 -11.96
C PHE A 429 16.62 -33.42 -12.57
N GLN A 430 16.71 -32.13 -12.90
CA GLN A 430 15.67 -31.43 -13.65
C GLN A 430 15.89 -31.66 -15.15
N ASP A 431 15.67 -32.90 -15.57
CA ASP A 431 16.01 -33.32 -16.92
C ASP A 431 14.87 -33.13 -17.92
N ASP A 432 13.71 -32.65 -17.48
CA ASP A 432 12.58 -32.48 -18.39
C ASP A 432 12.83 -31.27 -19.29
N VAL A 433 12.83 -31.50 -20.60
CA VAL A 433 13.16 -30.43 -21.54
C VAL A 433 12.03 -29.41 -21.67
N LEU A 434 10.79 -29.83 -21.41
CA LEU A 434 9.64 -28.94 -21.52
C LEU A 434 9.16 -28.43 -20.17
N SER A 435 9.90 -28.68 -19.10
CA SER A 435 9.52 -28.17 -17.79
C SER A 435 9.68 -26.65 -17.74
N GLU A 436 8.89 -26.02 -16.88
CA GLU A 436 8.84 -24.56 -16.84
C GLU A 436 10.16 -23.93 -16.44
N ASP A 437 10.97 -24.63 -15.64
CA ASP A 437 12.26 -24.08 -15.24
C ASP A 437 13.17 -23.86 -16.43
N LYS A 438 12.97 -24.60 -17.52
CA LYS A 438 13.70 -24.33 -18.74
C LYS A 438 13.27 -23.01 -19.37
N LEU A 439 12.08 -22.52 -19.04
CA LEU A 439 11.57 -21.27 -19.58
C LEU A 439 11.93 -20.07 -18.71
N VAL A 440 11.80 -20.21 -17.40
CA VAL A 440 12.09 -19.10 -16.48
C VAL A 440 13.60 -18.89 -16.41
N PRO A 441 14.09 -17.67 -16.64
CA PRO A 441 15.54 -17.42 -16.51
C PRO A 441 16.07 -17.64 -15.11
N GLU A 442 15.23 -17.52 -14.08
CA GLU A 442 15.65 -17.76 -12.71
C GLU A 442 14.90 -18.94 -12.10
N ARG A 447 10.86 -15.60 -1.37
CA ARG A 447 10.76 -16.67 -0.39
C ARG A 447 9.38 -17.33 -0.46
N VAL A 448 9.31 -18.57 0.01
CA VAL A 448 8.06 -19.32 0.05
C VAL A 448 7.33 -18.96 1.35
N PRO A 449 6.16 -18.34 1.30
CA PRO A 449 5.46 -17.98 2.53
C PRO A 449 4.99 -19.20 3.30
N PHE A 450 4.89 -19.03 4.61
CA PHE A 450 4.37 -20.08 5.48
C PHE A 450 2.86 -20.13 5.39
N ARG A 451 2.31 -21.34 5.36
CA ARG A 451 0.88 -21.54 5.18
C ARG A 451 0.19 -22.24 6.35
N GLY A 452 0.91 -22.54 7.43
CA GLY A 452 0.31 -23.19 8.57
C GLY A 452 0.33 -24.70 8.46
N PRO A 453 -0.30 -25.37 9.42
CA PRO A 453 -0.29 -26.84 9.39
C PRO A 453 -1.06 -27.40 8.21
N LEU A 454 -0.62 -28.57 7.75
CA LEU A 454 -1.29 -29.24 6.64
C LEU A 454 -2.72 -29.62 7.01
N GLY A 455 -2.94 -30.02 8.26
CA GLY A 455 -4.26 -30.49 8.66
C GLY A 455 -5.35 -29.46 8.47
N THR A 456 -5.05 -28.19 8.75
CA THR A 456 -6.03 -27.13 8.58
C THR A 456 -6.41 -26.97 7.10
N VAL A 457 -5.42 -26.99 6.21
CA VAL A 457 -5.70 -26.86 4.79
C VAL A 457 -6.52 -28.05 4.29
N ILE A 458 -6.13 -29.26 4.69
CA ILE A 458 -6.86 -30.45 4.25
C ILE A 458 -8.29 -30.42 4.78
N HIS A 459 -8.46 -29.98 6.03
CA HIS A 459 -9.79 -29.90 6.62
C HIS A 459 -10.67 -28.90 5.86
N GLN A 460 -10.11 -27.74 5.51
CA GLN A 460 -10.88 -26.75 4.78
C GLN A 460 -11.27 -27.26 3.39
N LEU A 461 -10.33 -27.89 2.69
CA LEU A 461 -10.62 -28.43 1.37
C LEU A 461 -11.69 -29.51 1.44
N THR A 462 -11.58 -30.41 2.43
CA THR A 462 -12.58 -31.45 2.59
C THR A 462 -13.94 -30.87 2.95
N GLY A 463 -13.98 -29.83 3.78
CA GLY A 463 -15.25 -29.20 4.09
C GLY A 463 -15.91 -28.57 2.88
N GLY A 464 -15.13 -27.89 2.05
CA GLY A 464 -15.68 -27.37 0.80
C GLY A 464 -16.20 -28.47 -0.10
N LEU A 465 -15.45 -29.56 -0.22
CA LEU A 465 -15.89 -30.69 -1.05
C LEU A 465 -17.19 -31.29 -0.52
N ARG A 466 -17.29 -31.45 0.80
CA ARG A 466 -18.50 -32.03 1.39
C ARG A 466 -19.69 -31.11 1.22
N ALA A 467 -19.48 -29.79 1.32
CA ALA A 467 -20.56 -28.85 1.06
C ALA A 467 -21.02 -28.94 -0.39
N ALA A 468 -20.07 -29.06 -1.34
CA ALA A 468 -20.45 -29.23 -2.73
C ALA A 468 -21.25 -30.51 -2.96
N MET A 469 -20.83 -31.60 -2.31
CA MET A 469 -21.55 -32.86 -2.42
C MET A 469 -22.95 -32.74 -1.85
N GLY A 470 -23.10 -32.02 -0.75
CA GLY A 470 -24.43 -31.79 -0.21
C GLY A 470 -25.31 -30.96 -1.12
N TYR A 471 -24.72 -29.91 -1.74
CA TYR A 471 -25.49 -29.06 -2.65
C TYR A 471 -25.92 -29.79 -3.91
N THR A 472 -25.06 -30.69 -4.41
CA THR A 472 -25.36 -31.40 -5.65
C THR A 472 -26.04 -32.75 -5.44
N GLY A 473 -26.32 -33.12 -4.19
CA GLY A 473 -26.95 -34.40 -3.93
C GLY A 473 -26.08 -35.60 -4.25
N SER A 474 -24.77 -35.49 -4.05
CA SER A 474 -23.82 -36.55 -4.38
C SER A 474 -23.39 -37.23 -3.09
N ALA A 475 -23.80 -38.48 -2.91
CA ALA A 475 -23.37 -39.24 -1.74
C ALA A 475 -21.94 -39.73 -1.88
N THR A 476 -21.48 -39.98 -3.10
CA THR A 476 -20.14 -40.48 -3.36
C THR A 476 -19.48 -39.62 -4.43
N ILE A 477 -18.17 -39.79 -4.58
CA ILE A 477 -17.43 -39.05 -5.61
C ILE A 477 -17.88 -39.47 -6.99
N GLU A 478 -18.22 -40.75 -7.17
CA GLU A 478 -18.72 -41.21 -8.45
C GLU A 478 -20.02 -40.51 -8.83
N GLN A 479 -20.91 -40.28 -7.84
CA GLN A 479 -22.11 -39.50 -8.11
C GLN A 479 -21.78 -38.05 -8.39
N LEU A 480 -20.78 -37.50 -7.69
CA LEU A 480 -20.37 -36.12 -7.93
C LEU A 480 -19.85 -35.93 -9.36
N GLN A 481 -19.24 -36.97 -9.93
CA GLN A 481 -18.76 -36.89 -11.30
C GLN A 481 -19.89 -36.77 -12.32
N GLN A 482 -21.14 -36.96 -11.91
CA GLN A 482 -22.29 -36.76 -12.77
C GLN A 482 -22.93 -35.39 -12.60
N ALA A 483 -22.40 -34.54 -11.73
CA ALA A 483 -23.01 -33.23 -11.48
C ALA A 483 -22.88 -32.33 -12.71
N GLN A 484 -23.84 -31.43 -12.87
CA GLN A 484 -23.89 -30.51 -14.00
C GLN A 484 -23.31 -29.16 -13.63
N PHE A 485 -22.79 -28.46 -14.64
CA PHE A 485 -22.24 -27.13 -14.49
C PHE A 485 -23.16 -26.10 -15.12
N VAL A 486 -23.05 -24.87 -14.62
CA VAL A 486 -23.61 -23.69 -15.27
C VAL A 486 -22.43 -22.79 -15.64
N GLN A 487 -22.39 -22.37 -16.90
CA GLN A 487 -21.34 -21.48 -17.37
C GLN A 487 -21.70 -20.04 -17.04
N ILE A 488 -20.75 -19.30 -16.49
CA ILE A 488 -20.99 -17.92 -16.08
C ILE A 488 -20.22 -16.99 -17.02
N THR A 489 -20.64 -15.74 -17.05
CA THR A 489 -20.04 -14.73 -17.91
C THR A 489 -18.99 -13.94 -17.15
N ALA A 490 -18.44 -12.92 -17.83
CA ALA A 490 -17.44 -12.06 -17.20
C ALA A 490 -18.05 -11.27 -16.06
N ALA A 491 -19.30 -10.80 -16.22
CA ALA A 491 -19.95 -10.02 -15.17
C ALA A 491 -20.11 -10.83 -13.89
N GLY A 492 -20.17 -12.16 -13.98
CA GLY A 492 -20.27 -13.00 -12.81
C GLY A 492 -18.98 -13.16 -12.03
N LEU A 493 -17.87 -12.65 -12.54
CA LEU A 493 -16.59 -12.72 -11.86
C LEU A 493 -16.14 -11.38 -11.29
N LYS A 494 -16.80 -10.29 -11.64
CA LYS A 494 -16.39 -8.96 -11.21
C LYS A 494 -16.66 -8.76 -9.72
N GLU A 495 -15.69 -8.21 -9.01
CA GLU A 495 -15.84 -7.90 -7.59
C GLU A 495 -16.58 -6.58 -7.41
N VAL B 12 -35.45 -12.89 -37.61
CA VAL B 12 -34.97 -12.45 -38.91
C VAL B 12 -33.81 -11.42 -38.82
N PRO B 13 -33.96 -10.36 -38.01
CA PRO B 13 -32.86 -9.39 -37.92
C PRO B 13 -31.65 -9.97 -37.22
N VAL B 14 -30.54 -9.27 -37.39
CA VAL B 14 -29.25 -9.69 -36.82
C VAL B 14 -29.31 -9.60 -35.30
N PRO B 15 -28.76 -10.58 -34.56
CA PRO B 15 -28.82 -10.51 -33.10
C PRO B 15 -28.12 -9.31 -32.48
N THR B 16 -27.15 -8.70 -33.17
CA THR B 16 -26.45 -7.54 -32.64
C THR B 16 -26.98 -6.22 -33.18
N GLY B 17 -28.08 -6.23 -33.91
CA GLY B 17 -28.67 -5.01 -34.38
C GLY B 17 -28.61 -4.88 -35.89
N GLY B 18 -29.60 -4.20 -36.45
CA GLY B 18 -29.68 -4.00 -37.88
C GLY B 18 -30.22 -5.20 -38.62
N ASP B 19 -30.13 -5.13 -39.95
CA ASP B 19 -30.59 -6.19 -40.83
C ASP B 19 -29.49 -6.82 -41.67
N ASP B 20 -28.36 -6.14 -41.85
CA ASP B 20 -27.26 -6.70 -42.63
C ASP B 20 -26.46 -7.65 -41.76
N PRO B 21 -26.39 -8.94 -42.10
CA PRO B 21 -25.56 -9.87 -41.31
C PRO B 21 -24.07 -9.65 -41.49
N THR B 22 -23.65 -8.92 -42.53
CA THR B 22 -22.25 -8.66 -42.77
C THR B 22 -21.78 -7.32 -42.21
N LYS B 23 -22.66 -6.56 -41.54
CA LYS B 23 -22.24 -5.30 -40.94
C LYS B 23 -21.12 -5.53 -39.93
N VAL B 24 -21.30 -6.51 -39.04
CA VAL B 24 -20.22 -6.99 -38.19
C VAL B 24 -19.65 -8.21 -38.91
N ALA B 25 -18.56 -8.01 -39.64
CA ALA B 25 -18.09 -9.03 -40.58
C ALA B 25 -17.54 -10.26 -39.88
N MET B 26 -16.85 -10.07 -38.75
CA MET B 26 -16.16 -11.19 -38.13
C MET B 26 -15.93 -10.90 -36.66
N LEU B 27 -15.59 -11.95 -35.92
CA LEU B 27 -15.15 -11.85 -34.54
C LEU B 27 -13.64 -11.98 -34.52
N GLY B 28 -12.94 -10.91 -34.18
CA GLY B 28 -11.49 -10.89 -34.20
C GLY B 28 -10.88 -11.44 -32.94
N LEU B 29 -9.96 -12.38 -33.10
CA LEU B 29 -9.21 -12.95 -31.99
C LEU B 29 -7.83 -12.31 -31.92
N THR B 30 -7.40 -11.97 -30.71
CA THR B 30 -6.05 -11.49 -30.48
C THR B 30 -5.19 -12.62 -29.91
N PHE B 31 -3.94 -12.31 -29.59
CA PHE B 31 -3.03 -13.31 -29.05
C PHE B 31 -3.53 -13.85 -27.71
N ASP B 32 -4.04 -12.97 -26.85
CA ASP B 32 -4.50 -13.39 -25.54
C ASP B 32 -5.74 -14.28 -25.61
N ASP B 33 -6.42 -14.31 -26.76
CA ASP B 33 -7.62 -15.12 -26.91
C ASP B 33 -7.34 -16.60 -27.10
N VAL B 34 -6.14 -16.98 -27.54
CA VAL B 34 -5.89 -18.35 -27.96
C VAL B 34 -4.66 -18.88 -27.25
N LEU B 35 -4.61 -20.21 -27.15
CA LEU B 35 -3.44 -20.94 -26.69
C LEU B 35 -3.17 -22.07 -27.67
N LEU B 36 -1.92 -22.53 -27.69
CA LEU B 36 -1.55 -23.66 -28.54
C LEU B 36 -1.85 -24.97 -27.81
N LEU B 37 -2.56 -25.85 -28.50
CA LEU B 37 -2.92 -27.15 -27.92
C LEU B 37 -1.75 -28.12 -28.02
N PRO B 38 -1.36 -28.77 -26.92
CA PRO B 38 -0.32 -29.80 -27.01
C PRO B 38 -0.77 -30.94 -27.92
N ALA B 39 0.18 -31.50 -28.66
CA ALA B 39 -0.10 -32.57 -29.60
C ALA B 39 1.00 -33.62 -29.49
N ALA B 40 0.83 -34.72 -30.22
CA ALA B 40 1.83 -35.77 -30.26
C ALA B 40 3.16 -35.20 -30.71
N SER B 41 4.21 -35.46 -29.92
CA SER B 41 5.49 -34.79 -30.11
C SER B 41 6.62 -35.79 -29.98
N ASP B 42 7.53 -35.78 -30.94
CA ASP B 42 8.83 -36.42 -30.84
C ASP B 42 9.94 -35.40 -31.03
N VAL B 43 9.67 -34.14 -30.70
CA VAL B 43 10.54 -33.01 -31.02
C VAL B 43 11.17 -32.50 -29.74
N VAL B 44 12.49 -32.52 -29.68
CA VAL B 44 13.23 -31.89 -28.58
C VAL B 44 13.41 -30.41 -28.90
N PRO B 45 13.13 -29.50 -27.96
CA PRO B 45 13.25 -28.06 -28.27
C PRO B 45 14.63 -27.67 -28.77
N ALA B 46 15.69 -28.31 -28.27
CA ALA B 46 17.04 -27.99 -28.73
C ALA B 46 17.25 -28.40 -30.18
N THR B 47 16.60 -29.47 -30.64
CA THR B 47 16.79 -29.99 -31.98
C THR B 47 15.77 -29.49 -32.98
N ALA B 48 14.83 -28.63 -32.57
CA ALA B 48 13.81 -28.13 -33.48
C ALA B 48 14.42 -27.12 -34.46
N ASP B 49 14.01 -27.22 -35.72
CA ASP B 49 14.47 -26.32 -36.77
C ASP B 49 13.55 -25.10 -36.80
N THR B 50 14.09 -23.94 -36.42
CA THR B 50 13.31 -22.71 -36.41
C THR B 50 13.44 -21.90 -37.68
N SER B 51 14.13 -22.40 -38.70
CA SER B 51 14.29 -21.65 -39.93
C SER B 51 12.96 -21.52 -40.66
N SER B 52 12.80 -20.40 -41.37
CA SER B 52 11.55 -20.12 -42.07
C SER B 52 11.83 -19.14 -43.21
N GLN B 53 10.90 -19.10 -44.16
CA GLN B 53 11.02 -18.23 -45.31
C GLN B 53 10.61 -16.80 -44.94
N LEU B 54 11.51 -15.84 -45.19
CA LEU B 54 11.12 -14.44 -45.10
C LEU B 54 10.35 -14.01 -46.32
N THR B 55 10.88 -14.29 -47.50
CA THR B 55 10.18 -14.07 -48.76
C THR B 55 10.22 -15.35 -49.57
N LYS B 56 9.82 -15.27 -50.84
CA LYS B 56 9.82 -16.45 -51.70
C LYS B 56 11.22 -17.01 -51.89
N ARG B 57 12.25 -16.16 -51.82
CA ARG B 57 13.61 -16.58 -52.13
C ARG B 57 14.60 -16.45 -50.98
N ILE B 58 14.16 -15.93 -49.83
CA ILE B 58 15.06 -15.72 -48.68
C ILE B 58 14.55 -16.56 -47.51
N ARG B 59 15.47 -17.34 -46.93
CA ARG B 59 15.18 -18.14 -45.75
C ARG B 59 16.10 -17.69 -44.62
N LEU B 60 15.52 -17.50 -43.43
CA LEU B 60 16.25 -17.06 -42.26
C LEU B 60 16.45 -18.23 -41.30
N ARG B 61 17.60 -18.24 -40.63
CA ARG B 61 17.82 -19.23 -39.58
C ARG B 61 16.84 -19.03 -38.42
N VAL B 62 16.60 -17.79 -38.05
CA VAL B 62 15.69 -17.43 -36.98
C VAL B 62 14.60 -16.55 -37.57
N PRO B 63 13.31 -16.92 -37.46
CA PRO B 63 12.23 -16.22 -38.16
C PRO B 63 11.83 -14.89 -37.52
N LEU B 64 12.83 -14.03 -37.27
CA LEU B 64 12.60 -12.77 -36.60
C LEU B 64 13.23 -11.65 -37.41
N VAL B 65 12.49 -10.57 -37.65
CA VAL B 65 12.98 -9.40 -38.37
C VAL B 65 12.72 -8.15 -37.56
N SER B 66 13.72 -7.29 -37.45
CA SER B 66 13.56 -6.03 -36.72
C SER B 66 12.75 -5.03 -37.54
N SER B 67 11.80 -4.38 -36.89
CA SER B 67 10.93 -3.43 -37.56
C SER B 67 11.69 -2.20 -38.05
N ALA B 68 11.28 -1.66 -39.20
CA ALA B 68 11.88 -0.46 -39.77
C ALA B 68 11.36 0.79 -39.06
N MET B 69 11.74 0.93 -37.79
CA MET B 69 11.36 2.07 -36.98
C MET B 69 12.60 2.86 -36.60
N ASP B 70 12.51 4.19 -36.65
CA ASP B 70 13.65 5.04 -36.34
C ASP B 70 14.26 4.72 -34.98
N THR B 71 13.46 4.23 -34.05
CA THR B 71 13.91 3.91 -32.71
C THR B 71 14.37 2.47 -32.57
N VAL B 72 14.37 1.71 -33.66
CA VAL B 72 14.67 0.27 -33.59
C VAL B 72 15.86 -0.09 -34.46
N THR B 73 15.77 0.16 -35.76
CA THR B 73 16.73 -0.41 -36.71
C THR B 73 17.46 0.66 -37.50
N GLU B 74 18.75 0.78 -37.27
CA GLU B 74 19.69 1.31 -38.25
C GLU B 74 20.84 0.32 -38.38
N SER B 75 21.95 0.75 -38.99
CA SER B 75 22.99 -0.18 -39.41
C SER B 75 23.43 -1.13 -38.30
N ARG B 76 23.62 -0.61 -37.09
CA ARG B 76 24.07 -1.47 -35.98
C ARG B 76 23.05 -2.56 -35.67
N MET B 77 21.77 -2.19 -35.56
CA MET B 77 20.73 -3.18 -35.30
C MET B 77 20.59 -4.15 -36.46
N ALA B 78 20.73 -3.66 -37.70
CA ALA B 78 20.63 -4.55 -38.85
C ALA B 78 21.74 -5.58 -38.85
N ILE B 79 22.97 -5.17 -38.53
CA ILE B 79 24.08 -6.10 -38.46
C ILE B 79 23.86 -7.11 -37.34
N ALA B 80 23.40 -6.64 -36.18
CA ALA B 80 23.16 -7.55 -35.07
C ALA B 80 22.08 -8.57 -35.39
N MET B 81 21.00 -8.13 -36.05
CA MET B 81 19.92 -9.05 -36.42
C MET B 81 20.39 -10.05 -37.47
N ALA B 82 21.17 -9.60 -38.45
CA ALA B 82 21.68 -10.52 -39.47
C ALA B 82 22.61 -11.55 -38.85
N ARG B 83 23.44 -11.13 -37.90
CA ARG B 83 24.35 -12.06 -37.24
C ARG B 83 23.59 -13.04 -36.35
N ALA B 84 22.47 -12.61 -35.78
CA ALA B 84 21.65 -13.45 -34.91
C ALA B 84 20.88 -14.51 -35.68
N GLY B 85 20.91 -14.48 -37.01
CA GLY B 85 20.16 -15.42 -37.82
C GLY B 85 18.87 -14.88 -38.39
N GLY B 86 18.50 -13.65 -38.08
CA GLY B 86 17.33 -13.00 -38.61
C GLY B 86 17.67 -12.00 -39.69
N MET B 87 17.01 -10.86 -39.66
CA MET B 87 17.33 -9.75 -40.55
C MET B 87 16.82 -8.46 -39.94
N GLY B 88 17.28 -7.35 -40.49
CA GLY B 88 16.81 -6.04 -40.06
C GLY B 88 16.44 -5.19 -41.25
N VAL B 89 15.36 -4.43 -41.10
CA VAL B 89 14.93 -3.48 -42.12
C VAL B 89 15.28 -2.08 -41.65
N LEU B 90 15.99 -1.34 -42.50
CA LEU B 90 16.42 0.00 -42.15
C LEU B 90 15.27 0.99 -42.29
N HIS B 91 15.07 1.81 -41.25
CA HIS B 91 13.98 2.77 -41.25
C HIS B 91 14.25 3.89 -42.25
N ARG B 92 13.17 4.53 -42.70
CA ARG B 92 13.25 5.55 -43.74
C ARG B 92 12.95 6.95 -43.24
N ASN B 93 13.02 7.20 -41.93
CA ASN B 93 12.85 8.56 -41.43
C ASN B 93 14.17 9.31 -41.49
N LEU B 94 14.85 9.24 -42.63
CA LEU B 94 16.15 9.85 -42.82
C LEU B 94 16.34 10.10 -44.32
N PRO B 95 17.34 10.90 -44.71
CA PRO B 95 17.56 11.15 -46.15
C PRO B 95 17.97 9.91 -46.94
N VAL B 96 17.76 9.99 -48.25
CA VAL B 96 18.04 8.87 -49.14
C VAL B 96 19.51 8.47 -49.12
N ALA B 97 20.40 9.47 -49.20
CA ALA B 97 21.83 9.19 -49.18
C ALA B 97 22.25 8.53 -47.87
N GLU B 98 21.67 8.98 -46.76
CA GLU B 98 21.98 8.38 -45.47
C GLU B 98 21.50 6.94 -45.38
N GLN B 99 20.31 6.65 -45.92
CA GLN B 99 19.83 5.27 -45.93
C GLN B 99 20.70 4.38 -46.78
N ALA B 100 21.13 4.86 -47.96
CA ALA B 100 22.02 4.07 -48.79
C ALA B 100 23.36 3.87 -48.10
N GLY B 101 23.83 4.88 -47.37
CA GLY B 101 25.04 4.72 -46.61
C GLY B 101 24.93 3.66 -45.52
N GLN B 102 23.79 3.62 -44.83
CA GLN B 102 23.57 2.57 -43.85
C GLN B 102 23.46 1.19 -44.51
N VAL B 103 22.82 1.12 -45.67
CA VAL B 103 22.79 -0.14 -46.43
C VAL B 103 24.20 -0.62 -46.72
N GLU B 104 25.05 0.28 -47.20
CA GLU B 104 26.42 -0.09 -47.55
C GLU B 104 27.24 -0.40 -46.30
N THR B 105 26.96 0.27 -45.18
CA THR B 105 27.62 -0.05 -43.92
C THR B 105 27.30 -1.48 -43.50
N VAL B 106 26.02 -1.88 -43.64
CA VAL B 106 25.65 -3.25 -43.31
C VAL B 106 26.31 -4.24 -44.27
N LYS B 107 26.25 -3.95 -45.58
CA LYS B 107 26.74 -4.89 -46.57
C LYS B 107 28.25 -5.09 -46.49
N ARG B 108 29.00 -4.01 -46.27
CA ARG B 108 30.46 -4.09 -46.35
C ARG B 108 31.06 -4.81 -45.16
N SER B 109 30.32 -4.96 -44.06
CA SER B 109 30.84 -5.60 -42.86
C SER B 109 31.15 -7.08 -43.11
N LYS B 231 23.24 -14.38 -44.83
CA LYS B 231 24.23 -14.03 -45.84
C LYS B 231 23.70 -14.30 -47.25
N ASP B 232 24.13 -13.49 -48.21
CA ASP B 232 23.68 -13.62 -49.59
C ASP B 232 24.55 -14.61 -50.34
N SER B 233 24.38 -14.66 -51.66
CA SER B 233 25.17 -15.54 -52.50
C SER B 233 26.65 -15.16 -52.51
N ASP B 234 26.95 -13.90 -52.21
CA ASP B 234 28.33 -13.41 -52.17
C ASP B 234 28.93 -13.41 -50.77
N GLY B 235 28.20 -13.90 -49.77
CA GLY B 235 28.71 -13.99 -48.42
C GLY B 235 28.57 -12.73 -47.57
N ARG B 236 27.85 -11.73 -48.04
CA ARG B 236 27.65 -10.50 -47.27
C ARG B 236 26.33 -10.57 -46.49
N LEU B 237 26.28 -9.80 -45.42
CA LEU B 237 25.09 -9.79 -44.56
C LEU B 237 23.88 -9.30 -45.32
N LEU B 238 22.74 -9.94 -45.06
CA LEU B 238 21.48 -9.52 -45.66
C LEU B 238 20.90 -8.33 -44.92
N VAL B 239 20.18 -7.48 -45.65
CA VAL B 239 19.58 -6.29 -45.08
C VAL B 239 18.35 -5.92 -45.89
N GLY B 240 17.35 -5.37 -45.20
CA GLY B 240 16.20 -4.81 -45.87
C GLY B 240 16.10 -3.32 -45.60
N ALA B 241 15.32 -2.62 -46.42
CA ALA B 241 15.14 -1.19 -46.26
C ALA B 241 13.71 -0.83 -46.61
N ALA B 242 13.16 0.15 -45.91
CA ALA B 242 11.79 0.57 -46.10
C ALA B 242 11.73 1.77 -47.05
N VAL B 243 10.74 1.76 -47.93
CA VAL B 243 10.45 2.89 -48.81
C VAL B 243 8.96 3.20 -48.74
N GLY B 244 8.63 4.44 -49.09
CA GLY B 244 7.25 4.87 -49.13
C GLY B 244 6.65 4.74 -50.52
N VAL B 245 5.78 5.67 -50.88
CA VAL B 245 5.15 5.71 -52.19
C VAL B 245 5.31 7.11 -52.77
N GLY B 246 5.56 7.18 -54.08
CA GLY B 246 5.78 8.42 -54.78
C GLY B 246 7.07 8.40 -55.57
N ASP B 247 7.29 9.49 -56.32
CA ASP B 247 8.50 9.63 -57.12
C ASP B 247 9.75 9.75 -56.24
N ASP B 248 9.63 10.47 -55.12
CA ASP B 248 10.73 10.49 -54.15
C ASP B 248 11.01 9.09 -53.62
N ALA B 249 9.94 8.33 -53.34
CA ALA B 249 10.11 6.94 -52.93
C ALA B 249 10.75 6.12 -54.04
N TRP B 250 10.41 6.40 -55.30
CA TRP B 250 11.03 5.68 -56.41
C TRP B 250 12.54 5.94 -56.45
N THR B 251 12.94 7.21 -56.31
CA THR B 251 14.37 7.53 -56.30
C THR B 251 15.07 6.87 -55.12
N ARG B 252 14.42 6.90 -53.95
CA ARG B 252 14.98 6.25 -52.77
C ARG B 252 15.18 4.76 -53.00
N ALA B 253 14.19 4.09 -53.60
CA ALA B 253 14.28 2.66 -53.85
C ALA B 253 15.40 2.35 -54.85
N MET B 254 15.52 3.18 -55.90
CA MET B 254 16.61 2.97 -56.86
C MET B 254 17.97 3.12 -56.20
N THR B 255 18.12 4.15 -55.35
CA THR B 255 19.39 4.33 -54.66
C THR B 255 19.69 3.17 -53.73
N LEU B 256 18.68 2.67 -53.03
CA LEU B 256 18.89 1.54 -52.13
C LEU B 256 19.29 0.29 -52.90
N VAL B 257 18.65 0.05 -54.05
CA VAL B 257 19.02 -1.08 -54.89
C VAL B 257 20.45 -0.93 -55.39
N ASP B 258 20.84 0.30 -55.73
CA ASP B 258 22.22 0.54 -56.14
C ASP B 258 23.19 0.25 -55.00
N ALA B 259 22.82 0.61 -53.76
CA ALA B 259 23.68 0.35 -52.61
C ALA B 259 23.78 -1.13 -52.26
N GLY B 260 22.95 -1.99 -52.86
CA GLY B 260 23.02 -3.41 -52.63
C GLY B 260 22.02 -3.97 -51.66
N VAL B 261 20.85 -3.36 -51.51
CA VAL B 261 19.84 -3.86 -50.58
C VAL B 261 19.28 -5.18 -51.11
N ASP B 262 18.87 -6.04 -50.19
CA ASP B 262 18.31 -7.34 -50.53
C ASP B 262 16.80 -7.36 -50.56
N VAL B 263 16.15 -6.67 -49.63
CA VAL B 263 14.69 -6.66 -49.52
C VAL B 263 14.23 -5.22 -49.50
N LEU B 264 13.28 -4.88 -50.37
CA LEU B 264 12.61 -3.60 -50.33
C LEU B 264 11.21 -3.78 -49.77
N ILE B 265 10.91 -3.07 -48.69
CA ILE B 265 9.60 -3.11 -48.07
C ILE B 265 8.90 -1.79 -48.35
N VAL B 266 7.85 -1.84 -49.15
CA VAL B 266 6.98 -0.68 -49.35
C VAL B 266 6.10 -0.60 -48.11
N ASP B 267 6.49 0.26 -47.17
CA ASP B 267 5.90 0.29 -45.84
C ASP B 267 4.88 1.43 -45.76
N THR B 268 3.65 1.08 -45.42
CA THR B 268 2.57 2.04 -45.28
C THR B 268 1.65 1.55 -44.16
N ALA B 269 0.98 2.50 -43.51
CA ALA B 269 0.01 2.12 -42.48
C ALA B 269 -1.18 1.38 -43.07
N HIS B 270 -1.52 1.66 -44.33
CA HIS B 270 -2.68 1.05 -44.99
C HIS B 270 -2.28 0.73 -46.43
N ALA B 271 -2.04 -0.55 -46.70
CA ALA B 271 -1.53 -0.99 -47.99
C ALA B 271 -2.62 -1.34 -48.99
N HIS B 272 -3.88 -1.40 -48.57
CA HIS B 272 -4.98 -1.65 -49.50
C HIS B 272 -5.33 -0.35 -50.22
N ASN B 273 -4.32 0.18 -50.90
CA ASN B 273 -4.39 1.45 -51.59
C ASN B 273 -3.76 1.27 -52.97
N ARG B 274 -4.37 1.89 -53.98
CA ARG B 274 -3.92 1.67 -55.34
C ARG B 274 -2.49 2.16 -55.56
N GLY B 275 -2.10 3.24 -54.89
CA GLY B 275 -0.74 3.73 -55.01
C GLY B 275 0.29 2.74 -54.51
N VAL B 276 0.00 2.09 -53.37
CA VAL B 276 0.94 1.10 -52.83
C VAL B 276 1.06 -0.10 -53.77
N LEU B 277 -0.07 -0.56 -54.33
CA LEU B 277 -0.02 -1.67 -55.27
C LEU B 277 0.75 -1.29 -56.53
N ASP B 278 0.55 -0.06 -57.02
CA ASP B 278 1.28 0.41 -58.18
C ASP B 278 2.78 0.46 -57.92
N MET B 279 3.16 0.97 -56.74
CA MET B 279 4.57 1.02 -56.38
C MET B 279 5.16 -0.38 -56.28
N VAL B 280 4.43 -1.32 -55.69
CA VAL B 280 4.92 -2.69 -55.57
C VAL B 280 5.11 -3.30 -56.94
N SER B 281 4.14 -3.12 -57.83
CA SER B 281 4.25 -3.69 -59.17
C SER B 281 5.41 -3.05 -59.96
N ARG B 282 5.55 -1.73 -59.86
CA ARG B 282 6.65 -1.06 -60.55
C ARG B 282 8.00 -1.53 -60.07
N LEU B 283 8.16 -1.66 -58.74
CA LEU B 283 9.42 -2.16 -58.21
C LEU B 283 9.66 -3.60 -58.64
N LYS B 284 8.61 -4.42 -58.67
CA LYS B 284 8.76 -5.80 -59.09
C LYS B 284 9.22 -5.89 -60.53
N GLN B 285 8.68 -5.03 -61.40
CA GLN B 285 9.11 -5.03 -62.79
C GLN B 285 10.53 -4.47 -62.94
N ALA B 286 10.89 -3.48 -62.14
CA ALA B 286 12.18 -2.83 -62.32
C ALA B 286 13.33 -3.67 -61.76
N VAL B 287 13.25 -4.03 -60.48
CA VAL B 287 14.35 -4.67 -59.77
C VAL B 287 13.92 -6.01 -59.17
N GLY B 288 12.83 -6.58 -59.66
CA GLY B 288 12.37 -7.85 -59.12
C GLY B 288 13.35 -8.99 -59.32
N GLU B 289 14.14 -8.94 -60.39
CA GLU B 289 15.08 -10.02 -60.66
C GLU B 289 16.19 -10.08 -59.61
N ARG B 290 16.54 -8.95 -59.01
CA ARG B 290 17.66 -8.91 -58.07
C ARG B 290 17.25 -8.71 -56.61
N VAL B 291 16.10 -8.09 -56.35
CA VAL B 291 15.66 -7.83 -54.99
C VAL B 291 14.26 -8.40 -54.80
N ASP B 292 13.89 -8.60 -53.55
CA ASP B 292 12.56 -9.03 -53.17
C ASP B 292 11.76 -7.84 -52.67
N VAL B 293 10.49 -7.78 -53.06
CA VAL B 293 9.60 -6.67 -52.73
C VAL B 293 8.55 -7.18 -51.75
N VAL B 294 8.43 -6.51 -50.61
CA VAL B 294 7.46 -6.85 -49.58
C VAL B 294 6.42 -5.73 -49.52
N GLY B 295 5.15 -6.11 -49.50
CA GLY B 295 4.07 -5.15 -49.47
C GLY B 295 3.77 -4.63 -48.08
N GLY B 296 3.02 -3.55 -48.03
CA GLY B 296 2.73 -2.87 -46.79
C GLY B 296 1.77 -3.64 -45.91
N ASN B 297 1.42 -3.00 -44.80
CA ASN B 297 0.62 -3.67 -43.77
C ASN B 297 -0.82 -3.84 -44.23
N VAL B 298 -1.31 -5.06 -44.20
CA VAL B 298 -2.69 -5.38 -44.50
C VAL B 298 -3.32 -6.04 -43.28
N ALA B 299 -4.64 -6.15 -43.29
CA ALA B 299 -5.36 -6.77 -42.20
C ALA B 299 -6.48 -7.70 -42.67
N THR B 300 -6.71 -7.81 -43.97
CA THR B 300 -7.82 -8.60 -44.50
C THR B 300 -7.33 -9.52 -45.60
N ARG B 301 -8.18 -10.50 -45.93
CA ARG B 301 -7.88 -11.41 -47.02
C ARG B 301 -7.83 -10.68 -48.36
N ALA B 302 -8.75 -9.74 -48.58
CA ALA B 302 -8.80 -9.03 -49.85
C ALA B 302 -7.55 -8.19 -50.08
N ALA B 303 -7.06 -7.51 -49.04
CA ALA B 303 -5.86 -6.71 -49.18
C ALA B 303 -4.64 -7.57 -49.46
N ALA B 304 -4.51 -8.70 -48.77
CA ALA B 304 -3.40 -9.60 -49.03
C ALA B 304 -3.46 -10.16 -50.45
N ALA B 305 -4.67 -10.50 -50.92
CA ALA B 305 -4.84 -10.98 -52.28
C ALA B 305 -4.45 -9.91 -53.30
N ALA B 306 -4.83 -8.66 -53.03
CA ALA B 306 -4.45 -7.57 -53.92
C ALA B 306 -2.94 -7.39 -53.97
N LEU B 307 -2.28 -7.47 -52.81
CA LEU B 307 -0.82 -7.37 -52.80
C LEU B 307 -0.17 -8.53 -53.55
N VAL B 308 -0.71 -9.74 -53.39
CA VAL B 308 -0.17 -10.89 -54.09
C VAL B 308 -0.33 -10.72 -55.60
N GLU B 309 -1.49 -10.24 -56.04
CA GLU B 309 -1.70 -9.98 -57.46
C GLU B 309 -0.76 -8.91 -57.98
N ALA B 310 -0.32 -8.00 -57.12
CA ALA B 310 0.65 -6.99 -57.51
C ALA B 310 2.06 -7.53 -57.64
N GLY B 311 2.31 -8.76 -57.21
CA GLY B 311 3.61 -9.37 -57.32
C GLY B 311 4.50 -9.29 -56.10
N ALA B 312 3.94 -9.01 -54.92
CA ALA B 312 4.74 -8.95 -53.72
C ALA B 312 5.32 -10.31 -53.36
N ASP B 313 6.56 -10.32 -52.91
CA ASP B 313 7.23 -11.55 -52.51
C ASP B 313 6.92 -11.94 -51.07
N ALA B 314 6.42 -11.01 -50.26
CA ALA B 314 5.96 -11.30 -48.91
C ALA B 314 4.92 -10.27 -48.54
N VAL B 315 4.01 -10.66 -47.65
CA VAL B 315 2.92 -9.79 -47.24
C VAL B 315 3.06 -9.52 -45.75
N LYS B 316 3.17 -8.25 -45.38
CA LYS B 316 3.26 -7.85 -43.99
C LYS B 316 1.86 -7.54 -43.47
N VAL B 317 1.52 -8.07 -42.30
CA VAL B 317 0.16 -8.11 -41.80
C VAL B 317 0.09 -7.37 -40.47
N GLY B 318 -0.88 -6.48 -40.36
CA GLY B 318 -1.24 -5.84 -39.10
C GLY B 318 -1.58 -4.38 -39.25
N VAL B 319 -2.79 -4.02 -38.83
CA VAL B 319 -3.30 -2.65 -38.88
C VAL B 319 -3.98 -2.40 -37.55
N GLY B 320 -3.33 -1.62 -36.68
CA GLY B 320 -3.78 -1.42 -35.33
C GLY B 320 -3.98 -2.70 -34.55
N PRO B 321 -2.91 -3.47 -34.35
CA PRO B 321 -3.06 -4.77 -33.66
C PRO B 321 -3.05 -4.66 -32.14
N GLY B 322 -2.44 -3.63 -31.58
CA GLY B 322 -2.41 -3.48 -30.13
C GLY B 322 -3.76 -3.09 -29.57
N SER B 323 -3.99 -3.46 -28.31
CA SER B 323 -5.27 -3.19 -27.67
C SER B 323 -5.42 -1.71 -27.35
N ILE B 324 -4.34 -1.06 -26.93
CA ILE B 324 -4.36 0.36 -26.60
C ILE B 324 -3.81 1.19 -27.75
N CYS B 325 -3.82 0.64 -28.97
CA CYS B 325 -3.19 1.26 -30.12
C CYS B 325 -3.81 2.61 -30.43
N THR B 326 -2.96 3.55 -30.86
CA THR B 326 -3.42 4.89 -31.19
C THR B 326 -4.39 4.87 -32.36
N THR B 327 -4.18 3.96 -33.32
CA THR B 327 -5.12 3.84 -34.43
C THR B 327 -6.50 3.46 -33.94
N ARG B 328 -6.58 2.51 -33.01
CA ARG B 328 -7.87 2.11 -32.47
C ARG B 328 -8.54 3.23 -31.69
N VAL B 329 -7.78 3.97 -30.89
CA VAL B 329 -8.37 4.96 -30.01
C VAL B 329 -8.81 6.19 -30.81
N VAL B 330 -7.96 6.67 -31.72
CA VAL B 330 -8.20 7.92 -32.43
C VAL B 330 -9.07 7.70 -33.66
N ALA B 331 -8.79 6.67 -34.46
CA ALA B 331 -9.54 6.46 -35.69
C ALA B 331 -10.66 5.43 -35.54
N GLY B 332 -10.63 4.62 -34.49
CA GLY B 332 -11.60 3.54 -34.37
C GLY B 332 -11.35 2.40 -35.32
N VAL B 333 -10.15 2.31 -35.89
CA VAL B 333 -9.82 1.33 -36.90
C VAL B 333 -8.83 0.33 -36.30
N GLY B 334 -9.04 -0.95 -36.57
CA GLY B 334 -8.12 -1.96 -36.10
C GLY B 334 -8.57 -3.33 -36.53
N ALA B 335 -7.69 -4.30 -36.34
CA ALA B 335 -7.99 -5.69 -36.60
C ALA B 335 -7.17 -6.56 -35.66
N PRO B 336 -7.82 -7.40 -34.84
CA PRO B 336 -7.06 -8.31 -33.98
C PRO B 336 -6.14 -9.20 -34.82
N GLN B 337 -4.92 -9.39 -34.30
CA GLN B 337 -3.85 -9.86 -35.16
C GLN B 337 -4.01 -11.32 -35.57
N ILE B 338 -4.56 -12.17 -34.71
CA ILE B 338 -4.71 -13.58 -35.06
C ILE B 338 -5.66 -13.76 -36.23
N THR B 339 -6.81 -13.09 -36.18
CA THR B 339 -7.77 -13.19 -37.27
C THR B 339 -7.21 -12.59 -38.55
N ALA B 340 -6.49 -11.47 -38.44
CA ALA B 340 -5.88 -10.85 -39.61
C ALA B 340 -4.85 -11.78 -40.25
N ILE B 341 -4.05 -12.44 -39.42
CA ILE B 341 -3.06 -13.39 -39.96
C ILE B 341 -3.76 -14.55 -40.62
N LEU B 342 -4.82 -15.08 -40.00
CA LEU B 342 -5.53 -16.20 -40.59
C LEU B 342 -6.10 -15.83 -41.96
N GLU B 343 -6.70 -14.64 -42.08
CA GLU B 343 -7.27 -14.20 -43.35
C GLU B 343 -6.18 -13.98 -44.40
N ALA B 344 -5.10 -13.30 -44.02
CA ALA B 344 -4.04 -13.03 -44.98
C ALA B 344 -3.33 -14.31 -45.41
N VAL B 345 -3.22 -15.29 -44.52
CA VAL B 345 -2.64 -16.57 -44.90
C VAL B 345 -3.58 -17.32 -45.83
N ALA B 346 -4.89 -17.24 -45.58
CA ALA B 346 -5.85 -17.80 -46.52
C ALA B 346 -5.68 -17.19 -47.90
N ALA B 347 -5.31 -15.90 -47.96
CA ALA B 347 -5.05 -15.28 -49.26
C ALA B 347 -3.71 -15.71 -49.87
N CYS B 348 -2.66 -15.82 -49.05
CA CYS B 348 -1.30 -15.93 -49.56
C CYS B 348 -0.77 -17.35 -49.69
N LYS B 349 -1.22 -18.27 -48.84
CA LYS B 349 -0.71 -19.64 -48.85
C LYS B 349 -0.86 -20.34 -50.19
N PRO B 350 -1.98 -20.25 -50.92
CA PRO B 350 -2.04 -20.91 -52.24
C PRO B 350 -0.96 -20.46 -53.21
N TYR B 351 -0.56 -19.20 -53.16
CA TYR B 351 0.44 -18.68 -54.08
C TYR B 351 1.86 -18.76 -53.54
N GLY B 352 2.06 -19.34 -52.36
CA GLY B 352 3.40 -19.49 -51.82
C GLY B 352 4.04 -18.21 -51.32
N VAL B 353 3.26 -17.21 -50.96
CA VAL B 353 3.78 -15.92 -50.52
C VAL B 353 3.89 -15.95 -48.99
N PRO B 354 5.08 -15.76 -48.42
CA PRO B 354 5.22 -15.74 -46.96
C PRO B 354 4.52 -14.55 -46.32
N VAL B 355 4.12 -14.76 -45.06
CA VAL B 355 3.43 -13.74 -44.27
C VAL B 355 4.30 -13.32 -43.10
N ILE B 356 4.50 -12.00 -42.97
CA ILE B 356 5.26 -11.41 -41.88
C ILE B 356 4.24 -10.76 -40.94
N ALA B 357 4.15 -11.26 -39.71
CA ALA B 357 3.23 -10.74 -38.72
C ALA B 357 3.88 -9.57 -37.99
N ASP B 358 3.25 -8.40 -38.04
CA ASP B 358 3.86 -7.19 -37.50
C ASP B 358 2.90 -6.54 -36.51
N GLY B 359 3.32 -6.47 -35.25
CA GLY B 359 2.59 -5.73 -34.24
C GLY B 359 1.75 -6.63 -33.34
N GLY B 360 1.42 -6.09 -32.17
CA GLY B 360 0.60 -6.79 -31.21
C GLY B 360 1.34 -7.79 -30.33
N LEU B 361 2.65 -7.96 -30.51
CA LEU B 361 3.41 -8.93 -29.73
C LEU B 361 3.78 -8.34 -28.37
N GLN B 362 3.72 -9.19 -27.34
CA GLN B 362 4.10 -8.77 -26.00
C GLN B 362 5.04 -9.78 -25.36
N TYR B 363 4.96 -11.04 -25.78
CA TYR B 363 5.76 -12.11 -25.20
C TYR B 363 6.12 -13.12 -26.29
N SER B 364 7.10 -13.97 -25.97
CA SER B 364 7.54 -14.98 -26.94
C SER B 364 6.41 -15.96 -27.28
N GLY B 365 5.47 -16.17 -26.36
CA GLY B 365 4.30 -16.94 -26.67
C GLY B 365 3.50 -16.35 -27.81
N ASP B 366 3.46 -15.02 -27.90
CA ASP B 366 2.81 -14.38 -29.05
C ASP B 366 3.56 -14.65 -30.35
N ILE B 367 4.89 -14.74 -30.30
CA ILE B 367 5.64 -15.15 -31.49
C ILE B 367 5.21 -16.54 -31.92
N ALA B 368 5.13 -17.47 -30.96
CA ALA B 368 4.72 -18.82 -31.28
C ALA B 368 3.30 -18.85 -31.85
N LYS B 369 2.39 -18.08 -31.27
CA LYS B 369 1.00 -18.05 -31.73
C LYS B 369 0.92 -17.47 -33.14
N ALA B 370 1.67 -16.39 -33.41
CA ALA B 370 1.66 -15.79 -34.73
C ALA B 370 2.19 -16.76 -35.78
N LEU B 371 3.26 -17.48 -35.46
CA LEU B 371 3.77 -18.47 -36.42
C LEU B 371 2.79 -19.62 -36.62
N ALA B 372 2.12 -20.04 -35.55
CA ALA B 372 1.15 -21.12 -35.67
C ALA B 372 -0.10 -20.65 -36.42
N ALA B 373 -0.43 -19.37 -36.34
CA ALA B 373 -1.58 -18.85 -37.08
C ALA B 373 -1.35 -18.85 -38.59
N GLY B 374 -0.13 -19.08 -39.05
CA GLY B 374 0.17 -19.16 -40.47
C GLY B 374 1.26 -18.23 -40.94
N ALA B 375 1.67 -17.26 -40.14
CA ALA B 375 2.74 -16.36 -40.56
C ALA B 375 4.06 -17.10 -40.64
N SER B 376 4.88 -16.70 -41.62
CA SER B 376 6.21 -17.29 -41.77
C SER B 376 7.25 -16.60 -40.91
N THR B 377 7.17 -15.28 -40.75
CA THR B 377 8.11 -14.59 -39.88
C THR B 377 7.37 -13.56 -39.04
N ALA B 378 8.00 -13.16 -37.94
CA ALA B 378 7.47 -12.11 -37.08
C ALA B 378 8.39 -10.89 -37.14
N MET B 379 7.79 -9.71 -37.02
CA MET B 379 8.50 -8.44 -37.00
C MET B 379 8.49 -7.89 -35.58
N LEU B 380 9.66 -7.46 -35.11
CA LEU B 380 9.83 -7.02 -33.72
C LEU B 380 10.01 -5.51 -33.70
N GLY B 381 9.15 -4.83 -32.95
CA GLY B 381 9.19 -3.38 -32.82
C GLY B 381 9.60 -2.92 -31.44
N SER B 382 8.61 -2.59 -30.61
CA SER B 382 8.87 -2.07 -29.27
C SER B 382 9.67 -3.03 -28.40
N LEU B 383 9.64 -4.33 -28.71
CA LEU B 383 10.47 -5.28 -27.97
C LEU B 383 11.96 -5.01 -28.15
N LEU B 384 12.35 -4.36 -29.25
CA LEU B 384 13.75 -4.08 -29.53
C LEU B 384 14.09 -2.60 -29.46
N ALA B 385 13.13 -1.74 -29.09
CA ALA B 385 13.35 -0.30 -29.17
C ALA B 385 14.47 0.16 -28.25
N GLY B 386 14.50 -0.34 -27.02
CA GLY B 386 15.47 0.11 -26.06
C GLY B 386 16.74 -0.72 -25.94
N THR B 387 16.95 -1.69 -26.82
CA THR B 387 18.14 -2.52 -26.74
C THR B 387 19.38 -1.71 -27.12
N ALA B 388 20.55 -2.24 -26.72
CA ALA B 388 21.80 -1.54 -26.96
C ALA B 388 22.08 -1.36 -28.45
N GLU B 389 21.79 -2.39 -29.25
CA GLU B 389 22.05 -2.32 -30.68
C GLU B 389 21.11 -1.36 -31.39
N SER B 390 20.01 -0.96 -30.74
CA SER B 390 19.11 0.01 -31.33
C SER B 390 19.71 1.41 -31.24
N PRO B 391 19.27 2.32 -32.10
CA PRO B 391 19.81 3.69 -32.08
C PRO B 391 19.55 4.38 -30.75
N GLY B 392 20.23 5.49 -30.55
CA GLY B 392 20.12 6.26 -29.33
C GLY B 392 21.33 6.07 -28.44
N GLU B 393 21.63 7.10 -27.64
CA GLU B 393 22.75 7.06 -26.73
C GLU B 393 22.27 6.77 -25.31
N LEU B 394 23.10 6.08 -24.54
CA LEU B 394 22.76 5.75 -23.17
C LEU B 394 22.91 6.98 -22.28
N ILE B 395 21.85 7.27 -21.51
CA ILE B 395 21.86 8.33 -20.52
C ILE B 395 21.33 7.75 -19.21
N PHE B 396 21.69 8.42 -18.11
CA PHE B 396 21.31 8.00 -16.77
C PHE B 396 20.57 9.15 -16.10
N VAL B 397 19.26 9.03 -15.98
CA VAL B 397 18.42 10.09 -15.44
C VAL B 397 17.56 9.51 -14.32
N ASN B 398 17.56 10.20 -13.17
CA ASN B 398 16.68 9.87 -12.04
C ASN B 398 16.86 8.42 -11.61
N GLY B 399 18.10 7.93 -11.67
CA GLY B 399 18.41 6.59 -11.23
C GLY B 399 18.10 5.49 -12.23
N LYS B 400 17.63 5.83 -13.42
CA LYS B 400 17.29 4.82 -14.42
C LYS B 400 17.97 5.16 -15.75
N GLN B 401 18.25 4.11 -16.51
CA GLN B 401 18.98 4.23 -17.77
C GLN B 401 18.02 4.29 -18.93
N PHE B 402 18.27 5.20 -19.87
CA PHE B 402 17.42 5.42 -21.01
C PHE B 402 18.28 5.58 -22.26
N LYS B 403 17.63 5.55 -23.42
CA LYS B 403 18.26 5.88 -24.69
C LYS B 403 17.65 7.16 -25.22
N SER B 404 18.49 8.17 -25.42
CA SER B 404 18.06 9.47 -25.92
C SER B 404 18.60 9.68 -27.32
N TYR B 405 17.77 10.25 -28.18
CA TYR B 405 18.10 10.42 -29.59
C TYR B 405 18.49 11.85 -29.92
N ARG B 427 8.40 16.62 -39.58
CA ARG B 427 9.54 16.06 -40.31
C ARG B 427 9.25 16.02 -41.80
N TYR B 428 10.32 16.04 -42.61
CA TYR B 428 10.19 16.04 -44.06
C TYR B 428 10.16 14.63 -44.65
N PHE B 429 10.34 13.59 -43.83
CA PHE B 429 10.36 12.23 -44.32
C PHE B 429 9.24 11.36 -43.77
N GLN B 430 8.48 11.85 -42.80
CA GLN B 430 7.28 11.15 -42.35
C GLN B 430 6.10 11.55 -43.26
N ASP B 431 6.21 11.10 -44.51
CA ASP B 431 5.25 11.45 -45.53
C ASP B 431 4.01 10.58 -45.53
N ASP B 432 3.95 9.57 -44.66
CA ASP B 432 2.88 8.59 -44.69
C ASP B 432 1.63 9.13 -44.01
N VAL B 433 0.54 9.22 -44.77
CA VAL B 433 -0.74 9.49 -44.16
C VAL B 433 -1.22 8.26 -43.40
N LEU B 434 -2.16 8.47 -42.48
CA LEU B 434 -2.77 7.42 -41.67
C LEU B 434 -1.79 6.78 -40.69
N SER B 435 -0.56 7.26 -40.61
CA SER B 435 0.39 6.75 -39.63
C SER B 435 0.05 7.31 -38.25
N GLU B 436 0.48 6.57 -37.21
CA GLU B 436 0.10 6.92 -35.85
C GLU B 436 0.64 8.28 -35.43
N ASP B 437 1.75 8.73 -36.02
CA ASP B 437 2.27 10.05 -35.67
C ASP B 437 1.39 11.18 -36.19
N LYS B 438 0.55 10.91 -37.18
CA LYS B 438 -0.40 11.91 -37.65
C LYS B 438 -1.65 11.99 -36.79
N LEU B 439 -1.81 11.08 -35.84
CA LEU B 439 -3.00 11.00 -34.99
C LEU B 439 -2.81 11.69 -33.65
N VAL B 440 -1.63 11.59 -33.06
CA VAL B 440 -1.32 12.15 -31.75
C VAL B 440 -1.33 13.68 -31.85
N PRO B 441 -1.67 14.38 -30.76
CA PRO B 441 -1.62 15.85 -30.80
C PRO B 441 -0.22 16.39 -31.04
N GLU B 442 0.82 15.68 -30.62
CA GLU B 442 2.19 16.14 -30.82
C GLU B 442 3.18 14.97 -30.84
N ARG B 447 11.08 9.09 -23.19
CA ARG B 447 12.40 8.46 -23.09
C ARG B 447 12.26 6.94 -23.04
N VAL B 448 12.72 6.27 -24.08
CA VAL B 448 12.63 4.81 -24.13
C VAL B 448 13.66 4.21 -23.18
N PRO B 449 13.26 3.37 -22.24
CA PRO B 449 14.22 2.79 -21.29
C PRO B 449 15.17 1.82 -21.97
N PHE B 450 16.37 1.70 -21.39
CA PHE B 450 17.33 0.71 -21.86
C PHE B 450 16.82 -0.68 -21.55
N ARG B 451 17.04 -1.62 -22.48
CA ARG B 451 16.51 -2.98 -22.37
C ARG B 451 17.60 -4.04 -22.39
N GLY B 452 18.86 -3.66 -22.37
CA GLY B 452 19.95 -4.62 -22.38
C GLY B 452 20.32 -5.06 -23.76
N PRO B 453 21.26 -6.00 -23.86
CA PRO B 453 21.71 -6.46 -25.18
C PRO B 453 20.61 -7.21 -25.93
N LEU B 454 20.70 -7.13 -27.25
CA LEU B 454 19.72 -7.80 -28.12
C LEU B 454 19.83 -9.31 -28.01
N GLY B 455 21.02 -9.83 -27.74
CA GLY B 455 21.21 -11.27 -27.70
C GLY B 455 20.32 -11.96 -26.68
N THR B 456 20.17 -11.35 -25.50
CA THR B 456 19.33 -11.95 -24.46
C THR B 456 17.87 -11.99 -24.89
N VAL B 457 17.37 -10.89 -25.50
CA VAL B 457 15.99 -10.86 -25.95
C VAL B 457 15.75 -11.91 -27.03
N ILE B 458 16.66 -12.01 -27.98
CA ILE B 458 16.50 -12.99 -29.06
C ILE B 458 16.57 -14.41 -28.50
N HIS B 459 17.46 -14.65 -27.54
CA HIS B 459 17.55 -15.96 -26.91
C HIS B 459 16.25 -16.32 -26.20
N GLN B 460 15.66 -15.36 -25.49
CA GLN B 460 14.40 -15.62 -24.80
C GLN B 460 13.28 -15.94 -25.79
N LEU B 461 13.19 -15.15 -26.87
CA LEU B 461 12.15 -15.39 -27.86
C LEU B 461 12.32 -16.74 -28.53
N THR B 462 13.55 -17.08 -28.91
CA THR B 462 13.81 -18.36 -29.56
C THR B 462 13.55 -19.53 -28.61
N GLY B 463 13.87 -19.34 -27.32
CA GLY B 463 13.56 -20.38 -26.36
C GLY B 463 12.07 -20.62 -26.23
N GLY B 464 11.28 -19.55 -26.18
CA GLY B 464 9.84 -19.70 -26.16
C GLY B 464 9.32 -20.40 -27.40
N LEU B 465 9.85 -20.02 -28.57
CA LEU B 465 9.41 -20.66 -29.82
C LEU B 465 9.77 -22.14 -29.83
N ARG B 466 10.97 -22.49 -29.37
CA ARG B 466 11.37 -23.90 -29.34
C ARG B 466 10.54 -24.69 -28.35
N ALA B 467 10.18 -24.07 -27.22
CA ALA B 467 9.28 -24.74 -26.28
C ALA B 467 7.92 -25.01 -26.92
N ALA B 468 7.38 -24.04 -27.65
CA ALA B 468 6.11 -24.25 -28.34
C ALA B 468 6.23 -25.36 -29.39
N MET B 469 7.35 -25.39 -30.12
CA MET B 469 7.55 -26.41 -31.13
C MET B 469 7.65 -27.80 -30.49
N GLY B 470 8.31 -27.90 -29.35
CA GLY B 470 8.35 -29.17 -28.65
C GLY B 470 7.00 -29.60 -28.11
N TYR B 471 6.21 -28.64 -27.60
CA TYR B 471 4.90 -28.98 -27.07
C TYR B 471 3.95 -29.42 -28.17
N THR B 472 3.99 -28.78 -29.34
CA THR B 472 3.06 -29.09 -30.41
C THR B 472 3.54 -30.20 -31.33
N GLY B 473 4.74 -30.74 -31.10
CA GLY B 473 5.29 -31.73 -32.01
C GLY B 473 5.62 -31.20 -33.38
N SER B 474 6.08 -29.96 -33.46
CA SER B 474 6.40 -29.32 -34.73
C SER B 474 7.90 -29.35 -34.93
N ALA B 475 8.35 -30.18 -35.87
CA ALA B 475 9.78 -30.25 -36.16
C ALA B 475 10.27 -29.04 -36.93
N THR B 476 9.40 -28.44 -37.75
CA THR B 476 9.74 -27.28 -38.56
C THR B 476 8.66 -26.21 -38.37
N ILE B 477 8.98 -24.99 -38.81
CA ILE B 477 8.00 -23.91 -38.78
C ILE B 477 6.82 -24.25 -39.67
N GLU B 478 7.07 -24.92 -40.79
CA GLU B 478 5.98 -25.34 -41.67
C GLU B 478 5.03 -26.30 -40.97
N GLN B 479 5.54 -27.14 -40.06
CA GLN B 479 4.67 -28.00 -39.27
C GLN B 479 3.99 -27.22 -38.16
N LEU B 480 4.66 -26.22 -37.58
CA LEU B 480 4.04 -25.39 -36.56
C LEU B 480 2.87 -24.60 -37.13
N GLN B 481 2.93 -24.27 -38.42
CA GLN B 481 1.83 -23.54 -39.06
C GLN B 481 0.56 -24.38 -39.17
N GLN B 482 0.64 -25.68 -38.92
CA GLN B 482 -0.52 -26.55 -38.90
C GLN B 482 -1.04 -26.83 -37.49
N ALA B 483 -0.51 -26.17 -36.48
CA ALA B 483 -0.92 -26.42 -35.11
C ALA B 483 -2.32 -25.85 -34.85
N GLN B 484 -3.00 -26.44 -33.88
CA GLN B 484 -4.36 -26.04 -33.53
C GLN B 484 -4.37 -25.13 -32.31
N PHE B 485 -5.39 -24.28 -32.23
CA PHE B 485 -5.59 -23.36 -31.14
C PHE B 485 -6.76 -23.81 -30.27
N VAL B 486 -6.74 -23.38 -29.02
CA VAL B 486 -7.89 -23.44 -28.13
C VAL B 486 -8.22 -22.00 -27.71
N GLN B 487 -9.49 -21.63 -27.86
CA GLN B 487 -9.93 -20.29 -27.51
C GLN B 487 -10.27 -20.26 -26.02
N ILE B 488 -9.70 -19.29 -25.31
CA ILE B 488 -9.92 -19.16 -23.87
C ILE B 488 -10.92 -18.04 -23.64
N THR B 489 -11.60 -18.12 -22.49
CA THR B 489 -12.59 -17.11 -22.11
C THR B 489 -11.92 -15.97 -21.35
N ALA B 490 -12.73 -15.02 -20.90
CA ALA B 490 -12.21 -13.90 -20.11
C ALA B 490 -11.61 -14.38 -18.80
N ALA B 491 -12.20 -15.42 -18.19
CA ALA B 491 -11.64 -15.97 -16.97
C ALA B 491 -10.22 -16.49 -17.18
N GLY B 492 -9.89 -16.90 -18.41
CA GLY B 492 -8.54 -17.33 -18.70
C GLY B 492 -7.51 -16.23 -18.68
N LEU B 493 -7.96 -14.97 -18.77
CA LEU B 493 -7.07 -13.82 -18.65
C LEU B 493 -7.04 -13.25 -17.24
N LYS B 494 -7.90 -13.73 -16.34
CA LYS B 494 -7.95 -13.23 -14.99
C LYS B 494 -6.72 -13.67 -14.20
N GLU B 495 -6.07 -12.71 -13.55
CA GLU B 495 -4.88 -12.99 -12.76
C GLU B 495 -5.24 -13.61 -11.41
N VAL C 12 -34.64 -27.53 -25.92
CA VAL C 12 -35.95 -26.89 -26.06
C VAL C 12 -36.03 -25.56 -25.29
N PRO C 13 -35.64 -25.51 -24.01
CA PRO C 13 -35.64 -24.23 -23.31
C PRO C 13 -34.52 -23.33 -23.77
N VAL C 14 -34.68 -22.04 -23.48
CA VAL C 14 -33.65 -21.05 -23.83
C VAL C 14 -32.40 -21.32 -23.01
N PRO C 15 -31.21 -21.29 -23.61
CA PRO C 15 -29.98 -21.57 -22.85
C PRO C 15 -29.71 -20.62 -21.70
N THR C 16 -30.22 -19.39 -21.75
CA THR C 16 -30.03 -18.44 -20.66
C THR C 16 -31.18 -18.44 -19.66
N GLY C 17 -32.18 -19.28 -19.85
CA GLY C 17 -33.24 -19.42 -18.86
C GLY C 17 -34.63 -19.14 -19.39
N GLY C 18 -35.62 -19.82 -18.84
CA GLY C 18 -37.00 -19.61 -19.23
C GLY C 18 -37.34 -20.33 -20.53
N ASP C 19 -38.54 -20.02 -21.03
CA ASP C 19 -39.02 -20.58 -22.28
C ASP C 19 -39.17 -19.55 -23.39
N ASP C 20 -39.18 -18.27 -23.07
CA ASP C 20 -39.36 -17.23 -24.07
C ASP C 20 -38.01 -16.90 -24.70
N PRO C 21 -37.82 -17.16 -26.01
CA PRO C 21 -36.56 -16.77 -26.66
C PRO C 21 -36.45 -15.27 -26.90
N THR C 22 -37.54 -14.52 -26.79
CA THR C 22 -37.52 -13.07 -26.96
C THR C 22 -37.38 -12.33 -25.64
N LYS C 23 -37.25 -13.04 -24.52
CA LYS C 23 -37.05 -12.37 -23.23
C LYS C 23 -35.74 -11.58 -23.23
N VAL C 24 -34.65 -12.21 -23.63
CA VAL C 24 -33.38 -11.52 -23.84
C VAL C 24 -33.32 -11.27 -25.34
N ALA C 25 -33.76 -10.06 -25.73
CA ALA C 25 -34.04 -9.79 -27.14
C ALA C 25 -32.78 -9.85 -28.01
N MET C 26 -31.67 -9.32 -27.51
CA MET C 26 -30.50 -9.14 -28.37
C MET C 26 -29.24 -9.03 -27.53
N LEU C 27 -28.10 -9.19 -28.20
CA LEU C 27 -26.79 -8.90 -27.63
C LEU C 27 -26.41 -7.49 -28.06
N GLY C 28 -26.35 -6.58 -27.10
CA GLY C 28 -26.07 -5.18 -27.39
C GLY C 28 -24.58 -4.88 -27.44
N LEU C 29 -24.15 -4.25 -28.54
CA LEU C 29 -22.75 -3.89 -28.73
C LEU C 29 -22.56 -2.40 -28.42
N THR C 30 -21.50 -2.10 -27.68
CA THR C 30 -21.10 -0.73 -27.42
C THR C 30 -19.90 -0.39 -28.31
N PHE C 31 -19.40 0.84 -28.16
CA PHE C 31 -18.30 1.29 -29.01
C PHE C 31 -17.04 0.46 -28.80
N ASP C 32 -16.76 0.07 -27.55
CA ASP C 32 -15.58 -0.71 -27.25
C ASP C 32 -15.64 -2.12 -27.81
N ASP C 33 -16.80 -2.56 -28.28
CA ASP C 33 -16.95 -3.92 -28.80
C ASP C 33 -16.47 -4.08 -30.23
N VAL C 34 -16.46 -3.01 -31.02
CA VAL C 34 -16.23 -3.11 -32.45
C VAL C 34 -15.07 -2.21 -32.88
N LEU C 35 -14.48 -2.56 -34.01
CA LEU C 35 -13.50 -1.74 -34.69
C LEU C 35 -13.83 -1.67 -36.16
N LEU C 36 -13.45 -0.57 -36.79
CA LEU C 36 -13.62 -0.43 -38.23
C LEU C 36 -12.59 -1.26 -38.97
N LEU C 37 -13.04 -2.08 -39.89
CA LEU C 37 -12.13 -2.88 -40.70
C LEU C 37 -11.53 -2.03 -41.81
N PRO C 38 -10.21 -2.09 -42.02
CA PRO C 38 -9.63 -1.42 -43.19
C PRO C 38 -10.18 -2.02 -44.47
N ALA C 39 -10.36 -1.17 -45.48
CA ALA C 39 -10.89 -1.60 -46.76
C ALA C 39 -10.10 -0.92 -47.88
N ALA C 40 -10.41 -1.31 -49.11
CA ALA C 40 -9.76 -0.70 -50.27
C ALA C 40 -10.00 0.80 -50.25
N SER C 41 -8.91 1.56 -50.39
CA SER C 41 -8.96 2.99 -50.14
C SER C 41 -8.17 3.75 -51.20
N ASP C 42 -8.77 4.84 -51.70
CA ASP C 42 -8.07 5.85 -52.47
C ASP C 42 -8.26 7.23 -51.87
N VAL C 43 -8.64 7.30 -50.60
CA VAL C 43 -9.07 8.53 -49.96
C VAL C 43 -7.92 9.07 -49.12
N VAL C 44 -7.44 10.26 -49.49
CA VAL C 44 -6.47 10.97 -48.65
C VAL C 44 -7.22 11.63 -47.50
N PRO C 45 -6.79 11.47 -46.26
CA PRO C 45 -7.56 11.99 -45.12
C PRO C 45 -7.87 13.47 -45.21
N ALA C 46 -6.97 14.28 -45.79
CA ALA C 46 -7.22 15.71 -45.91
C ALA C 46 -8.33 16.00 -46.91
N THR C 47 -8.47 15.17 -47.95
CA THR C 47 -9.45 15.39 -49.01
C THR C 47 -10.77 14.68 -48.76
N ALA C 48 -10.93 13.98 -47.64
CA ALA C 48 -12.19 13.35 -47.33
C ALA C 48 -13.26 14.39 -47.04
N ASP C 49 -14.47 14.15 -47.54
CA ASP C 49 -15.60 15.06 -47.35
C ASP C 49 -16.35 14.63 -46.10
N THR C 50 -16.26 15.43 -45.04
CA THR C 50 -16.92 15.13 -43.78
C THR C 50 -18.33 15.72 -43.68
N SER C 51 -18.83 16.31 -44.76
CA SER C 51 -20.17 16.90 -44.72
C SER C 51 -21.23 15.81 -44.58
N SER C 52 -22.27 16.10 -43.80
CA SER C 52 -23.30 15.13 -43.50
C SER C 52 -24.60 15.86 -43.21
N GLN C 53 -25.71 15.12 -43.25
CA GLN C 53 -27.04 15.69 -43.07
C GLN C 53 -27.40 15.70 -41.59
N LEU C 54 -27.73 16.89 -41.07
CA LEU C 54 -28.27 16.98 -39.73
C LEU C 54 -29.76 16.62 -39.72
N THR C 55 -30.51 17.16 -40.66
CA THR C 55 -31.91 16.80 -40.86
C THR C 55 -32.15 16.59 -42.35
N LYS C 56 -33.42 16.45 -42.74
CA LYS C 56 -33.74 16.22 -44.15
C LYS C 56 -33.36 17.41 -45.03
N ARG C 57 -33.26 18.62 -44.46
CA ARG C 57 -33.00 19.83 -45.22
C ARG C 57 -31.74 20.56 -44.82
N ILE C 58 -31.02 20.11 -43.79
CA ILE C 58 -29.86 20.83 -43.27
C ILE C 58 -28.64 19.93 -43.39
N ARG C 59 -27.59 20.46 -44.02
CA ARG C 59 -26.32 19.77 -44.15
C ARG C 59 -25.23 20.57 -43.43
N LEU C 60 -24.43 19.88 -42.63
CA LEU C 60 -23.34 20.50 -41.90
C LEU C 60 -22.01 20.17 -42.57
N ARG C 61 -21.07 21.11 -42.49
CA ARG C 61 -19.73 20.85 -42.99
C ARG C 61 -18.97 19.86 -42.11
N VAL C 62 -19.21 19.91 -40.81
CA VAL C 62 -18.62 19.00 -39.85
C VAL C 62 -19.76 18.35 -39.06
N PRO C 63 -19.88 17.03 -39.07
CA PRO C 63 -21.07 16.36 -38.51
C PRO C 63 -21.09 16.32 -36.97
N LEU C 64 -20.89 17.47 -36.34
CA LEU C 64 -20.84 17.54 -34.89
C LEU C 64 -21.85 18.57 -34.40
N VAL C 65 -22.65 18.18 -33.40
CA VAL C 65 -23.64 19.07 -32.81
C VAL C 65 -23.42 19.12 -31.30
N SER C 66 -23.22 20.32 -30.77
CA SER C 66 -23.04 20.46 -29.32
C SER C 66 -24.36 20.12 -28.63
N SER C 67 -24.29 19.30 -27.58
CA SER C 67 -25.49 18.85 -26.88
C SER C 67 -26.16 19.99 -26.13
N ALA C 68 -27.50 19.94 -26.07
CA ALA C 68 -28.30 20.93 -25.36
C ALA C 68 -28.30 20.68 -23.85
N MET C 69 -27.16 20.95 -23.23
CA MET C 69 -26.97 20.77 -21.80
C MET C 69 -26.63 22.12 -21.18
N ASP C 70 -27.12 22.35 -19.96
CA ASP C 70 -26.88 23.62 -19.28
C ASP C 70 -25.39 23.91 -19.15
N THR C 71 -24.56 22.87 -19.04
CA THR C 71 -23.13 23.03 -18.87
C THR C 71 -22.36 23.00 -20.18
N VAL C 72 -23.07 22.95 -21.32
CA VAL C 72 -22.40 22.76 -22.60
C VAL C 72 -22.69 23.90 -23.57
N THR C 73 -23.96 24.14 -23.88
CA THR C 73 -24.32 25.01 -25.00
C THR C 73 -25.21 26.16 -24.55
N GLU C 74 -24.70 27.38 -24.69
CA GLU C 74 -25.53 28.56 -24.83
C GLU C 74 -24.92 29.41 -25.95
N SER C 75 -25.31 30.68 -26.04
CA SER C 75 -25.07 31.48 -27.23
C SER C 75 -23.62 31.44 -27.68
N ARG C 76 -22.68 31.57 -26.75
CA ARG C 76 -21.26 31.56 -27.13
C ARG C 76 -20.86 30.23 -27.75
N MET C 77 -21.26 29.13 -27.11
CA MET C 77 -20.96 27.80 -27.66
C MET C 77 -21.66 27.59 -28.99
N ALA C 78 -22.91 28.05 -29.12
CA ALA C 78 -23.62 27.88 -30.37
C ALA C 78 -22.94 28.64 -31.51
N ILE C 79 -22.48 29.86 -31.24
CA ILE C 79 -21.78 30.64 -32.25
C ILE C 79 -20.48 29.95 -32.63
N ALA C 80 -19.74 29.46 -31.64
CA ALA C 80 -18.49 28.76 -31.92
C ALA C 80 -18.72 27.49 -32.74
N MET C 81 -19.79 26.75 -32.43
CA MET C 81 -20.07 25.51 -33.15
C MET C 81 -20.51 25.80 -34.59
N ALA C 82 -21.34 26.82 -34.79
CA ALA C 82 -21.77 27.18 -36.13
C ALA C 82 -20.59 27.68 -36.97
N ARG C 83 -19.69 28.45 -36.35
CA ARG C 83 -18.52 28.93 -37.07
C ARG C 83 -17.56 27.79 -37.40
N ALA C 84 -17.49 26.78 -36.53
CA ALA C 84 -16.63 25.63 -36.76
C ALA C 84 -17.14 24.71 -37.85
N GLY C 85 -18.35 24.92 -38.35
CA GLY C 85 -18.93 24.07 -39.36
C GLY C 85 -19.98 23.09 -38.85
N GLY C 86 -20.16 23.00 -37.54
CA GLY C 86 -21.19 22.16 -36.96
C GLY C 86 -22.44 22.95 -36.63
N MET C 87 -23.03 22.66 -35.47
CA MET C 87 -24.16 23.44 -34.98
C MET C 87 -24.26 23.23 -33.47
N GLY C 88 -25.00 24.11 -32.84
CA GLY C 88 -25.27 23.99 -31.41
C GLY C 88 -26.76 24.02 -31.14
N VAL C 89 -27.19 23.24 -30.15
CA VAL C 89 -28.57 23.26 -29.67
C VAL C 89 -28.57 23.90 -28.30
N LEU C 90 -29.38 24.94 -28.13
CA LEU C 90 -29.44 25.67 -26.88
C LEU C 90 -30.25 24.91 -25.84
N HIS C 91 -29.71 24.78 -24.64
CA HIS C 91 -30.40 24.07 -23.58
C HIS C 91 -31.60 24.86 -23.09
N ARG C 92 -32.59 24.14 -22.55
CA ARG C 92 -33.84 24.73 -22.10
C ARG C 92 -33.96 24.80 -20.58
N ASN C 93 -32.87 24.65 -19.85
CA ASN C 93 -32.92 24.79 -18.40
C ASN C 93 -32.88 26.25 -17.98
N LEU C 94 -33.75 27.06 -18.57
CA LEU C 94 -33.77 28.50 -18.34
C LEU C 94 -35.12 29.04 -18.81
N PRO C 95 -35.46 30.28 -18.44
CA PRO C 95 -36.73 30.88 -18.91
C PRO C 95 -36.85 31.02 -20.42
N VAL C 96 -38.10 31.06 -20.88
CA VAL C 96 -38.37 31.14 -22.31
C VAL C 96 -37.79 32.41 -22.92
N ALA C 97 -37.95 33.54 -22.22
CA ALA C 97 -37.42 34.80 -22.72
C ALA C 97 -35.90 34.76 -22.86
N GLU C 98 -35.23 34.13 -21.89
CA GLU C 98 -33.78 34.02 -21.96
C GLU C 98 -33.33 33.15 -23.13
N GLN C 99 -34.05 32.05 -23.39
CA GLN C 99 -33.70 31.19 -24.52
C GLN C 99 -33.91 31.93 -25.85
N ALA C 100 -35.02 32.66 -25.96
CA ALA C 100 -35.26 33.45 -27.16
C ALA C 100 -34.17 34.51 -27.33
N GLY C 101 -33.74 35.12 -26.22
CA GLY C 101 -32.66 36.09 -26.31
C GLY C 101 -31.36 35.48 -26.79
N GLN C 102 -31.04 34.27 -26.30
CA GLN C 102 -29.82 33.59 -26.77
C GLN C 102 -29.94 33.22 -28.24
N VAL C 103 -31.13 32.79 -28.68
CA VAL C 103 -31.35 32.52 -30.10
C VAL C 103 -31.10 33.78 -30.91
N GLU C 104 -31.64 34.91 -30.46
CA GLU C 104 -31.49 36.17 -31.17
C GLU C 104 -30.03 36.61 -31.19
N THR C 105 -29.31 36.38 -30.10
CA THR C 105 -27.88 36.69 -30.06
C THR C 105 -27.11 35.86 -31.09
N VAL C 106 -27.41 34.57 -31.19
CA VAL C 106 -26.73 33.73 -32.16
C VAL C 106 -27.06 34.16 -33.57
N LYS C 107 -28.33 34.47 -33.84
CA LYS C 107 -28.73 34.82 -35.19
C LYS C 107 -28.14 36.16 -35.63
N ARG C 108 -28.09 37.13 -34.71
CA ARG C 108 -27.70 38.48 -35.10
C ARG C 108 -26.20 38.65 -35.30
N SER C 109 -25.38 37.68 -34.90
CA SER C 109 -23.95 37.78 -35.09
C SER C 109 -23.59 37.63 -36.56
N LYS C 231 -24.68 28.56 -41.71
CA LYS C 231 -25.40 29.74 -42.14
C LYS C 231 -26.68 29.38 -42.90
N ASP C 232 -27.75 30.12 -42.64
CA ASP C 232 -29.00 29.92 -43.38
C ASP C 232 -28.92 30.65 -44.72
N SER C 233 -30.05 30.70 -45.43
CA SER C 233 -30.08 31.40 -46.72
C SER C 233 -29.88 32.90 -46.54
N ASP C 234 -30.33 33.45 -45.42
CA ASP C 234 -30.09 34.85 -45.12
C ASP C 234 -28.62 35.12 -44.84
N GLY C 235 -27.88 34.10 -44.38
CA GLY C 235 -26.50 34.26 -44.02
C GLY C 235 -26.23 34.36 -42.54
N ARG C 236 -27.26 34.24 -41.71
CA ARG C 236 -27.07 34.22 -40.27
C ARG C 236 -26.69 32.83 -39.80
N LEU C 237 -25.99 32.76 -38.67
CA LEU C 237 -25.52 31.48 -38.15
C LEU C 237 -26.67 30.56 -37.80
N LEU C 238 -26.50 29.29 -38.15
CA LEU C 238 -27.50 28.28 -37.83
C LEU C 238 -27.48 27.95 -36.33
N VAL C 239 -28.65 27.72 -35.76
CA VAL C 239 -28.76 27.41 -34.35
C VAL C 239 -30.00 26.55 -34.13
N GLY C 240 -29.92 25.66 -33.14
CA GLY C 240 -31.05 24.87 -32.72
C GLY C 240 -31.36 25.10 -31.25
N ALA C 241 -32.54 24.66 -30.84
CA ALA C 241 -32.98 24.84 -29.47
C ALA C 241 -33.83 23.65 -29.03
N ALA C 242 -33.68 23.26 -27.77
CA ALA C 242 -34.43 22.15 -27.19
C ALA C 242 -35.73 22.65 -26.59
N VAL C 243 -36.78 21.85 -26.75
CA VAL C 243 -38.09 22.10 -26.15
C VAL C 243 -38.53 20.82 -25.45
N GLY C 244 -39.42 20.98 -24.49
CA GLY C 244 -39.98 19.87 -23.75
C GLY C 244 -41.31 19.43 -24.30
N VAL C 245 -42.20 19.00 -23.40
CA VAL C 245 -43.54 18.57 -23.75
C VAL C 245 -44.53 19.27 -22.82
N GLY C 246 -45.65 19.72 -23.38
CA GLY C 246 -46.67 20.42 -22.63
C GLY C 246 -47.01 21.76 -23.24
N ASP C 247 -47.97 22.44 -22.60
CA ASP C 247 -48.41 23.75 -23.07
C ASP C 247 -47.30 24.79 -22.92
N ASP C 248 -46.58 24.76 -21.79
CA ASP C 248 -45.42 25.63 -21.64
C ASP C 248 -44.36 25.33 -22.69
N ALA C 249 -44.20 24.06 -23.04
CA ALA C 249 -43.30 23.70 -24.14
C ALA C 249 -43.78 24.30 -25.46
N TRP C 250 -45.08 24.32 -25.68
CA TRP C 250 -45.61 24.95 -26.90
C TRP C 250 -45.32 26.44 -26.92
N THR C 251 -45.51 27.11 -25.78
CA THR C 251 -45.19 28.53 -25.70
C THR C 251 -43.71 28.78 -25.97
N ARG C 252 -42.85 27.96 -25.37
CA ARG C 252 -41.41 28.08 -25.59
C ARG C 252 -41.07 27.88 -27.06
N ALA C 253 -41.66 26.87 -27.69
CA ALA C 253 -41.35 26.57 -29.08
C ALA C 253 -41.79 27.70 -30.00
N MET C 254 -42.99 28.25 -29.78
CA MET C 254 -43.44 29.35 -30.62
C MET C 254 -42.57 30.59 -30.43
N THR C 255 -42.17 30.87 -29.19
CA THR C 255 -41.25 31.99 -28.96
C THR C 255 -39.93 31.78 -29.68
N LEU C 256 -39.39 30.56 -29.64
CA LEU C 256 -38.12 30.28 -30.31
C LEU C 256 -38.25 30.38 -31.81
N VAL C 257 -39.38 29.94 -32.37
CA VAL C 257 -39.61 30.08 -33.81
C VAL C 257 -39.69 31.56 -34.18
N ASP C 258 -40.34 32.36 -33.34
CA ASP C 258 -40.37 33.80 -33.58
C ASP C 258 -38.97 34.41 -33.52
N ALA C 259 -38.13 33.94 -32.61
CA ALA C 259 -36.77 34.45 -32.47
C ALA C 259 -35.87 34.05 -33.62
N GLY C 260 -36.30 33.15 -34.49
CA GLY C 260 -35.54 32.75 -35.64
C GLY C 260 -34.76 31.47 -35.52
N VAL C 261 -35.19 30.54 -34.66
CA VAL C 261 -34.48 29.27 -34.51
C VAL C 261 -34.64 28.45 -35.78
N ASP C 262 -33.62 27.65 -36.08
CA ASP C 262 -33.61 26.83 -37.28
C ASP C 262 -34.02 25.39 -37.01
N VAL C 263 -33.61 24.82 -35.88
CA VAL C 263 -33.92 23.45 -35.52
C VAL C 263 -34.58 23.44 -34.15
N LEU C 264 -35.72 22.77 -34.04
CA LEU C 264 -36.38 22.52 -32.79
C LEU C 264 -36.17 21.05 -32.44
N ILE C 265 -35.67 20.78 -31.25
CA ILE C 265 -35.40 19.41 -30.82
C ILE C 265 -36.31 19.12 -29.65
N VAL C 266 -37.24 18.19 -29.83
CA VAL C 266 -38.05 17.74 -28.71
C VAL C 266 -37.21 16.77 -27.92
N ASP C 267 -36.52 17.29 -26.90
CA ASP C 267 -35.50 16.56 -26.15
C ASP C 267 -36.12 15.90 -24.94
N THR C 268 -36.30 14.59 -25.01
CA THR C 268 -36.88 13.81 -23.92
C THR C 268 -35.96 12.65 -23.59
N ALA C 269 -35.94 12.25 -22.32
CA ALA C 269 -35.14 11.11 -21.93
C ALA C 269 -35.66 9.83 -22.58
N HIS C 270 -36.98 9.73 -22.78
CA HIS C 270 -37.60 8.57 -23.39
C HIS C 270 -38.62 9.09 -24.39
N ALA C 271 -38.27 9.08 -25.68
CA ALA C 271 -39.12 9.64 -26.71
C ALA C 271 -40.24 8.71 -27.15
N HIS C 272 -40.20 7.43 -26.78
CA HIS C 272 -41.24 6.47 -27.16
C HIS C 272 -42.46 6.63 -26.24
N ASN C 273 -42.99 7.85 -26.24
CA ASN C 273 -44.16 8.21 -25.45
C ASN C 273 -45.13 8.96 -26.34
N ARG C 274 -46.43 8.76 -26.10
CA ARG C 274 -47.43 9.35 -26.98
C ARG C 274 -47.41 10.88 -26.89
N GLY C 275 -47.09 11.43 -25.73
CA GLY C 275 -46.97 12.88 -25.61
C GLY C 275 -45.86 13.45 -26.49
N VAL C 276 -44.70 12.79 -26.51
CA VAL C 276 -43.60 13.26 -27.33
C VAL C 276 -43.96 13.18 -28.82
N LEU C 277 -44.58 12.07 -29.23
CA LEU C 277 -44.96 11.93 -30.63
C LEU C 277 -46.01 12.97 -31.03
N ASP C 278 -46.98 13.22 -30.16
CA ASP C 278 -47.99 14.24 -30.45
C ASP C 278 -47.38 15.63 -30.52
N MET C 279 -46.42 15.92 -29.63
CA MET C 279 -45.74 17.22 -29.68
C MET C 279 -44.96 17.37 -30.99
N VAL C 280 -44.26 16.31 -31.40
CA VAL C 280 -43.50 16.37 -32.65
C VAL C 280 -44.43 16.59 -33.82
N SER C 281 -45.56 15.87 -33.85
CA SER C 281 -46.52 16.02 -34.93
C SER C 281 -47.11 17.43 -34.95
N ARG C 282 -47.45 17.98 -33.78
CA ARG C 282 -48.01 19.32 -33.71
C ARG C 282 -47.02 20.36 -34.22
N LEU C 283 -45.75 20.24 -33.80
CA LEU C 283 -44.74 21.18 -34.28
C LEU C 283 -44.55 21.06 -35.78
N LYS C 284 -44.58 19.82 -36.30
CA LYS C 284 -44.44 19.62 -37.73
C LYS C 284 -45.58 20.26 -38.51
N GLN C 285 -46.81 20.16 -37.99
CA GLN C 285 -47.94 20.80 -38.65
C GLN C 285 -47.87 22.32 -38.55
N ALA C 286 -47.43 22.85 -37.40
CA ALA C 286 -47.49 24.28 -37.17
C ALA C 286 -46.35 25.02 -37.87
N VAL C 287 -45.10 24.65 -37.57
CA VAL C 287 -43.95 25.40 -38.03
C VAL C 287 -43.00 24.52 -38.83
N GLY C 288 -43.49 23.37 -39.32
CA GLY C 288 -42.64 22.46 -40.07
C GLY C 288 -42.16 23.00 -41.40
N GLU C 289 -42.88 23.97 -41.97
CA GLU C 289 -42.48 24.52 -43.26
C GLU C 289 -41.25 25.40 -43.15
N ARG C 290 -41.01 25.99 -41.97
CA ARG C 290 -39.94 26.95 -41.78
C ARG C 290 -38.78 26.41 -40.95
N VAL C 291 -39.04 25.52 -40.00
CA VAL C 291 -38.00 24.95 -39.17
C VAL C 291 -38.06 23.42 -39.29
N ASP C 292 -37.05 22.77 -38.73
CA ASP C 292 -36.98 21.32 -38.69
C ASP C 292 -37.25 20.84 -37.27
N VAL C 293 -37.86 19.67 -37.15
CA VAL C 293 -38.21 19.09 -35.86
C VAL C 293 -37.46 17.78 -35.71
N VAL C 294 -36.75 17.64 -34.59
CA VAL C 294 -35.95 16.45 -34.32
C VAL C 294 -36.50 15.75 -33.09
N GLY C 295 -36.76 14.45 -33.22
CA GLY C 295 -37.30 13.71 -32.10
C GLY C 295 -36.25 13.37 -31.06
N GLY C 296 -36.74 13.14 -29.85
CA GLY C 296 -35.92 12.90 -28.68
C GLY C 296 -35.20 11.57 -28.75
N ASN C 297 -34.65 11.19 -27.60
CA ASN C 297 -33.80 10.01 -27.54
C ASN C 297 -34.61 8.73 -27.59
N VAL C 298 -34.26 7.87 -28.54
CA VAL C 298 -34.82 6.53 -28.67
C VAL C 298 -33.64 5.55 -28.69
N ALA C 299 -33.97 4.27 -28.49
CA ALA C 299 -32.94 3.24 -28.48
C ALA C 299 -33.33 1.98 -29.24
N THR C 300 -34.52 1.93 -29.82
CA THR C 300 -35.01 0.74 -30.50
C THR C 300 -35.53 1.09 -31.88
N ARG C 301 -35.69 0.06 -32.70
CA ARG C 301 -36.23 0.25 -34.05
C ARG C 301 -37.67 0.74 -34.00
N ALA C 302 -38.48 0.19 -33.08
CA ALA C 302 -39.89 0.57 -33.01
C ALA C 302 -40.05 2.03 -32.64
N ALA C 303 -39.26 2.51 -31.68
CA ALA C 303 -39.35 3.91 -31.28
C ALA C 303 -38.92 4.84 -32.40
N ALA C 304 -37.86 4.49 -33.13
CA ALA C 304 -37.43 5.30 -34.26
C ALA C 304 -38.48 5.33 -35.36
N ALA C 305 -39.10 4.18 -35.63
CA ALA C 305 -40.18 4.13 -36.61
C ALA C 305 -41.36 4.99 -36.17
N ALA C 306 -41.69 4.96 -34.88
CA ALA C 306 -42.76 5.80 -34.37
C ALA C 306 -42.44 7.29 -34.53
N LEU C 307 -41.18 7.66 -34.27
CA LEU C 307 -40.78 9.06 -34.47
C LEU C 307 -40.84 9.46 -35.93
N VAL C 308 -40.41 8.57 -36.83
CA VAL C 308 -40.49 8.87 -38.25
C VAL C 308 -41.94 9.04 -38.70
N GLU C 309 -42.82 8.18 -38.21
CA GLU C 309 -44.24 8.28 -38.55
C GLU C 309 -44.82 9.61 -38.10
N ALA C 310 -44.40 10.11 -36.95
CA ALA C 310 -44.89 11.40 -36.45
C ALA C 310 -44.36 12.58 -37.26
N GLY C 311 -43.40 12.36 -38.15
CA GLY C 311 -42.90 13.43 -39.00
C GLY C 311 -41.59 14.06 -38.55
N ALA C 312 -40.82 13.41 -37.69
CA ALA C 312 -39.55 13.95 -37.27
C ALA C 312 -38.57 14.01 -38.43
N ASP C 313 -37.86 15.13 -38.54
CA ASP C 313 -36.87 15.33 -39.59
C ASP C 313 -35.52 14.72 -39.24
N ALA C 314 -35.29 14.39 -37.98
CA ALA C 314 -34.10 13.68 -37.53
C ALA C 314 -34.44 12.98 -36.23
N VAL C 315 -33.76 11.86 -35.97
CA VAL C 315 -34.04 11.04 -34.80
C VAL C 315 -32.79 11.02 -33.92
N LYS C 316 -32.92 11.47 -32.67
CA LYS C 316 -31.79 11.42 -31.75
C LYS C 316 -31.82 10.09 -31.02
N VAL C 317 -30.67 9.42 -30.96
CA VAL C 317 -30.59 8.02 -30.55
C VAL C 317 -29.64 7.90 -29.36
N GLY C 318 -30.11 7.24 -28.31
CA GLY C 318 -29.32 6.90 -27.15
C GLY C 318 -30.10 7.02 -25.86
N VAL C 319 -30.19 5.93 -25.11
CA VAL C 319 -30.89 5.87 -23.84
C VAL C 319 -30.00 5.04 -22.89
N GLY C 320 -29.39 5.71 -21.92
CA GLY C 320 -28.40 5.10 -21.07
C GLY C 320 -27.26 4.45 -21.84
N PRO C 321 -26.57 5.23 -22.69
CA PRO C 321 -25.53 4.63 -23.53
C PRO C 321 -24.19 4.44 -22.83
N GLY C 322 -23.91 5.21 -21.77
CA GLY C 322 -22.68 5.04 -21.05
C GLY C 322 -22.67 3.80 -20.20
N SER C 323 -21.47 3.30 -19.90
CA SER C 323 -21.35 2.06 -19.14
C SER C 323 -21.79 2.26 -17.69
N ILE C 324 -21.30 3.31 -17.05
CA ILE C 324 -21.59 3.56 -15.65
C ILE C 324 -22.72 4.58 -15.50
N CYS C 325 -23.55 4.70 -16.54
CA CYS C 325 -24.61 5.68 -16.61
C CYS C 325 -25.58 5.55 -15.42
N THR C 326 -26.08 6.71 -14.97
CA THR C 326 -27.01 6.72 -13.84
C THR C 326 -28.31 6.00 -14.19
N THR C 327 -28.77 6.11 -15.43
CA THR C 327 -29.96 5.37 -15.84
C THR C 327 -29.75 3.87 -15.72
N ARG C 328 -28.55 3.39 -16.08
CA ARG C 328 -28.27 1.95 -15.98
C ARG C 328 -28.20 1.48 -14.53
N VAL C 329 -27.68 2.33 -13.63
CA VAL C 329 -27.46 1.89 -12.26
C VAL C 329 -28.74 2.03 -11.43
N VAL C 330 -29.32 3.23 -11.41
CA VAL C 330 -30.50 3.46 -10.58
C VAL C 330 -31.73 2.76 -11.14
N ALA C 331 -31.94 2.84 -12.46
CA ALA C 331 -33.15 2.30 -13.07
C ALA C 331 -32.94 0.92 -13.68
N GLY C 332 -31.70 0.51 -13.94
CA GLY C 332 -31.48 -0.74 -14.63
C GLY C 332 -31.87 -0.74 -16.08
N VAL C 333 -31.93 0.44 -16.70
CA VAL C 333 -32.40 0.61 -18.06
C VAL C 333 -31.25 1.14 -18.90
N GLY C 334 -31.06 0.57 -20.08
CA GLY C 334 -30.03 1.06 -20.97
C GLY C 334 -30.04 0.27 -22.27
N ALA C 335 -29.29 0.78 -23.23
CA ALA C 335 -29.12 0.14 -24.52
C ALA C 335 -27.74 0.48 -25.06
N PRO C 336 -26.91 -0.52 -25.37
CA PRO C 336 -25.60 -0.23 -25.96
C PRO C 336 -25.75 0.54 -27.26
N GLN C 337 -24.84 1.50 -27.46
CA GLN C 337 -25.08 2.55 -28.44
C GLN C 337 -24.92 2.05 -29.88
N ILE C 338 -23.98 1.15 -30.13
CA ILE C 338 -23.80 0.67 -31.50
C ILE C 338 -25.04 -0.09 -31.98
N THR C 339 -25.55 -0.99 -31.13
CA THR C 339 -26.76 -1.73 -31.49
C THR C 339 -27.97 -0.81 -31.62
N ALA C 340 -28.09 0.15 -30.71
CA ALA C 340 -29.19 1.11 -30.78
C ALA C 340 -29.14 1.91 -32.08
N ILE C 341 -27.94 2.35 -32.48
CA ILE C 341 -27.80 3.08 -33.73
C ILE C 341 -28.16 2.20 -34.91
N LEU C 342 -27.72 0.93 -34.89
CA LEU C 342 -28.05 0.03 -35.99
C LEU C 342 -29.55 -0.16 -36.13
N GLU C 343 -30.24 -0.34 -35.00
CA GLU C 343 -31.70 -0.51 -35.03
C GLU C 343 -32.40 0.76 -35.52
N ALA C 344 -31.99 1.92 -35.00
CA ALA C 344 -32.61 3.18 -35.40
C ALA C 344 -32.36 3.47 -36.87
N VAL C 345 -31.17 3.13 -37.38
CA VAL C 345 -30.88 3.33 -38.79
C VAL C 345 -31.71 2.37 -39.63
N ALA C 346 -31.88 1.13 -39.17
CA ALA C 346 -32.77 0.22 -39.89
C ALA C 346 -34.18 0.80 -39.97
N ALA C 347 -34.60 1.53 -38.95
CA ALA C 347 -35.92 2.16 -38.99
C ALA C 347 -35.97 3.41 -39.86
N CYS C 348 -34.87 4.19 -39.91
CA CYS C 348 -34.90 5.53 -40.47
C CYS C 348 -34.35 5.65 -41.89
N LYS C 349 -33.34 4.86 -42.24
CA LYS C 349 -32.68 5.00 -43.54
C LYS C 349 -33.61 4.89 -44.74
N PRO C 350 -34.59 3.97 -44.78
CA PRO C 350 -35.51 3.95 -45.94
C PRO C 350 -36.25 5.26 -46.16
N TYR C 351 -36.57 5.99 -45.10
CA TYR C 351 -37.28 7.26 -45.22
C TYR C 351 -36.37 8.46 -45.36
N GLY C 352 -35.05 8.26 -45.38
CA GLY C 352 -34.14 9.37 -45.51
C GLY C 352 -34.05 10.28 -44.30
N VAL C 353 -34.39 9.78 -43.12
CA VAL C 353 -34.36 10.56 -41.89
C VAL C 353 -32.98 10.40 -41.26
N PRO C 354 -32.23 11.47 -41.02
CA PRO C 354 -30.93 11.35 -40.38
C PRO C 354 -31.02 10.89 -38.93
N VAL C 355 -29.93 10.28 -38.47
CA VAL C 355 -29.79 9.77 -37.10
C VAL C 355 -28.67 10.52 -36.41
N ILE C 356 -28.96 11.01 -35.20
CA ILE C 356 -28.00 11.74 -34.38
C ILE C 356 -27.63 10.83 -33.22
N ALA C 357 -26.37 10.39 -33.18
CA ALA C 357 -25.90 9.54 -32.10
C ALA C 357 -25.55 10.40 -30.89
N ASP C 358 -26.28 10.23 -29.79
CA ASP C 358 -26.11 11.08 -28.61
C ASP C 358 -25.77 10.22 -27.40
N GLY C 359 -24.56 10.37 -26.90
CA GLY C 359 -24.14 9.72 -25.67
C GLY C 359 -23.18 8.57 -25.92
N GLY C 360 -22.36 8.28 -24.90
CA GLY C 360 -21.42 7.19 -24.95
C GLY C 360 -20.10 7.48 -25.63
N LEU C 361 -19.86 8.71 -26.08
CA LEU C 361 -18.62 9.02 -26.79
C LEU C 361 -17.50 9.32 -25.81
N GLN C 362 -16.34 8.74 -26.07
CA GLN C 362 -15.17 8.94 -25.21
C GLN C 362 -13.98 9.40 -26.04
N TYR C 363 -13.94 9.00 -27.31
CA TYR C 363 -12.82 9.32 -28.18
C TYR C 363 -13.35 9.56 -29.59
N SER C 364 -12.49 10.15 -30.43
CA SER C 364 -12.86 10.41 -31.82
C SER C 364 -13.11 9.11 -32.59
N GLY C 365 -12.45 8.03 -32.19
CA GLY C 365 -12.76 6.73 -32.77
C GLY C 365 -14.21 6.35 -32.56
N ASP C 366 -14.77 6.72 -31.41
CA ASP C 366 -16.20 6.49 -31.18
C ASP C 366 -17.05 7.30 -32.15
N ILE C 367 -16.63 8.52 -32.49
CA ILE C 367 -17.34 9.30 -33.52
C ILE C 367 -17.33 8.54 -34.84
N ALA C 368 -16.17 8.04 -35.23
CA ALA C 368 -16.07 7.29 -36.48
C ALA C 368 -16.96 6.05 -36.44
N LYS C 369 -16.96 5.33 -35.31
CA LYS C 369 -17.77 4.13 -35.19
C LYS C 369 -19.27 4.46 -35.25
N ALA C 370 -19.68 5.55 -34.59
CA ALA C 370 -21.09 5.93 -34.62
C ALA C 370 -21.54 6.31 -36.02
N LEU C 371 -20.70 7.03 -36.75
CA LEU C 371 -21.06 7.38 -38.13
C LEU C 371 -21.04 6.15 -39.03
N ALA C 372 -20.12 5.22 -38.78
CA ALA C 372 -20.06 3.99 -39.58
C ALA C 372 -21.24 3.09 -39.32
N ALA C 373 -21.77 3.09 -38.09
CA ALA C 373 -22.95 2.30 -37.76
C ALA C 373 -24.20 2.81 -38.46
N GLY C 374 -24.15 3.99 -39.07
CA GLY C 374 -25.28 4.49 -39.82
C GLY C 374 -25.79 5.85 -39.40
N ALA C 375 -25.31 6.36 -38.27
CA ALA C 375 -25.73 7.68 -37.84
C ALA C 375 -25.18 8.75 -38.78
N SER C 376 -25.95 9.82 -38.95
CA SER C 376 -25.53 10.93 -39.80
C SER C 376 -24.77 11.99 -39.05
N THR C 377 -25.09 12.22 -37.79
CA THR C 377 -24.34 13.19 -36.97
C THR C 377 -24.09 12.60 -35.60
N ALA C 378 -23.07 13.13 -34.92
CA ALA C 378 -22.79 12.77 -33.54
C ALA C 378 -22.94 14.00 -32.66
N MET C 379 -23.68 13.85 -31.57
CA MET C 379 -23.92 14.93 -30.63
C MET C 379 -22.89 14.89 -29.51
N LEU C 380 -22.22 16.01 -29.29
CA LEU C 380 -21.12 16.09 -28.33
C LEU C 380 -21.62 16.74 -27.04
N GLY C 381 -21.50 16.00 -25.93
CA GLY C 381 -21.98 16.47 -24.64
C GLY C 381 -20.85 16.79 -23.68
N SER C 382 -20.54 15.83 -22.80
CA SER C 382 -19.56 16.04 -21.75
C SER C 382 -18.16 16.35 -22.29
N LEU C 383 -17.88 16.00 -23.55
CA LEU C 383 -16.58 16.34 -24.14
C LEU C 383 -16.40 17.84 -24.35
N LEU C 384 -17.50 18.60 -24.36
CA LEU C 384 -17.46 20.05 -24.52
C LEU C 384 -17.85 20.78 -23.23
N ALA C 385 -18.06 20.06 -22.14
CA ALA C 385 -18.60 20.68 -20.93
C ALA C 385 -17.64 21.71 -20.34
N GLY C 386 -16.35 21.40 -20.32
CA GLY C 386 -15.37 22.28 -19.73
C GLY C 386 -14.62 23.18 -20.69
N THR C 387 -15.03 23.25 -21.96
CA THR C 387 -14.32 24.08 -22.92
C THR C 387 -14.57 25.55 -22.64
N ALA C 388 -13.66 26.39 -23.14
CA ALA C 388 -13.73 27.83 -22.88
C ALA C 388 -15.04 28.42 -23.40
N GLU C 389 -15.54 27.92 -24.52
CA GLU C 389 -16.78 28.42 -25.09
C GLU C 389 -18.01 27.95 -24.34
N SER C 390 -17.90 26.93 -23.49
CA SER C 390 -19.03 26.46 -22.72
C SER C 390 -19.38 27.46 -21.61
N PRO C 391 -20.61 27.43 -21.12
CA PRO C 391 -21.01 28.37 -20.07
C PRO C 391 -20.20 28.17 -18.79
N GLY C 392 -20.33 29.15 -17.91
CA GLY C 392 -19.61 29.12 -16.64
C GLY C 392 -18.43 30.08 -16.64
N GLU C 393 -18.03 30.49 -15.46
CA GLU C 393 -16.88 31.37 -15.29
C GLU C 393 -15.67 30.56 -14.87
N LEU C 394 -14.50 30.94 -15.39
CA LEU C 394 -13.26 30.26 -15.05
C LEU C 394 -12.80 30.66 -13.66
N ILE C 395 -12.50 29.65 -12.84
CA ILE C 395 -12.02 29.87 -11.49
C ILE C 395 -10.77 29.03 -11.29
N PHE C 396 -9.94 29.47 -10.33
CA PHE C 396 -8.67 28.83 -10.04
C PHE C 396 -8.69 28.38 -8.59
N VAL C 397 -8.81 27.07 -8.38
CA VAL C 397 -8.94 26.49 -7.05
C VAL C 397 -7.90 25.40 -6.88
N ASN C 398 -7.11 25.49 -5.82
CA ASN C 398 -6.13 24.46 -5.46
C ASN C 398 -5.15 24.18 -6.59
N GLY C 399 -4.79 25.23 -7.33
CA GLY C 399 -3.84 25.10 -8.41
C GLY C 399 -4.40 24.50 -9.67
N LYS C 400 -5.70 24.22 -9.73
CA LYS C 400 -6.35 23.67 -10.91
C LYS C 400 -7.47 24.59 -11.35
N GLN C 401 -7.74 24.60 -12.64
CA GLN C 401 -8.70 25.51 -13.23
C GLN C 401 -10.02 24.79 -13.49
N PHE C 402 -11.11 25.35 -12.98
CA PHE C 402 -12.44 24.78 -13.12
C PHE C 402 -13.37 25.83 -13.71
N LYS C 403 -14.60 25.41 -14.02
CA LYS C 403 -15.65 26.32 -14.42
C LYS C 403 -16.78 26.24 -13.41
N SER C 404 -17.14 27.37 -12.82
CA SER C 404 -18.20 27.45 -11.83
C SER C 404 -19.36 28.26 -12.37
N TYR C 405 -20.58 27.82 -12.07
CA TYR C 405 -21.79 28.43 -12.62
C TYR C 405 -22.48 29.32 -11.60
N ARG C 427 -35.35 22.26 -9.72
CA ARG C 427 -35.51 23.40 -10.62
C ARG C 427 -36.88 23.39 -11.28
N TYR C 428 -37.36 24.58 -11.65
CA TYR C 428 -38.68 24.69 -12.27
C TYR C 428 -38.68 24.26 -13.73
N PHE C 429 -37.53 24.23 -14.39
CA PHE C 429 -37.47 23.96 -15.82
C PHE C 429 -37.06 22.53 -16.12
N GLN C 430 -36.47 21.82 -15.16
CA GLN C 430 -36.16 20.40 -15.31
C GLN C 430 -37.44 19.61 -15.02
N ASP C 431 -38.39 19.75 -15.93
CA ASP C 431 -39.71 19.14 -15.77
C ASP C 431 -39.78 17.73 -16.38
N ASP C 432 -38.72 17.27 -17.03
CA ASP C 432 -38.71 15.97 -17.65
C ASP C 432 -38.54 14.89 -16.59
N VAL C 433 -39.50 13.98 -16.49
CA VAL C 433 -39.33 12.79 -15.67
C VAL C 433 -38.40 11.85 -16.43
N LEU C 434 -37.87 10.84 -15.75
CA LEU C 434 -36.95 9.84 -16.27
C LEU C 434 -35.58 10.43 -16.59
N SER C 435 -35.39 11.73 -16.44
CA SER C 435 -34.09 12.34 -16.64
C SER C 435 -33.15 11.97 -15.50
N GLU C 436 -31.85 11.97 -15.79
CA GLU C 436 -30.87 11.50 -14.83
C GLU C 436 -30.84 12.34 -13.56
N ASP C 437 -31.22 13.61 -13.64
CA ASP C 437 -31.28 14.43 -12.43
C ASP C 437 -32.37 13.97 -11.48
N LYS C 438 -33.42 13.35 -12.00
CA LYS C 438 -34.47 12.81 -11.13
C LYS C 438 -34.04 11.53 -10.43
N LEU C 439 -32.90 10.95 -10.80
CA LEU C 439 -32.45 9.70 -10.22
C LEU C 439 -31.41 9.88 -9.13
N VAL C 440 -30.57 10.91 -9.24
CA VAL C 440 -29.52 11.16 -8.25
C VAL C 440 -30.18 11.58 -6.94
N PRO C 441 -29.59 11.24 -5.78
CA PRO C 441 -30.19 11.69 -4.52
C PRO C 441 -30.24 13.21 -4.38
N GLU C 442 -29.25 13.92 -4.93
CA GLU C 442 -29.23 15.37 -4.89
C GLU C 442 -28.25 15.91 -5.94
N ARG C 447 -17.60 20.13 -9.81
CA ARG C 447 -16.92 21.18 -10.56
C ARG C 447 -16.37 20.63 -11.87
N VAL C 448 -16.84 21.17 -12.99
CA VAL C 448 -16.39 20.73 -14.30
C VAL C 448 -14.99 21.29 -14.57
N PRO C 449 -14.00 20.45 -14.83
CA PRO C 449 -12.66 20.96 -15.12
C PRO C 449 -12.59 21.68 -16.45
N PHE C 450 -11.66 22.62 -16.54
CA PHE C 450 -11.43 23.34 -17.79
C PHE C 450 -10.81 22.40 -18.82
N ARG C 451 -11.32 22.47 -20.05
CA ARG C 451 -10.90 21.57 -21.11
C ARG C 451 -10.28 22.29 -22.30
N GLY C 452 -9.94 23.57 -22.17
CA GLY C 452 -9.28 24.28 -23.23
C GLY C 452 -10.24 24.82 -24.27
N PRO C 453 -9.70 25.37 -25.34
CA PRO C 453 -10.56 25.94 -26.40
C PRO C 453 -11.31 24.85 -27.17
N LEU C 454 -12.45 25.26 -27.73
CA LEU C 454 -13.25 24.34 -28.52
C LEU C 454 -12.55 23.94 -29.81
N GLY C 455 -11.75 24.84 -30.38
CA GLY C 455 -11.11 24.56 -31.65
C GLY C 455 -10.21 23.34 -31.61
N THR C 456 -9.46 23.17 -30.53
CA THR C 456 -8.57 22.02 -30.41
C THR C 456 -9.36 20.72 -30.36
N VAL C 457 -10.45 20.68 -29.59
CA VAL C 457 -11.26 19.48 -29.49
C VAL C 457 -11.88 19.15 -30.84
N ILE C 458 -12.45 20.15 -31.52
CA ILE C 458 -13.07 19.91 -32.82
C ILE C 458 -12.03 19.43 -33.82
N HIS C 459 -10.83 20.03 -33.78
CA HIS C 459 -9.77 19.62 -34.70
C HIS C 459 -9.35 18.18 -34.47
N GLN C 460 -9.20 17.78 -33.21
CA GLN C 460 -8.81 16.40 -32.91
C GLN C 460 -9.89 15.42 -33.34
N LEU C 461 -11.16 15.74 -33.06
CA LEU C 461 -12.25 14.85 -33.44
C LEU C 461 -12.33 14.70 -34.95
N THR C 462 -12.21 15.82 -35.68
CA THR C 462 -12.29 15.76 -37.13
C THR C 462 -11.08 15.05 -37.72
N GLY C 463 -9.91 15.18 -37.08
CA GLY C 463 -8.75 14.43 -37.55
C GLY C 463 -8.93 12.94 -37.38
N GLY C 464 -9.49 12.51 -36.25
CA GLY C 464 -9.81 11.10 -36.08
C GLY C 464 -10.81 10.62 -37.12
N LEU C 465 -11.83 11.43 -37.39
CA LEU C 465 -12.82 11.07 -38.41
C LEU C 465 -12.19 10.94 -39.79
N ARG C 466 -11.31 11.88 -40.14
CA ARG C 466 -10.66 11.83 -41.45
C ARG C 466 -9.74 10.64 -41.57
N ALA C 467 -9.04 10.29 -40.48
CA ALA C 467 -8.20 9.10 -40.50
C ALA C 467 -9.03 7.84 -40.70
N ALA C 468 -10.18 7.76 -40.01
CA ALA C 468 -11.05 6.61 -40.21
C ALA C 468 -11.56 6.53 -41.64
N MET C 469 -11.92 7.68 -42.21
CA MET C 469 -12.39 7.72 -43.59
C MET C 469 -11.30 7.26 -44.55
N GLY C 470 -10.07 7.67 -44.30
CA GLY C 470 -8.96 7.21 -45.13
C GLY C 470 -8.71 5.73 -45.00
N TYR C 471 -8.78 5.19 -43.78
CA TYR C 471 -8.58 3.76 -43.58
C TYR C 471 -9.67 2.95 -44.25
N THR C 472 -10.93 3.39 -44.17
CA THR C 472 -12.03 2.63 -44.72
C THR C 472 -12.27 2.91 -46.20
N GLY C 473 -11.53 3.83 -46.79
CA GLY C 473 -11.76 4.18 -48.19
C GLY C 473 -13.02 4.96 -48.44
N SER C 474 -13.49 5.70 -47.45
CA SER C 474 -14.76 6.43 -47.53
C SER C 474 -14.49 7.88 -47.93
N ALA C 475 -14.89 8.24 -49.15
CA ALA C 475 -14.75 9.61 -49.60
C ALA C 475 -15.77 10.54 -48.96
N THR C 476 -16.95 10.02 -48.63
CA THR C 476 -18.03 10.79 -48.03
C THR C 476 -18.54 10.06 -46.79
N ILE C 477 -19.33 10.78 -45.99
CA ILE C 477 -19.95 10.18 -44.82
C ILE C 477 -20.92 9.08 -45.25
N GLU C 478 -21.61 9.28 -46.36
CA GLU C 478 -22.53 8.26 -46.86
C GLU C 478 -21.79 6.98 -47.23
N GLN C 479 -20.54 7.09 -47.67
CA GLN C 479 -19.74 5.89 -47.91
C GLN C 479 -19.23 5.29 -46.60
N LEU C 480 -18.91 6.13 -45.62
CA LEU C 480 -18.49 5.61 -44.32
C LEU C 480 -19.61 4.83 -43.65
N GLN C 481 -20.86 5.22 -43.90
CA GLN C 481 -22.00 4.51 -43.33
C GLN C 481 -22.13 3.09 -43.85
N GLN C 482 -21.42 2.73 -44.92
CA GLN C 482 -21.40 1.38 -45.44
C GLN C 482 -20.21 0.56 -44.96
N ALA C 483 -19.38 1.11 -44.08
CA ALA C 483 -18.20 0.41 -43.61
C ALA C 483 -18.58 -0.75 -42.69
N GLN C 484 -17.68 -1.74 -42.61
CA GLN C 484 -17.91 -2.94 -41.83
C GLN C 484 -17.20 -2.87 -40.48
N PHE C 485 -17.67 -3.70 -39.55
CA PHE C 485 -17.10 -3.80 -38.23
C PHE C 485 -16.51 -5.19 -38.01
N VAL C 486 -15.48 -5.24 -37.17
CA VAL C 486 -15.00 -6.48 -36.59
C VAL C 486 -15.25 -6.41 -35.09
N GLN C 487 -15.87 -7.45 -34.55
CA GLN C 487 -16.15 -7.52 -33.12
C GLN C 487 -14.96 -8.11 -32.39
N ILE C 488 -14.50 -7.43 -31.35
CA ILE C 488 -13.33 -7.86 -30.61
C ILE C 488 -13.79 -8.47 -29.28
N THR C 489 -12.96 -9.33 -28.73
CA THR C 489 -13.27 -10.04 -27.50
C THR C 489 -12.92 -9.19 -26.28
N ALA C 490 -13.11 -9.77 -25.09
CA ALA C 490 -12.71 -9.11 -23.86
C ALA C 490 -11.19 -8.90 -23.81
N ALA C 491 -10.43 -9.88 -24.30
CA ALA C 491 -8.98 -9.76 -24.30
C ALA C 491 -8.50 -8.58 -25.14
N GLY C 492 -9.29 -8.14 -26.11
CA GLY C 492 -8.93 -6.99 -26.92
C GLY C 492 -9.06 -5.66 -26.22
N LEU C 493 -9.68 -5.62 -25.05
CA LEU C 493 -9.75 -4.41 -24.25
C LEU C 493 -8.78 -4.40 -23.09
N LYS C 494 -8.09 -5.50 -22.82
CA LYS C 494 -7.18 -5.59 -21.69
C LYS C 494 -5.92 -4.78 -21.95
N GLU C 495 -5.49 -4.02 -20.94
CA GLU C 495 -4.29 -3.21 -21.03
C GLU C 495 -3.03 -4.06 -20.87
N VAL D 12 -18.42 -33.36 -33.51
CA VAL D 12 -19.28 -34.31 -32.80
C VAL D 12 -19.22 -34.12 -31.27
N PRO D 13 -18.02 -33.97 -30.69
CA PRO D 13 -17.95 -33.63 -29.27
C PRO D 13 -18.37 -32.18 -29.02
N VAL D 14 -18.67 -31.91 -27.76
CA VAL D 14 -19.08 -30.56 -27.32
C VAL D 14 -17.91 -29.61 -27.52
N PRO D 15 -18.14 -28.39 -28.00
CA PRO D 15 -17.03 -27.43 -28.15
C PRO D 15 -16.36 -27.05 -26.83
N THR D 16 -17.02 -27.23 -25.70
CA THR D 16 -16.40 -26.95 -24.40
C THR D 16 -15.81 -28.19 -23.74
N GLY D 17 -15.75 -29.30 -24.45
CA GLY D 17 -15.11 -30.49 -23.92
C GLY D 17 -16.09 -31.61 -23.66
N GLY D 18 -15.64 -32.84 -23.89
CA GLY D 18 -16.44 -34.02 -23.63
C GLY D 18 -17.47 -34.28 -24.72
N ASP D 19 -18.29 -35.30 -24.46
CA ASP D 19 -19.34 -35.71 -25.38
C ASP D 19 -20.75 -35.51 -24.82
N ASP D 20 -20.88 -35.03 -23.59
CA ASP D 20 -22.20 -34.80 -23.00
C ASP D 20 -22.62 -33.36 -23.27
N PRO D 21 -23.64 -33.13 -24.10
CA PRO D 21 -24.07 -31.75 -24.36
C PRO D 21 -24.79 -31.09 -23.20
N THR D 22 -25.20 -31.86 -22.19
CA THR D 22 -25.86 -31.31 -21.01
C THR D 22 -24.95 -31.22 -19.79
N LYS D 23 -23.66 -31.53 -19.95
CA LYS D 23 -22.73 -31.37 -18.84
C LYS D 23 -22.66 -29.92 -18.39
N VAL D 24 -22.52 -29.00 -19.34
CA VAL D 24 -22.69 -27.57 -19.10
C VAL D 24 -24.14 -27.26 -19.47
N ALA D 25 -25.01 -27.23 -18.45
CA ALA D 25 -26.44 -27.18 -18.71
C ALA D 25 -26.88 -25.87 -19.35
N MET D 26 -26.29 -24.75 -18.94
CA MET D 26 -26.80 -23.46 -19.38
C MET D 26 -25.72 -22.39 -19.20
N LEU D 27 -25.95 -21.25 -19.84
CA LEU D 27 -25.16 -20.05 -19.64
C LEU D 27 -25.93 -19.16 -18.67
N GLY D 28 -25.39 -18.99 -17.46
CA GLY D 28 -26.07 -18.22 -16.45
C GLY D 28 -25.80 -16.73 -16.57
N LEU D 29 -26.86 -15.94 -16.54
CA LEU D 29 -26.77 -14.48 -16.59
C LEU D 29 -27.03 -13.90 -15.21
N THR D 30 -26.20 -12.97 -14.80
CA THR D 30 -26.40 -12.22 -13.57
C THR D 30 -27.00 -10.86 -13.90
N PHE D 31 -27.18 -10.03 -12.87
CA PHE D 31 -27.81 -8.73 -13.06
C PHE D 31 -26.99 -7.84 -13.99
N ASP D 32 -25.67 -7.85 -13.84
CA ASP D 32 -24.81 -7.00 -14.65
C ASP D 32 -24.77 -7.40 -16.11
N ASP D 33 -25.21 -8.61 -16.46
CA ASP D 33 -25.18 -9.06 -17.84
C ASP D 33 -26.27 -8.46 -18.71
N VAL D 34 -27.33 -7.90 -18.10
CA VAL D 34 -28.49 -7.48 -18.86
C VAL D 34 -28.88 -6.06 -18.47
N LEU D 35 -29.64 -5.43 -19.36
CA LEU D 35 -30.28 -4.15 -19.12
C LEU D 35 -31.72 -4.22 -19.60
N LEU D 36 -32.56 -3.39 -19.01
CA LEU D 36 -33.94 -3.29 -19.45
C LEU D 36 -34.04 -2.41 -20.69
N LEU D 37 -34.66 -2.93 -21.73
CA LEU D 37 -34.84 -2.15 -22.96
C LEU D 37 -36.01 -1.17 -22.80
N PRO D 38 -35.88 0.04 -23.31
CA PRO D 38 -37.02 0.96 -23.32
C PRO D 38 -38.11 0.46 -24.25
N ALA D 39 -39.35 0.85 -23.95
CA ALA D 39 -40.50 0.45 -24.75
C ALA D 39 -41.53 1.57 -24.75
N ALA D 40 -42.55 1.40 -25.57
CA ALA D 40 -43.63 2.39 -25.68
C ALA D 40 -44.28 2.58 -24.33
N SER D 41 -44.26 3.82 -23.84
CA SER D 41 -44.60 4.11 -22.45
C SER D 41 -45.52 5.32 -22.37
N ASP D 42 -46.67 5.14 -21.71
CA ASP D 42 -47.51 6.24 -21.27
C ASP D 42 -47.53 6.34 -19.75
N VAL D 43 -46.50 5.83 -19.09
CA VAL D 43 -46.45 5.66 -17.64
C VAL D 43 -45.58 6.74 -17.03
N VAL D 44 -46.12 7.44 -16.04
CA VAL D 44 -45.35 8.40 -15.26
C VAL D 44 -44.80 7.68 -14.03
N PRO D 45 -43.53 7.87 -13.68
CA PRO D 45 -42.99 7.18 -12.50
C PRO D 45 -43.76 7.46 -11.22
N ALA D 46 -44.33 8.66 -11.06
CA ALA D 46 -45.06 8.97 -9.84
C ALA D 46 -46.40 8.26 -9.78
N THR D 47 -47.00 7.96 -10.93
CA THR D 47 -48.30 7.28 -10.98
C THR D 47 -48.19 5.79 -11.25
N ALA D 48 -46.98 5.24 -11.32
CA ALA D 48 -46.82 3.81 -11.51
C ALA D 48 -47.20 3.05 -10.23
N ASP D 49 -47.90 1.94 -10.41
CA ASP D 49 -48.37 1.12 -9.29
C ASP D 49 -47.31 0.07 -8.99
N THR D 50 -46.71 0.14 -7.80
CA THR D 50 -45.63 -0.76 -7.41
C THR D 50 -46.12 -1.93 -6.57
N SER D 51 -47.43 -2.14 -6.47
CA SER D 51 -47.94 -3.24 -5.66
C SER D 51 -47.65 -4.58 -6.34
N SER D 52 -47.43 -5.61 -5.52
CA SER D 52 -47.12 -6.93 -6.03
C SER D 52 -47.53 -7.96 -4.99
N GLN D 53 -47.69 -9.21 -5.44
CA GLN D 53 -48.06 -10.30 -4.56
C GLN D 53 -46.82 -10.82 -3.83
N LEU D 54 -46.84 -10.79 -2.50
CA LEU D 54 -45.81 -11.47 -1.74
C LEU D 54 -46.04 -12.98 -1.74
N THR D 55 -47.27 -13.40 -1.48
CA THR D 55 -47.67 -14.79 -1.59
C THR D 55 -48.97 -14.85 -2.38
N LYS D 56 -49.60 -16.03 -2.40
CA LYS D 56 -50.88 -16.16 -3.10
C LYS D 56 -51.95 -15.28 -2.49
N ARG D 57 -51.84 -14.96 -1.21
CA ARG D 57 -52.88 -14.25 -0.48
C ARG D 57 -52.46 -12.89 0.07
N ILE D 58 -51.20 -12.51 -0.05
CA ILE D 58 -50.69 -11.27 0.53
C ILE D 58 -50.16 -10.38 -0.58
N ARG D 59 -50.62 -9.14 -0.62
CA ARG D 59 -50.14 -8.14 -1.55
C ARG D 59 -49.50 -7.00 -0.77
N LEU D 60 -48.29 -6.60 -1.17
CA LEU D 60 -47.58 -5.50 -0.54
C LEU D 60 -47.66 -4.26 -1.41
N ARG D 61 -47.78 -3.08 -0.78
CA ARG D 61 -47.75 -1.83 -1.53
C ARG D 61 -46.39 -1.64 -2.20
N VAL D 62 -45.32 -1.98 -1.50
CA VAL D 62 -43.96 -1.88 -2.02
C VAL D 62 -43.37 -3.28 -2.03
N PRO D 63 -42.89 -3.78 -3.18
CA PRO D 63 -42.45 -5.18 -3.29
C PRO D 63 -41.08 -5.46 -2.67
N LEU D 64 -40.92 -5.11 -1.40
CA LEU D 64 -39.65 -5.28 -0.72
C LEU D 64 -39.87 -6.02 0.59
N VAL D 65 -39.05 -7.04 0.83
CA VAL D 65 -39.12 -7.82 2.07
C VAL D 65 -37.73 -7.84 2.71
N SER D 66 -37.65 -7.43 3.97
CA SER D 66 -36.37 -7.45 4.67
C SER D 66 -35.97 -8.91 4.95
N SER D 67 -34.74 -9.27 4.59
CA SER D 67 -34.26 -10.64 4.77
C SER D 67 -34.24 -11.06 6.24
N ALA D 68 -34.53 -12.34 6.46
CA ALA D 68 -34.51 -12.92 7.80
C ALA D 68 -33.08 -13.21 8.28
N MET D 69 -32.30 -12.12 8.37
CA MET D 69 -30.92 -12.20 8.79
C MET D 69 -30.79 -11.59 10.18
N ASP D 70 -29.94 -12.20 11.02
CA ASP D 70 -29.76 -11.73 12.39
C ASP D 70 -29.37 -10.26 12.43
N THR D 71 -28.66 -9.78 11.42
CA THR D 71 -28.18 -8.40 11.37
C THR D 71 -29.11 -7.47 10.61
N VAL D 72 -30.25 -7.96 10.14
CA VAL D 72 -31.14 -7.15 9.32
C VAL D 72 -32.49 -6.94 10.00
N THR D 73 -33.17 -8.03 10.36
CA THR D 73 -34.58 -7.95 10.74
C THR D 73 -34.80 -8.51 12.14
N GLU D 74 -35.21 -7.63 13.05
CA GLU D 74 -36.00 -8.01 14.21
C GLU D 74 -37.12 -6.99 14.35
N SER D 75 -37.77 -6.97 15.51
CA SER D 75 -39.06 -6.31 15.66
C SER D 75 -39.07 -4.88 15.14
N ARG D 76 -38.01 -4.11 15.42
CA ARG D 76 -37.97 -2.73 14.95
C ARG D 76 -37.95 -2.66 13.42
N MET D 77 -37.09 -3.49 12.81
CA MET D 77 -37.03 -3.52 11.35
C MET D 77 -38.33 -4.03 10.74
N ALA D 78 -38.94 -5.05 11.36
CA ALA D 78 -40.21 -5.56 10.84
C ALA D 78 -41.30 -4.50 10.90
N ILE D 79 -41.36 -3.76 12.01
CA ILE D 79 -42.36 -2.69 12.14
C ILE D 79 -42.11 -1.61 11.08
N ALA D 80 -40.85 -1.21 10.91
CA ALA D 80 -40.54 -0.17 9.94
C ALA D 80 -40.88 -0.62 8.52
N MET D 81 -40.56 -1.87 8.19
CA MET D 81 -40.86 -2.40 6.85
C MET D 81 -42.36 -2.47 6.62
N ALA D 82 -43.12 -2.90 7.63
CA ALA D 82 -44.57 -2.95 7.49
C ALA D 82 -45.15 -1.55 7.31
N ARG D 83 -44.58 -0.55 8.00
CA ARG D 83 -45.05 0.81 7.84
C ARG D 83 -44.63 1.40 6.50
N ALA D 84 -43.54 0.91 5.93
CA ALA D 84 -43.03 1.40 4.65
C ALA D 84 -43.77 0.80 3.46
N GLY D 85 -44.71 -0.12 3.69
CA GLY D 85 -45.47 -0.74 2.63
C GLY D 85 -45.03 -2.15 2.27
N GLY D 86 -43.89 -2.59 2.76
CA GLY D 86 -43.40 -3.94 2.51
C GLY D 86 -43.70 -4.87 3.66
N MET D 87 -42.72 -5.71 3.98
CA MET D 87 -42.83 -6.60 5.12
C MET D 87 -41.43 -7.01 5.57
N GLY D 88 -41.35 -7.58 6.75
CA GLY D 88 -40.11 -8.13 7.25
C GLY D 88 -40.30 -9.55 7.70
N VAL D 89 -39.24 -10.35 7.58
CA VAL D 89 -39.20 -11.71 8.10
C VAL D 89 -38.21 -11.73 9.27
N LEU D 90 -38.69 -12.17 10.43
CA LEU D 90 -37.85 -12.22 11.62
C LEU D 90 -36.88 -13.39 11.54
N HIS D 91 -35.62 -13.13 11.90
CA HIS D 91 -34.61 -14.17 11.85
C HIS D 91 -34.83 -15.19 12.96
N ARG D 92 -34.31 -16.40 12.74
CA ARG D 92 -34.50 -17.51 13.67
C ARG D 92 -33.22 -17.85 14.44
N ASN D 93 -32.23 -16.95 14.46
CA ASN D 93 -31.00 -17.19 15.22
C ASN D 93 -31.15 -16.75 16.66
N LEU D 94 -32.18 -17.25 17.33
CA LEU D 94 -32.48 -16.89 18.70
C LEU D 94 -33.50 -17.90 19.25
N PRO D 95 -33.71 -17.93 20.58
CA PRO D 95 -34.69 -18.86 21.16
C PRO D 95 -36.11 -18.68 20.66
N VAL D 96 -36.88 -19.76 20.75
CA VAL D 96 -38.24 -19.78 20.22
C VAL D 96 -39.13 -18.76 20.94
N ALA D 97 -39.04 -18.70 22.26
CA ALA D 97 -39.84 -17.76 23.03
C ALA D 97 -39.50 -16.31 22.66
N GLU D 98 -38.22 -16.04 22.42
CA GLU D 98 -37.81 -14.70 22.03
C GLU D 98 -38.38 -14.31 20.67
N GLN D 99 -38.37 -15.25 19.72
CA GLN D 99 -38.94 -14.98 18.40
C GLN D 99 -40.44 -14.76 18.50
N ALA D 100 -41.13 -15.55 19.32
CA ALA D 100 -42.56 -15.33 19.52
C ALA D 100 -42.81 -13.98 20.16
N GLY D 101 -41.94 -13.56 21.08
CA GLY D 101 -42.06 -12.23 21.66
C GLY D 101 -41.88 -11.13 20.64
N GLN D 102 -40.93 -11.30 19.72
CA GLN D 102 -40.76 -10.31 18.65
C GLN D 102 -41.98 -10.29 17.73
N VAL D 103 -42.54 -11.45 17.43
CA VAL D 103 -43.76 -11.51 16.62
C VAL D 103 -44.89 -10.74 17.32
N GLU D 104 -45.05 -10.96 18.62
CA GLU D 104 -46.11 -10.28 19.36
C GLU D 104 -45.84 -8.79 19.45
N THR D 105 -44.57 -8.39 19.57
CA THR D 105 -44.24 -6.97 19.57
C THR D 105 -44.63 -6.31 18.26
N VAL D 106 -44.35 -6.98 17.13
CA VAL D 106 -44.75 -6.43 15.84
C VAL D 106 -46.27 -6.37 15.72
N LYS D 107 -46.95 -7.45 16.13
CA LYS D 107 -48.40 -7.51 15.93
C LYS D 107 -49.13 -6.52 16.82
N ARG D 108 -48.66 -6.30 18.05
CA ARG D 108 -49.41 -5.51 19.01
C ARG D 108 -49.27 -4.01 18.82
N SER D 109 -48.34 -3.56 18.00
CA SER D 109 -48.20 -2.13 17.73
C SER D 109 -49.29 -1.65 16.78
N LYS D 231 -51.02 -4.29 6.57
CA LYS D 231 -51.83 -4.72 7.69
C LYS D 231 -52.72 -5.90 7.31
N ASP D 232 -53.11 -6.70 8.30
CA ASP D 232 -54.00 -7.81 8.07
C ASP D 232 -55.45 -7.34 8.14
N SER D 233 -56.39 -8.28 8.14
CA SER D 233 -57.81 -7.95 8.23
C SER D 233 -58.18 -7.34 9.58
N ASP D 234 -57.38 -7.57 10.62
CA ASP D 234 -57.66 -7.06 11.95
C ASP D 234 -56.95 -5.75 12.23
N GLY D 235 -56.26 -5.18 11.25
CA GLY D 235 -55.58 -3.91 11.41
C GLY D 235 -54.20 -3.97 12.03
N ARG D 236 -53.71 -5.16 12.37
CA ARG D 236 -52.36 -5.29 12.90
C ARG D 236 -51.36 -5.40 11.75
N LEU D 237 -50.12 -5.01 12.03
CA LEU D 237 -49.08 -5.06 11.01
C LEU D 237 -48.76 -6.50 10.63
N LEU D 238 -48.55 -6.73 9.33
CA LEU D 238 -48.12 -8.03 8.86
C LEU D 238 -46.67 -8.29 9.27
N VAL D 239 -46.36 -9.56 9.50
CA VAL D 239 -45.01 -9.96 9.89
C VAL D 239 -44.77 -11.39 9.44
N GLY D 240 -43.52 -11.69 9.12
CA GLY D 240 -43.13 -13.04 8.79
C GLY D 240 -42.01 -13.53 9.68
N ALA D 241 -41.86 -14.85 9.77
CA ALA D 241 -40.83 -15.46 10.61
C ALA D 241 -40.22 -16.65 9.89
N ALA D 242 -38.94 -16.86 10.13
CA ALA D 242 -38.20 -17.96 9.50
C ALA D 242 -38.11 -19.15 10.44
N VAL D 243 -38.28 -20.34 9.88
CA VAL D 243 -38.13 -21.59 10.61
C VAL D 243 -37.22 -22.51 9.81
N GLY D 244 -36.61 -23.46 10.50
CA GLY D 244 -35.76 -24.45 9.90
C GLY D 244 -36.50 -25.73 9.59
N VAL D 245 -35.78 -26.84 9.70
CA VAL D 245 -36.33 -28.18 9.49
C VAL D 245 -35.97 -29.04 10.69
N GLY D 246 -36.91 -29.89 11.10
CA GLY D 246 -36.75 -30.74 12.26
C GLY D 246 -37.89 -30.56 13.24
N ASP D 247 -37.77 -31.28 14.36
CA ASP D 247 -38.80 -31.23 15.39
C ASP D 247 -38.75 -29.92 16.18
N ASP D 248 -37.55 -29.43 16.48
CA ASP D 248 -37.44 -28.12 17.11
C ASP D 248 -37.99 -27.04 16.21
N ALA D 249 -37.76 -27.16 14.91
CA ALA D 249 -38.36 -26.23 13.95
C ALA D 249 -39.87 -26.31 13.97
N TRP D 250 -40.43 -27.52 14.12
CA TRP D 250 -41.88 -27.66 14.20
C TRP D 250 -42.43 -26.98 15.44
N THR D 251 -41.77 -27.16 16.59
CA THR D 251 -42.22 -26.48 17.80
C THR D 251 -42.12 -24.97 17.65
N ARG D 252 -41.02 -24.50 17.05
CA ARG D 252 -40.87 -23.07 16.79
C ARG D 252 -41.99 -22.54 15.90
N ALA D 253 -42.32 -23.29 14.84
CA ALA D 253 -43.36 -22.86 13.92
C ALA D 253 -44.72 -22.79 14.60
N MET D 254 -45.04 -23.80 15.41
CA MET D 254 -46.33 -23.78 16.10
C MET D 254 -46.40 -22.63 17.10
N THR D 255 -45.30 -22.37 17.81
CA THR D 255 -45.28 -21.22 18.73
C THR D 255 -45.46 -19.91 17.98
N LEU D 256 -44.79 -19.76 16.84
CA LEU D 256 -44.91 -18.53 16.05
C LEU D 256 -46.32 -18.36 15.50
N VAL D 257 -46.94 -19.45 15.04
CA VAL D 257 -48.31 -19.37 14.54
C VAL D 257 -49.25 -18.96 15.66
N ASP D 258 -49.05 -19.52 16.86
CA ASP D 258 -49.87 -19.11 18.00
C ASP D 258 -49.63 -17.64 18.36
N ALA D 259 -48.42 -17.14 18.15
CA ALA D 259 -48.11 -15.74 18.44
C ALA D 259 -48.75 -14.77 17.47
N GLY D 260 -49.33 -15.26 16.37
CA GLY D 260 -49.95 -14.41 15.39
C GLY D 260 -49.12 -14.11 14.16
N VAL D 261 -48.09 -14.91 13.88
CA VAL D 261 -47.29 -14.67 12.68
C VAL D 261 -48.15 -14.89 11.45
N ASP D 262 -47.85 -14.14 10.40
CA ASP D 262 -48.64 -14.19 9.17
C ASP D 262 -48.02 -15.03 8.08
N VAL D 263 -46.69 -15.05 7.99
CA VAL D 263 -45.98 -15.83 6.99
C VAL D 263 -44.89 -16.64 7.69
N LEU D 264 -44.83 -17.93 7.39
CA LEU D 264 -43.74 -18.79 7.82
C LEU D 264 -42.86 -19.07 6.60
N ILE D 265 -41.58 -18.81 6.74
CA ILE D 265 -40.61 -19.07 5.67
C ILE D 265 -39.77 -20.25 6.10
N VAL D 266 -39.85 -21.34 5.33
CA VAL D 266 -39.02 -22.50 5.61
C VAL D 266 -37.68 -22.21 4.94
N ASP D 267 -36.82 -21.50 5.66
CA ASP D 267 -35.60 -20.92 5.14
C ASP D 267 -34.48 -21.94 5.19
N THR D 268 -33.98 -22.33 4.02
CA THR D 268 -32.88 -23.27 3.93
C THR D 268 -31.91 -22.78 2.87
N ALA D 269 -30.64 -23.16 3.02
CA ALA D 269 -29.67 -22.86 1.98
C ALA D 269 -29.96 -23.63 0.71
N HIS D 270 -30.49 -24.86 0.84
CA HIS D 270 -30.76 -25.73 -0.30
C HIS D 270 -32.11 -26.38 -0.06
N ALA D 271 -33.15 -25.83 -0.68
CA ALA D 271 -34.51 -26.31 -0.46
C ALA D 271 -34.88 -27.53 -1.29
N HIS D 272 -34.05 -27.92 -2.25
CA HIS D 272 -34.30 -29.11 -3.05
C HIS D 272 -33.89 -30.36 -2.27
N ASN D 273 -34.51 -30.49 -1.10
CA ASN D 273 -34.22 -31.57 -0.16
C ASN D 273 -35.53 -32.16 0.32
N ARG D 274 -35.54 -33.47 0.54
CA ARG D 274 -36.78 -34.15 0.91
C ARG D 274 -37.28 -33.67 2.25
N GLY D 275 -36.38 -33.38 3.19
CA GLY D 275 -36.80 -32.89 4.49
C GLY D 275 -37.45 -31.52 4.42
N VAL D 276 -36.90 -30.61 3.61
CA VAL D 276 -37.49 -29.29 3.46
C VAL D 276 -38.87 -29.39 2.83
N LEU D 277 -39.00 -30.22 1.79
CA LEU D 277 -40.31 -30.40 1.17
C LEU D 277 -41.32 -31.00 2.13
N ASP D 278 -40.89 -31.98 2.93
CA ASP D 278 -41.79 -32.56 3.93
C ASP D 278 -42.21 -31.53 4.96
N MET D 279 -41.27 -30.69 5.42
CA MET D 279 -41.62 -29.65 6.37
C MET D 279 -42.62 -28.65 5.77
N VAL D 280 -42.40 -28.25 4.52
CA VAL D 280 -43.31 -27.31 3.86
C VAL D 280 -44.70 -27.92 3.76
N SER D 281 -44.77 -29.20 3.35
CA SER D 281 -46.06 -29.86 3.20
C SER D 281 -46.76 -30.02 4.55
N ARG D 282 -46.00 -30.36 5.60
CA ARG D 282 -46.58 -30.50 6.93
C ARG D 282 -47.14 -29.17 7.42
N LEU D 283 -46.38 -28.08 7.23
CA LEU D 283 -46.86 -26.78 7.65
C LEU D 283 -48.10 -26.38 6.88
N LYS D 284 -48.13 -26.65 5.58
CA LYS D 284 -49.30 -26.29 4.79
C LYS D 284 -50.53 -27.08 5.23
N GLN D 285 -50.36 -28.38 5.52
CA GLN D 285 -51.49 -29.18 5.99
C GLN D 285 -51.95 -28.75 7.37
N ALA D 286 -51.02 -28.39 8.25
CA ALA D 286 -51.39 -28.11 9.64
C ALA D 286 -51.98 -26.71 9.79
N VAL D 287 -51.26 -25.69 9.32
CA VAL D 287 -51.64 -24.31 9.60
C VAL D 287 -51.85 -23.51 8.32
N GLY D 288 -52.06 -24.19 7.20
CA GLY D 288 -52.19 -23.51 5.92
C GLY D 288 -53.44 -22.67 5.79
N GLU D 289 -54.44 -22.89 6.65
CA GLU D 289 -55.67 -22.11 6.58
C GLU D 289 -55.50 -20.72 7.19
N ARG D 290 -54.49 -20.52 8.02
CA ARG D 290 -54.30 -19.27 8.73
C ARG D 290 -53.04 -18.51 8.35
N VAL D 291 -51.95 -19.21 8.04
CA VAL D 291 -50.69 -18.56 7.69
C VAL D 291 -50.23 -19.11 6.35
N ASP D 292 -49.33 -18.36 5.72
CA ASP D 292 -48.78 -18.70 4.41
C ASP D 292 -47.41 -19.34 4.59
N VAL D 293 -47.11 -20.33 3.76
CA VAL D 293 -45.84 -21.07 3.83
C VAL D 293 -45.04 -20.73 2.59
N VAL D 294 -43.82 -20.21 2.78
CA VAL D 294 -42.93 -19.86 1.68
C VAL D 294 -41.73 -20.81 1.72
N GLY D 295 -41.42 -21.42 0.57
CA GLY D 295 -40.33 -22.36 0.53
C GLY D 295 -38.96 -21.68 0.42
N GLY D 296 -37.95 -22.42 0.87
CA GLY D 296 -36.59 -21.94 0.94
C GLY D 296 -35.98 -21.68 -0.42
N ASN D 297 -34.69 -21.36 -0.39
CA ASN D 297 -34.02 -20.91 -1.60
C ASN D 297 -33.78 -22.05 -2.57
N VAL D 298 -34.18 -21.82 -3.82
CA VAL D 298 -33.95 -22.73 -4.92
C VAL D 298 -33.22 -21.96 -6.03
N ALA D 299 -32.69 -22.71 -6.99
CA ALA D 299 -31.99 -22.08 -8.10
C ALA D 299 -32.32 -22.69 -9.45
N THR D 300 -33.17 -23.72 -9.51
CA THR D 300 -33.47 -24.40 -10.76
C THR D 300 -34.98 -24.52 -10.93
N ARG D 301 -35.39 -24.85 -12.15
CA ARG D 301 -36.79 -25.07 -12.43
C ARG D 301 -37.32 -26.29 -11.69
N ALA D 302 -36.52 -27.37 -11.62
CA ALA D 302 -36.97 -28.59 -10.96
C ALA D 302 -37.21 -28.37 -9.47
N ALA D 303 -36.31 -27.64 -8.80
CA ALA D 303 -36.48 -27.38 -7.37
C ALA D 303 -37.70 -26.52 -7.10
N ALA D 304 -37.93 -25.50 -7.93
CA ALA D 304 -39.12 -24.68 -7.78
C ALA D 304 -40.39 -25.49 -8.02
N ALA D 305 -40.36 -26.38 -9.01
CA ALA D 305 -41.52 -27.24 -9.27
C ALA D 305 -41.78 -28.17 -8.09
N ALA D 306 -40.71 -28.70 -7.48
CA ALA D 306 -40.87 -29.55 -6.31
C ALA D 306 -41.46 -28.77 -5.15
N LEU D 307 -41.02 -27.52 -4.95
CA LEU D 307 -41.60 -26.71 -3.89
C LEU D 307 -43.06 -26.39 -4.16
N VAL D 308 -43.40 -26.08 -5.41
CA VAL D 308 -44.79 -25.76 -5.74
C VAL D 308 -45.69 -26.97 -5.54
N GLU D 309 -45.23 -28.15 -5.95
CA GLU D 309 -46.02 -29.36 -5.75
C GLU D 309 -46.20 -29.67 -4.27
N ALA D 310 -45.29 -29.20 -3.42
CA ALA D 310 -45.40 -29.40 -1.98
C ALA D 310 -46.36 -28.43 -1.32
N GLY D 311 -46.86 -27.43 -2.04
CA GLY D 311 -47.84 -26.52 -1.50
C GLY D 311 -47.30 -25.19 -1.01
N ALA D 312 -46.10 -24.80 -1.40
CA ALA D 312 -45.57 -23.51 -0.98
C ALA D 312 -46.40 -22.37 -1.55
N ASP D 313 -46.71 -21.39 -0.71
CA ASP D 313 -47.45 -20.22 -1.14
C ASP D 313 -46.57 -19.22 -1.89
N ALA D 314 -45.26 -19.34 -1.75
CA ALA D 314 -44.30 -18.55 -2.50
C ALA D 314 -42.99 -19.31 -2.52
N VAL D 315 -42.14 -18.99 -3.48
CA VAL D 315 -40.87 -19.69 -3.66
C VAL D 315 -39.73 -18.68 -3.57
N LYS D 316 -38.78 -18.90 -2.66
CA LYS D 316 -37.65 -18.01 -2.55
C LYS D 316 -36.52 -18.56 -3.42
N VAL D 317 -35.87 -17.67 -4.17
CA VAL D 317 -34.94 -18.06 -5.23
C VAL D 317 -33.60 -17.39 -4.99
N GLY D 318 -32.53 -18.19 -5.05
CA GLY D 318 -31.17 -17.72 -5.01
C GLY D 318 -30.28 -18.64 -4.20
N VAL D 319 -29.23 -19.16 -4.84
CA VAL D 319 -28.28 -20.07 -4.21
C VAL D 319 -26.90 -19.66 -4.71
N GLY D 320 -26.12 -19.04 -3.83
CA GLY D 320 -24.87 -18.44 -4.23
C GLY D 320 -25.02 -17.43 -5.35
N PRO D 321 -25.88 -16.41 -5.16
CA PRO D 321 -26.15 -15.48 -6.25
C PRO D 321 -25.08 -14.41 -6.44
N GLY D 322 -24.27 -14.14 -5.42
CA GLY D 322 -23.25 -13.12 -5.54
C GLY D 322 -22.01 -13.63 -6.25
N SER D 323 -21.24 -12.70 -6.82
CA SER D 323 -20.08 -13.07 -7.61
C SER D 323 -18.95 -13.60 -6.72
N ILE D 324 -18.68 -12.93 -5.60
CA ILE D 324 -17.59 -13.31 -4.70
C ILE D 324 -18.18 -14.08 -3.52
N CYS D 325 -19.34 -14.69 -3.73
CA CYS D 325 -20.06 -15.36 -2.67
C CYS D 325 -19.22 -16.47 -2.05
N THR D 326 -19.41 -16.67 -0.74
CA THR D 326 -18.68 -17.71 -0.03
C THR D 326 -19.03 -19.10 -0.57
N THR D 327 -20.30 -19.32 -0.92
CA THR D 327 -20.70 -20.61 -1.47
C THR D 327 -19.96 -20.92 -2.76
N ARG D 328 -19.74 -19.90 -3.60
CA ARG D 328 -19.06 -20.10 -4.87
C ARG D 328 -17.58 -20.40 -4.66
N VAL D 329 -16.92 -19.66 -3.77
CA VAL D 329 -15.48 -19.83 -3.60
C VAL D 329 -15.18 -21.14 -2.86
N VAL D 330 -15.93 -21.41 -1.79
CA VAL D 330 -15.62 -22.55 -0.94
C VAL D 330 -16.19 -23.84 -1.51
N ALA D 331 -17.47 -23.84 -1.89
CA ALA D 331 -18.10 -25.06 -2.36
C ALA D 331 -18.07 -25.21 -3.87
N GLY D 332 -17.86 -24.13 -4.61
CA GLY D 332 -17.95 -24.18 -6.05
C GLY D 332 -19.37 -24.23 -6.57
N VAL D 333 -20.34 -23.90 -5.73
CA VAL D 333 -21.76 -24.02 -6.07
C VAL D 333 -22.34 -22.63 -6.20
N GLY D 334 -23.15 -22.43 -7.24
CA GLY D 334 -23.80 -21.15 -7.43
C GLY D 334 -24.73 -21.21 -8.62
N ALA D 335 -25.49 -20.14 -8.78
CA ALA D 335 -26.39 -19.98 -9.89
C ALA D 335 -26.60 -18.48 -10.14
N PRO D 336 -26.24 -17.97 -11.32
CA PRO D 336 -26.50 -16.56 -11.61
C PRO D 336 -27.97 -16.23 -11.48
N GLN D 337 -28.24 -15.09 -10.85
CA GLN D 337 -29.57 -14.84 -10.29
C GLN D 337 -30.62 -14.59 -11.36
N ILE D 338 -30.26 -13.96 -12.48
CA ILE D 338 -31.25 -13.70 -13.53
C ILE D 338 -31.72 -15.01 -14.16
N THR D 339 -30.77 -15.89 -14.49
CA THR D 339 -31.13 -17.19 -15.05
C THR D 339 -31.91 -18.03 -14.04
N ALA D 340 -31.49 -18.00 -12.78
CA ALA D 340 -32.21 -18.73 -11.74
C ALA D 340 -33.64 -18.23 -11.60
N ILE D 341 -33.83 -16.91 -11.61
CA ILE D 341 -35.18 -16.35 -11.51
C ILE D 341 -36.01 -16.76 -12.71
N LEU D 342 -35.42 -16.72 -13.92
CA LEU D 342 -36.17 -17.11 -15.11
C LEU D 342 -36.60 -18.57 -15.04
N GLU D 343 -35.71 -19.46 -14.60
CA GLU D 343 -36.06 -20.87 -14.51
C GLU D 343 -37.13 -21.11 -13.44
N ALA D 344 -36.96 -20.52 -12.26
CA ALA D 344 -37.94 -20.71 -11.20
C ALA D 344 -39.28 -20.10 -11.57
N VAL D 345 -39.29 -19.00 -12.32
CA VAL D 345 -40.54 -18.42 -12.78
C VAL D 345 -41.18 -19.31 -13.83
N ALA D 346 -40.39 -19.90 -14.73
CA ALA D 346 -40.94 -20.87 -15.65
C ALA D 346 -41.61 -22.02 -14.90
N ALA D 347 -41.07 -22.39 -13.73
CA ALA D 347 -41.71 -23.43 -12.93
C ALA D 347 -42.97 -22.92 -12.23
N CYS D 348 -42.93 -21.70 -11.68
CA CYS D 348 -43.94 -21.24 -10.73
C CYS D 348 -45.08 -20.45 -11.34
N LYS D 349 -44.85 -19.79 -12.49
CA LYS D 349 -45.87 -18.94 -13.09
C LYS D 349 -47.14 -19.67 -13.49
N PRO D 350 -47.10 -20.86 -14.11
CA PRO D 350 -48.37 -21.52 -14.50
C PRO D 350 -49.29 -21.80 -13.33
N TYR D 351 -48.77 -21.92 -12.12
CA TYR D 351 -49.57 -22.21 -10.93
C TYR D 351 -49.84 -20.97 -10.08
N GLY D 352 -49.42 -19.80 -10.52
CA GLY D 352 -49.70 -18.59 -9.77
C GLY D 352 -48.93 -18.43 -8.47
N VAL D 353 -47.76 -19.06 -8.36
CA VAL D 353 -46.96 -19.01 -7.14
C VAL D 353 -45.93 -17.89 -7.29
N PRO D 354 -45.94 -16.88 -6.42
CA PRO D 354 -44.97 -15.78 -6.54
C PRO D 354 -43.54 -16.22 -6.27
N VAL D 355 -42.60 -15.47 -6.85
CA VAL D 355 -41.18 -15.69 -6.69
C VAL D 355 -40.56 -14.52 -5.93
N ILE D 356 -39.81 -14.85 -4.88
CA ILE D 356 -39.08 -13.87 -4.09
C ILE D 356 -37.61 -14.02 -4.43
N ALA D 357 -37.03 -12.97 -5.02
CA ALA D 357 -35.62 -12.98 -5.40
C ALA D 357 -34.78 -12.60 -4.19
N ASP D 358 -33.89 -13.49 -3.75
CA ASP D 358 -33.08 -13.26 -2.55
C ASP D 358 -31.61 -13.34 -2.92
N GLY D 359 -30.91 -12.22 -2.82
CA GLY D 359 -29.47 -12.19 -2.97
C GLY D 359 -29.02 -11.69 -4.32
N GLY D 360 -27.79 -11.20 -4.36
CA GLY D 360 -27.17 -10.70 -5.58
C GLY D 360 -27.49 -9.27 -5.95
N LEU D 361 -28.27 -8.56 -5.14
CA LEU D 361 -28.65 -7.19 -5.44
C LEU D 361 -27.59 -6.21 -4.95
N GLN D 362 -27.32 -5.19 -5.76
CA GLN D 362 -26.37 -4.16 -5.38
C GLN D 362 -27.00 -2.76 -5.50
N TYR D 363 -27.91 -2.61 -6.45
CA TYR D 363 -28.49 -1.30 -6.76
C TYR D 363 -29.97 -1.48 -7.05
N SER D 364 -30.70 -0.35 -7.06
CA SER D 364 -32.12 -0.39 -7.37
C SER D 364 -32.37 -0.88 -8.79
N GLY D 365 -31.41 -0.66 -9.68
CA GLY D 365 -31.51 -1.23 -11.02
C GLY D 365 -31.59 -2.75 -10.97
N ASP D 366 -30.88 -3.37 -10.03
CA ASP D 366 -31.00 -4.82 -9.85
C ASP D 366 -32.40 -5.20 -9.37
N ILE D 367 -33.02 -4.38 -8.52
CA ILE D 367 -34.41 -4.62 -8.13
C ILE D 367 -35.30 -4.64 -9.37
N ALA D 368 -35.13 -3.63 -10.23
CA ALA D 368 -35.94 -3.56 -11.44
C ALA D 368 -35.69 -4.77 -12.34
N LYS D 369 -34.43 -5.15 -12.52
CA LYS D 369 -34.10 -6.30 -13.37
C LYS D 369 -34.69 -7.58 -12.81
N ALA D 370 -34.60 -7.78 -11.49
CA ALA D 370 -35.14 -8.98 -10.87
C ALA D 370 -36.65 -9.05 -11.03
N LEU D 371 -37.34 -7.93 -10.84
CA LEU D 371 -38.79 -7.95 -10.99
C LEU D 371 -39.19 -8.14 -12.45
N ALA D 372 -38.42 -7.60 -13.38
CA ALA D 372 -38.72 -7.80 -14.80
C ALA D 372 -38.41 -9.24 -15.23
N ALA D 373 -37.43 -9.88 -14.60
CA ALA D 373 -37.12 -11.28 -14.93
C ALA D 373 -38.23 -12.24 -14.52
N GLY D 374 -39.20 -11.78 -13.73
CA GLY D 374 -40.33 -12.63 -13.38
C GLY D 374 -40.61 -12.71 -11.89
N ALA D 375 -39.69 -12.23 -11.06
CA ALA D 375 -39.93 -12.26 -9.63
C ALA D 375 -41.05 -11.31 -9.23
N SER D 376 -41.82 -11.72 -8.23
CA SER D 376 -42.87 -10.86 -7.70
C SER D 376 -42.36 -9.94 -6.60
N THR D 377 -41.43 -10.40 -5.76
CA THR D 377 -40.89 -9.53 -4.72
C THR D 377 -39.39 -9.73 -4.63
N ALA D 378 -38.71 -8.72 -4.11
CA ALA D 378 -37.28 -8.76 -3.87
C ALA D 378 -37.02 -8.71 -2.37
N MET D 379 -36.14 -9.59 -1.89
CA MET D 379 -35.77 -9.68 -0.49
C MET D 379 -34.45 -8.93 -0.28
N LEU D 380 -34.45 -7.96 0.61
CA LEU D 380 -33.32 -7.06 0.81
C LEU D 380 -32.48 -7.56 1.98
N GLY D 381 -31.20 -7.80 1.71
CA GLY D 381 -30.28 -8.32 2.71
C GLY D 381 -29.26 -7.31 3.17
N SER D 382 -28.06 -7.35 2.58
CA SER D 382 -26.97 -6.47 3.01
C SER D 382 -27.31 -4.99 2.86
N LEU D 383 -28.25 -4.65 1.97
CA LEU D 383 -28.65 -3.26 1.81
C LEU D 383 -29.34 -2.70 3.06
N LEU D 384 -29.80 -3.56 3.96
CA LEU D 384 -30.50 -3.14 5.16
C LEU D 384 -29.74 -3.48 6.45
N ALA D 385 -28.55 -4.07 6.35
CA ALA D 385 -27.87 -4.56 7.54
C ALA D 385 -27.47 -3.43 8.48
N GLY D 386 -26.97 -2.32 7.94
CA GLY D 386 -26.51 -1.21 8.74
C GLY D 386 -27.48 -0.06 8.93
N THR D 387 -28.75 -0.24 8.59
CA THR D 387 -29.72 0.83 8.76
C THR D 387 -30.03 1.05 10.24
N ALA D 388 -30.62 2.21 10.53
CA ALA D 388 -30.93 2.56 11.91
C ALA D 388 -31.93 1.58 12.52
N GLU D 389 -32.89 1.11 11.73
CA GLU D 389 -33.89 0.18 12.22
C GLU D 389 -33.37 -1.24 12.38
N SER D 390 -32.21 -1.56 11.80
CA SER D 390 -31.64 -2.88 11.95
C SER D 390 -31.11 -3.08 13.37
N PRO D 391 -30.98 -4.33 13.81
CA PRO D 391 -30.50 -4.59 15.18
C PRO D 391 -29.10 -4.05 15.39
N GLY D 392 -28.70 -4.01 16.67
CA GLY D 392 -27.41 -3.51 17.05
C GLY D 392 -27.49 -2.11 17.64
N GLU D 393 -26.38 -1.69 18.24
CA GLU D 393 -26.27 -0.36 18.82
C GLU D 393 -25.25 0.47 18.04
N LEU D 394 -25.51 1.77 17.96
CA LEU D 394 -24.63 2.68 17.26
C LEU D 394 -23.38 2.96 18.07
N ILE D 395 -22.22 2.85 17.43
CA ILE D 395 -20.94 3.18 18.03
C ILE D 395 -20.14 4.02 17.05
N PHE D 396 -19.17 4.75 17.58
CA PHE D 396 -18.31 5.64 16.81
C PHE D 396 -16.87 5.22 16.99
N VAL D 397 -16.27 4.63 15.95
CA VAL D 397 -14.91 4.10 16.02
C VAL D 397 -14.11 4.69 14.86
N ASN D 398 -12.94 5.24 15.18
CA ASN D 398 -11.98 5.71 14.18
C ASN D 398 -12.62 6.71 13.21
N GLY D 399 -13.46 7.58 13.74
CA GLY D 399 -14.08 8.60 12.93
C GLY D 399 -15.22 8.14 12.05
N LYS D 400 -15.64 6.89 12.18
CA LYS D 400 -16.72 6.34 11.38
C LYS D 400 -17.75 5.66 12.28
N GLN D 401 -18.99 5.68 11.85
CA GLN D 401 -20.08 5.14 12.63
C GLN D 401 -20.35 3.70 12.23
N PHE D 402 -20.44 2.81 13.22
CA PHE D 402 -20.66 1.39 13.00
C PHE D 402 -21.78 0.92 13.91
N LYS D 403 -22.19 -0.33 13.71
CA LYS D 403 -23.15 -0.98 14.59
C LYS D 403 -22.47 -2.16 15.26
N SER D 404 -22.53 -2.20 16.59
CA SER D 404 -22.00 -3.30 17.37
C SER D 404 -23.14 -4.04 18.04
N TYR D 405 -23.09 -5.37 17.98
CA TYR D 405 -24.14 -6.22 18.52
C TYR D 405 -23.77 -6.76 19.90
N ARG D 427 -23.14 -21.58 16.93
CA ARG D 427 -24.35 -21.30 17.70
C ARG D 427 -25.30 -22.48 17.69
N TYR D 428 -26.14 -22.55 18.73
CA TYR D 428 -27.12 -23.63 18.87
C TYR D 428 -28.27 -23.53 17.88
N PHE D 429 -28.55 -22.33 17.36
CA PHE D 429 -29.72 -22.13 16.51
C PHE D 429 -29.36 -22.08 15.03
N GLN D 430 -28.09 -21.99 14.68
CA GLN D 430 -27.65 -22.07 13.29
C GLN D 430 -27.47 -23.54 12.91
N ASP D 431 -28.60 -24.25 12.87
CA ASP D 431 -28.59 -25.69 12.63
C ASP D 431 -28.55 -26.04 11.15
N ASP D 432 -28.59 -25.05 10.27
CA ASP D 432 -28.65 -25.29 8.84
C ASP D 432 -27.29 -25.71 8.31
N VAL D 433 -27.23 -26.90 7.70
CA VAL D 433 -26.04 -27.25 6.94
C VAL D 433 -26.05 -26.49 5.63
N LEU D 434 -24.88 -26.43 4.99
CA LEU D 434 -24.66 -25.76 3.71
C LEU D 434 -24.80 -24.24 3.81
N SER D 435 -25.06 -23.70 4.99
CA SER D 435 -25.11 -22.25 5.17
C SER D 435 -23.70 -21.67 5.13
N GLU D 436 -23.62 -20.38 4.77
CA GLU D 436 -22.32 -19.75 4.56
C GLU D 436 -21.50 -19.68 5.83
N ASP D 437 -22.15 -19.61 7.01
CA ASP D 437 -21.40 -19.57 8.25
C ASP D 437 -20.70 -20.88 8.55
N LYS D 438 -21.12 -21.98 7.93
CA LYS D 438 -20.42 -23.25 8.10
C LYS D 438 -19.20 -23.37 7.21
N LEU D 439 -19.08 -22.51 6.19
CA LEU D 439 -18.03 -22.60 5.20
C LEU D 439 -16.84 -21.70 5.49
N VAL D 440 -17.03 -20.63 6.26
CA VAL D 440 -15.99 -19.66 6.58
C VAL D 440 -15.03 -20.28 7.59
N PRO D 441 -13.76 -19.85 7.63
CA PRO D 441 -12.85 -20.40 8.64
C PRO D 441 -13.29 -20.12 10.07
N GLU D 442 -13.94 -19.00 10.34
CA GLU D 442 -14.44 -18.72 11.68
C GLU D 442 -15.59 -17.73 11.64
N ARG D 447 -17.55 -5.71 11.99
CA ARG D 447 -18.36 -4.55 12.31
C ARG D 447 -19.05 -4.02 11.06
N VAL D 448 -20.37 -4.15 11.00
CA VAL D 448 -21.13 -3.65 9.86
C VAL D 448 -21.28 -2.14 9.97
N PRO D 449 -20.94 -1.38 8.93
CA PRO D 449 -21.04 0.09 9.02
C PRO D 449 -22.48 0.56 9.05
N PHE D 450 -22.66 1.76 9.59
CA PHE D 450 -23.97 2.40 9.60
C PHE D 450 -24.38 2.82 8.19
N ARG D 451 -25.66 2.68 7.87
CA ARG D 451 -26.16 2.94 6.53
C ARG D 451 -27.27 3.98 6.51
N GLY D 452 -27.54 4.65 7.62
CA GLY D 452 -28.55 5.69 7.66
C GLY D 452 -29.95 5.15 7.89
N PRO D 453 -30.94 6.04 7.84
CA PRO D 453 -32.32 5.60 8.06
C PRO D 453 -32.82 4.68 6.96
N LEU D 454 -33.73 3.77 7.35
CA LEU D 454 -34.32 2.86 6.39
C LEU D 454 -35.14 3.60 5.33
N GLY D 455 -35.79 4.69 5.72
CA GLY D 455 -36.64 5.42 4.80
C GLY D 455 -35.90 5.91 3.58
N THR D 456 -34.68 6.39 3.76
CA THR D 456 -33.89 6.86 2.62
C THR D 456 -33.59 5.73 1.64
N VAL D 457 -33.19 4.57 2.17
CA VAL D 457 -32.88 3.44 1.30
C VAL D 457 -34.12 2.98 0.55
N ILE D 458 -35.24 2.86 1.27
CA ILE D 458 -36.48 2.42 0.63
C ILE D 458 -36.93 3.41 -0.43
N HIS D 459 -36.80 4.71 -0.14
CA HIS D 459 -37.19 5.74 -1.10
C HIS D 459 -36.33 5.68 -2.35
N GLN D 460 -35.03 5.49 -2.19
CA GLN D 460 -34.14 5.40 -3.35
C GLN D 460 -34.46 4.16 -4.19
N LEU D 461 -34.68 3.02 -3.54
CA LEU D 461 -35.00 1.81 -4.29
C LEU D 461 -36.31 1.96 -5.04
N THR D 462 -37.33 2.54 -4.38
CA THR D 462 -38.62 2.73 -5.04
C THR D 462 -38.50 3.74 -6.17
N GLY D 463 -37.66 4.77 -6.02
CA GLY D 463 -37.46 5.71 -7.11
C GLY D 463 -36.83 5.06 -8.32
N GLY D 464 -35.81 4.22 -8.11
CA GLY D 464 -35.26 3.48 -9.22
C GLY D 464 -36.26 2.56 -9.89
N LEU D 465 -37.07 1.86 -9.08
CA LEU D 465 -38.08 0.97 -9.63
C LEU D 465 -39.11 1.75 -10.44
N ARG D 466 -39.54 2.90 -9.95
CA ARG D 466 -40.51 3.71 -10.68
C ARG D 466 -39.92 4.26 -11.97
N ALA D 467 -38.65 4.63 -11.95
CA ALA D 467 -37.99 5.06 -13.17
C ALA D 467 -37.96 3.95 -14.21
N ALA D 468 -37.64 2.72 -13.77
CA ALA D 468 -37.65 1.59 -14.69
C ALA D 468 -39.06 1.33 -15.23
N MET D 469 -40.07 1.44 -14.38
CA MET D 469 -41.45 1.24 -14.83
C MET D 469 -41.84 2.29 -15.86
N GLY D 470 -41.39 3.54 -15.66
CA GLY D 470 -41.65 4.58 -16.64
C GLY D 470 -40.94 4.33 -17.95
N TYR D 471 -39.71 3.82 -17.90
CA TYR D 471 -38.97 3.55 -19.13
C TYR D 471 -39.55 2.39 -19.91
N THR D 472 -39.93 1.31 -19.22
CA THR D 472 -40.45 0.12 -19.89
C THR D 472 -41.92 0.24 -20.26
N GLY D 473 -42.60 1.29 -19.82
CA GLY D 473 -44.04 1.39 -20.03
C GLY D 473 -44.85 0.38 -19.24
N SER D 474 -44.47 0.12 -17.99
CA SER D 474 -45.14 -0.85 -17.14
C SER D 474 -45.94 -0.10 -16.10
N ALA D 475 -47.26 -0.19 -16.17
CA ALA D 475 -48.12 0.44 -15.17
C ALA D 475 -48.14 -0.34 -13.87
N THR D 476 -47.94 -1.65 -13.93
CA THR D 476 -47.97 -2.53 -12.77
C THR D 476 -46.74 -3.43 -12.79
N ILE D 477 -46.50 -4.09 -11.65
CA ILE D 477 -45.42 -5.08 -11.58
C ILE D 477 -45.71 -6.26 -12.51
N GLU D 478 -46.98 -6.63 -12.64
CA GLU D 478 -47.35 -7.70 -13.57
C GLU D 478 -47.00 -7.32 -15.01
N GLN D 479 -47.10 -6.05 -15.36
CA GLN D 479 -46.65 -5.61 -16.68
C GLN D 479 -45.13 -5.53 -16.76
N LEU D 480 -44.47 -5.15 -15.65
CA LEU D 480 -43.01 -5.12 -15.63
C LEU D 480 -42.43 -6.51 -15.83
N GLN D 481 -43.16 -7.54 -15.42
CA GLN D 481 -42.67 -8.91 -15.56
C GLN D 481 -42.66 -9.39 -17.00
N GLN D 482 -43.24 -8.63 -17.93
CA GLN D 482 -43.20 -8.95 -19.35
C GLN D 482 -42.15 -8.16 -20.12
N ALA D 483 -41.35 -7.34 -19.45
CA ALA D 483 -40.37 -6.52 -20.13
C ALA D 483 -39.21 -7.38 -20.67
N GLN D 484 -38.57 -6.88 -21.72
CA GLN D 484 -37.47 -7.57 -22.37
C GLN D 484 -36.13 -7.08 -21.85
N PHE D 485 -35.11 -7.92 -22.03
CA PHE D 485 -33.74 -7.61 -21.67
C PHE D 485 -32.88 -7.49 -22.92
N VAL D 486 -31.83 -6.69 -22.81
CA VAL D 486 -30.72 -6.68 -23.75
C VAL D 486 -29.48 -7.19 -23.02
N GLN D 487 -28.81 -8.18 -23.59
CA GLN D 487 -27.59 -8.72 -23.02
C GLN D 487 -26.41 -7.86 -23.46
N ILE D 488 -25.56 -7.48 -22.51
CA ILE D 488 -24.43 -6.61 -22.78
C ILE D 488 -23.15 -7.40 -22.67
N THR D 489 -22.12 -6.92 -23.36
CA THR D 489 -20.83 -7.59 -23.38
C THR D 489 -19.98 -7.13 -22.19
N ALA D 490 -18.77 -7.69 -22.09
CA ALA D 490 -17.86 -7.29 -21.03
C ALA D 490 -17.47 -5.82 -21.15
N ALA D 491 -17.32 -5.33 -22.37
CA ALA D 491 -16.99 -3.92 -22.59
C ALA D 491 -18.08 -3.00 -22.06
N GLY D 492 -19.29 -3.50 -21.89
CA GLY D 492 -20.35 -2.69 -21.30
C GLY D 492 -20.17 -2.46 -19.82
N LEU D 493 -19.32 -3.25 -19.16
CA LEU D 493 -19.04 -3.07 -17.75
C LEU D 493 -17.80 -2.23 -17.48
N LYS D 494 -17.04 -1.88 -18.52
CA LYS D 494 -15.77 -1.17 -18.33
C LYS D 494 -16.04 0.28 -17.95
N GLU D 495 -15.37 0.74 -16.89
CA GLU D 495 -15.58 2.09 -16.39
C GLU D 495 -14.78 3.12 -17.19
N VAL E 12 14.21 38.81 34.80
CA VAL E 12 13.86 38.50 33.42
C VAL E 12 12.89 37.32 33.37
N PRO E 13 11.82 37.47 32.59
CA PRO E 13 10.85 36.37 32.44
C PRO E 13 11.46 35.19 31.70
N VAL E 14 10.88 34.02 31.96
CA VAL E 14 11.36 32.78 31.34
C VAL E 14 11.15 32.86 29.84
N PRO E 15 12.12 32.42 29.02
CA PRO E 15 11.96 32.52 27.56
C PRO E 15 10.77 31.75 27.01
N THR E 16 10.28 30.74 27.71
CA THR E 16 9.12 29.99 27.25
C THR E 16 7.81 30.51 27.82
N GLY E 17 7.82 31.58 28.58
CA GLY E 17 6.60 32.17 29.08
C GLY E 17 6.47 32.05 30.58
N GLY E 18 5.78 33.02 31.18
CA GLY E 18 5.58 33.04 32.61
C GLY E 18 6.78 33.58 33.36
N ASP E 19 6.61 33.72 34.67
CA ASP E 19 7.69 34.17 35.54
C ASP E 19 8.32 33.05 36.34
N ASP E 20 7.79 31.84 36.28
CA ASP E 20 8.31 30.73 37.05
C ASP E 20 9.29 29.92 36.20
N PRO E 21 10.57 29.87 36.56
CA PRO E 21 11.52 29.05 35.79
C PRO E 21 11.34 27.55 36.02
N THR E 22 10.60 27.15 37.05
CA THR E 22 10.36 25.74 37.32
C THR E 22 9.04 25.25 36.76
N LYS E 23 8.28 26.09 36.06
CA LYS E 23 7.05 25.63 35.43
C LYS E 23 7.33 24.56 34.40
N VAL E 24 8.36 24.73 33.59
CA VAL E 24 8.90 23.69 32.74
C VAL E 24 10.12 23.14 33.47
N ALA E 25 9.96 21.97 34.08
CA ALA E 25 10.97 21.47 35.01
C ALA E 25 12.27 21.14 34.29
N MET E 26 12.20 20.40 33.19
CA MET E 26 13.40 19.96 32.51
C MET E 26 13.07 19.54 31.09
N LEU E 27 14.11 19.43 30.28
CA LEU E 27 14.00 18.91 28.92
C LEU E 27 14.17 17.41 28.95
N GLY E 28 13.17 16.68 28.44
CA GLY E 28 13.17 15.24 28.51
C GLY E 28 13.74 14.61 27.26
N LEU E 29 14.64 13.65 27.46
CA LEU E 29 15.29 12.93 26.37
C LEU E 29 14.69 11.54 26.26
N THR E 30 14.32 11.15 25.05
CA THR E 30 13.89 9.79 24.77
C THR E 30 15.07 8.99 24.24
N PHE E 31 14.80 7.73 23.86
CA PHE E 31 15.85 6.89 23.30
C PHE E 31 16.35 7.40 21.96
N ASP E 32 15.48 8.06 21.19
CA ASP E 32 15.82 8.40 19.81
C ASP E 32 16.83 9.54 19.72
N ASP E 33 16.94 10.39 20.73
CA ASP E 33 17.77 11.59 20.63
C ASP E 33 19.12 11.45 21.31
N VAL E 34 19.51 10.25 21.73
CA VAL E 34 20.84 10.02 22.28
C VAL E 34 21.46 8.82 21.60
N LEU E 35 22.80 8.82 21.55
CA LEU E 35 23.56 7.69 21.04
C LEU E 35 24.72 7.42 22.00
N LEU E 36 25.17 6.18 22.02
CA LEU E 36 26.33 5.82 22.83
C LEU E 36 27.61 6.22 22.10
N LEU E 37 28.43 7.02 22.74
CA LEU E 37 29.71 7.42 22.16
C LEU E 37 30.69 6.25 22.25
N PRO E 38 31.41 5.93 21.18
CA PRO E 38 32.49 4.94 21.28
C PRO E 38 33.57 5.41 22.23
N ALA E 39 34.20 4.46 22.91
CA ALA E 39 35.26 4.76 23.86
C ALA E 39 36.35 3.71 23.72
N ALA E 40 37.48 3.97 24.38
CA ALA E 40 38.59 3.03 24.37
C ALA E 40 38.13 1.66 24.85
N SER E 41 38.42 0.63 24.06
CA SER E 41 37.80 -0.67 24.26
C SER E 41 38.81 -1.79 24.13
N ASP E 42 38.74 -2.75 25.06
CA ASP E 42 39.41 -4.04 24.94
C ASP E 42 38.41 -5.19 25.05
N VAL E 43 37.14 -4.92 24.77
CA VAL E 43 36.06 -5.86 25.03
C VAL E 43 35.66 -6.53 23.73
N VAL E 44 35.69 -7.86 23.71
CA VAL E 44 35.16 -8.64 22.60
C VAL E 44 33.67 -8.88 22.86
N PRO E 45 32.81 -8.60 21.89
CA PRO E 45 31.36 -8.74 22.14
C PRO E 45 30.94 -10.11 22.64
N ALA E 46 31.56 -11.19 22.14
CA ALA E 46 31.22 -12.52 22.63
C ALA E 46 31.74 -12.75 24.05
N THR E 47 32.85 -12.11 24.40
CA THR E 47 33.44 -12.25 25.73
C THR E 47 32.69 -11.44 26.79
N ALA E 48 32.01 -10.37 26.40
CA ALA E 48 31.43 -9.44 27.36
C ALA E 48 30.41 -10.11 28.27
N ASP E 49 30.43 -9.73 29.54
CA ASP E 49 29.54 -10.28 30.56
C ASP E 49 28.30 -9.40 30.67
N THR E 50 27.15 -9.98 30.35
CA THR E 50 25.88 -9.25 30.37
C THR E 50 25.08 -9.48 31.66
N SER E 51 25.68 -10.10 32.68
CA SER E 51 24.96 -10.34 33.92
C SER E 51 24.73 -9.04 34.68
N SER E 52 23.55 -8.93 35.28
CA SER E 52 23.19 -7.71 36.00
C SER E 52 22.22 -8.06 37.12
N GLN E 53 22.08 -7.13 38.07
CA GLN E 53 21.21 -7.30 39.22
C GLN E 53 19.77 -6.99 38.84
N LEU E 54 18.89 -7.98 38.97
CA LEU E 54 17.46 -7.69 38.89
C LEU E 54 16.99 -6.97 40.14
N THR E 55 17.39 -7.47 41.31
CA THR E 55 17.15 -6.80 42.58
C THR E 55 18.43 -6.81 43.39
N LYS E 56 18.35 -6.38 44.65
CA LYS E 56 19.53 -6.36 45.50
C LYS E 56 20.03 -7.75 45.86
N ARG E 57 19.19 -8.78 45.68
CA ARG E 57 19.56 -10.15 46.00
C ARG E 57 19.55 -11.10 44.81
N ILE E 58 18.98 -10.70 43.68
CA ILE E 58 18.81 -11.59 42.53
C ILE E 58 19.62 -11.03 41.36
N ARG E 59 20.46 -11.89 40.77
CA ARG E 59 21.26 -11.54 39.62
C ARG E 59 20.86 -12.41 38.43
N LEU E 60 20.72 -11.78 37.26
CA LEU E 60 20.36 -12.47 36.04
C LEU E 60 21.56 -12.56 35.11
N ARG E 61 21.66 -13.68 34.38
CA ARG E 61 22.71 -13.81 33.38
C ARG E 61 22.42 -12.97 32.15
N VAL E 62 21.15 -12.72 31.85
CA VAL E 62 20.72 -11.86 30.76
C VAL E 62 19.81 -10.79 31.37
N PRO E 63 20.11 -9.50 31.21
CA PRO E 63 19.38 -8.44 31.92
C PRO E 63 18.03 -8.10 31.28
N LEU E 64 17.21 -9.12 31.09
CA LEU E 64 15.90 -8.97 30.46
C LEU E 64 14.83 -9.64 31.31
N VAL E 65 13.68 -8.99 31.43
CA VAL E 65 12.55 -9.50 32.18
C VAL E 65 11.29 -9.30 31.34
N SER E 66 10.39 -10.27 31.37
CA SER E 66 9.13 -10.15 30.66
C SER E 66 8.16 -9.27 31.44
N SER E 67 7.19 -8.71 30.72
CA SER E 67 6.54 -7.47 31.16
C SER E 67 5.50 -7.67 32.25
N ALA E 68 4.89 -8.86 32.36
CA ALA E 68 3.71 -9.11 33.18
C ALA E 68 2.44 -8.52 32.57
N MET E 69 2.37 -8.47 31.25
CA MET E 69 1.11 -8.20 30.57
C MET E 69 0.39 -9.52 30.30
N ASP E 70 -0.94 -9.46 30.23
CA ASP E 70 -1.72 -10.66 29.99
C ASP E 70 -1.45 -11.26 28.62
N THR E 71 -0.93 -10.48 27.67
CA THR E 71 -0.57 -10.97 26.36
C THR E 71 0.90 -11.35 26.24
N VAL E 72 1.65 -11.31 27.33
CA VAL E 72 3.09 -11.56 27.24
C VAL E 72 3.52 -12.74 28.11
N THR E 73 3.31 -12.64 29.42
CA THR E 73 3.90 -13.59 30.37
C THR E 73 2.84 -14.50 30.96
N GLU E 74 2.81 -15.74 30.49
CA GLU E 74 2.15 -16.85 31.15
C GLU E 74 3.22 -17.78 31.71
N SER E 75 2.79 -18.95 32.20
CA SER E 75 3.74 -19.89 32.79
C SER E 75 4.77 -20.35 31.76
N ARG E 76 4.35 -20.61 30.52
CA ARG E 76 5.28 -21.02 29.48
C ARG E 76 6.31 -19.92 29.19
N MET E 77 5.85 -18.68 29.10
CA MET E 77 6.76 -17.56 28.88
C MET E 77 7.73 -17.41 30.04
N ALA E 78 7.24 -17.55 31.27
CA ALA E 78 8.11 -17.45 32.43
C ALA E 78 9.18 -18.54 32.43
N ILE E 79 8.79 -19.77 32.08
CA ILE E 79 9.75 -20.87 32.01
C ILE E 79 10.79 -20.59 30.94
N ALA E 80 10.35 -20.15 29.75
CA ALA E 80 11.29 -19.90 28.67
C ALA E 80 12.25 -18.76 29.01
N MET E 81 11.73 -17.70 29.64
CA MET E 81 12.58 -16.58 30.03
C MET E 81 13.59 -17.01 31.10
N ALA E 82 13.15 -17.82 32.06
CA ALA E 82 14.06 -18.31 33.09
C ALA E 82 15.15 -19.17 32.48
N ARG E 83 14.80 -20.04 31.53
CA ARG E 83 15.80 -20.88 30.88
C ARG E 83 16.79 -20.04 30.07
N ALA E 84 16.32 -18.97 29.45
CA ALA E 84 17.17 -18.12 28.62
C ALA E 84 18.12 -17.24 29.41
N GLY E 85 18.15 -17.36 30.74
CA GLY E 85 19.00 -16.53 31.57
C GLY E 85 18.37 -15.28 32.11
N GLY E 86 17.09 -15.05 31.83
CA GLY E 86 16.38 -13.91 32.36
C GLY E 86 15.36 -14.32 33.40
N MET E 87 14.22 -13.64 33.42
CA MET E 87 13.14 -14.01 34.33
C MET E 87 11.83 -13.53 33.73
N GLY E 88 10.74 -14.12 34.21
CA GLY E 88 9.41 -13.75 33.79
C GLY E 88 8.58 -13.35 34.99
N VAL E 89 7.71 -12.36 34.80
CA VAL E 89 6.79 -11.90 35.83
C VAL E 89 5.38 -12.21 35.37
N LEU E 90 4.68 -13.06 36.10
CA LEU E 90 3.34 -13.47 35.71
C LEU E 90 2.35 -12.34 35.91
N HIS E 91 1.50 -12.12 34.91
CA HIS E 91 0.48 -11.08 34.99
C HIS E 91 -0.58 -11.46 36.02
N ARG E 92 -1.33 -10.46 36.46
CA ARG E 92 -2.33 -10.65 37.51
C ARG E 92 -3.76 -10.41 37.03
N ASN E 93 -3.99 -10.34 35.73
CA ASN E 93 -5.35 -10.19 35.18
C ASN E 93 -6.04 -11.56 35.09
N LEU E 94 -6.08 -12.24 36.23
CA LEU E 94 -6.61 -13.60 36.31
C LEU E 94 -6.85 -13.93 37.77
N PRO E 95 -7.66 -14.96 38.06
CA PRO E 95 -7.95 -15.29 39.45
C PRO E 95 -6.71 -15.64 40.25
N VAL E 96 -6.78 -15.41 41.56
CA VAL E 96 -5.64 -15.64 42.44
C VAL E 96 -5.19 -17.09 42.37
N ALA E 97 -6.15 -18.02 42.38
CA ALA E 97 -5.81 -19.43 42.30
C ALA E 97 -5.12 -19.76 40.98
N GLU E 98 -5.57 -19.16 39.88
CA GLU E 98 -4.91 -19.38 38.60
C GLU E 98 -3.46 -18.89 38.62
N GLN E 99 -3.23 -17.70 39.18
CA GLN E 99 -1.87 -17.17 39.22
C GLN E 99 -0.97 -18.02 40.11
N ALA E 100 -1.50 -18.47 41.25
CA ALA E 100 -0.73 -19.36 42.11
C ALA E 100 -0.41 -20.68 41.40
N GLY E 101 -1.36 -21.21 40.64
CA GLY E 101 -1.11 -22.41 39.87
C GLY E 101 -0.04 -22.21 38.81
N GLN E 102 -0.03 -21.04 38.17
CA GLN E 102 1.02 -20.76 37.19
C GLN E 102 2.38 -20.64 37.86
N VAL E 103 2.42 -20.02 39.05
CA VAL E 103 3.66 -19.96 39.81
C VAL E 103 4.16 -21.37 40.12
N GLU E 104 3.24 -22.24 40.58
CA GLU E 104 3.61 -23.61 40.88
C GLU E 104 4.08 -24.36 39.64
N THR E 105 3.41 -24.13 38.51
CA THR E 105 3.82 -24.76 37.26
C THR E 105 5.24 -24.38 36.89
N VAL E 106 5.58 -23.09 37.04
CA VAL E 106 6.94 -22.65 36.74
C VAL E 106 7.94 -23.27 37.72
N LYS E 107 7.60 -23.28 39.01
CA LYS E 107 8.53 -23.75 40.03
C LYS E 107 8.77 -25.25 39.94
N ARG E 108 7.77 -26.03 39.53
CA ARG E 108 7.88 -27.48 39.45
C ARG E 108 8.40 -27.97 38.11
N SER E 109 9.09 -27.13 37.35
CA SER E 109 9.52 -27.49 36.00
C SER E 109 10.91 -28.11 35.96
N GLU E 110 11.91 -27.42 36.53
CA GLU E 110 13.29 -27.88 36.46
C GLU E 110 13.91 -28.02 37.83
N ALA E 111 13.22 -28.69 38.76
CA ALA E 111 13.72 -28.81 40.13
C ALA E 111 15.01 -29.60 40.17
N GLY E 112 16.13 -28.92 40.42
CA GLY E 112 17.42 -29.59 40.43
C GLY E 112 17.58 -30.58 41.57
N MET E 113 17.00 -30.28 42.73
CA MET E 113 17.11 -31.17 43.88
C MET E 113 15.82 -31.07 44.69
N VAL E 114 14.90 -32.00 44.45
CA VAL E 114 13.65 -32.03 45.19
C VAL E 114 13.91 -32.48 46.61
N THR E 115 13.37 -31.75 47.58
CA THR E 115 13.39 -32.16 48.98
C THR E 115 11.97 -32.20 49.51
N ASP E 116 11.70 -33.16 50.37
CA ASP E 116 10.37 -33.43 50.90
C ASP E 116 9.35 -33.59 49.76
N PRO E 117 9.52 -34.59 48.90
CA PRO E 117 8.57 -34.79 47.80
C PRO E 117 7.28 -35.43 48.30
N VAL E 118 6.25 -35.38 47.45
CA VAL E 118 4.99 -36.03 47.78
C VAL E 118 5.14 -37.53 47.61
N THR E 119 4.60 -38.29 48.58
CA THR E 119 4.74 -39.73 48.60
C THR E 119 3.40 -40.36 48.96
N CYS E 120 3.24 -41.63 48.60
CA CYS E 120 2.01 -42.37 48.80
C CYS E 120 2.22 -43.51 49.80
N SER E 121 1.10 -43.96 50.40
CA SER E 121 1.10 -45.04 51.37
C SER E 121 0.94 -46.39 50.67
N PRO E 122 1.46 -47.47 51.27
CA PRO E 122 1.35 -48.79 50.63
C PRO E 122 -0.07 -49.28 50.46
N ASP E 123 -1.03 -48.76 51.23
CA ASP E 123 -2.41 -49.19 51.12
C ASP E 123 -3.22 -48.31 50.17
N ASN E 124 -2.59 -47.34 49.52
CA ASN E 124 -3.29 -46.51 48.55
C ASN E 124 -3.58 -47.32 47.29
N THR E 125 -4.65 -46.94 46.60
CA THR E 125 -5.02 -47.57 45.34
C THR E 125 -4.32 -46.89 44.18
N LEU E 126 -4.32 -47.58 43.03
CA LEU E 126 -3.64 -47.04 41.85
C LEU E 126 -4.31 -45.76 41.35
N ALA E 127 -5.63 -45.65 41.52
CA ALA E 127 -6.33 -44.42 41.17
C ALA E 127 -5.83 -43.26 42.02
N GLU E 128 -5.54 -43.51 43.31
CA GLU E 128 -4.98 -42.46 44.15
C GLU E 128 -3.58 -42.05 43.68
N VAL E 129 -2.78 -43.02 43.23
CA VAL E 129 -1.47 -42.68 42.69
C VAL E 129 -1.61 -41.84 41.42
N ASP E 130 -2.57 -42.19 40.57
CA ASP E 130 -2.83 -41.40 39.37
C ASP E 130 -3.29 -39.99 39.73
N ALA E 131 -4.15 -39.88 40.74
CA ALA E 131 -4.62 -38.57 41.17
C ALA E 131 -3.48 -37.71 41.69
N MET E 132 -2.57 -38.30 42.48
CA MET E 132 -1.42 -37.53 42.96
C MET E 132 -0.49 -37.15 41.82
N CYS E 133 -0.34 -38.04 40.84
CA CYS E 133 0.46 -37.73 39.66
C CYS E 133 -0.12 -36.54 38.91
N ALA E 134 -1.45 -36.53 38.72
CA ALA E 134 -2.06 -35.41 38.01
C ALA E 134 -2.05 -34.16 38.89
N ARG E 135 -2.07 -34.34 40.20
CA ARG E 135 -2.10 -33.22 41.13
C ARG E 135 -0.82 -32.42 41.06
N PHE E 136 0.33 -33.10 40.96
CA PHE E 136 1.61 -32.38 40.92
C PHE E 136 2.36 -32.61 39.61
N ARG E 137 1.69 -33.14 38.58
CA ARG E 137 2.29 -33.34 37.26
C ARG E 137 3.55 -34.18 37.32
N ILE E 138 3.57 -35.14 38.23
CA ILE E 138 4.71 -36.04 38.39
C ILE E 138 4.32 -37.44 37.94
N SER E 139 5.31 -38.34 37.91
CA SER E 139 5.08 -39.68 37.39
C SER E 139 5.74 -40.76 38.24
N GLY E 140 6.14 -40.44 39.47
CA GLY E 140 6.75 -41.42 40.36
C GLY E 140 6.59 -41.06 41.82
N LEU E 141 6.09 -42.00 42.61
CA LEU E 141 5.83 -41.78 44.03
C LEU E 141 6.65 -42.75 44.85
N PRO E 142 7.56 -42.29 45.71
CA PRO E 142 8.13 -43.18 46.72
C PRO E 142 7.04 -43.64 47.68
N VAL E 143 7.19 -44.87 48.16
CA VAL E 143 6.22 -45.48 49.06
C VAL E 143 6.91 -45.68 50.40
N VAL E 144 6.42 -44.96 51.41
CA VAL E 144 6.93 -45.02 52.77
C VAL E 144 5.85 -45.63 53.66
N ASP E 145 6.29 -46.36 54.67
CA ASP E 145 5.37 -47.03 55.59
C ASP E 145 4.77 -46.00 56.56
N ASP E 146 4.02 -46.49 57.54
CA ASP E 146 3.48 -45.62 58.58
C ASP E 146 4.56 -45.02 59.47
N THR E 147 5.74 -45.63 59.53
CA THR E 147 6.86 -45.08 60.30
C THR E 147 7.75 -44.17 59.47
N GLY E 148 7.44 -43.96 58.20
CA GLY E 148 8.28 -43.17 57.31
C GLY E 148 9.40 -43.91 56.65
N GLU E 149 9.59 -45.20 56.95
CA GLU E 149 10.64 -45.98 56.30
C GLU E 149 10.31 -46.17 54.83
N LEU E 150 11.27 -45.86 53.96
CA LEU E 150 11.07 -45.99 52.52
C LEU E 150 11.02 -47.46 52.16
N VAL E 151 9.81 -47.97 51.92
CA VAL E 151 9.63 -49.39 51.66
C VAL E 151 9.53 -49.73 50.17
N GLY E 152 9.29 -48.74 49.31
CA GLY E 152 9.24 -49.05 47.89
C GLY E 152 9.10 -47.81 47.05
N ILE E 153 8.73 -48.02 45.78
CA ILE E 153 8.48 -46.92 44.85
C ILE E 153 7.54 -47.42 43.77
N ILE E 154 6.65 -46.54 43.32
CA ILE E 154 5.69 -46.86 42.27
C ILE E 154 5.82 -45.80 41.18
N THR E 155 6.06 -46.23 39.95
CA THR E 155 6.24 -45.31 38.83
C THR E 155 5.21 -45.61 37.74
N ASN E 156 5.37 -44.94 36.60
CA ASN E 156 4.44 -45.10 35.49
C ASN E 156 4.46 -46.53 34.95
N ARG E 157 5.64 -47.13 34.85
CA ARG E 157 5.75 -48.45 34.23
C ARG E 157 4.99 -49.50 35.02
N ASP E 158 5.05 -49.44 36.36
CA ASP E 158 4.37 -50.44 37.17
C ASP E 158 2.86 -50.38 36.98
N MET E 159 2.30 -49.16 36.89
CA MET E 159 0.86 -48.98 36.79
C MET E 159 0.38 -48.70 35.37
N ARG E 160 1.26 -48.84 34.37
CA ARG E 160 0.93 -48.42 33.01
C ARG E 160 -0.24 -49.23 32.45
N PHE E 161 -0.14 -50.55 32.48
CA PHE E 161 -1.14 -51.42 31.87
C PHE E 161 -1.86 -52.29 32.88
N GLU E 162 -1.87 -51.89 34.15
CA GLU E 162 -2.67 -52.61 35.14
C GLU E 162 -4.15 -52.43 34.84
N VAL E 163 -4.92 -53.50 34.98
CA VAL E 163 -6.35 -53.46 34.70
C VAL E 163 -7.12 -53.21 35.99
N ASP E 164 -6.92 -54.08 36.99
CA ASP E 164 -7.56 -53.91 38.29
C ASP E 164 -6.84 -52.80 39.02
N GLN E 165 -7.34 -51.56 38.86
CA GLN E 165 -6.78 -50.41 39.53
C GLN E 165 -7.04 -50.42 41.03
N SER E 166 -7.92 -51.30 41.52
CA SER E 166 -8.19 -51.39 42.95
C SER E 166 -7.07 -52.07 43.71
N LYS E 167 -6.08 -52.64 43.02
CA LYS E 167 -4.99 -53.32 43.70
C LYS E 167 -4.18 -52.33 44.52
N PRO E 168 -3.65 -52.76 45.67
CA PRO E 168 -2.85 -51.86 46.49
C PRO E 168 -1.50 -51.57 45.84
N VAL E 169 -0.86 -50.50 46.32
CA VAL E 169 0.43 -50.10 45.77
C VAL E 169 1.48 -51.19 46.01
N SER E 170 1.51 -51.75 47.22
CA SER E 170 2.51 -52.74 47.55
C SER E 170 2.46 -53.94 46.62
N GLU E 171 1.29 -54.24 46.05
CA GLU E 171 1.18 -55.29 45.06
C GLU E 171 1.76 -54.89 43.71
N VAL E 172 1.81 -53.58 43.42
CA VAL E 172 2.25 -53.11 42.12
C VAL E 172 3.43 -52.15 42.27
N MET E 173 4.22 -52.31 43.33
CA MET E 173 5.36 -51.45 43.56
C MET E 173 6.65 -52.28 43.55
N THR E 174 7.77 -51.59 43.34
CA THR E 174 9.08 -52.20 43.47
C THR E 174 9.51 -52.12 44.92
N LYS E 175 9.68 -53.28 45.55
CA LYS E 175 9.91 -53.34 46.99
C LYS E 175 11.38 -53.06 47.32
N ALA E 176 11.62 -52.75 48.58
CA ALA E 176 12.98 -52.48 49.06
C ALA E 176 13.82 -53.75 49.01
N PRO E 177 15.15 -53.60 48.91
CA PRO E 177 15.96 -52.38 48.87
C PRO E 177 15.94 -51.66 47.52
N LEU E 178 15.96 -50.34 47.53
CA LEU E 178 16.01 -49.53 46.32
C LEU E 178 17.41 -49.00 46.08
N ILE E 179 17.60 -48.38 44.92
CA ILE E 179 18.84 -47.69 44.59
C ILE E 179 18.72 -46.28 45.16
N THR E 180 19.41 -46.02 46.27
CA THR E 180 19.27 -44.77 47.00
C THR E 180 20.63 -44.15 47.24
N ALA E 181 20.62 -42.85 47.54
CA ALA E 181 21.83 -42.10 47.80
C ALA E 181 21.67 -41.27 49.06
N LYS E 182 22.81 -40.96 49.68
CA LYS E 182 22.82 -40.18 50.91
C LYS E 182 22.45 -38.73 50.64
N GLU E 183 21.94 -38.07 51.68
CA GLU E 183 21.65 -36.63 51.58
C GLU E 183 22.93 -35.85 51.35
N GLY E 184 22.89 -34.93 50.40
CA GLY E 184 24.07 -34.18 50.03
C GLY E 184 24.97 -34.89 49.03
N VAL E 185 24.46 -35.90 48.33
CA VAL E 185 25.25 -36.63 47.35
C VAL E 185 25.58 -35.72 46.18
N SER E 186 26.79 -35.86 45.63
CA SER E 186 27.21 -35.01 44.54
C SER E 186 26.33 -35.25 43.31
N ALA E 187 26.16 -34.18 42.51
CA ALA E 187 25.31 -34.27 41.32
C ALA E 187 25.85 -35.29 40.33
N GLU E 188 27.17 -35.26 40.09
CA GLU E 188 27.76 -36.23 39.16
C GLU E 188 27.72 -37.64 39.70
N ALA E 189 27.83 -37.81 41.01
CA ALA E 189 27.67 -39.15 41.60
C ALA E 189 26.25 -39.66 41.41
N ALA E 190 25.25 -38.79 41.62
CA ALA E 190 23.87 -39.18 41.40
C ALA E 190 23.63 -39.55 39.93
N LEU E 191 24.17 -38.75 39.01
CA LEU E 191 24.03 -39.07 37.60
C LEU E 191 24.71 -40.39 37.24
N GLY E 192 25.89 -40.64 37.81
CA GLY E 192 26.57 -41.90 37.57
C GLY E 192 25.75 -43.07 38.06
N LEU E 193 25.15 -42.96 39.25
CA LEU E 193 24.29 -44.03 39.75
C LEU E 193 23.08 -44.23 38.85
N LEU E 194 22.45 -43.12 38.42
CA LEU E 194 21.27 -43.21 37.57
C LEU E 194 21.60 -43.91 36.26
N ARG E 195 22.74 -43.58 35.65
CA ARG E 195 23.12 -44.22 34.40
C ARG E 195 23.58 -45.65 34.62
N ARG E 196 24.16 -45.94 35.79
CA ARG E 196 24.57 -47.30 36.11
C ARG E 196 23.36 -48.23 36.20
N HIS E 197 22.29 -47.78 36.85
CA HIS E 197 21.09 -48.58 36.97
C HIS E 197 20.04 -48.26 35.91
N LYS E 198 20.26 -47.20 35.12
CA LYS E 198 19.36 -46.84 34.01
C LYS E 198 17.91 -46.70 34.50
N ILE E 199 17.75 -46.05 35.65
CA ILE E 199 16.45 -45.81 36.25
C ILE E 199 16.30 -44.29 36.44
N GLU E 200 15.10 -43.78 36.18
CA GLU E 200 14.87 -42.34 36.16
C GLU E 200 14.56 -41.76 37.54
N LYS E 201 14.45 -42.58 38.57
CA LYS E 201 14.15 -42.12 39.92
C LYS E 201 15.29 -42.49 40.86
N LEU E 202 15.65 -41.57 41.75
CA LEU E 202 16.67 -41.81 42.76
C LEU E 202 16.19 -41.22 44.08
N PRO E 203 15.75 -42.05 45.02
CA PRO E 203 15.39 -41.53 46.34
C PRO E 203 16.62 -41.16 47.14
N ILE E 204 16.61 -39.97 47.71
CA ILE E 204 17.66 -39.49 48.60
C ILE E 204 17.18 -39.68 50.02
N VAL E 205 17.91 -40.48 50.80
CA VAL E 205 17.44 -40.97 52.08
C VAL E 205 18.44 -40.62 53.17
N ASP E 206 17.94 -40.47 54.39
CA ASP E 206 18.80 -40.37 55.56
C ASP E 206 19.45 -41.71 55.86
N GLY E 207 20.53 -41.67 56.65
CA GLY E 207 21.24 -42.89 56.99
C GLY E 207 20.35 -43.94 57.64
N HIS E 208 19.33 -43.52 58.39
CA HIS E 208 18.36 -44.47 58.91
C HIS E 208 17.54 -45.12 57.82
N GLY E 209 17.44 -44.48 56.66
CA GLY E 209 16.58 -44.95 55.57
C GLY E 209 15.34 -44.12 55.37
N LYS E 210 15.17 -43.02 56.11
CA LYS E 210 14.01 -42.16 55.93
C LYS E 210 14.15 -41.35 54.65
N LEU E 211 13.10 -41.33 53.85
CA LEU E 211 13.14 -40.59 52.59
C LEU E 211 13.27 -39.10 52.85
N THR E 212 14.09 -38.45 52.05
CA THR E 212 14.35 -37.01 52.17
C THR E 212 14.08 -36.27 50.88
N GLY E 213 14.44 -36.85 49.73
CA GLY E 213 14.29 -36.15 48.47
C GLY E 213 14.17 -37.12 47.32
N LEU E 214 13.98 -36.56 46.13
CA LEU E 214 13.73 -37.33 44.92
C LEU E 214 14.47 -36.69 43.76
N ILE E 215 15.57 -37.30 43.33
CA ILE E 215 16.28 -36.85 42.14
C ILE E 215 15.73 -37.59 40.94
N THR E 216 15.61 -36.91 39.82
CA THR E 216 15.11 -37.51 38.58
C THR E 216 16.08 -37.23 37.46
N VAL E 217 15.92 -37.97 36.36
CA VAL E 217 16.85 -37.89 35.25
C VAL E 217 16.52 -36.69 34.35
N LYS E 218 15.25 -36.30 34.29
CA LYS E 218 14.86 -35.21 33.41
C LYS E 218 15.31 -33.87 33.95
N ASP E 219 15.55 -33.74 35.25
CA ASP E 219 16.18 -32.53 35.76
C ASP E 219 17.57 -32.36 35.18
N PHE E 220 18.36 -33.44 35.12
CA PHE E 220 19.66 -33.38 34.49
C PHE E 220 19.54 -33.11 32.99
N VAL E 221 18.54 -33.70 32.34
CA VAL E 221 18.35 -33.45 30.91
C VAL E 221 18.08 -31.97 30.67
N LYS E 222 17.20 -31.37 31.48
CA LYS E 222 16.89 -29.95 31.34
C LYS E 222 18.09 -29.09 31.67
N THR E 223 18.87 -29.49 32.67
CA THR E 223 20.06 -28.72 33.05
C THR E 223 21.07 -28.69 31.91
N GLU E 224 21.33 -29.85 31.29
CA GLU E 224 22.29 -29.87 30.19
C GLU E 224 21.72 -29.20 28.95
N GLN E 225 20.40 -29.17 28.80
CA GLN E 225 19.80 -28.48 27.67
C GLN E 225 19.84 -26.97 27.86
N PHE E 226 19.65 -26.48 29.08
CA PHE E 226 19.54 -25.05 29.37
C PHE E 226 20.53 -24.67 30.45
N PRO E 227 21.80 -24.49 30.10
CA PRO E 227 22.81 -24.16 31.11
C PRO E 227 22.74 -22.73 31.64
N LEU E 228 21.98 -21.85 30.98
CA LEU E 228 21.92 -20.45 31.34
C LEU E 228 20.82 -20.14 32.34
N SER E 229 20.08 -21.14 32.78
CA SER E 229 18.85 -20.91 33.54
C SER E 229 19.12 -20.16 34.84
N THR E 230 18.18 -19.27 35.19
CA THR E 230 18.22 -18.57 36.47
C THR E 230 17.43 -19.38 37.49
N LYS E 231 18.11 -19.80 38.55
CA LYS E 231 17.55 -20.75 39.51
C LYS E 231 17.80 -20.27 40.93
N ASP E 232 16.94 -20.69 41.84
CA ASP E 232 17.13 -20.39 43.26
C ASP E 232 18.13 -21.39 43.86
N SER E 233 18.28 -21.34 45.19
CA SER E 233 19.21 -22.24 45.86
C SER E 233 18.83 -23.70 45.66
N ASP E 234 17.52 -23.99 45.71
CA ASP E 234 17.05 -25.35 45.49
C ASP E 234 17.26 -25.83 44.06
N GLY E 235 17.61 -24.95 43.14
CA GLY E 235 17.79 -25.33 41.75
C GLY E 235 16.55 -25.26 40.91
N ARG E 236 15.54 -24.52 41.33
CA ARG E 236 14.29 -24.36 40.58
C ARG E 236 14.25 -22.99 39.93
N LEU E 237 13.55 -22.91 38.80
CA LEU E 237 13.50 -21.68 38.03
C LEU E 237 12.89 -20.53 38.84
N LEU E 238 13.44 -19.34 38.66
CA LEU E 238 12.93 -18.15 39.33
C LEU E 238 11.79 -17.55 38.53
N VAL E 239 10.86 -16.91 39.24
CA VAL E 239 9.70 -16.29 38.62
C VAL E 239 9.18 -15.22 39.55
N GLY E 240 8.65 -14.14 38.97
CA GLY E 240 7.99 -13.10 39.72
C GLY E 240 6.49 -13.07 39.41
N ALA E 241 5.78 -12.23 40.17
CA ALA E 241 4.35 -12.10 39.99
C ALA E 241 3.91 -10.68 40.33
N ALA E 242 2.95 -10.18 39.57
CA ALA E 242 2.39 -8.85 39.78
C ALA E 242 1.25 -8.89 40.79
N VAL E 243 1.23 -7.90 41.69
CA VAL E 243 0.14 -7.69 42.63
C VAL E 243 -0.22 -6.20 42.60
N GLY E 244 -1.46 -5.89 42.93
CA GLY E 244 -1.93 -4.53 42.96
C GLY E 244 -1.85 -3.93 44.35
N VAL E 245 -2.92 -3.24 44.75
CA VAL E 245 -3.03 -2.66 46.08
C VAL E 245 -4.41 -2.98 46.66
N GLY E 246 -4.45 -3.24 47.96
CA GLY E 246 -5.68 -3.53 48.66
C GLY E 246 -5.68 -4.91 49.31
N ASP E 247 -6.80 -5.20 49.98
CA ASP E 247 -6.93 -6.46 50.70
C ASP E 247 -6.93 -7.65 49.77
N ASP E 248 -7.60 -7.54 48.61
CA ASP E 248 -7.51 -8.59 47.61
C ASP E 248 -6.08 -8.77 47.14
N ALA E 249 -5.36 -7.67 46.95
CA ALA E 249 -3.96 -7.76 46.60
C ALA E 249 -3.14 -8.42 47.70
N TRP E 250 -3.48 -8.16 48.96
CA TRP E 250 -2.78 -8.82 50.06
C TRP E 250 -3.00 -10.32 50.05
N THR E 251 -4.26 -10.74 49.83
CA THR E 251 -4.54 -12.17 49.75
C THR E 251 -3.81 -12.80 48.57
N ARG E 252 -3.79 -12.12 47.42
CA ARG E 252 -3.07 -12.62 46.26
C ARG E 252 -1.58 -12.74 46.56
N ALA E 253 -1.00 -11.74 47.20
CA ALA E 253 0.42 -11.77 47.50
C ALA E 253 0.77 -12.91 48.43
N MET E 254 -0.04 -13.12 49.47
CA MET E 254 0.23 -14.21 50.40
C MET E 254 0.09 -15.56 49.71
N THR E 255 -0.92 -15.71 48.85
CA THR E 255 -1.08 -16.95 48.10
C THR E 255 0.09 -17.21 47.18
N LEU E 256 0.60 -16.16 46.51
CA LEU E 256 1.73 -16.33 45.61
C LEU E 256 3.01 -16.66 46.38
N VAL E 257 3.19 -16.05 47.56
CA VAL E 257 4.35 -16.36 48.38
C VAL E 257 4.30 -17.81 48.85
N ASP E 258 3.12 -18.27 49.27
CA ASP E 258 2.97 -19.66 49.69
C ASP E 258 3.19 -20.63 48.53
N ALA E 259 3.01 -20.18 47.29
CA ALA E 259 3.24 -21.03 46.12
C ALA E 259 4.70 -21.08 45.69
N GLY E 260 5.56 -20.27 46.29
CA GLY E 260 6.97 -20.29 45.98
C GLY E 260 7.46 -19.23 45.02
N VAL E 261 6.80 -18.08 44.97
CA VAL E 261 7.26 -16.99 44.09
C VAL E 261 8.45 -16.31 44.72
N ASP E 262 9.32 -15.75 43.87
CA ASP E 262 10.57 -15.16 44.31
C ASP E 262 10.61 -13.65 44.23
N VAL E 263 9.86 -13.06 43.30
CA VAL E 263 9.77 -11.60 43.17
C VAL E 263 8.31 -11.21 43.19
N LEU E 264 7.97 -10.24 44.02
CA LEU E 264 6.64 -9.64 44.04
C LEU E 264 6.76 -8.23 43.50
N ILE E 265 6.05 -7.93 42.43
CA ILE E 265 6.07 -6.60 41.84
C ILE E 265 4.75 -5.91 42.16
N VAL E 266 4.81 -4.83 42.91
CA VAL E 266 3.62 -4.02 43.19
C VAL E 266 3.50 -3.07 42.00
N ASP E 267 2.88 -3.59 40.94
CA ASP E 267 2.83 -2.95 39.64
C ASP E 267 1.66 -2.00 39.58
N THR E 268 1.94 -0.72 39.34
CA THR E 268 0.92 0.31 39.28
C THR E 268 1.32 1.31 38.22
N ALA E 269 0.33 1.87 37.52
CA ALA E 269 0.62 2.89 36.52
C ALA E 269 1.30 4.10 37.15
N HIS E 270 0.99 4.39 38.41
CA HIS E 270 1.55 5.55 39.11
C HIS E 270 1.86 5.11 40.54
N ALA E 271 3.13 4.84 40.82
CA ALA E 271 3.56 4.32 42.10
C ALA E 271 3.86 5.41 43.13
N HIS E 272 3.82 6.68 42.74
CA HIS E 272 4.05 7.76 43.68
C HIS E 272 2.77 8.05 44.46
N ASN E 273 2.20 7.01 45.05
CA ASN E 273 0.92 7.07 45.74
C ASN E 273 1.06 6.39 47.10
N ARG E 274 0.34 6.93 48.10
CA ARG E 274 0.51 6.43 49.45
C ARG E 274 0.10 4.96 49.57
N GLY E 275 -0.92 4.53 48.82
CA GLY E 275 -1.32 3.14 48.86
C GLY E 275 -0.24 2.21 48.37
N VAL E 276 0.41 2.56 47.26
CA VAL E 276 1.48 1.72 46.71
C VAL E 276 2.67 1.67 47.67
N LEU E 277 3.04 2.82 48.24
CA LEU E 277 4.15 2.84 49.19
C LEU E 277 3.83 2.00 50.43
N ASP E 278 2.61 2.13 50.95
CA ASP E 278 2.21 1.34 52.10
C ASP E 278 2.21 -0.15 51.78
N MET E 279 1.73 -0.51 50.59
CA MET E 279 1.74 -1.91 50.19
C MET E 279 3.17 -2.46 50.09
N VAL E 280 4.08 -1.69 49.50
CA VAL E 280 5.46 -2.14 49.35
C VAL E 280 6.10 -2.32 50.73
N SER E 281 5.91 -1.34 51.62
CA SER E 281 6.50 -1.41 52.95
C SER E 281 5.91 -2.58 53.74
N ARG E 282 4.60 -2.79 53.64
CA ARG E 282 3.94 -3.88 54.34
C ARG E 282 4.43 -5.24 53.83
N LEU E 283 4.55 -5.39 52.52
CA LEU E 283 5.08 -6.64 51.98
C LEU E 283 6.51 -6.87 52.42
N LYS E 284 7.34 -5.81 52.41
CA LYS E 284 8.73 -5.96 52.80
C LYS E 284 8.85 -6.35 54.27
N GLN E 285 8.00 -5.78 55.12
CA GLN E 285 8.08 -6.13 56.54
C GLN E 285 7.50 -7.51 56.81
N ALA E 286 6.51 -7.96 56.03
CA ALA E 286 5.87 -9.24 56.31
C ALA E 286 6.66 -10.41 55.73
N VAL E 287 6.89 -10.41 54.42
CA VAL E 287 7.53 -11.53 53.75
C VAL E 287 8.83 -11.11 53.05
N GLY E 288 9.44 -10.01 53.50
CA GLY E 288 10.62 -9.50 52.81
C GLY E 288 11.81 -10.43 52.86
N GLU E 289 11.91 -11.24 53.92
CA GLU E 289 13.01 -12.19 54.01
C GLU E 289 12.95 -13.22 52.89
N ARG E 290 11.77 -13.76 52.61
CA ARG E 290 11.62 -14.77 51.57
C ARG E 290 11.76 -14.16 50.18
N VAL E 291 11.08 -13.04 49.94
CA VAL E 291 10.78 -12.57 48.60
C VAL E 291 11.29 -11.14 48.44
N ASP E 292 11.90 -10.86 47.29
CA ASP E 292 12.24 -9.48 46.94
C ASP E 292 11.01 -8.75 46.43
N VAL E 293 10.85 -7.49 46.85
CA VAL E 293 9.69 -6.67 46.49
C VAL E 293 10.16 -5.57 45.57
N VAL E 294 9.50 -5.43 44.42
CA VAL E 294 9.83 -4.43 43.41
C VAL E 294 8.69 -3.43 43.33
N GLY E 295 9.01 -2.14 43.36
CA GLY E 295 7.99 -1.13 43.30
C GLY E 295 7.58 -0.80 41.88
N GLY E 296 6.39 -0.20 41.78
CA GLY E 296 5.74 0.08 40.51
C GLY E 296 6.41 1.13 39.66
N ASN E 297 5.69 1.65 38.68
CA ASN E 297 6.28 2.56 37.71
C ASN E 297 6.39 3.97 38.29
N VAL E 298 7.57 4.56 38.12
CA VAL E 298 7.84 5.93 38.52
C VAL E 298 8.53 6.63 37.35
N ALA E 299 8.56 7.95 37.42
CA ALA E 299 9.18 8.74 36.37
C ALA E 299 10.08 9.85 36.87
N THR E 300 10.04 10.18 38.16
CA THR E 300 10.79 11.30 38.72
C THR E 300 11.73 10.81 39.80
N ARG E 301 12.62 11.71 40.23
CA ARG E 301 13.56 11.37 41.29
C ARG E 301 12.84 11.22 42.63
N ALA E 302 11.84 12.06 42.90
CA ALA E 302 11.14 12.01 44.17
C ALA E 302 10.38 10.69 44.33
N ALA E 303 9.73 10.23 43.26
CA ALA E 303 8.99 8.97 43.34
C ALA E 303 9.93 7.80 43.59
N ALA E 304 11.07 7.76 42.91
CA ALA E 304 12.04 6.68 43.13
C ALA E 304 12.59 6.74 44.55
N ALA E 305 12.87 7.94 45.04
CA ALA E 305 13.36 8.09 46.42
C ALA E 305 12.32 7.62 47.42
N ALA E 306 11.06 7.93 47.19
CA ALA E 306 9.99 7.48 48.08
C ALA E 306 9.86 5.97 48.06
N LEU E 307 9.98 5.36 46.88
CA LEU E 307 9.95 3.89 46.81
C LEU E 307 11.14 3.27 47.52
N VAL E 308 12.31 3.89 47.40
CA VAL E 308 13.50 3.37 48.10
C VAL E 308 13.33 3.47 49.60
N GLU E 309 12.75 4.58 50.08
CA GLU E 309 12.49 4.72 51.51
C GLU E 309 11.50 3.67 51.99
N ALA E 310 10.53 3.30 51.16
CA ALA E 310 9.56 2.28 51.51
C ALA E 310 10.16 0.88 51.59
N GLY E 311 11.40 0.70 51.14
CA GLY E 311 12.06 -0.58 51.22
C GLY E 311 12.02 -1.43 49.97
N ALA E 312 11.79 -0.84 48.81
CA ALA E 312 11.75 -1.59 47.57
C ALA E 312 13.14 -2.11 47.21
N ASP E 313 13.20 -3.36 46.74
CA ASP E 313 14.44 -3.97 46.30
C ASP E 313 14.75 -3.69 44.83
N ALA E 314 13.79 -3.17 44.08
CA ALA E 314 14.02 -2.70 42.72
C ALA E 314 12.92 -1.70 42.40
N VAL E 315 13.21 -0.80 41.45
CA VAL E 315 12.28 0.26 41.09
C VAL E 315 12.00 0.18 39.60
N LYS E 316 10.73 -0.03 39.22
CA LYS E 316 10.39 0.01 37.81
C LYS E 316 10.16 1.46 37.37
N VAL E 317 10.75 1.82 36.23
CA VAL E 317 10.78 3.19 35.74
C VAL E 317 10.08 3.25 34.40
N GLY E 318 9.18 4.21 34.27
CA GLY E 318 8.48 4.53 33.04
C GLY E 318 7.02 4.80 33.26
N VAL E 319 6.59 6.00 32.92
CA VAL E 319 5.19 6.44 33.02
C VAL E 319 4.86 7.13 31.71
N GLY E 320 4.13 6.44 30.83
CA GLY E 320 3.88 6.91 29.49
C GLY E 320 5.15 7.22 28.71
N PRO E 321 6.07 6.26 28.61
CA PRO E 321 7.35 6.54 27.94
C PRO E 321 7.26 6.56 26.43
N GLY E 322 6.26 5.89 25.84
CA GLY E 322 6.14 5.87 24.40
C GLY E 322 5.66 7.20 23.85
N SER E 323 6.01 7.46 22.58
CA SER E 323 5.69 8.74 21.97
C SER E 323 4.19 8.91 21.75
N ILE E 324 3.54 7.89 21.20
CA ILE E 324 2.10 7.94 20.94
C ILE E 324 1.37 7.15 22.03
N CYS E 325 1.99 7.04 23.19
CA CYS E 325 1.38 6.30 24.30
C CYS E 325 0.01 6.88 24.62
N THR E 326 -0.92 5.99 24.97
CA THR E 326 -2.27 6.42 25.32
C THR E 326 -2.27 7.39 26.49
N THR E 327 -1.34 7.22 27.43
CA THR E 327 -1.24 8.15 28.55
C THR E 327 -0.97 9.56 28.06
N ARG E 328 -0.02 9.71 27.15
CA ARG E 328 0.33 11.04 26.64
C ARG E 328 -0.83 11.66 25.87
N VAL E 329 -1.47 10.88 25.00
CA VAL E 329 -2.51 11.45 24.13
C VAL E 329 -3.75 11.79 24.94
N VAL E 330 -4.19 10.90 25.83
CA VAL E 330 -5.46 11.07 26.52
C VAL E 330 -5.31 11.94 27.76
N ALA E 331 -4.31 11.69 28.59
CA ALA E 331 -4.15 12.44 29.83
C ALA E 331 -3.16 13.58 29.72
N GLY E 332 -2.33 13.62 28.67
CA GLY E 332 -1.31 14.63 28.59
C GLY E 332 -0.16 14.41 29.54
N VAL E 333 0.03 13.18 30.02
CA VAL E 333 0.99 12.85 31.05
C VAL E 333 2.04 11.93 30.45
N GLY E 334 3.31 12.20 30.76
CA GLY E 334 4.36 11.33 30.30
C GLY E 334 5.71 11.82 30.80
N ALA E 335 6.72 11.02 30.54
CA ALA E 335 8.09 11.36 30.87
C ALA E 335 9.03 10.61 29.93
N PRO E 336 9.84 11.33 29.16
CA PRO E 336 10.80 10.66 28.26
C PRO E 336 11.70 9.72 29.05
N GLN E 337 11.95 8.55 28.47
CA GLN E 337 12.45 7.42 29.24
C GLN E 337 13.92 7.59 29.65
N ILE E 338 14.74 8.19 28.79
CA ILE E 338 16.15 8.37 29.15
C ILE E 338 16.27 9.31 30.35
N THR E 339 15.55 10.43 30.31
CA THR E 339 15.60 11.37 31.42
C THR E 339 14.99 10.77 32.68
N ALA E 340 13.90 10.02 32.54
CA ALA E 340 13.28 9.36 33.69
C ALA E 340 14.24 8.36 34.32
N ILE E 341 14.93 7.57 33.50
CA ILE E 341 15.91 6.62 34.03
C ILE E 341 17.03 7.35 34.75
N LEU E 342 17.54 8.43 34.16
CA LEU E 342 18.61 9.18 34.80
C LEU E 342 18.16 9.73 36.14
N GLU E 343 16.96 10.30 36.19
CA GLU E 343 16.45 10.90 37.42
C GLU E 343 16.23 9.84 38.50
N ALA E 344 15.70 8.67 38.12
CA ALA E 344 15.46 7.62 39.11
C ALA E 344 16.77 6.98 39.57
N VAL E 345 17.74 6.86 38.67
CA VAL E 345 19.04 6.31 39.03
C VAL E 345 19.76 7.24 39.99
N ALA E 346 19.60 8.55 39.80
CA ALA E 346 20.20 9.50 40.73
C ALA E 346 19.73 9.28 42.15
N ALA E 347 18.54 8.70 42.33
CA ALA E 347 18.00 8.44 43.66
C ALA E 347 18.23 7.01 44.12
N CYS E 348 18.39 6.07 43.20
CA CYS E 348 18.51 4.66 43.57
C CYS E 348 19.96 4.19 43.69
N LYS E 349 20.87 4.74 42.89
CA LYS E 349 22.27 4.32 42.94
C LYS E 349 22.92 4.51 44.30
N PRO E 350 22.75 5.62 45.02
CA PRO E 350 23.38 5.73 46.33
C PRO E 350 22.94 4.66 47.31
N TYR E 351 21.73 4.14 47.17
CA TYR E 351 21.21 3.11 48.07
C TYR E 351 21.36 1.70 47.52
N GLY E 352 21.96 1.54 46.34
CA GLY E 352 22.17 0.21 45.78
C GLY E 352 20.93 -0.50 45.30
N VAL E 353 19.90 0.23 44.90
CA VAL E 353 18.63 -0.34 44.46
C VAL E 353 18.62 -0.39 42.93
N PRO E 354 18.44 -1.56 42.33
CA PRO E 354 18.41 -1.65 40.86
C PRO E 354 17.20 -0.96 40.24
N VAL E 355 17.40 -0.49 39.02
CA VAL E 355 16.36 0.16 38.23
C VAL E 355 16.00 -0.72 37.04
N ILE E 356 14.72 -0.98 36.89
CA ILE E 356 14.18 -1.78 35.79
C ILE E 356 13.52 -0.80 34.82
N ALA E 357 14.06 -0.66 33.63
CA ALA E 357 13.50 0.23 32.62
C ALA E 357 12.35 -0.49 31.93
N ASP E 358 11.13 0.04 32.05
CA ASP E 358 9.96 -0.60 31.47
C ASP E 358 9.28 0.37 30.50
N GLY E 359 9.06 -0.08 29.29
CA GLY E 359 8.34 0.70 28.30
C GLY E 359 9.25 1.53 27.42
N GLY E 360 8.77 1.84 26.22
CA GLY E 360 9.46 2.70 25.30
C GLY E 360 10.51 2.05 24.44
N LEU E 361 10.77 0.76 24.60
CA LEU E 361 11.79 0.08 23.82
C LEU E 361 11.26 -0.29 22.44
N GLN E 362 12.07 -0.08 21.42
CA GLN E 362 11.67 -0.41 20.06
C GLN E 362 12.72 -1.25 19.35
N TYR E 363 13.99 -1.04 19.70
CA TYR E 363 15.10 -1.75 19.07
C TYR E 363 16.04 -2.27 20.14
N SER E 364 17.01 -3.08 19.72
CA SER E 364 18.02 -3.60 20.65
C SER E 364 18.96 -2.49 21.11
N GLY E 365 19.16 -1.46 20.29
CA GLY E 365 19.97 -0.33 20.73
C GLY E 365 19.37 0.40 21.91
N ASP E 366 18.04 0.41 22.01
CA ASP E 366 17.39 1.04 23.15
C ASP E 366 17.66 0.30 24.45
N ILE E 367 17.87 -1.01 24.38
CA ILE E 367 18.28 -1.76 25.58
C ILE E 367 19.61 -1.23 26.10
N ALA E 368 20.57 -1.06 25.20
CA ALA E 368 21.88 -0.56 25.58
C ALA E 368 21.79 0.88 26.09
N LYS E 369 20.94 1.70 25.44
CA LYS E 369 20.77 3.07 25.90
C LYS E 369 20.16 3.11 27.30
N ALA E 370 19.17 2.24 27.56
CA ALA E 370 18.54 2.20 28.88
C ALA E 370 19.53 1.75 29.94
N LEU E 371 20.34 0.73 29.64
CA LEU E 371 21.31 0.26 30.61
C LEU E 371 22.40 1.29 30.85
N ALA E 372 22.81 2.00 29.79
CA ALA E 372 23.86 3.01 29.92
C ALA E 372 23.37 4.23 30.68
N ALA E 373 22.08 4.54 30.60
CA ALA E 373 21.51 5.63 31.39
C ALA E 373 21.51 5.34 32.88
N GLY E 374 21.78 4.10 33.27
CA GLY E 374 21.88 3.76 34.67
C GLY E 374 20.99 2.63 35.12
N ALA E 375 20.03 2.23 34.28
CA ALA E 375 19.17 1.11 34.64
C ALA E 375 19.98 -0.17 34.70
N SER E 376 19.51 -1.11 35.52
CA SER E 376 20.17 -2.40 35.65
C SER E 376 19.51 -3.49 34.83
N THR E 377 18.20 -3.42 34.61
CA THR E 377 17.53 -4.41 33.78
C THR E 377 16.51 -3.72 32.89
N ALA E 378 16.14 -4.39 31.80
CA ALA E 378 15.10 -3.91 30.91
C ALA E 378 13.94 -4.89 30.91
N MET E 379 12.72 -4.38 31.05
CA MET E 379 11.51 -5.17 31.01
C MET E 379 10.94 -5.16 29.60
N LEU E 380 10.72 -6.33 29.03
CA LEU E 380 10.32 -6.46 27.64
C LEU E 380 8.82 -6.74 27.57
N GLY E 381 8.11 -5.88 26.85
CA GLY E 381 6.67 -5.98 26.72
C GLY E 381 6.19 -6.36 25.35
N SER E 382 5.79 -5.36 24.56
CA SER E 382 5.22 -5.59 23.24
C SER E 382 6.19 -6.33 22.31
N LEU E 383 7.49 -6.26 22.58
CA LEU E 383 8.45 -7.03 21.79
C LEU E 383 8.24 -8.53 21.94
N LEU E 384 7.73 -8.97 23.08
CA LEU E 384 7.50 -10.39 23.34
C LEU E 384 6.03 -10.77 23.28
N ALA E 385 5.13 -9.83 22.99
CA ALA E 385 3.70 -10.10 23.10
C ALA E 385 3.24 -11.17 22.10
N GLY E 386 3.76 -11.15 20.89
CA GLY E 386 3.35 -12.09 19.86
C GLY E 386 4.24 -13.29 19.67
N THR E 387 5.16 -13.57 20.58
CA THR E 387 6.08 -14.68 20.41
C THR E 387 5.35 -16.00 20.65
N ALA E 388 6.00 -17.09 20.23
CA ALA E 388 5.40 -18.42 20.35
C ALA E 388 5.16 -18.80 21.80
N GLU E 389 6.11 -18.47 22.68
CA GLU E 389 5.98 -18.81 24.10
C GLU E 389 4.96 -17.95 24.84
N SER E 390 4.47 -16.88 24.22
CA SER E 390 3.47 -16.04 24.85
C SER E 390 2.11 -16.75 24.84
N PRO E 391 1.20 -16.36 25.74
CA PRO E 391 -0.09 -17.04 25.82
C PRO E 391 -0.92 -16.86 24.55
N GLY E 392 -1.82 -17.80 24.34
CA GLY E 392 -2.70 -17.82 23.18
C GLY E 392 -2.27 -18.83 22.15
N GLU E 393 -3.25 -19.42 21.46
CA GLU E 393 -2.95 -20.37 20.40
C GLU E 393 -2.57 -19.62 19.12
N LEU E 394 -2.03 -20.36 18.16
CA LEU E 394 -1.54 -19.78 16.92
C LEU E 394 -2.53 -20.08 15.80
N ILE E 395 -3.02 -19.03 15.14
CA ILE E 395 -4.04 -19.17 14.12
C ILE E 395 -3.63 -18.38 12.88
N PHE E 396 -4.34 -18.62 11.79
CA PHE E 396 -4.10 -17.95 10.52
C PHE E 396 -5.31 -17.14 10.10
N VAL E 397 -5.05 -15.92 9.63
CA VAL E 397 -6.04 -15.09 8.95
C VAL E 397 -5.41 -14.63 7.64
N ASN E 398 -6.07 -14.93 6.52
CA ASN E 398 -5.49 -14.67 5.21
C ASN E 398 -4.12 -15.34 5.15
N GLY E 399 -3.13 -14.65 4.59
CA GLY E 399 -1.79 -15.18 4.54
C GLY E 399 -0.95 -14.83 5.75
N LYS E 400 -1.56 -14.36 6.83
CA LYS E 400 -0.84 -13.89 8.01
C LYS E 400 -1.18 -14.75 9.22
N GLN E 401 -0.28 -14.74 10.19
CA GLN E 401 -0.41 -15.55 11.40
C GLN E 401 -0.55 -14.64 12.61
N PHE E 402 -1.39 -15.06 13.56
CA PHE E 402 -1.71 -14.26 14.73
C PHE E 402 -1.88 -15.16 15.94
N LYS E 403 -1.95 -14.52 17.11
CA LYS E 403 -2.21 -15.20 18.38
C LYS E 403 -3.66 -14.97 18.80
N SER E 404 -4.36 -16.06 19.09
CA SER E 404 -5.77 -16.01 19.45
C SER E 404 -5.93 -16.40 20.92
N TYR E 405 -6.74 -15.63 21.63
CA TYR E 405 -6.98 -15.85 23.05
C TYR E 405 -8.36 -16.45 23.30
N ARG E 427 -11.17 -8.18 32.76
CA ARG E 427 -11.30 -6.76 33.03
C ARG E 427 -11.62 -6.50 34.50
N TYR E 428 -12.12 -7.54 35.17
CA TYR E 428 -12.47 -7.40 36.58
C TYR E 428 -11.22 -7.28 37.45
N PHE E 429 -10.15 -7.99 37.10
CA PHE E 429 -8.96 -8.05 37.93
C PHE E 429 -8.00 -6.90 37.71
N GLN E 430 -8.17 -6.14 36.62
CA GLN E 430 -7.34 -4.97 36.36
C GLN E 430 -8.01 -3.75 37.00
N ASP E 431 -7.84 -3.62 38.31
CA ASP E 431 -8.46 -2.58 39.10
C ASP E 431 -7.66 -1.29 39.13
N ASP E 432 -6.48 -1.25 38.52
CA ASP E 432 -5.66 -0.05 38.51
C ASP E 432 -6.42 1.09 37.85
N VAL E 433 -6.71 2.14 38.63
CA VAL E 433 -7.55 3.23 38.14
C VAL E 433 -6.88 4.01 37.02
N LEU E 434 -5.55 4.11 37.04
CA LEU E 434 -4.83 4.95 36.10
C LEU E 434 -4.25 4.17 34.92
N SER E 435 -4.59 2.90 34.78
CA SER E 435 -4.05 2.10 33.68
C SER E 435 -4.66 2.54 32.35
N GLU E 436 -3.96 2.21 31.27
CA GLU E 436 -4.36 2.67 29.94
C GLU E 436 -5.70 2.08 29.49
N ASP E 437 -6.05 0.89 29.99
CA ASP E 437 -7.31 0.29 29.59
C ASP E 437 -8.51 1.13 30.01
N LYS E 438 -8.38 1.91 31.09
CA LYS E 438 -9.43 2.83 31.47
C LYS E 438 -9.52 4.04 30.54
N LEU E 439 -8.46 4.34 29.81
CA LEU E 439 -8.41 5.55 28.98
C LEU E 439 -8.87 5.30 27.54
N VAL E 440 -8.61 4.12 27.00
CA VAL E 440 -8.96 3.81 25.62
C VAL E 440 -10.48 3.72 25.49
N PRO E 441 -11.06 4.13 24.35
CA PRO E 441 -12.53 4.12 24.23
C PRO E 441 -13.14 2.74 24.39
N GLU E 442 -12.46 1.69 23.93
CA GLU E 442 -13.01 0.35 24.00
C GLU E 442 -11.90 -0.70 24.01
N ARG E 447 -6.19 -8.93 16.90
CA ARG E 447 -5.33 -10.10 16.90
C ARG E 447 -3.85 -9.71 16.96
N VAL E 448 -3.17 -10.15 18.00
CA VAL E 448 -1.76 -9.85 18.20
C VAL E 448 -0.94 -10.57 17.12
N PRO E 449 -0.16 -9.84 16.32
CA PRO E 449 0.62 -10.51 15.27
C PRO E 449 1.65 -11.47 15.85
N PHE E 450 1.85 -12.58 15.13
CA PHE E 450 2.87 -13.54 15.51
C PHE E 450 4.25 -12.93 15.35
N ARG E 451 5.14 -13.19 16.32
CA ARG E 451 6.47 -12.60 16.36
C ARG E 451 7.59 -13.61 16.34
N GLY E 452 7.31 -14.88 16.06
CA GLY E 452 8.34 -15.89 15.99
C GLY E 452 8.74 -16.42 17.36
N PRO E 453 9.76 -17.28 17.39
CA PRO E 453 10.19 -17.86 18.66
C PRO E 453 10.89 -16.84 19.56
N LEU E 454 10.81 -17.09 20.86
CA LEU E 454 11.44 -16.20 21.83
C LEU E 454 12.96 -16.21 21.69
N GLY E 455 13.53 -17.36 21.34
CA GLY E 455 14.98 -17.47 21.25
C GLY E 455 15.59 -16.51 20.26
N THR E 456 14.96 -16.34 19.10
CA THR E 456 15.46 -15.43 18.09
C THR E 456 15.47 -13.99 18.60
N VAL E 457 14.37 -13.59 19.25
CA VAL E 457 14.27 -12.22 19.79
C VAL E 457 15.34 -11.98 20.84
N ILE E 458 15.50 -12.95 21.76
CA ILE E 458 16.48 -12.78 22.82
C ILE E 458 17.90 -12.76 22.24
N HIS E 459 18.16 -13.60 21.23
CA HIS E 459 19.47 -13.61 20.60
C HIS E 459 19.78 -12.28 19.94
N GLN E 460 18.80 -11.70 19.24
CA GLN E 460 19.03 -10.41 18.58
C GLN E 460 19.28 -9.31 19.61
N LEU E 461 18.45 -9.28 20.67
CA LEU E 461 18.64 -8.24 21.70
C LEU E 461 19.99 -8.38 22.39
N THR E 462 20.37 -9.61 22.72
CA THR E 462 21.65 -9.84 23.40
C THR E 462 22.82 -9.50 22.48
N GLY E 463 22.70 -9.80 21.19
CA GLY E 463 23.75 -9.43 20.25
C GLY E 463 23.93 -7.93 20.14
N GLY E 464 22.82 -7.19 20.06
CA GLY E 464 22.92 -5.74 20.06
C GLY E 464 23.55 -5.20 21.33
N LEU E 465 23.15 -5.73 22.48
CA LEU E 465 23.74 -5.31 23.75
C LEU E 465 25.24 -5.58 23.78
N ARG E 466 25.65 -6.76 23.32
CA ARG E 466 27.07 -7.12 23.31
C ARG E 466 27.85 -6.22 22.37
N ALA E 467 27.27 -5.87 21.22
CA ALA E 467 27.93 -4.94 20.30
C ALA E 467 28.11 -3.57 20.96
N ALA E 468 27.08 -3.09 21.66
CA ALA E 468 27.20 -1.81 22.35
C ALA E 468 28.28 -1.87 23.43
N MET E 469 28.36 -2.98 24.16
CA MET E 469 29.40 -3.14 25.17
C MET E 469 30.78 -3.15 24.54
N GLY E 470 30.91 -3.79 23.38
CA GLY E 470 32.19 -3.78 22.68
C GLY E 470 32.57 -2.38 22.21
N TYR E 471 31.60 -1.63 21.69
CA TYR E 471 31.87 -0.27 21.24
C TYR E 471 32.27 0.64 22.38
N THR E 472 31.57 0.55 23.51
CA THR E 472 31.83 1.44 24.64
C THR E 472 32.96 0.96 25.54
N GLY E 473 33.53 -0.21 25.26
CA GLY E 473 34.57 -0.74 26.12
C GLY E 473 34.10 -1.16 27.48
N SER E 474 32.89 -1.68 27.59
CA SER E 474 32.30 -2.08 28.85
C SER E 474 32.48 -3.59 29.01
N ALA E 475 33.32 -3.99 29.96
CA ALA E 475 33.49 -5.42 30.24
C ALA E 475 32.27 -5.99 30.95
N THR E 476 31.56 -5.19 31.73
CA THR E 476 30.37 -5.61 32.45
C THR E 476 29.28 -4.57 32.29
N ILE E 477 28.08 -4.92 32.78
CA ILE E 477 26.94 -4.00 32.73
C ILE E 477 27.21 -2.78 33.61
N GLU E 478 27.88 -2.99 34.74
CA GLU E 478 28.24 -1.87 35.61
C GLU E 478 29.13 -0.86 34.89
N GLN E 479 30.05 -1.35 34.04
CA GLN E 479 30.85 -0.45 33.23
C GLN E 479 30.01 0.22 32.15
N LEU E 480 29.00 -0.48 31.62
CA LEU E 480 28.13 0.13 30.62
C LEU E 480 27.30 1.26 31.22
N GLN E 481 26.96 1.15 32.51
CA GLN E 481 26.20 2.21 33.17
C GLN E 481 26.99 3.50 33.30
N GLN E 482 28.29 3.48 33.05
CA GLN E 482 29.13 4.67 33.09
C GLN E 482 29.40 5.28 31.73
N ALA E 483 28.81 4.73 30.67
CA ALA E 483 29.06 5.21 29.32
C ALA E 483 28.44 6.59 29.10
N GLN E 484 28.98 7.32 28.13
CA GLN E 484 28.54 8.68 27.83
C GLN E 484 27.63 8.70 26.61
N PHE E 485 26.75 9.69 26.57
CA PHE E 485 25.82 9.89 25.48
C PHE E 485 26.22 11.10 24.64
N VAL E 486 25.86 11.05 23.36
CA VAL E 486 25.86 12.20 22.48
C VAL E 486 24.42 12.49 22.08
N GLN E 487 24.01 13.74 22.23
CA GLN E 487 22.67 14.14 21.84
C GLN E 487 22.64 14.53 20.37
N ILE E 488 21.65 14.02 19.64
CA ILE E 488 21.54 14.25 18.22
C ILE E 488 20.35 15.19 17.98
N THR E 489 20.43 15.95 16.89
CA THR E 489 19.38 16.87 16.52
C THR E 489 18.28 16.15 15.75
N ALA E 490 17.27 16.91 15.31
CA ALA E 490 16.20 16.34 14.52
C ALA E 490 16.70 15.81 13.18
N ALA E 491 17.74 16.44 12.62
CA ALA E 491 18.29 15.98 11.36
C ALA E 491 18.87 14.58 11.46
N GLY E 492 19.24 14.14 12.65
CA GLY E 492 19.71 12.79 12.88
C GLY E 492 18.62 11.75 12.97
N LEU E 493 17.36 12.16 12.90
CA LEU E 493 16.24 11.24 12.91
C LEU E 493 15.71 10.92 11.52
N LYS E 494 16.06 11.73 10.52
CA LYS E 494 15.39 11.67 9.24
C LYS E 494 15.79 10.42 8.46
N GLU E 495 14.81 9.80 7.81
CA GLU E 495 15.04 8.63 6.98
C GLU E 495 15.82 9.01 5.73
N VAL F 12 20.26 22.98 40.08
CA VAL F 12 21.49 22.24 40.38
C VAL F 12 21.67 21.00 39.47
N PRO F 13 20.67 20.10 39.41
CA PRO F 13 20.84 18.91 38.58
C PRO F 13 20.85 19.25 37.10
N VAL F 14 21.30 18.28 36.31
CA VAL F 14 21.41 18.46 34.86
C VAL F 14 20.03 18.69 34.27
N PRO F 15 19.85 19.65 33.37
CA PRO F 15 18.51 19.89 32.80
C PRO F 15 17.95 18.72 32.01
N THR F 16 18.77 17.78 31.56
CA THR F 16 18.28 16.62 30.82
C THR F 16 18.25 15.36 31.69
N GLY F 17 18.40 15.49 32.98
CA GLY F 17 18.29 14.37 33.89
C GLY F 17 19.62 14.05 34.55
N GLY F 18 19.54 13.58 35.80
CA GLY F 18 20.71 13.19 36.54
C GLY F 18 21.48 14.36 37.13
N ASP F 19 22.62 14.03 37.72
CA ASP F 19 23.51 15.01 38.33
C ASP F 19 24.84 15.14 37.62
N ASP F 20 25.19 14.21 36.74
CA ASP F 20 26.47 14.24 36.04
C ASP F 20 26.33 15.13 34.80
N PRO F 21 27.02 16.28 34.74
CA PRO F 21 26.87 17.16 33.58
C PRO F 21 27.53 16.64 32.31
N THR F 22 28.46 15.70 32.42
CA THR F 22 29.12 15.12 31.26
C THR F 22 28.50 13.80 30.83
N LYS F 23 27.37 13.41 31.42
CA LYS F 23 26.68 12.20 30.97
C LYS F 23 26.26 12.33 29.51
N VAL F 24 25.65 13.46 29.15
CA VAL F 24 25.44 13.82 27.76
C VAL F 24 26.62 14.71 27.38
N ALA F 25 27.62 14.11 26.73
CA ALA F 25 28.90 14.81 26.53
C ALA F 25 28.77 15.98 25.57
N MET F 26 27.97 15.83 24.51
CA MET F 26 27.96 16.84 23.45
C MET F 26 26.65 16.78 22.70
N LEU F 27 26.41 17.81 21.90
CA LEU F 27 25.30 17.83 20.94
C LEU F 27 25.91 17.62 19.56
N GLY F 28 25.65 16.45 18.98
CA GLY F 28 26.25 16.10 17.71
C GLY F 28 25.54 16.73 16.53
N LEU F 29 26.32 17.33 15.63
CA LEU F 29 25.81 17.92 14.41
C LEU F 29 26.10 16.98 13.24
N THR F 30 25.09 16.75 12.41
CA THR F 30 25.25 15.99 11.18
C THR F 30 25.34 16.95 10.01
N PHE F 31 25.49 16.40 8.80
CA PHE F 31 25.60 17.24 7.62
C PHE F 31 24.35 18.08 7.40
N ASP F 32 23.18 17.50 7.63
CA ASP F 32 21.93 18.23 7.43
C ASP F 32 21.74 19.36 8.43
N ASP F 33 22.51 19.38 9.52
CA ASP F 33 22.40 20.41 10.53
C ASP F 33 23.04 21.73 10.12
N VAL F 34 24.00 21.71 9.20
CA VAL F 34 24.85 22.87 8.95
C VAL F 34 24.82 23.24 7.48
N LEU F 35 25.11 24.52 7.21
CA LEU F 35 25.34 25.02 5.87
C LEU F 35 26.61 25.88 5.88
N LEU F 36 27.22 26.01 4.70
CA LEU F 36 28.38 26.86 4.55
C LEU F 36 27.95 28.32 4.36
N LEU F 37 28.54 29.21 5.12
CA LEU F 37 28.25 30.63 4.99
C LEU F 37 29.05 31.23 3.82
N PRO F 38 28.40 31.96 2.92
CA PRO F 38 29.16 32.68 1.89
C PRO F 38 30.04 33.75 2.52
N ALA F 39 31.20 33.97 1.90
CA ALA F 39 32.16 34.95 2.39
C ALA F 39 32.72 35.72 1.21
N ALA F 40 33.60 36.68 1.49
CA ALA F 40 34.27 37.43 0.44
C ALA F 40 35.04 36.48 -0.46
N SER F 41 34.81 36.60 -1.77
CA SER F 41 35.30 35.59 -2.71
C SER F 41 35.86 36.28 -3.95
N ASP F 42 37.11 35.96 -4.27
CA ASP F 42 37.70 36.25 -5.57
C ASP F 42 38.03 34.96 -6.31
N VAL F 43 37.29 33.90 -6.03
CA VAL F 43 37.59 32.56 -6.50
C VAL F 43 36.53 32.15 -7.51
N VAL F 44 36.97 31.84 -8.72
CA VAL F 44 36.12 31.22 -9.73
C VAL F 44 36.15 29.71 -9.48
N PRO F 45 35.01 29.02 -9.54
CA PRO F 45 35.04 27.56 -9.36
C PRO F 45 35.96 26.84 -10.34
N ALA F 46 36.09 27.36 -11.56
CA ALA F 46 36.96 26.74 -12.55
C ALA F 46 38.42 26.75 -12.09
N THR F 47 38.87 27.85 -11.51
CA THR F 47 40.27 27.98 -11.10
C THR F 47 40.53 27.51 -9.68
N ALA F 48 39.51 27.02 -8.97
CA ALA F 48 39.71 26.54 -7.61
C ALA F 48 40.60 25.30 -7.61
N ASP F 49 41.57 25.30 -6.69
CA ASP F 49 42.52 24.18 -6.57
C ASP F 49 41.95 23.19 -5.55
N THR F 50 41.50 22.04 -6.03
CA THR F 50 40.91 21.02 -5.17
C THR F 50 41.92 20.01 -4.65
N SER F 51 43.20 20.20 -4.92
CA SER F 51 44.21 19.26 -4.43
C SER F 51 44.26 19.28 -2.91
N SER F 52 44.48 18.11 -2.32
CA SER F 52 44.49 17.98 -0.87
C SER F 52 45.36 16.80 -0.49
N GLN F 53 45.82 16.81 0.77
CA GLN F 53 46.67 15.75 1.29
C GLN F 53 45.84 14.56 1.71
N LEU F 54 46.08 13.40 1.08
CA LEU F 54 45.49 12.16 1.57
C LEU F 54 46.17 11.73 2.87
N THR F 55 47.49 11.61 2.84
CA THR F 55 48.28 11.35 4.04
C THR F 55 49.36 12.41 4.18
N LYS F 56 50.27 12.22 5.13
CA LYS F 56 51.34 13.19 5.33
C LYS F 56 52.20 13.34 4.09
N ARG F 57 52.34 12.28 3.30
CA ARG F 57 53.27 12.27 2.17
C ARG F 57 52.60 12.08 0.81
N ILE F 58 51.28 11.94 0.75
CA ILE F 58 50.57 11.71 -0.50
C ILE F 58 49.57 12.83 -0.70
N ARG F 59 49.65 13.49 -1.86
CA ARG F 59 48.72 14.54 -2.24
C ARG F 59 47.92 14.10 -3.46
N LEU F 60 46.61 14.30 -3.41
CA LEU F 60 45.71 13.93 -4.49
C LEU F 60 45.25 15.17 -5.25
N ARG F 61 44.97 14.97 -6.55
CA ARG F 61 44.40 16.06 -7.33
C ARG F 61 42.95 16.32 -6.95
N VAL F 62 42.20 15.27 -6.69
CA VAL F 62 40.80 15.35 -6.28
C VAL F 62 40.69 14.63 -4.94
N PRO F 63 40.16 15.26 -3.89
CA PRO F 63 40.21 14.66 -2.55
C PRO F 63 39.14 13.58 -2.33
N LEU F 64 39.11 12.59 -3.22
CA LEU F 64 38.09 11.54 -3.16
C LEU F 64 38.78 10.19 -3.12
N VAL F 65 38.42 9.38 -2.12
CA VAL F 65 38.93 8.02 -1.97
C VAL F 65 37.78 7.03 -2.00
N SER F 66 37.92 5.96 -2.79
CA SER F 66 36.87 4.97 -2.90
C SER F 66 36.93 4.03 -1.69
N SER F 67 35.78 3.80 -1.06
CA SER F 67 35.72 2.96 0.14
C SER F 67 36.15 1.53 -0.16
N ALA F 68 36.85 0.93 0.80
CA ALA F 68 37.33 -0.45 0.69
C ALA F 68 36.25 -1.47 1.09
N MET F 69 35.17 -1.49 0.32
CA MET F 69 34.10 -2.45 0.54
C MET F 69 34.04 -3.41 -0.63
N ASP F 70 33.68 -4.67 -0.34
CA ASP F 70 33.65 -5.71 -1.37
C ASP F 70 32.82 -5.30 -2.57
N THR F 71 31.82 -4.44 -2.39
CA THR F 71 30.94 -4.01 -3.46
C THR F 71 31.37 -2.69 -4.10
N VAL F 72 32.53 -2.16 -3.73
CA VAL F 72 32.94 -0.84 -4.22
C VAL F 72 34.25 -0.89 -4.99
N THR F 73 35.33 -1.32 -4.34
CA THR F 73 36.67 -1.14 -4.89
C THR F 73 37.40 -2.46 -5.04
N GLU F 74 37.70 -2.83 -6.28
CA GLU F 74 38.80 -3.73 -6.61
C GLU F 74 39.52 -3.11 -7.79
N SER F 75 40.36 -3.91 -8.47
CA SER F 75 41.36 -3.37 -9.40
C SER F 75 40.77 -2.38 -10.39
N ARG F 76 39.61 -2.67 -10.96
CA ARG F 76 39.01 -1.76 -11.94
C ARG F 76 38.68 -0.41 -11.31
N MET F 77 37.99 -0.44 -10.17
CA MET F 77 37.63 0.79 -9.49
C MET F 77 38.86 1.55 -9.01
N ALA F 78 39.88 0.83 -8.53
CA ALA F 78 41.11 1.49 -8.09
C ALA F 78 41.80 2.19 -9.24
N ILE F 79 41.88 1.54 -10.40
CA ILE F 79 42.51 2.16 -11.57
C ILE F 79 41.72 3.40 -11.99
N ALA F 80 40.39 3.29 -12.04
CA ALA F 80 39.56 4.41 -12.43
C ALA F 80 39.72 5.59 -11.46
N MET F 81 39.75 5.30 -10.16
CA MET F 81 39.90 6.36 -9.17
C MET F 81 41.27 7.02 -9.26
N ALA F 82 42.32 6.22 -9.50
CA ALA F 82 43.65 6.79 -9.63
C ALA F 82 43.74 7.69 -10.87
N ARG F 83 43.13 7.27 -11.98
CA ARG F 83 43.15 8.09 -13.18
C ARG F 83 42.34 9.37 -13.01
N ALA F 84 41.26 9.30 -12.22
CA ALA F 84 40.40 10.45 -12.00
C ALA F 84 41.04 11.53 -11.15
N GLY F 85 42.20 11.27 -10.55
CA GLY F 85 42.85 12.21 -9.67
C GLY F 85 42.73 11.88 -8.20
N GLY F 86 41.91 10.89 -7.85
CA GLY F 86 41.77 10.42 -6.49
C GLY F 86 42.59 9.17 -6.25
N MET F 87 42.05 8.27 -5.43
CA MET F 87 42.69 6.99 -5.18
C MET F 87 41.62 6.00 -4.75
N GLY F 88 41.97 4.72 -4.82
CA GLY F 88 41.09 3.67 -4.35
C GLY F 88 41.80 2.80 -3.32
N VAL F 89 41.01 2.30 -2.37
CA VAL F 89 41.50 1.34 -1.38
C VAL F 89 40.88 -0.01 -1.67
N LEU F 90 41.72 -1.03 -1.77
CA LEU F 90 41.25 -2.38 -2.09
C LEU F 90 40.69 -3.07 -0.86
N HIS F 91 39.54 -3.71 -1.02
CA HIS F 91 38.89 -4.40 0.08
C HIS F 91 39.64 -5.69 0.43
N ARG F 92 39.32 -6.24 1.61
CA ARG F 92 40.02 -7.40 2.14
C ARG F 92 39.10 -8.60 2.38
N ASN F 93 37.90 -8.60 1.81
CA ASN F 93 37.03 -9.76 1.90
C ASN F 93 37.38 -10.81 0.86
N LEU F 94 38.64 -11.22 0.81
CA LEU F 94 39.14 -12.14 -0.19
C LEU F 94 40.51 -12.64 0.26
N PRO F 95 40.98 -13.76 -0.29
CA PRO F 95 42.27 -14.30 0.12
C PRO F 95 43.41 -13.32 -0.13
N VAL F 96 44.47 -13.47 0.67
CA VAL F 96 45.62 -12.56 0.60
C VAL F 96 46.21 -12.53 -0.79
N ALA F 97 46.36 -13.72 -1.41
CA ALA F 97 46.93 -13.79 -2.75
C ALA F 97 46.10 -13.02 -3.77
N GLU F 98 44.77 -13.09 -3.64
CA GLU F 98 43.92 -12.37 -4.59
C GLU F 98 44.05 -10.86 -4.42
N GLN F 99 44.11 -10.37 -3.18
CA GLN F 99 44.30 -8.94 -2.96
C GLN F 99 45.65 -8.48 -3.48
N ALA F 100 46.69 -9.28 -3.27
CA ALA F 100 48.00 -8.94 -3.81
C ALA F 100 47.97 -8.92 -5.35
N GLY F 101 47.25 -9.86 -5.95
CA GLY F 101 47.10 -9.85 -7.40
C GLY F 101 46.41 -8.60 -7.89
N GLN F 102 45.39 -8.15 -7.17
CA GLN F 102 44.71 -6.90 -7.55
C GLN F 102 45.64 -5.70 -7.40
N VAL F 103 46.44 -5.68 -6.33
CA VAL F 103 47.43 -4.62 -6.15
C VAL F 103 48.39 -4.60 -7.35
N GLU F 104 48.85 -5.78 -7.76
CA GLU F 104 49.79 -5.86 -8.88
C GLU F 104 49.12 -5.43 -10.18
N THR F 105 47.84 -5.79 -10.36
CA THR F 105 47.12 -5.35 -11.55
C THR F 105 47.02 -3.83 -11.61
N VAL F 106 46.74 -3.19 -10.46
CA VAL F 106 46.66 -1.74 -10.44
C VAL F 106 48.04 -1.13 -10.72
N LYS F 107 49.08 -1.65 -10.08
CA LYS F 107 50.41 -1.03 -10.20
C LYS F 107 50.98 -1.21 -11.60
N ARG F 108 50.78 -2.37 -12.21
CA ARG F 108 51.39 -2.67 -13.51
C ARG F 108 50.70 -1.96 -14.66
N SER F 109 49.46 -1.51 -14.47
CA SER F 109 48.71 -0.85 -15.54
C SER F 109 49.19 0.59 -15.73
N LYS F 231 49.92 9.23 -9.11
CA LYS F 231 51.02 8.36 -9.52
C LYS F 231 52.23 8.52 -8.60
N ASP F 232 52.99 7.44 -8.44
CA ASP F 232 54.15 7.45 -7.56
C ASP F 232 55.36 8.04 -8.30
N SER F 233 56.53 8.00 -7.65
CA SER F 233 57.74 8.52 -8.26
C SER F 233 58.19 7.71 -9.46
N ASP F 234 57.74 6.46 -9.57
CA ASP F 234 58.09 5.61 -10.70
C ASP F 234 57.06 5.67 -11.83
N GLY F 235 56.01 6.48 -11.67
CA GLY F 235 55.01 6.64 -12.71
C GLY F 235 53.89 5.62 -12.70
N ARG F 236 53.81 4.77 -11.69
CA ARG F 236 52.72 3.81 -11.58
C ARG F 236 51.57 4.43 -10.79
N LEU F 237 50.37 3.91 -11.05
CA LEU F 237 49.18 4.40 -10.36
C LEU F 237 49.26 4.08 -8.87
N LEU F 238 48.82 5.03 -8.04
CA LEU F 238 48.74 4.80 -6.61
C LEU F 238 47.53 3.95 -6.26
N VAL F 239 47.68 3.13 -5.22
CA VAL F 239 46.60 2.28 -4.73
C VAL F 239 46.80 2.04 -3.25
N GLY F 240 45.70 1.88 -2.54
CA GLY F 240 45.73 1.50 -1.13
C GLY F 240 45.02 0.19 -0.89
N ALA F 241 45.26 -0.42 0.27
CA ALA F 241 44.62 -1.69 0.59
C ALA F 241 44.31 -1.76 2.07
N ALA F 242 43.16 -2.35 2.38
CA ALA F 242 42.71 -2.51 3.76
C ALA F 242 43.28 -3.78 4.36
N VAL F 243 43.60 -3.73 5.65
CA VAL F 243 44.02 -4.89 6.42
C VAL F 243 43.24 -4.88 7.73
N GLY F 244 43.16 -6.05 8.35
CA GLY F 244 42.52 -6.23 9.63
C GLY F 244 43.49 -6.20 10.78
N VAL F 245 43.21 -6.99 11.81
CA VAL F 245 44.07 -7.14 12.97
C VAL F 245 44.35 -8.62 13.20
N GLY F 246 45.52 -8.90 13.75
CA GLY F 246 45.96 -10.25 13.99
C GLY F 246 47.21 -10.61 13.20
N ASP F 247 47.63 -11.86 13.38
CA ASP F 247 48.82 -12.35 12.69
C ASP F 247 48.56 -12.56 11.20
N ASP F 248 47.39 -13.08 10.86
CA ASP F 248 47.02 -13.20 9.44
C ASP F 248 46.95 -11.83 8.79
N ALA F 249 46.50 -10.82 9.54
CA ALA F 249 46.53 -9.45 9.02
C ALA F 249 47.96 -9.00 8.77
N TRP F 250 48.89 -9.36 9.65
CA TRP F 250 50.29 -9.01 9.41
C TRP F 250 50.83 -9.68 8.16
N THR F 251 50.50 -10.96 7.96
CA THR F 251 50.94 -11.64 6.74
C THR F 251 50.35 -10.98 5.50
N ARG F 252 49.06 -10.64 5.56
CA ARG F 252 48.42 -9.95 4.45
C ARG F 252 49.10 -8.62 4.16
N ALA F 253 49.42 -7.86 5.20
CA ALA F 253 50.07 -6.57 5.01
C ALA F 253 51.45 -6.73 4.39
N MET F 254 52.22 -7.71 4.85
CA MET F 254 53.55 -7.92 4.29
C MET F 254 53.46 -8.32 2.82
N THR F 255 52.50 -9.19 2.49
CA THR F 255 52.31 -9.56 1.08
C THR F 255 51.91 -8.36 0.23
N LEU F 256 51.01 -7.52 0.75
CA LEU F 256 50.58 -6.35 -0.01
C LEU F 256 51.72 -5.36 -0.21
N VAL F 257 52.55 -5.16 0.81
CA VAL F 257 53.71 -4.28 0.65
C VAL F 257 54.69 -4.86 -0.36
N ASP F 258 54.86 -6.20 -0.35
CA ASP F 258 55.70 -6.83 -1.36
C ASP F 258 55.14 -6.59 -2.75
N ALA F 259 53.81 -6.62 -2.90
CA ALA F 259 53.18 -6.37 -4.19
C ALA F 259 53.26 -4.92 -4.62
N GLY F 260 53.70 -4.01 -3.75
CA GLY F 260 53.90 -2.63 -4.11
C GLY F 260 52.78 -1.69 -3.76
N VAL F 261 52.04 -1.95 -2.67
CA VAL F 261 50.97 -1.05 -2.25
C VAL F 261 51.57 0.27 -1.76
N ASP F 262 50.81 1.35 -1.91
CA ASP F 262 51.23 2.66 -1.44
C ASP F 262 50.67 3.01 -0.08
N VAL F 263 49.43 2.62 0.21
CA VAL F 263 48.78 2.95 1.47
C VAL F 263 48.25 1.64 2.08
N LEU F 264 48.53 1.45 3.36
CA LEU F 264 47.91 0.39 4.15
C LEU F 264 46.94 1.05 5.11
N ILE F 265 45.70 0.58 5.11
CA ILE F 265 44.67 1.12 6.00
C ILE F 265 44.30 0.02 6.98
N VAL F 266 44.61 0.22 8.26
CA VAL F 266 44.15 -0.70 9.28
C VAL F 266 42.69 -0.33 9.57
N ASP F 267 41.79 -0.96 8.83
CA ASP F 267 40.38 -0.58 8.77
C ASP F 267 39.59 -1.41 9.78
N THR F 268 39.00 -0.73 10.75
CA THR F 268 38.21 -1.37 11.79
C THR F 268 36.98 -0.52 12.06
N ALA F 269 35.90 -1.17 12.47
CA ALA F 269 34.70 -0.42 12.85
C ALA F 269 34.97 0.46 14.06
N HIS F 270 35.86 0.02 14.96
CA HIS F 270 36.15 0.75 16.19
C HIS F 270 37.66 0.71 16.39
N ALA F 271 38.34 1.79 16.02
CA ALA F 271 39.80 1.83 16.06
C ALA F 271 40.35 2.19 17.42
N HIS F 272 39.51 2.65 18.35
CA HIS F 272 39.96 2.96 19.71
C HIS F 272 40.10 1.67 20.52
N ASN F 273 40.99 0.81 20.03
CA ASN F 273 41.24 -0.51 20.59
C ASN F 273 42.75 -0.75 20.58
N ARG F 274 43.24 -1.40 21.63
CA ARG F 274 44.69 -1.57 21.76
C ARG F 274 45.27 -2.40 20.61
N GLY F 275 44.49 -3.35 20.08
CA GLY F 275 44.98 -4.15 18.97
C GLY F 275 45.22 -3.33 17.72
N VAL F 276 44.28 -2.45 17.37
CA VAL F 276 44.44 -1.59 16.20
C VAL F 276 45.62 -0.65 16.37
N LEU F 277 45.77 -0.07 17.56
CA LEU F 277 46.90 0.82 17.81
C LEU F 277 48.23 0.08 17.72
N ASP F 278 48.29 -1.14 18.26
CA ASP F 278 49.51 -1.93 18.18
C ASP F 278 49.82 -2.30 16.73
N MET F 279 48.79 -2.64 15.95
CA MET F 279 49.01 -2.96 14.54
C MET F 279 49.53 -1.75 13.79
N VAL F 280 48.96 -0.57 14.05
CA VAL F 280 49.42 0.64 13.38
C VAL F 280 50.87 0.93 13.75
N SER F 281 51.22 0.77 15.04
CA SER F 281 52.59 1.00 15.47
C SER F 281 53.56 0.01 14.82
N ARG F 282 53.18 -1.27 14.76
CA ARG F 282 54.05 -2.27 14.15
C ARG F 282 54.27 -2.01 12.67
N LEU F 283 53.19 -1.65 11.95
CA LEU F 283 53.34 -1.34 10.53
C LEU F 283 54.19 -0.11 10.33
N LYS F 284 54.02 0.90 11.19
CA LYS F 284 54.85 2.10 11.09
C LYS F 284 56.32 1.78 11.31
N GLN F 285 56.63 0.91 12.27
CA GLN F 285 58.01 0.53 12.52
C GLN F 285 58.58 -0.29 11.37
N ALA F 286 57.77 -1.20 10.80
CA ALA F 286 58.29 -2.12 9.80
C ALA F 286 58.41 -1.47 8.43
N VAL F 287 57.30 -0.98 7.89
CA VAL F 287 57.25 -0.51 6.50
C VAL F 287 56.83 0.94 6.45
N GLY F 288 57.12 1.71 7.51
CA GLY F 288 56.75 3.11 7.53
C GLY F 288 57.58 3.97 6.59
N GLU F 289 58.79 3.52 6.25
CA GLU F 289 59.65 4.31 5.38
C GLU F 289 59.20 4.27 3.93
N ARG F 290 58.40 3.28 3.54
CA ARG F 290 58.00 3.11 2.15
C ARG F 290 56.50 3.25 1.91
N VAL F 291 55.65 2.88 2.87
CA VAL F 291 54.21 2.98 2.70
C VAL F 291 53.63 3.81 3.84
N ASP F 292 52.49 4.42 3.57
CA ASP F 292 51.78 5.21 4.57
C ASP F 292 50.74 4.36 5.27
N VAL F 293 50.61 4.54 6.59
CA VAL F 293 49.71 3.75 7.41
C VAL F 293 48.57 4.65 7.89
N VAL F 294 47.35 4.25 7.60
CA VAL F 294 46.15 5.00 7.95
C VAL F 294 45.39 4.23 9.03
N GLY F 295 44.98 4.93 10.08
CA GLY F 295 44.24 4.31 11.14
C GLY F 295 42.76 4.12 10.83
N GLY F 296 42.13 3.21 11.57
CA GLY F 296 40.76 2.86 11.33
C GLY F 296 39.80 3.95 11.77
N ASN F 297 38.51 3.61 11.73
CA ASN F 297 37.46 4.59 11.94
C ASN F 297 37.36 4.97 13.42
N VAL F 298 37.49 6.27 13.68
CA VAL F 298 37.29 6.84 15.01
C VAL F 298 36.16 7.86 14.93
N ALA F 299 35.69 8.29 16.10
CA ALA F 299 34.66 9.30 16.18
C ALA F 299 34.89 10.35 17.26
N THR F 300 35.96 10.23 18.06
CA THR F 300 36.19 11.12 19.18
C THR F 300 37.59 11.72 19.09
N ARG F 301 37.79 12.79 19.86
CA ARG F 301 39.09 13.42 19.91
C ARG F 301 40.13 12.50 20.54
N ALA F 302 39.74 11.77 21.59
CA ALA F 302 40.69 10.89 22.27
C ALA F 302 41.16 9.77 21.35
N ALA F 303 40.24 9.17 20.58
CA ALA F 303 40.60 8.10 19.67
C ALA F 303 41.55 8.59 18.59
N ALA F 304 41.28 9.77 18.03
CA ALA F 304 42.16 10.34 17.02
C ALA F 304 43.53 10.65 17.60
N ALA F 305 43.57 11.18 18.82
CA ALA F 305 44.85 11.44 19.48
C ALA F 305 45.62 10.15 19.71
N ALA F 306 44.93 9.07 20.09
CA ALA F 306 45.60 7.79 20.27
C ALA F 306 46.18 7.28 18.95
N LEU F 307 45.43 7.44 17.86
CA LEU F 307 45.93 7.01 16.56
C LEU F 307 47.15 7.84 16.14
N VAL F 308 47.10 9.15 16.39
CA VAL F 308 48.25 10.00 16.04
C VAL F 308 49.47 9.60 16.86
N GLU F 309 49.27 9.35 18.16
CA GLU F 309 50.36 8.91 19.00
C GLU F 309 50.94 7.57 18.53
N ALA F 310 50.07 6.69 18.02
CA ALA F 310 50.54 5.41 17.52
C ALA F 310 51.30 5.51 16.21
N GLY F 311 51.22 6.64 15.51
CA GLY F 311 51.95 6.83 14.29
C GLY F 311 51.14 6.73 13.01
N ALA F 312 49.82 6.91 13.07
CA ALA F 312 49.01 6.89 11.87
C ALA F 312 49.32 8.11 11.00
N ASP F 313 49.52 7.87 9.70
CA ASP F 313 49.78 8.95 8.76
C ASP F 313 48.50 9.65 8.33
N ALA F 314 47.35 9.03 8.53
CA ALA F 314 46.06 9.68 8.32
C ALA F 314 45.05 9.00 9.25
N VAL F 315 44.04 9.77 9.64
CA VAL F 315 43.02 9.29 10.57
C VAL F 315 41.68 9.27 9.86
N LYS F 316 41.05 8.10 9.81
CA LYS F 316 39.75 7.94 9.19
C LYS F 316 38.65 8.08 10.23
N VAL F 317 37.64 8.87 9.93
CA VAL F 317 36.69 9.34 10.92
C VAL F 317 35.29 8.92 10.53
N GLY F 318 34.57 8.32 11.47
CA GLY F 318 33.16 7.99 11.33
C GLY F 318 32.81 6.65 11.93
N VAL F 319 31.87 6.66 12.87
CA VAL F 319 31.36 5.47 13.54
C VAL F 319 29.85 5.64 13.66
N GLY F 320 29.10 4.84 12.92
CA GLY F 320 27.67 5.02 12.81
C GLY F 320 27.29 6.43 12.42
N PRO F 321 27.76 6.90 11.25
CA PRO F 321 27.49 8.29 10.86
C PRO F 321 26.11 8.49 10.25
N GLY F 322 25.54 7.46 9.63
CA GLY F 322 24.25 7.60 9.00
C GLY F 322 23.12 7.65 10.00
N SER F 323 21.99 8.23 9.56
CA SER F 323 20.84 8.37 10.45
C SER F 323 20.16 7.02 10.68
N ILE F 324 19.96 6.25 9.63
CA ILE F 324 19.29 4.96 9.71
C ILE F 324 20.32 3.84 9.83
N CYS F 325 21.53 4.16 10.26
CA CYS F 325 22.65 3.24 10.29
C CYS F 325 22.34 2.01 11.14
N THR F 326 22.84 0.85 10.69
CA THR F 326 22.61 -0.39 11.42
C THR F 326 23.26 -0.34 12.81
N THR F 327 24.44 0.27 12.90
CA THR F 327 25.10 0.38 14.20
C THR F 327 24.24 1.15 15.19
N ARG F 328 23.59 2.22 14.73
CA ARG F 328 22.75 3.02 15.61
C ARG F 328 21.51 2.26 16.05
N VAL F 329 20.87 1.55 15.13
CA VAL F 329 19.61 0.89 15.44
C VAL F 329 19.84 -0.34 16.31
N VAL F 330 20.83 -1.15 15.96
CA VAL F 330 21.05 -2.41 16.64
C VAL F 330 21.84 -2.21 17.93
N ALA F 331 22.92 -1.42 17.88
CA ALA F 331 23.78 -1.26 19.04
C ALA F 331 23.55 0.04 19.81
N GLY F 332 22.81 0.98 19.25
CA GLY F 332 22.66 2.26 19.91
C GLY F 332 23.91 3.12 19.93
N VAL F 333 24.86 2.82 19.04
CA VAL F 333 26.15 3.49 19.01
C VAL F 333 26.25 4.31 17.74
N GLY F 334 26.75 5.53 17.85
CA GLY F 334 26.96 6.37 16.69
C GLY F 334 27.49 7.72 17.12
N ALA F 335 27.85 8.51 16.10
CA ALA F 335 28.31 9.86 16.33
C ALA F 335 27.98 10.66 15.08
N PRO F 336 27.28 11.79 15.21
CA PRO F 336 27.05 12.65 14.05
C PRO F 336 28.37 13.10 13.44
N GLN F 337 28.43 13.13 12.12
CA GLN F 337 29.71 13.17 11.42
C GLN F 337 30.39 14.51 11.48
N ILE F 338 29.65 15.62 11.46
CA ILE F 338 30.29 16.94 11.52
C ILE F 338 31.02 17.13 12.83
N THR F 339 30.36 16.77 13.94
CA THR F 339 31.00 16.88 15.25
C THR F 339 32.19 15.95 15.37
N ALA F 340 32.06 14.73 14.86
CA ALA F 340 33.17 13.79 14.90
C ALA F 340 34.37 14.31 14.12
N ILE F 341 34.12 14.88 12.94
CA ILE F 341 35.21 15.44 12.15
C ILE F 341 35.85 16.62 12.88
N LEU F 342 35.04 17.49 13.48
CA LEU F 342 35.60 18.63 14.20
C LEU F 342 36.48 18.18 15.36
N GLU F 343 36.02 17.19 16.13
CA GLU F 343 36.82 16.70 17.25
C GLU F 343 38.10 16.01 16.78
N ALA F 344 38.01 15.16 15.75
CA ALA F 344 39.19 14.48 15.25
C ALA F 344 40.19 15.47 14.67
N VAL F 345 39.71 16.52 14.01
CA VAL F 345 40.60 17.55 13.50
C VAL F 345 41.26 18.29 14.65
N ALA F 346 40.50 18.58 15.71
CA ALA F 346 41.10 19.18 16.90
C ALA F 346 42.24 18.32 17.42
N ALA F 347 42.10 16.99 17.33
CA ALA F 347 43.18 16.12 17.78
C ALA F 347 44.35 16.06 16.78
N CYS F 348 44.06 16.10 15.48
CA CYS F 348 45.05 15.76 14.46
C CYS F 348 45.75 16.94 13.82
N LYS F 349 45.09 18.09 13.71
CA LYS F 349 45.64 19.23 12.98
C LYS F 349 46.98 19.72 13.53
N PRO F 350 47.20 19.85 14.84
CA PRO F 350 48.51 20.31 15.31
C PRO F 350 49.66 19.41 14.90
N TYR F 351 49.39 18.13 14.64
CA TYR F 351 50.41 17.17 14.22
C TYR F 351 50.48 17.01 12.71
N GLY F 352 49.68 17.76 11.96
CA GLY F 352 49.70 17.67 10.52
C GLY F 352 49.16 16.38 9.95
N VAL F 353 48.30 15.68 10.68
CA VAL F 353 47.77 14.39 10.27
C VAL F 353 46.47 14.64 9.50
N PRO F 354 46.39 14.27 8.23
CA PRO F 354 45.14 14.47 7.48
C PRO F 354 44.01 13.61 8.03
N VAL F 355 42.79 14.09 7.80
CA VAL F 355 41.58 13.42 8.23
C VAL F 355 40.77 13.00 7.01
N ILE F 356 40.37 11.73 6.98
CA ILE F 356 39.56 11.16 5.92
C ILE F 356 38.17 10.96 6.49
N ALA F 357 37.19 11.71 6.00
CA ALA F 357 35.82 11.58 6.45
C ALA F 357 35.19 10.39 5.74
N ASP F 358 34.79 9.36 6.48
CA ASP F 358 34.24 8.14 5.91
C ASP F 358 32.86 7.89 6.48
N GLY F 359 31.84 7.95 5.63
CA GLY F 359 30.49 7.61 6.02
C GLY F 359 29.61 8.84 6.16
N GLY F 360 28.30 8.61 5.99
CA GLY F 360 27.29 9.62 6.18
C GLY F 360 27.06 10.54 5.00
N LEU F 361 27.81 10.40 3.92
CA LEU F 361 27.70 11.31 2.79
C LEU F 361 26.53 10.94 1.89
N GLN F 362 25.77 11.94 1.48
CA GLN F 362 24.61 11.76 0.62
C GLN F 362 24.68 12.59 -0.65
N TYR F 363 25.25 13.80 -0.58
CA TYR F 363 25.31 14.71 -1.71
C TYR F 363 26.70 15.33 -1.76
N SER F 364 26.96 16.06 -2.86
CA SER F 364 28.24 16.75 -2.99
C SER F 364 28.37 17.87 -1.96
N GLY F 365 27.25 18.47 -1.58
CA GLY F 365 27.28 19.47 -0.51
C GLY F 365 27.81 18.90 0.79
N ASP F 366 27.53 17.62 1.05
CA ASP F 366 28.11 16.96 2.21
C ASP F 366 29.62 16.84 2.09
N ILE F 367 30.13 16.58 0.88
CA ILE F 367 31.58 16.58 0.67
C ILE F 367 32.16 17.94 1.00
N ALA F 368 31.52 19.01 0.53
CA ALA F 368 31.99 20.35 0.82
C ALA F 368 31.98 20.64 2.31
N LYS F 369 30.90 20.24 3.00
CA LYS F 369 30.81 20.45 4.43
C LYS F 369 31.88 19.68 5.19
N ALA F 370 32.09 18.42 4.80
CA ALA F 370 33.09 17.59 5.47
C ALA F 370 34.49 18.17 5.31
N LEU F 371 34.82 18.62 4.10
CA LEU F 371 36.12 19.26 3.91
C LEU F 371 36.22 20.56 4.69
N ALA F 372 35.13 21.34 4.74
CA ALA F 372 35.16 22.59 5.48
C ALA F 372 35.19 22.34 6.99
N ALA F 373 34.68 21.22 7.45
CA ALA F 373 34.73 20.89 8.88
C ALA F 373 36.14 20.59 9.35
N GLY F 374 37.09 20.43 8.43
CA GLY F 374 38.47 20.17 8.78
C GLY F 374 39.06 18.93 8.13
N ALA F 375 38.24 18.06 7.55
CA ALA F 375 38.78 16.86 6.91
C ALA F 375 39.55 17.23 5.66
N SER F 376 40.57 16.43 5.36
CA SER F 376 41.37 16.63 4.16
C SER F 376 40.84 15.86 2.96
N THR F 377 40.31 14.66 3.18
CA THR F 377 39.75 13.88 2.08
C THR F 377 38.44 13.24 2.52
N ALA F 378 37.62 12.89 1.53
CA ALA F 378 36.36 12.21 1.78
C ALA F 378 36.38 10.84 1.11
N MET F 379 35.95 9.82 1.86
CA MET F 379 35.90 8.45 1.36
C MET F 379 34.49 8.15 0.86
N LEU F 380 34.39 7.68 -0.38
CA LEU F 380 33.12 7.47 -1.03
C LEU F 380 32.76 5.99 -0.97
N GLY F 381 31.59 5.70 -0.41
CA GLY F 381 31.15 4.35 -0.20
C GLY F 381 29.96 3.94 -1.07
N SER F 382 28.76 4.04 -0.51
CA SER F 382 27.56 3.62 -1.22
C SER F 382 27.32 4.44 -2.47
N LEU F 383 27.89 5.64 -2.58
CA LEU F 383 27.73 6.44 -3.79
C LEU F 383 28.39 5.78 -4.98
N LEU F 384 29.44 4.98 -4.76
CA LEU F 384 30.15 4.30 -5.82
C LEU F 384 29.79 2.82 -5.95
N ALA F 385 28.85 2.33 -5.14
CA ALA F 385 28.58 0.89 -5.10
C ALA F 385 28.04 0.38 -6.43
N GLY F 386 27.12 1.10 -7.05
CA GLY F 386 26.51 0.64 -8.27
C GLY F 386 27.15 1.09 -9.56
N THR F 387 28.27 1.81 -9.48
CA THR F 387 28.89 2.32 -10.69
C THR F 387 29.51 1.19 -11.50
N ALA F 388 29.74 1.46 -12.79
CA ALA F 388 30.23 0.44 -13.70
C ALA F 388 31.60 -0.08 -13.28
N GLU F 389 32.47 0.82 -12.80
CA GLU F 389 33.81 0.42 -12.39
C GLU F 389 33.80 -0.44 -11.13
N SER F 390 32.70 -0.45 -10.38
CA SER F 390 32.63 -1.27 -9.19
C SER F 390 32.50 -2.74 -9.57
N PRO F 391 32.86 -3.65 -8.65
CA PRO F 391 32.78 -5.08 -8.97
C PRO F 391 31.35 -5.54 -9.24
N GLY F 392 31.25 -6.71 -9.86
CA GLY F 392 29.96 -7.29 -10.19
C GLY F 392 29.69 -7.21 -11.69
N GLU F 393 28.73 -8.03 -12.12
CA GLU F 393 28.28 -8.06 -13.50
C GLU F 393 26.91 -7.42 -13.63
N LEU F 394 26.67 -6.78 -14.76
CA LEU F 394 25.37 -6.16 -15.02
C LEU F 394 24.33 -7.20 -15.38
N ILE F 395 23.19 -7.17 -14.70
CA ILE F 395 22.06 -8.02 -15.01
C ILE F 395 20.84 -7.13 -15.20
N PHE F 396 19.88 -7.61 -15.99
CA PHE F 396 18.67 -6.88 -16.31
C PHE F 396 17.48 -7.72 -15.87
N VAL F 397 16.84 -7.32 -14.77
CA VAL F 397 15.75 -8.08 -14.17
C VAL F 397 14.57 -7.13 -13.96
N ASN F 398 13.39 -7.56 -14.40
CA ASN F 398 12.13 -6.83 -14.18
C ASN F 398 12.17 -5.43 -14.79
N GLY F 399 12.92 -5.28 -15.87
CA GLY F 399 13.04 -4.00 -16.53
C GLY F 399 14.04 -3.04 -15.90
N LYS F 400 14.70 -3.45 -14.81
CA LYS F 400 15.68 -2.60 -14.14
C LYS F 400 17.03 -3.29 -14.12
N GLN F 401 18.09 -2.50 -14.16
CA GLN F 401 19.45 -3.01 -14.25
C GLN F 401 20.11 -2.97 -12.87
N PHE F 402 20.68 -4.10 -12.47
CA PHE F 402 21.39 -4.23 -11.20
C PHE F 402 22.79 -4.77 -11.47
N LYS F 403 23.60 -4.80 -10.42
CA LYS F 403 24.87 -5.50 -10.44
C LYS F 403 24.79 -6.69 -9.50
N SER F 404 25.15 -7.86 -10.01
CA SER F 404 25.12 -9.10 -9.25
C SER F 404 26.52 -9.65 -9.13
N TYR F 405 26.83 -10.23 -7.96
CA TYR F 405 28.16 -10.71 -7.64
C TYR F 405 28.25 -12.23 -7.71
N ARG F 427 31.36 -15.28 6.62
CA ARG F 427 32.47 -15.56 5.73
C ARG F 427 33.77 -15.69 6.52
N TYR F 428 34.80 -16.24 5.87
CA TYR F 428 36.07 -16.48 6.55
C TYR F 428 36.94 -15.23 6.66
N PHE F 429 36.68 -14.20 5.85
CA PHE F 429 37.54 -13.04 5.80
C PHE F 429 36.94 -11.80 6.45
N GLN F 430 35.66 -11.85 6.80
CA GLN F 430 35.02 -10.77 7.57
C GLN F 430 35.22 -11.06 9.06
N ASP F 431 36.48 -10.96 9.48
CA ASP F 431 36.85 -11.31 10.85
C ASP F 431 36.63 -10.19 11.84
N ASP F 432 36.31 -8.98 11.37
CA ASP F 432 36.21 -7.83 12.25
C ASP F 432 34.94 -7.91 13.09
N VAL F 433 35.11 -7.87 14.41
CA VAL F 433 33.96 -7.71 15.28
C VAL F 433 33.42 -6.29 15.15
N LEU F 434 32.18 -6.11 15.58
CA LEU F 434 31.46 -4.83 15.58
C LEU F 434 31.18 -4.32 14.17
N SER F 435 31.53 -5.07 13.13
CA SER F 435 31.16 -4.70 11.78
C SER F 435 29.66 -4.93 11.56
N GLU F 436 29.08 -4.16 10.66
CA GLU F 436 27.62 -4.14 10.51
C GLU F 436 27.06 -5.46 10.01
N ASP F 437 27.87 -6.31 9.38
CA ASP F 437 27.39 -7.63 9.00
C ASP F 437 27.18 -8.52 10.20
N LYS F 438 27.86 -8.25 11.33
CA LYS F 438 27.65 -9.02 12.54
C LYS F 438 26.32 -8.68 13.20
N LEU F 439 25.74 -7.52 12.89
CA LEU F 439 24.54 -7.05 13.55
C LEU F 439 23.28 -7.38 12.77
N VAL F 440 23.34 -7.41 11.44
CA VAL F 440 22.19 -7.72 10.59
C VAL F 440 21.82 -9.18 10.79
N PRO F 441 20.54 -9.54 10.71
CA PRO F 441 20.15 -10.95 10.94
C PRO F 441 20.78 -11.92 9.95
N GLU F 442 20.97 -11.51 8.70
CA GLU F 442 21.59 -12.36 7.70
C GLU F 442 22.10 -11.53 6.53
N ARG F 447 20.80 -7.25 -4.38
CA ARG F 447 21.14 -6.64 -5.66
C ARG F 447 21.37 -5.14 -5.49
N VAL F 448 22.53 -4.67 -5.92
CA VAL F 448 22.84 -3.24 -5.90
C VAL F 448 22.43 -2.63 -7.24
N PRO F 449 21.66 -1.54 -7.25
CA PRO F 449 21.23 -0.97 -8.52
C PRO F 449 22.39 -0.35 -9.28
N PHE F 450 22.26 -0.34 -10.60
CA PHE F 450 23.26 0.31 -11.44
C PHE F 450 23.24 1.82 -11.24
N ARG F 451 24.43 2.43 -11.27
CA ARG F 451 24.54 3.86 -11.01
C ARG F 451 25.30 4.62 -12.09
N GLY F 452 25.52 4.02 -13.25
CA GLY F 452 26.18 4.70 -14.34
C GLY F 452 27.69 4.71 -14.19
N PRO F 453 28.38 5.41 -15.10
CA PRO F 453 29.84 5.46 -15.02
C PRO F 453 30.32 6.26 -13.83
N LEU F 454 31.54 5.93 -13.38
CA LEU F 454 32.16 6.66 -12.28
C LEU F 454 32.43 8.11 -12.65
N GLY F 455 32.70 8.38 -13.94
CA GLY F 455 33.05 9.72 -14.36
C GLY F 455 31.95 10.74 -14.06
N THR F 456 30.70 10.37 -14.30
CA THR F 456 29.59 11.28 -14.02
C THR F 456 29.51 11.61 -12.54
N VAL F 457 29.65 10.61 -11.67
CA VAL F 457 29.58 10.84 -10.24
C VAL F 457 30.72 11.74 -9.78
N ILE F 458 31.94 11.44 -10.25
CA ILE F 458 33.10 12.24 -9.84
C ILE F 458 32.97 13.66 -10.35
N HIS F 459 32.51 13.83 -11.58
CA HIS F 459 32.34 15.17 -12.14
C HIS F 459 31.32 15.97 -11.34
N GLN F 460 30.20 15.34 -10.96
CA GLN F 460 29.19 16.04 -10.19
C GLN F 460 29.71 16.43 -8.81
N LEU F 461 30.40 15.50 -8.13
CA LEU F 461 30.92 15.80 -6.80
C LEU F 461 31.96 16.91 -6.84
N THR F 462 32.86 16.86 -7.82
CA THR F 462 33.88 17.90 -7.93
C THR F 462 33.26 19.24 -8.30
N GLY F 463 32.21 19.23 -9.13
CA GLY F 463 31.51 20.47 -9.43
C GLY F 463 30.89 21.09 -8.20
N GLY F 464 30.26 20.27 -7.36
CA GLY F 464 29.70 20.79 -6.12
C GLY F 464 30.77 21.34 -5.20
N LEU F 465 31.90 20.64 -5.09
CA LEU F 465 33.00 21.12 -4.26
C LEU F 465 33.54 22.45 -4.77
N ARG F 466 33.70 22.58 -6.09
CA ARG F 466 34.20 23.83 -6.66
C ARG F 466 33.21 24.96 -6.48
N ALA F 467 31.91 24.66 -6.54
CA ALA F 467 30.90 25.68 -6.26
C ALA F 467 31.00 26.16 -4.82
N ALA F 468 31.18 25.24 -3.87
CA ALA F 468 31.34 25.65 -2.48
C ALA F 468 32.59 26.49 -2.30
N MET F 469 33.69 26.12 -2.96
CA MET F 469 34.92 26.89 -2.88
C MET F 469 34.74 28.29 -3.44
N GLY F 470 33.98 28.41 -4.53
CA GLY F 470 33.66 29.72 -5.05
C GLY F 470 32.80 30.54 -4.10
N TYR F 471 31.81 29.91 -3.48
CA TYR F 471 30.91 30.63 -2.58
C TYR F 471 31.64 31.11 -1.32
N THR F 472 32.57 30.32 -0.80
CA THR F 472 33.26 30.69 0.42
C THR F 472 34.53 31.49 0.18
N GLY F 473 34.96 31.65 -1.07
CA GLY F 473 36.18 32.37 -1.35
C GLY F 473 37.44 31.59 -1.02
N SER F 474 37.39 30.27 -1.11
CA SER F 474 38.51 29.41 -0.76
C SER F 474 39.29 29.08 -2.03
N ALA F 475 40.51 29.59 -2.13
CA ALA F 475 41.34 29.27 -3.28
C ALA F 475 41.89 27.86 -3.21
N THR F 476 42.07 27.31 -2.01
CA THR F 476 42.58 25.97 -1.80
C THR F 476 41.70 25.24 -0.80
N ILE F 477 41.91 23.93 -0.69
CA ILE F 477 41.18 23.13 0.29
C ILE F 477 41.55 23.55 1.71
N GLU F 478 42.82 23.95 1.92
CA GLU F 478 43.22 24.43 3.24
C GLU F 478 42.49 25.71 3.62
N GLN F 479 42.12 26.54 2.63
CA GLN F 479 41.30 27.70 2.93
C GLN F 479 39.84 27.32 3.15
N LEU F 480 39.36 26.28 2.47
CA LEU F 480 38.01 25.79 2.72
C LEU F 480 37.89 25.23 4.13
N GLN F 481 38.99 24.69 4.67
CA GLN F 481 38.98 24.17 6.03
C GLN F 481 38.84 25.27 7.08
N GLN F 482 38.96 26.53 6.68
CA GLN F 482 38.74 27.68 7.57
C GLN F 482 37.37 28.32 7.37
N ALA F 483 36.49 27.71 6.58
CA ALA F 483 35.17 28.27 6.34
C ALA F 483 34.28 28.11 7.57
N GLN F 484 33.28 28.98 7.67
CA GLN F 484 32.35 28.99 8.78
C GLN F 484 31.03 28.32 8.41
N PHE F 485 30.35 27.79 9.43
CA PHE F 485 29.06 27.16 9.28
C PHE F 485 27.97 28.01 9.90
N VAL F 486 26.74 27.82 9.40
CA VAL F 486 25.53 28.28 10.06
C VAL F 486 24.69 27.07 10.38
N GLN F 487 24.28 26.94 11.64
CA GLN F 487 23.42 25.85 12.05
C GLN F 487 21.96 26.19 11.71
N ILE F 488 21.26 25.24 11.12
CA ILE F 488 19.89 25.45 10.70
C ILE F 488 18.97 24.61 11.58
N THR F 489 17.72 25.03 11.66
CA THR F 489 16.73 24.39 12.51
C THR F 489 16.03 23.26 11.78
N ALA F 490 15.05 22.64 12.46
CA ALA F 490 14.27 21.57 11.86
C ALA F 490 13.46 22.06 10.67
N ALA F 491 12.94 23.29 10.76
CA ALA F 491 12.18 23.85 9.64
C ALA F 491 13.04 24.03 8.40
N GLY F 492 14.37 24.09 8.55
CA GLY F 492 15.25 24.16 7.41
C GLY F 492 15.38 22.84 6.66
N LEU F 493 14.98 21.74 7.28
CA LEU F 493 14.94 20.45 6.59
C LEU F 493 13.56 20.13 6.01
N LYS F 494 12.54 20.93 6.32
CA LYS F 494 11.19 20.66 5.85
C LYS F 494 11.05 21.02 4.38
N GLU F 495 10.53 20.09 3.59
CA GLU F 495 10.38 20.29 2.16
C GLU F 495 9.23 21.23 1.85
N VAL G 12 35.68 23.79 28.39
CA VAL G 12 36.47 24.44 27.34
C VAL G 12 35.99 24.11 25.92
N PRO G 13 35.86 22.82 25.56
CA PRO G 13 35.49 22.50 24.18
C PRO G 13 34.09 22.97 23.84
N VAL G 14 33.89 23.23 22.55
CA VAL G 14 32.59 23.66 22.04
C VAL G 14 31.60 22.50 22.14
N PRO G 15 30.37 22.71 22.58
CA PRO G 15 29.41 21.60 22.64
C PRO G 15 29.13 20.95 21.30
N THR G 16 29.31 21.68 20.20
CA THR G 16 29.10 21.11 18.87
C THR G 16 30.38 20.54 18.26
N GLY G 17 31.49 20.60 18.96
CA GLY G 17 32.71 20.00 18.49
C GLY G 17 33.79 21.03 18.20
N GLY G 18 35.04 20.60 18.31
CA GLY G 18 36.18 21.46 18.06
C GLY G 18 36.45 22.42 19.20
N ASP G 19 37.45 23.27 18.97
CA ASP G 19 37.84 24.29 19.94
C ASP G 19 37.44 25.70 19.53
N ASP G 20 37.20 25.94 18.25
CA ASP G 20 36.86 27.26 17.74
C ASP G 20 35.39 27.56 17.98
N PRO G 21 35.06 28.55 18.81
CA PRO G 21 33.65 28.88 19.03
C PRO G 21 32.98 29.52 17.84
N THR G 22 33.74 30.07 16.90
CA THR G 22 33.17 30.76 15.75
C THR G 22 33.05 29.86 14.52
N LYS G 23 33.40 28.57 14.62
CA LYS G 23 33.22 27.67 13.49
C LYS G 23 31.74 27.57 13.10
N VAL G 24 30.87 27.31 14.06
CA VAL G 24 29.43 27.47 13.88
C VAL G 24 29.09 28.90 14.30
N ALA G 25 29.02 29.79 13.32
CA ALA G 25 28.94 31.22 13.61
C ALA G 25 27.59 31.61 14.23
N MET G 26 26.50 30.99 13.77
CA MET G 26 25.19 31.44 14.21
C MET G 26 24.17 30.33 14.00
N LEU G 27 23.01 30.51 14.61
CA LEU G 27 21.84 29.66 14.37
C LEU G 27 20.92 30.40 13.42
N GLY G 28 20.77 29.86 12.20
CA GLY G 28 19.97 30.52 11.19
C GLY G 28 18.49 30.20 11.32
N LEU G 29 17.67 31.24 11.34
CA LEU G 29 16.22 31.10 11.39
C LEU G 29 15.64 31.36 10.02
N THR G 30 14.74 30.49 9.59
CA THR G 30 13.99 30.67 8.36
C THR G 30 12.60 31.21 8.69
N PHE G 31 11.79 31.42 7.64
CA PHE G 31 10.47 31.99 7.83
C PHE G 31 9.59 31.09 8.68
N ASP G 32 9.67 29.77 8.48
CA ASP G 32 8.84 28.85 9.23
C ASP G 32 9.24 28.77 10.70
N ASP G 33 10.42 29.27 11.07
CA ASP G 33 10.87 29.22 12.45
C ASP G 33 10.18 30.24 13.35
N VAL G 34 9.63 31.31 12.79
CA VAL G 34 9.16 32.44 13.58
C VAL G 34 7.74 32.82 13.19
N LEU G 35 7.08 33.52 14.11
CA LEU G 35 5.78 34.13 13.88
C LEU G 35 5.81 35.56 14.37
N LEU G 36 4.94 36.39 13.81
CA LEU G 36 4.77 37.76 14.29
C LEU G 36 3.87 37.77 15.51
N LEU G 37 4.38 38.31 16.61
CA LEU G 37 3.58 38.43 17.81
C LEU G 37 2.54 39.54 17.65
N PRO G 38 1.32 39.34 18.14
CA PRO G 38 0.36 40.45 18.17
C PRO G 38 0.83 41.54 19.12
N ALA G 39 0.47 42.78 18.80
CA ALA G 39 0.85 43.93 19.60
C ALA G 39 -0.32 44.90 19.67
N ALA G 40 -0.16 45.92 20.50
CA ALA G 40 -1.19 46.96 20.61
C ALA G 40 -1.43 47.58 19.25
N SER G 41 -2.69 47.67 18.86
CA SER G 41 -3.05 48.01 17.49
C SER G 41 -4.27 48.92 17.46
N ASP G 42 -4.18 49.98 16.66
CA ASP G 42 -5.34 50.75 16.24
C ASP G 42 -5.39 50.85 14.72
N VAL G 43 -4.80 49.87 14.04
CA VAL G 43 -4.62 49.90 12.59
C VAL G 43 -5.66 48.97 11.97
N VAL G 44 -6.56 49.55 11.19
CA VAL G 44 -7.49 48.76 10.37
C VAL G 44 -6.69 48.23 9.18
N PRO G 45 -6.85 46.96 8.81
CA PRO G 45 -6.07 46.42 7.69
C PRO G 45 -6.24 47.20 6.39
N ALA G 46 -7.43 47.76 6.15
CA ALA G 46 -7.65 48.50 4.91
C ALA G 46 -6.96 49.87 4.93
N THR G 47 -6.84 50.49 6.10
CA THR G 47 -6.23 51.81 6.21
C THR G 47 -4.72 51.76 6.40
N ALA G 48 -4.14 50.56 6.53
CA ALA G 48 -2.69 50.45 6.66
C ALA G 48 -2.01 50.92 5.38
N ASP G 49 -0.87 51.57 5.54
CA ASP G 49 -0.11 52.13 4.42
C ASP G 49 1.01 51.16 4.08
N THR G 50 0.91 50.52 2.93
CA THR G 50 1.90 49.52 2.51
C THR G 50 3.05 50.13 1.72
N SER G 51 3.10 51.44 1.56
CA SER G 51 4.16 52.06 0.79
C SER G 51 5.51 51.86 1.48
N SER G 52 6.53 51.60 0.69
CA SER G 52 7.87 51.32 1.21
C SER G 52 8.90 51.73 0.18
N GLN G 53 10.13 51.94 0.66
CA GLN G 53 11.22 52.36 -0.21
C GLN G 53 11.83 51.17 -0.94
N LEU G 54 11.90 51.27 -2.26
CA LEU G 54 12.66 50.28 -3.03
C LEU G 54 14.15 50.60 -3.01
N THR G 55 14.50 51.85 -3.30
CA THR G 55 15.86 52.33 -3.18
C THR G 55 15.87 53.58 -2.33
N LYS G 56 17.02 54.28 -2.29
CA LYS G 56 17.12 55.50 -1.52
C LYS G 56 16.18 56.58 -2.05
N ARG G 57 15.84 56.53 -3.34
CA ARG G 57 15.09 57.59 -3.99
C ARG G 57 13.76 57.14 -4.58
N ILE G 58 13.45 55.85 -4.56
CA ILE G 58 12.24 55.30 -5.19
C ILE G 58 11.37 54.68 -4.10
N ARG G 59 10.10 55.07 -4.07
CA ARG G 59 9.12 54.53 -3.14
C ARG G 59 8.00 53.86 -3.93
N LEU G 60 7.67 52.64 -3.55
CA LEU G 60 6.63 51.86 -4.20
C LEU G 60 5.36 51.87 -3.34
N ARG G 61 4.21 51.91 -4.01
CA ARG G 61 2.94 51.81 -3.29
C ARG G 61 2.79 50.44 -2.64
N VAL G 62 3.16 49.38 -3.35
CA VAL G 62 3.10 48.01 -2.85
C VAL G 62 4.53 47.49 -2.82
N PRO G 63 5.05 47.05 -1.67
CA PRO G 63 6.47 46.70 -1.53
C PRO G 63 6.85 45.36 -2.16
N LEU G 64 6.45 45.15 -3.40
CA LEU G 64 6.68 43.88 -4.09
C LEU G 64 7.37 44.13 -5.42
N VAL G 65 8.45 43.40 -5.68
CA VAL G 65 9.18 43.49 -6.93
C VAL G 65 9.26 42.11 -7.56
N SER G 66 9.06 42.05 -8.87
CA SER G 66 9.12 40.77 -9.57
C SER G 66 10.57 40.40 -9.87
N SER G 67 10.94 39.14 -9.61
CA SER G 67 12.31 38.71 -9.80
C SER G 67 12.74 38.79 -11.26
N ALA G 68 14.02 39.12 -11.48
CA ALA G 68 14.59 39.18 -12.82
C ALA G 68 14.96 37.78 -13.32
N MET G 69 13.95 36.93 -13.44
CA MET G 69 14.11 35.57 -13.92
C MET G 69 13.48 35.44 -15.30
N ASP G 70 14.13 34.68 -16.18
CA ASP G 70 13.62 34.50 -17.54
C ASP G 70 12.19 34.02 -17.55
N THR G 71 11.75 33.31 -16.51
CA THR G 71 10.42 32.75 -16.44
C THR G 71 9.44 33.64 -15.69
N VAL G 72 9.86 34.84 -15.28
CA VAL G 72 9.02 35.68 -14.44
C VAL G 72 8.76 37.03 -15.11
N THR G 73 9.82 37.79 -15.39
CA THR G 73 9.66 39.21 -15.73
C THR G 73 10.25 39.52 -17.09
N GLU G 74 9.38 39.86 -18.04
CA GLU G 74 9.74 40.71 -19.16
C GLU G 74 8.69 41.79 -19.28
N SER G 75 8.67 42.51 -20.41
CA SER G 75 7.95 43.78 -20.48
C SER G 75 6.50 43.68 -20.01
N ARG G 76 5.81 42.59 -20.37
CA ARG G 76 4.42 42.42 -19.93
C ARG G 76 4.31 42.37 -18.42
N MET G 77 5.14 41.54 -17.78
CA MET G 77 5.12 41.45 -16.33
C MET G 77 5.56 42.75 -15.68
N ALA G 78 6.54 43.43 -16.27
CA ALA G 78 7.01 44.69 -15.72
C ALA G 78 5.92 45.75 -15.74
N ILE G 79 5.17 45.83 -16.85
CA ILE G 79 4.07 46.78 -16.93
C ILE G 79 2.98 46.43 -15.91
N ALA G 80 2.64 45.14 -15.80
CA ALA G 80 1.61 44.74 -14.84
C ALA G 80 2.03 45.04 -13.42
N MET G 81 3.31 44.85 -13.09
CA MET G 81 3.80 45.12 -11.75
C MET G 81 3.82 46.62 -11.47
N ALA G 82 4.25 47.42 -12.45
CA ALA G 82 4.26 48.88 -12.26
C ALA G 82 2.85 49.39 -12.06
N ARG G 83 1.88 48.85 -12.79
CA ARG G 83 0.49 49.25 -12.63
C ARG G 83 -0.06 48.79 -11.28
N ALA G 84 0.40 47.64 -10.79
CA ALA G 84 -0.08 47.09 -9.53
C ALA G 84 0.44 47.86 -8.32
N GLY G 85 1.38 48.78 -8.50
CA GLY G 85 1.95 49.52 -7.40
C GLY G 85 3.36 49.09 -7.03
N GLY G 86 3.84 47.99 -7.57
CA GLY G 86 5.19 47.51 -7.35
C GLY G 86 6.12 47.89 -8.48
N MET G 87 7.05 47.01 -8.79
CA MET G 87 7.95 47.20 -9.92
C MET G 87 8.42 45.83 -10.40
N GLY G 88 8.97 45.81 -11.61
CA GLY G 88 9.54 44.60 -12.16
C GLY G 88 10.95 44.86 -12.65
N VAL G 89 11.79 43.85 -12.48
CA VAL G 89 13.15 43.89 -13.00
C VAL G 89 13.22 42.99 -14.23
N LEU G 90 13.63 43.57 -15.36
CA LEU G 90 13.71 42.80 -16.60
C LEU G 90 14.91 41.85 -16.55
N HIS G 91 14.68 40.58 -16.89
CA HIS G 91 15.74 39.61 -16.83
C HIS G 91 16.76 39.85 -17.96
N ARG G 92 17.97 39.35 -17.74
CA ARG G 92 19.08 39.60 -18.66
C ARG G 92 19.52 38.35 -19.43
N ASN G 93 18.72 37.28 -19.43
CA ASN G 93 19.07 36.10 -20.21
C ASN G 93 18.67 36.27 -21.67
N LEU G 94 19.08 37.37 -22.27
CA LEU G 94 18.73 37.73 -23.64
C LEU G 94 19.70 38.80 -24.13
N PRO G 95 19.78 39.01 -25.45
CA PRO G 95 20.71 40.03 -25.97
C PRO G 95 20.41 41.44 -25.49
N VAL G 96 21.45 42.28 -25.57
CA VAL G 96 21.38 43.64 -25.03
C VAL G 96 20.29 44.45 -25.71
N ALA G 97 20.20 44.35 -27.04
CA ALA G 97 19.19 45.12 -27.78
C ALA G 97 17.77 44.72 -27.39
N GLU G 98 17.54 43.43 -27.15
CA GLU G 98 16.20 42.99 -26.74
C GLU G 98 15.83 43.53 -25.36
N GLN G 99 16.79 43.53 -24.43
CA GLN G 99 16.51 44.07 -23.10
C GLN G 99 16.25 45.57 -23.15
N ALA G 100 17.04 46.30 -23.96
CA ALA G 100 16.77 47.72 -24.11
C ALA G 100 15.41 47.97 -24.75
N GLY G 101 15.05 47.14 -25.73
CA GLY G 101 13.72 47.24 -26.31
C GLY G 101 12.61 46.97 -25.32
N GLN G 102 12.80 46.00 -24.43
CA GLN G 102 11.81 45.74 -23.39
C GLN G 102 11.71 46.91 -22.42
N VAL G 103 12.84 47.52 -22.08
CA VAL G 103 12.83 48.72 -21.26
C VAL G 103 12.01 49.81 -21.94
N GLU G 104 12.24 50.02 -23.24
CA GLU G 104 11.53 51.05 -23.98
C GLU G 104 10.05 50.73 -24.10
N THR G 105 9.71 49.44 -24.24
CA THR G 105 8.31 49.02 -24.28
C THR G 105 7.61 49.36 -22.97
N VAL G 106 8.28 49.12 -21.85
CA VAL G 106 7.70 49.48 -20.55
C VAL G 106 7.58 51.00 -20.43
N LYS G 107 8.61 51.74 -20.86
CA LYS G 107 8.63 53.18 -20.63
C LYS G 107 7.61 53.91 -21.51
N ARG G 108 7.37 53.43 -22.72
CA ARG G 108 6.52 54.16 -23.65
C ARG G 108 5.03 53.98 -23.36
N SER G 109 4.67 52.97 -22.58
CA SER G 109 3.26 52.73 -22.27
C SER G 109 2.77 53.71 -21.21
N LYS G 231 5.41 55.28 -11.33
CA LYS G 231 5.70 56.23 -12.39
C LYS G 231 6.78 57.21 -11.98
N ASP G 232 7.63 57.62 -12.92
CA ASP G 232 8.69 58.59 -12.63
C ASP G 232 8.11 60.01 -12.68
N SER G 233 9.00 61.00 -12.61
CA SER G 233 8.58 62.39 -12.64
C SER G 233 7.95 62.78 -13.97
N ASP G 234 8.24 62.04 -15.04
CA ASP G 234 7.68 62.32 -16.36
C ASP G 234 6.38 61.58 -16.63
N GLY G 235 5.89 60.80 -15.67
CA GLY G 235 4.65 60.06 -15.84
C GLY G 235 4.77 58.71 -16.50
N ARG G 236 5.98 58.29 -16.87
CA ARG G 236 6.17 56.97 -17.46
C ARG G 236 6.36 55.93 -16.37
N LEU G 237 5.94 54.70 -16.67
CA LEU G 237 6.05 53.61 -15.70
C LEU G 237 7.52 53.32 -15.38
N LEU G 238 7.76 52.99 -14.11
CA LEU G 238 9.09 52.65 -13.65
C LEU G 238 9.42 51.20 -13.99
N VAL G 239 10.71 50.92 -14.18
CA VAL G 239 11.16 49.58 -14.55
C VAL G 239 12.60 49.43 -14.11
N GLY G 240 12.98 48.19 -13.80
CA GLY G 240 14.36 47.86 -13.46
C GLY G 240 14.91 46.86 -14.47
N ALA G 241 16.23 46.72 -14.45
CA ALA G 241 16.90 45.78 -15.35
C ALA G 241 18.12 45.21 -14.67
N ALA G 242 18.37 43.92 -14.93
CA ALA G 242 19.48 43.20 -14.34
C ALA G 242 20.69 43.24 -15.27
N VAL G 243 21.87 43.38 -14.67
CA VAL G 243 23.14 43.34 -15.40
C VAL G 243 24.08 42.38 -14.68
N GLY G 244 25.07 41.89 -15.41
CA GLY G 244 26.09 41.01 -14.87
C GLY G 244 27.34 41.77 -14.46
N VAL G 245 28.49 41.15 -14.70
CA VAL G 245 29.79 41.77 -14.45
C VAL G 245 30.67 41.58 -15.68
N GLY G 246 31.45 42.60 -16.00
CA GLY G 246 32.34 42.57 -17.15
C GLY G 246 32.04 43.69 -18.13
N ASP G 247 32.93 43.79 -19.13
CA ASP G 247 32.81 44.85 -20.13
C ASP G 247 31.53 44.71 -20.94
N ASP G 248 31.14 43.48 -21.28
CA ASP G 248 29.85 43.27 -21.93
C ASP G 248 28.71 43.72 -21.04
N ALA G 249 28.80 43.44 -19.73
CA ALA G 249 27.81 43.94 -18.80
C ALA G 249 27.82 45.47 -18.74
N TRP G 250 29.00 46.08 -18.88
CA TRP G 250 29.05 47.54 -18.91
C TRP G 250 28.33 48.10 -20.12
N THR G 251 28.56 47.50 -21.28
CA THR G 251 27.84 47.94 -22.49
C THR G 251 26.34 47.75 -22.33
N ARG G 252 25.94 46.61 -21.76
CA ARG G 252 24.52 46.37 -21.51
C ARG G 252 23.93 47.42 -20.60
N ALA G 253 24.64 47.76 -19.51
CA ALA G 253 24.14 48.75 -18.56
C ALA G 253 24.02 50.13 -19.21
N MET G 254 25.02 50.51 -20.01
CA MET G 254 24.94 51.81 -20.68
C MET G 254 23.78 51.86 -21.67
N THR G 255 23.57 50.77 -22.42
CA THR G 255 22.44 50.71 -23.34
C THR G 255 21.12 50.80 -22.60
N LEU G 256 21.00 50.11 -21.45
CA LEU G 256 19.77 50.15 -20.68
C LEU G 256 19.52 51.55 -20.14
N VAL G 257 20.58 52.24 -19.68
CA VAL G 257 20.42 53.61 -19.21
C VAL G 257 19.97 54.51 -20.34
N ASP G 258 20.54 54.33 -21.54
CA ASP G 258 20.11 55.12 -22.69
C ASP G 258 18.65 54.86 -23.04
N ALA G 259 18.21 53.60 -22.94
CA ALA G 259 16.81 53.27 -23.19
C ALA G 259 15.87 53.83 -22.15
N GLY G 260 16.39 54.34 -21.03
CA GLY G 260 15.58 54.97 -20.02
C GLY G 260 15.25 54.12 -18.81
N VAL G 261 16.11 53.17 -18.46
CA VAL G 261 15.82 52.32 -17.30
C VAL G 261 15.98 53.14 -16.02
N ASP G 262 15.20 52.78 -15.01
CA ASP G 262 15.20 53.50 -13.74
C ASP G 262 16.13 52.86 -12.71
N VAL G 263 16.14 51.55 -12.61
CA VAL G 263 16.93 50.84 -11.61
C VAL G 263 17.85 49.86 -12.33
N LEU G 264 19.14 49.93 -12.04
CA LEU G 264 20.09 48.93 -12.48
C LEU G 264 20.39 48.01 -11.31
N ILE G 265 20.18 46.72 -11.48
CA ILE G 265 20.45 45.73 -10.45
C ILE G 265 21.60 44.86 -10.92
N VAL G 266 22.75 44.99 -10.26
CA VAL G 266 23.87 44.10 -10.54
C VAL G 266 23.54 42.77 -9.88
N ASP G 267 22.96 41.86 -10.68
CA ASP G 267 22.40 40.61 -10.20
C ASP G 267 23.47 39.53 -10.23
N THR G 268 23.81 38.99 -9.07
CA THR G 268 24.81 37.95 -8.95
C THR G 268 24.34 36.94 -7.93
N ALA G 269 24.78 35.69 -8.10
CA ALA G 269 24.53 34.68 -7.07
C ALA G 269 25.29 35.03 -5.79
N HIS G 270 26.49 35.56 -5.92
CA HIS G 270 27.35 35.86 -4.77
C HIS G 270 27.97 37.24 -5.00
N ALA G 271 27.40 38.26 -4.37
CA ALA G 271 27.83 39.63 -4.59
C ALA G 271 29.05 40.03 -3.77
N HIS G 272 29.46 39.21 -2.80
CA HIS G 272 30.64 39.52 -1.99
C HIS G 272 31.92 39.18 -2.77
N ASN G 273 32.07 39.87 -3.90
CA ASN G 273 33.17 39.66 -4.83
C ASN G 273 33.69 41.02 -5.26
N ARG G 274 35.00 41.09 -5.54
CA ARG G 274 35.58 42.37 -5.90
C ARG G 274 35.04 42.88 -7.23
N GLY G 275 34.76 41.97 -8.17
CA GLY G 275 34.21 42.38 -9.45
C GLY G 275 32.84 43.03 -9.31
N VAL G 276 31.97 42.43 -8.50
CA VAL G 276 30.62 42.99 -8.32
C VAL G 276 30.69 44.35 -7.65
N LEU G 277 31.52 44.49 -6.63
CA LEU G 277 31.65 45.78 -5.95
C LEU G 277 32.23 46.84 -6.87
N ASP G 278 33.23 46.47 -7.67
CA ASP G 278 33.81 47.41 -8.63
C ASP G 278 32.78 47.84 -9.66
N MET G 279 31.96 46.89 -10.14
CA MET G 279 30.91 47.22 -11.10
C MET G 279 29.88 48.17 -10.49
N VAL G 280 29.50 47.91 -9.24
CA VAL G 280 28.54 48.79 -8.57
C VAL G 280 29.12 50.19 -8.43
N SER G 281 30.39 50.28 -8.03
CA SER G 281 31.03 51.59 -7.86
C SER G 281 31.14 52.32 -9.19
N ARG G 282 31.51 51.61 -10.26
CA ARG G 282 31.61 52.23 -11.58
C ARG G 282 30.26 52.74 -12.06
N LEU G 283 29.21 51.94 -11.91
CA LEU G 283 27.89 52.37 -12.30
C LEU G 283 27.44 53.57 -11.47
N LYS G 284 27.77 53.58 -10.18
CA LYS G 284 27.40 54.72 -9.34
C LYS G 284 28.11 55.98 -9.78
N GLN G 285 29.39 55.88 -10.14
CA GLN G 285 30.10 57.06 -10.61
C GLN G 285 29.59 57.53 -11.97
N ALA G 286 29.19 56.61 -12.84
CA ALA G 286 28.80 56.99 -14.19
C ALA G 286 27.36 57.49 -14.24
N VAL G 287 26.40 56.65 -13.87
CA VAL G 287 24.99 56.94 -14.07
C VAL G 287 24.24 57.01 -12.74
N GLY G 288 24.97 57.13 -11.62
CA GLY G 288 24.35 57.19 -10.31
C GLY G 288 23.50 58.43 -10.10
N GLU G 289 23.73 59.48 -10.87
CA GLU G 289 22.94 60.69 -10.74
C GLU G 289 21.55 60.56 -11.34
N ARG G 290 21.37 59.65 -12.29
CA ARG G 290 20.09 59.50 -12.99
C ARG G 290 19.37 58.21 -12.65
N VAL G 291 20.08 57.14 -12.31
CA VAL G 291 19.49 55.86 -12.00
C VAL G 291 20.01 55.40 -10.65
N ASP G 292 19.27 54.48 -10.04
CA ASP G 292 19.67 53.89 -8.77
C ASP G 292 20.26 52.51 -9.02
N VAL G 293 21.28 52.17 -8.23
CA VAL G 293 22.03 50.93 -8.39
C VAL G 293 21.77 50.03 -7.19
N VAL G 294 21.39 48.79 -7.45
CA VAL G 294 21.10 47.79 -6.43
C VAL G 294 22.13 46.68 -6.54
N GLY G 295 22.69 46.28 -5.41
CA GLY G 295 23.70 45.23 -5.42
C GLY G 295 23.13 43.83 -5.48
N GLY G 296 24.01 42.87 -5.77
CA GLY G 296 23.61 41.49 -5.94
C GLY G 296 23.28 40.84 -4.63
N ASN G 297 23.05 39.53 -4.71
CA ASN G 297 22.58 38.78 -3.55
C ASN G 297 23.69 38.59 -2.52
N VAL G 298 23.37 38.95 -1.28
CA VAL G 298 24.26 38.78 -0.14
C VAL G 298 23.51 38.06 0.96
N ALA G 299 24.26 37.52 1.91
CA ALA G 299 23.66 36.79 3.01
C ALA G 299 24.25 37.11 4.37
N THR G 300 25.26 37.98 4.44
CA THR G 300 25.94 38.29 5.69
C THR G 300 25.99 39.80 5.88
N ARG G 301 26.32 40.18 7.12
CA ARG G 301 26.49 41.59 7.43
C ARG G 301 27.68 42.19 6.70
N ALA G 302 28.77 41.43 6.58
CA ALA G 302 29.97 41.94 5.94
C ALA G 302 29.73 42.23 4.45
N ALA G 303 29.02 41.33 3.77
CA ALA G 303 28.75 41.55 2.35
C ALA G 303 27.86 42.76 2.12
N ALA G 304 26.83 42.92 2.95
CA ALA G 304 25.95 44.09 2.84
C ALA G 304 26.72 45.37 3.13
N ALA G 305 27.60 45.34 4.13
CA ALA G 305 28.43 46.50 4.42
C ALA G 305 29.35 46.85 3.26
N ALA G 306 29.93 45.82 2.63
CA ALA G 306 30.77 46.06 1.47
C ALA G 306 29.98 46.69 0.32
N LEU G 307 28.76 46.20 0.09
CA LEU G 307 27.93 46.78 -0.96
C LEU G 307 27.56 48.24 -0.63
N VAL G 308 27.22 48.51 0.62
CA VAL G 308 26.89 49.88 1.01
C VAL G 308 28.08 50.80 0.83
N GLU G 309 29.28 50.30 1.17
CA GLU G 309 30.50 51.08 0.96
C GLU G 309 30.75 51.33 -0.51
N ALA G 310 30.47 50.34 -1.36
CA ALA G 310 30.65 50.50 -2.80
C ALA G 310 29.64 51.45 -3.42
N GLY G 311 28.61 51.86 -2.69
CA GLY G 311 27.64 52.80 -3.18
C GLY G 311 26.32 52.24 -3.65
N ALA G 312 25.92 51.07 -3.13
CA ALA G 312 24.64 50.50 -3.53
C ALA G 312 23.49 51.30 -2.94
N ASP G 313 22.49 51.59 -3.78
CA ASP G 313 21.29 52.27 -3.30
C ASP G 313 20.29 51.32 -2.66
N ALA G 314 20.47 50.01 -2.86
CA ALA G 314 19.67 49.00 -2.19
C ALA G 314 20.45 47.70 -2.23
N VAL G 315 20.22 46.86 -1.22
CA VAL G 315 20.94 45.60 -1.08
C VAL G 315 19.94 44.46 -1.19
N LYS G 316 20.18 43.55 -2.13
CA LYS G 316 19.32 42.39 -2.29
C LYS G 316 19.91 41.22 -1.52
N VAL G 317 19.08 40.54 -0.73
CA VAL G 317 19.53 39.59 0.27
C VAL G 317 18.96 38.22 -0.04
N GLY G 318 19.83 37.21 -0.01
CA GLY G 318 19.44 35.82 -0.09
C GLY G 318 20.38 34.97 -0.92
N VAL G 319 20.92 33.93 -0.27
CA VAL G 319 21.84 32.98 -0.90
C VAL G 319 21.45 31.60 -0.39
N GLY G 320 20.82 30.81 -1.24
CA GLY G 320 20.26 29.54 -0.86
C GLY G 320 19.26 29.63 0.28
N PRO G 321 18.20 30.43 0.13
CA PRO G 321 17.25 30.61 1.23
C PRO G 321 16.25 29.48 1.37
N GLY G 322 16.02 28.69 0.32
CA GLY G 322 15.05 27.62 0.38
C GLY G 322 15.61 26.36 1.00
N SER G 323 14.72 25.55 1.57
CA SER G 323 15.16 24.33 2.27
C SER G 323 15.70 23.30 1.29
N ILE G 324 15.03 23.12 0.15
CA ILE G 324 15.44 22.14 -0.84
C ILE G 324 16.21 22.81 -1.98
N CYS G 325 16.78 23.98 -1.72
CA CYS G 325 17.49 24.75 -2.74
C CYS G 325 18.65 23.96 -3.32
N THR G 326 18.88 24.14 -4.62
CA THR G 326 19.97 23.45 -5.29
C THR G 326 21.33 23.84 -4.71
N THR G 327 21.48 25.10 -4.30
CA THR G 327 22.75 25.54 -3.73
C THR G 327 23.06 24.80 -2.43
N ARG G 328 22.04 24.56 -1.61
CA ARG G 328 22.25 23.81 -0.37
C ARG G 328 22.60 22.35 -0.66
N VAL G 329 21.89 21.71 -1.58
CA VAL G 329 22.10 20.28 -1.82
C VAL G 329 23.43 20.03 -2.51
N VAL G 330 23.73 20.81 -3.54
CA VAL G 330 24.89 20.56 -4.40
C VAL G 330 26.15 21.17 -3.82
N ALA G 331 26.10 22.43 -3.41
CA ALA G 331 27.28 23.11 -2.90
C ALA G 331 27.39 23.07 -1.38
N GLY G 332 26.29 22.81 -0.68
CA GLY G 332 26.31 22.89 0.77
C GLY G 332 26.35 24.30 1.31
N VAL G 333 25.97 25.28 0.49
CA VAL G 333 26.04 26.69 0.85
C VAL G 333 24.62 27.24 0.96
N GLY G 334 24.37 28.00 2.01
CA GLY G 334 23.06 28.61 2.18
C GLY G 334 23.05 29.48 3.42
N ALA G 335 21.95 30.21 3.57
CA ALA G 335 21.73 31.05 4.73
C ALA G 335 20.22 31.22 4.93
N PRO G 336 19.69 30.84 6.09
CA PRO G 336 18.27 31.05 6.36
C PRO G 336 17.91 32.52 6.26
N GLN G 337 16.75 32.79 5.64
CA GLN G 337 16.47 34.12 5.13
C GLN G 337 16.20 35.13 6.25
N ILE G 338 15.57 34.71 7.34
CA ILE G 338 15.28 35.65 8.44
C ILE G 338 16.58 36.17 9.04
N THR G 339 17.51 35.27 9.34
CA THR G 339 18.80 35.66 9.92
C THR G 339 19.59 36.52 8.94
N ALA G 340 19.58 36.14 7.66
CA ALA G 340 20.30 36.91 6.66
C ALA G 340 19.75 38.32 6.54
N ILE G 341 18.42 38.47 6.55
CA ILE G 341 17.83 39.79 6.50
C ILE G 341 18.19 40.58 7.74
N LEU G 342 18.18 39.94 8.91
CA LEU G 342 18.53 40.64 10.14
C LEU G 342 19.96 41.17 10.08
N GLU G 343 20.91 40.33 9.63
CA GLU G 343 22.30 40.75 9.53
C GLU G 343 22.48 41.87 8.50
N ALA G 344 21.87 41.71 7.32
CA ALA G 344 21.99 42.73 6.29
C ALA G 344 21.36 44.05 6.71
N VAL G 345 20.25 44.00 7.44
CA VAL G 345 19.62 45.22 7.93
C VAL G 345 20.50 45.87 8.99
N ALA G 346 21.11 45.08 9.87
CA ALA G 346 22.07 45.64 10.79
C ALA G 346 23.21 46.34 10.05
N ALA G 347 23.58 45.83 8.89
CA ALA G 347 24.63 46.48 8.09
C ALA G 347 24.14 47.74 7.39
N CYS G 348 22.89 47.76 6.94
CA CYS G 348 22.43 48.78 6.00
C CYS G 348 21.60 49.90 6.64
N LYS G 349 20.85 49.59 7.71
CA LYS G 349 19.91 50.57 8.28
C LYS G 349 20.56 51.88 8.69
N PRO G 350 21.75 51.91 9.34
CA PRO G 350 22.34 53.20 9.71
C PRO G 350 22.61 54.11 8.53
N TYR G 351 22.81 53.56 7.34
CA TYR G 351 23.08 54.34 6.14
C TYR G 351 21.85 54.60 5.28
N GLY G 352 20.67 54.19 5.75
CA GLY G 352 19.46 54.46 5.01
C GLY G 352 19.30 53.67 3.73
N VAL G 353 19.98 52.53 3.61
CA VAL G 353 19.97 51.75 2.38
C VAL G 353 18.88 50.67 2.51
N PRO G 354 17.88 50.65 1.64
CA PRO G 354 16.82 49.64 1.73
C PRO G 354 17.33 48.23 1.43
N VAL G 355 16.61 47.26 1.99
CA VAL G 355 16.91 45.85 1.82
C VAL G 355 15.76 45.16 1.09
N ILE G 356 16.11 44.41 0.05
CA ILE G 356 15.16 43.64 -0.74
C ILE G 356 15.37 42.17 -0.42
N ALA G 357 14.35 41.54 0.14
CA ALA G 357 14.42 40.13 0.49
C ALA G 357 14.10 39.29 -0.74
N ASP G 358 15.01 38.43 -1.16
CA ASP G 358 14.85 37.68 -2.40
C ASP G 358 14.99 36.19 -2.12
N GLY G 359 13.89 35.46 -2.29
CA GLY G 359 13.91 34.01 -2.23
C GLY G 359 13.42 33.48 -0.89
N GLY G 360 13.01 32.22 -0.91
CA GLY G 360 12.52 31.53 0.28
C GLY G 360 11.06 31.71 0.59
N LEU G 361 10.34 32.51 -0.17
CA LEU G 361 8.95 32.83 0.14
C LEU G 361 8.02 31.72 -0.33
N GLN G 362 7.01 31.43 0.48
CA GLN G 362 6.03 30.40 0.13
C GLN G 362 4.60 30.92 0.33
N TYR G 363 4.42 31.89 1.22
CA TYR G 363 3.10 32.40 1.55
C TYR G 363 3.23 33.88 1.88
N SER G 364 2.08 34.56 1.93
CA SER G 364 2.07 35.99 2.24
C SER G 364 2.54 36.26 3.66
N GLY G 365 2.35 35.30 4.56
CA GLY G 365 2.92 35.42 5.89
C GLY G 365 4.43 35.57 5.84
N ASP G 366 5.08 34.90 4.89
CA ASP G 366 6.51 35.08 4.70
C ASP G 366 6.84 36.50 4.23
N ILE G 367 5.98 37.09 3.39
CA ILE G 367 6.17 38.49 2.99
C ILE G 367 6.15 39.38 4.23
N ALA G 368 5.15 39.17 5.09
CA ALA G 368 5.04 39.98 6.30
C ALA G 368 6.26 39.78 7.21
N LYS G 369 6.71 38.53 7.37
CA LYS G 369 7.87 38.25 8.20
C LYS G 369 9.13 38.88 7.63
N ALA G 370 9.30 38.82 6.31
CA ALA G 370 10.47 39.41 5.68
C ALA G 370 10.50 40.92 5.85
N LEU G 371 9.34 41.57 5.70
CA LEU G 371 9.29 43.00 5.93
C LEU G 371 9.53 43.34 7.40
N ALA G 372 9.02 42.50 8.31
CA ALA G 372 9.19 42.77 9.74
C ALA G 372 10.61 42.50 10.20
N ALA G 373 11.32 41.58 9.54
CA ALA G 373 12.71 41.32 9.89
C ALA G 373 13.61 42.50 9.55
N GLY G 374 13.13 43.48 8.80
CA GLY G 374 13.91 44.66 8.50
C GLY G 374 13.98 45.01 7.04
N ALA G 375 13.54 44.11 6.17
CA ALA G 375 13.60 44.39 4.74
C ALA G 375 12.58 45.44 4.36
N SER G 376 12.89 46.20 3.30
CA SER G 376 11.98 47.20 2.80
C SER G 376 11.08 46.68 1.69
N THR G 377 11.60 45.79 0.83
CA THR G 377 10.77 45.24 -0.24
C THR G 377 11.05 43.74 -0.35
N ALA G 378 10.11 43.03 -0.95
CA ALA G 378 10.25 41.61 -1.22
C ALA G 378 10.23 41.36 -2.71
N MET G 379 11.11 40.47 -3.17
CA MET G 379 11.23 40.12 -4.58
C MET G 379 10.55 38.78 -4.82
N LEU G 380 9.64 38.75 -5.79
CA LEU G 380 8.77 37.60 -6.02
C LEU G 380 9.27 36.80 -7.22
N GLY G 381 9.57 35.53 -7.01
CA GLY G 381 10.08 34.66 -8.05
C GLY G 381 9.11 33.58 -8.48
N SER G 382 9.30 32.37 -7.94
CA SER G 382 8.50 31.22 -8.37
C SER G 382 7.02 31.39 -8.10
N LEU G 383 6.63 32.29 -7.19
CA LEU G 383 5.22 32.55 -6.99
C LEU G 383 4.57 33.18 -8.21
N LEU G 384 5.34 33.93 -9.01
CA LEU G 384 4.82 34.60 -10.18
C LEU G 384 5.22 33.92 -11.49
N ALA G 385 5.96 32.82 -11.42
CA ALA G 385 6.51 32.22 -12.64
C ALA G 385 5.41 31.72 -13.57
N GLY G 386 4.38 31.10 -13.03
CA GLY G 386 3.32 30.55 -13.84
C GLY G 386 2.15 31.47 -14.10
N THR G 387 2.22 32.73 -13.67
CA THR G 387 1.09 33.63 -13.85
C THR G 387 0.92 34.00 -15.32
N ALA G 388 -0.26 34.56 -15.63
CA ALA G 388 -0.56 34.91 -17.02
C ALA G 388 0.39 35.97 -17.56
N GLU G 389 0.74 36.96 -16.74
CA GLU G 389 1.62 38.03 -17.21
C GLU G 389 3.06 37.59 -17.37
N SER G 390 3.44 36.46 -16.77
CA SER G 390 4.79 35.95 -16.95
C SER G 390 4.98 35.42 -18.37
N PRO G 391 6.21 35.40 -18.86
CA PRO G 391 6.46 34.91 -20.23
C PRO G 391 6.09 33.45 -20.38
N GLY G 392 6.05 33.02 -21.63
CA GLY G 392 5.64 31.67 -21.97
C GLY G 392 4.24 31.64 -22.55
N GLU G 393 4.00 30.65 -23.40
CA GLU G 393 2.71 30.49 -24.07
C GLU G 393 1.86 29.47 -23.34
N LEU G 394 0.54 29.72 -23.35
CA LEU G 394 -0.40 28.80 -22.74
C LEU G 394 -0.57 27.57 -23.62
N ILE G 395 -0.41 26.40 -23.02
CA ILE G 395 -0.64 25.13 -23.70
C ILE G 395 -1.49 24.24 -22.79
N PHE G 396 -2.14 23.27 -23.41
CA PHE G 396 -3.01 22.34 -22.70
C PHE G 396 -2.46 20.94 -22.88
N VAL G 397 -1.94 20.36 -21.80
CA VAL G 397 -1.32 19.04 -21.82
C VAL G 397 -1.93 18.20 -20.70
N ASN G 398 -2.41 17.01 -21.06
CA ASN G 398 -2.90 16.03 -20.08
C ASN G 398 -3.97 16.62 -19.16
N GLY G 399 -4.87 17.41 -19.74
CA GLY G 399 -5.94 17.98 -18.96
C GLY G 399 -5.55 19.09 -18.01
N LYS G 400 -4.33 19.61 -18.13
CA LYS G 400 -3.88 20.73 -17.31
C LYS G 400 -3.24 21.78 -18.20
N GLN G 401 -3.37 23.03 -17.78
CA GLN G 401 -2.82 24.15 -18.53
C GLN G 401 -1.43 24.49 -17.99
N PHE G 402 -0.47 24.59 -18.89
CA PHE G 402 0.91 24.93 -18.57
C PHE G 402 1.34 26.13 -19.39
N LYS G 403 2.50 26.68 -19.03
CA LYS G 403 3.18 27.67 -19.85
C LYS G 403 4.47 27.05 -20.37
N SER G 404 4.64 27.10 -21.69
CA SER G 404 5.80 26.51 -22.35
C SER G 404 6.53 27.59 -23.14
N TYR G 405 7.86 27.51 -23.12
CA TYR G 405 8.69 28.55 -23.71
C TYR G 405 9.26 28.14 -25.06
N ARG G 427 23.81 28.52 -21.89
CA ARG G 427 23.46 29.66 -22.74
C ARG G 427 24.57 30.71 -22.72
N TYR G 428 24.61 31.53 -23.78
CA TYR G 428 25.62 32.58 -23.87
C TYR G 428 25.43 33.67 -22.83
N PHE G 429 24.20 33.90 -22.38
CA PHE G 429 23.91 35.01 -21.49
C PHE G 429 23.84 34.59 -20.03
N GLN G 430 23.91 33.30 -19.74
CA GLN G 430 24.03 32.80 -18.37
C GLN G 430 25.52 32.71 -18.02
N ASP G 431 26.15 33.88 -17.96
CA ASP G 431 27.59 33.99 -17.76
C ASP G 431 27.99 33.99 -16.29
N ASP G 432 27.03 33.88 -15.38
CA ASP G 432 27.32 33.96 -13.96
C ASP G 432 27.81 32.63 -13.43
N VAL G 433 29.01 32.62 -12.85
CA VAL G 433 29.42 31.48 -12.06
C VAL G 433 28.58 31.43 -10.78
N LEU G 434 28.51 30.26 -10.18
CA LEU G 434 27.81 30.00 -8.91
C LEU G 434 26.30 30.10 -9.05
N SER G 435 25.76 30.36 -10.24
CA SER G 435 24.32 30.32 -10.43
C SER G 435 23.83 28.88 -10.43
N GLU G 436 22.55 28.70 -10.09
CA GLU G 436 22.01 27.36 -9.88
C GLU G 436 22.00 26.52 -11.15
N ASP G 437 21.89 27.17 -12.32
CA ASP G 437 21.92 26.41 -13.56
C ASP G 437 23.28 25.74 -13.78
N LYS G 438 24.34 26.27 -13.20
CA LYS G 438 25.66 25.66 -13.33
C LYS G 438 25.82 24.42 -12.45
N LEU G 439 24.91 24.19 -11.52
CA LEU G 439 25.03 23.07 -10.59
C LEU G 439 24.20 21.86 -10.99
N VAL G 440 23.05 22.08 -11.61
CA VAL G 440 22.16 21.00 -12.02
C VAL G 440 22.83 20.20 -13.13
N PRO G 441 22.57 18.88 -13.24
CA PRO G 441 23.18 18.11 -14.33
C PRO G 441 22.76 18.59 -15.71
N GLU G 442 21.54 19.07 -15.86
CA GLU G 442 21.07 19.59 -17.15
C GLU G 442 19.85 20.48 -16.96
N ARG G 447 8.21 21.77 -17.39
CA ARG G 447 7.10 22.68 -17.66
C ARG G 447 6.59 23.32 -16.37
N VAL G 448 6.49 24.64 -16.36
CA VAL G 448 5.97 25.36 -15.19
C VAL G 448 4.45 25.41 -15.28
N PRO G 449 3.74 25.01 -14.23
CA PRO G 449 2.27 25.02 -14.28
C PRO G 449 1.71 26.43 -14.31
N PHE G 450 0.49 26.54 -14.85
CA PHE G 450 -0.21 27.81 -14.88
C PHE G 450 -0.70 28.19 -13.49
N ARG G 451 -0.66 29.48 -13.18
CA ARG G 451 -1.02 29.96 -11.84
C ARG G 451 -2.06 31.08 -11.87
N GLY G 452 -2.72 31.31 -13.00
CA GLY G 452 -3.76 32.32 -13.08
C GLY G 452 -3.21 33.72 -13.27
N PRO G 453 -4.08 34.72 -13.16
CA PRO G 453 -3.64 36.10 -13.36
C PRO G 453 -2.77 36.60 -12.21
N LEU G 454 -1.97 37.63 -12.51
CA LEU G 454 -1.11 38.24 -11.51
C LEU G 454 -1.93 38.95 -10.43
N GLY G 455 -3.04 39.56 -10.82
CA GLY G 455 -3.79 40.37 -9.88
C GLY G 455 -4.28 39.60 -8.67
N THR G 456 -4.68 38.34 -8.87
CA THR G 456 -5.13 37.53 -7.75
C THR G 456 -4.00 37.28 -6.75
N VAL G 457 -2.81 36.96 -7.26
CA VAL G 457 -1.67 36.72 -6.38
C VAL G 457 -1.30 37.98 -5.63
N ILE G 458 -1.27 39.12 -6.33
CA ILE G 458 -0.91 40.38 -5.69
C ILE G 458 -1.94 40.74 -4.61
N HIS G 459 -3.22 40.56 -4.93
CA HIS G 459 -4.28 40.87 -3.96
C HIS G 459 -4.17 39.99 -2.73
N GLN G 460 -3.90 38.69 -2.91
CA GLN G 460 -3.76 37.79 -1.77
C GLN G 460 -2.56 38.18 -0.90
N LEU G 461 -1.43 38.47 -1.54
CA LEU G 461 -0.24 38.85 -0.78
C LEU G 461 -0.45 40.15 -0.02
N THR G 462 -1.07 41.14 -0.66
CA THR G 462 -1.34 42.41 0.01
C THR G 462 -2.34 42.24 1.14
N GLY G 463 -3.32 41.36 0.97
CA GLY G 463 -4.26 41.09 2.06
C GLY G 463 -3.57 40.47 3.25
N GLY G 464 -2.68 39.51 3.01
CA GLY G 464 -1.91 38.94 4.11
C GLY G 464 -1.04 39.97 4.80
N LEU G 465 -0.38 40.82 4.02
CA LEU G 465 0.47 41.86 4.61
C LEU G 465 -0.35 42.84 5.44
N ARG G 466 -1.53 43.22 4.95
CA ARG G 466 -2.38 44.15 5.69
C ARG G 466 -2.93 43.51 6.96
N ALA G 467 -3.22 42.20 6.90
CA ALA G 467 -3.64 41.50 8.11
C ALA G 467 -2.51 41.50 9.14
N ALA G 468 -1.27 41.26 8.70
CA ALA G 468 -0.14 41.32 9.62
C ALA G 468 0.03 42.72 10.20
N MET G 469 -0.13 43.75 9.37
CA MET G 469 0.00 45.12 9.85
C MET G 469 -1.08 45.46 10.87
N GLY G 470 -2.30 44.95 10.65
CA GLY G 470 -3.36 45.14 11.62
C GLY G 470 -3.09 44.41 12.93
N TYR G 471 -2.58 43.18 12.84
CA TYR G 471 -2.28 42.40 14.05
C TYR G 471 -1.18 43.04 14.87
N THR G 472 -0.11 43.49 14.22
CA THR G 472 1.02 44.08 14.93
C THR G 472 0.83 45.56 15.23
N GLY G 473 -0.25 46.17 14.77
CA GLY G 473 -0.45 47.59 14.98
C GLY G 473 0.53 48.48 14.22
N SER G 474 0.85 48.11 12.98
CA SER G 474 1.82 48.84 12.18
C SER G 474 1.06 49.72 11.19
N ALA G 475 1.10 51.03 11.41
CA ALA G 475 0.45 51.94 10.47
C ALA G 475 1.22 52.01 9.15
N THR G 476 2.54 51.84 9.19
CA THR G 476 3.39 51.92 8.02
C THR G 476 4.35 50.72 8.00
N ILE G 477 5.03 50.55 6.87
CA ILE G 477 6.05 49.50 6.76
C ILE G 477 7.21 49.79 7.70
N GLU G 478 7.54 51.06 7.90
CA GLU G 478 8.62 51.41 8.82
C GLU G 478 8.27 51.01 10.26
N GLN G 479 7.00 51.07 10.64
CA GLN G 479 6.59 50.57 11.94
C GLN G 479 6.55 49.04 11.97
N LEU G 480 6.17 48.42 10.84
CA LEU G 480 6.18 46.96 10.77
C LEU G 480 7.59 46.41 10.94
N GLN G 481 8.59 47.18 10.51
CA GLN G 481 9.98 46.74 10.66
C GLN G 481 10.42 46.71 12.11
N GLN G 482 9.64 47.26 13.03
CA GLN G 482 9.92 47.19 14.45
C GLN G 482 9.14 46.08 15.15
N ALA G 483 8.36 45.29 14.42
CA ALA G 483 7.58 44.22 15.03
C ALA G 483 8.48 43.12 15.56
N GLN G 484 8.01 42.43 16.59
CA GLN G 484 8.76 41.38 17.25
C GLN G 484 8.36 40.01 16.74
N PHE G 485 9.30 39.08 16.81
CA PHE G 485 9.07 37.68 16.44
C PHE G 485 9.00 36.81 17.69
N VAL G 486 8.28 35.70 17.56
CA VAL G 486 8.34 34.60 18.51
C VAL G 486 8.85 33.37 17.76
N GLN G 487 9.89 32.75 18.29
CA GLN G 487 10.43 31.53 17.69
C GLN G 487 9.58 30.34 18.11
N ILE G 488 9.32 29.45 17.17
CA ILE G 488 8.50 28.27 17.43
C ILE G 488 9.35 27.01 17.25
N THR G 489 8.94 25.95 17.93
CA THR G 489 9.65 24.69 17.92
C THR G 489 9.23 23.84 16.71
N ALA G 490 9.81 22.64 16.64
CA ALA G 490 9.45 21.70 15.56
C ALA G 490 7.99 21.30 15.64
N ALA G 491 7.46 21.16 16.87
CA ALA G 491 6.05 20.83 17.03
C ALA G 491 5.15 21.90 16.43
N GLY G 492 5.62 23.15 16.37
CA GLY G 492 4.85 24.21 15.73
C GLY G 492 4.71 24.04 14.23
N LEU G 493 5.59 23.27 13.61
CA LEU G 493 5.48 22.97 12.19
C LEU G 493 4.71 21.68 11.93
N LYS G 494 4.39 20.91 12.96
CA LYS G 494 3.76 19.62 12.78
C LYS G 494 2.28 19.80 12.44
N GLU G 495 1.84 19.13 11.38
CA GLU G 495 0.46 19.21 10.94
C GLU G 495 -0.47 18.48 11.91
N VAL H 12 28.40 39.26 21.02
CA VAL H 12 27.64 40.49 21.21
C VAL H 12 26.41 40.56 20.28
N PRO H 13 26.55 40.27 18.98
CA PRO H 13 25.35 40.18 18.14
C PRO H 13 24.52 38.98 18.55
N VAL H 14 23.23 39.09 18.29
CA VAL H 14 22.30 38.01 18.63
C VAL H 14 22.62 36.79 17.76
N PRO H 15 22.71 35.58 18.34
CA PRO H 15 23.05 34.41 17.52
C PRO H 15 22.06 34.11 16.41
N THR H 16 20.81 34.57 16.53
CA THR H 16 19.83 34.40 15.47
C THR H 16 19.80 35.58 14.50
N GLY H 17 20.67 36.57 14.69
CA GLY H 17 20.80 37.66 13.75
C GLY H 17 20.49 39.02 14.33
N GLY H 18 21.14 40.06 13.80
CA GLY H 18 20.89 41.41 14.23
C GLY H 18 21.58 41.75 15.53
N ASP H 19 21.32 42.97 16.00
CA ASP H 19 21.86 43.45 17.27
C ASP H 19 20.82 43.56 18.38
N ASP H 20 19.53 43.56 18.04
CA ASP H 20 18.48 43.69 19.04
C ASP H 20 18.20 42.34 19.67
N PRO H 21 18.43 42.16 20.98
CA PRO H 21 18.12 40.88 21.62
C PRO H 21 16.64 40.62 21.81
N THR H 22 15.79 41.63 21.64
CA THR H 22 14.34 41.47 21.81
C THR H 22 13.60 41.35 20.49
N LYS H 23 14.31 41.24 19.36
CA LYS H 23 13.64 41.05 18.08
C LYS H 23 12.88 39.73 18.06
N VAL H 24 13.52 38.65 18.52
CA VAL H 24 12.86 37.38 18.77
C VAL H 24 12.56 37.36 20.28
N ALA H 25 11.34 37.76 20.63
CA ALA H 25 11.02 38.02 22.03
C ALA H 25 11.10 36.76 22.89
N MET H 26 10.60 35.64 22.39
CA MET H 26 10.46 34.46 23.24
C MET H 26 10.46 33.21 22.37
N LEU H 27 10.61 32.06 23.05
CA LEU H 27 10.50 30.75 22.42
C LEU H 27 9.15 30.17 22.79
N GLY H 28 8.25 30.07 21.82
CA GLY H 28 6.88 29.65 22.07
C GLY H 28 6.70 28.15 22.09
N LEU H 29 6.11 27.64 23.17
CA LEU H 29 5.80 26.22 23.30
C LEU H 29 4.32 25.99 23.01
N THR H 30 4.05 24.94 22.25
CA THR H 30 2.69 24.50 21.99
C THR H 30 2.37 23.27 22.85
N PHE H 31 1.17 22.72 22.67
CA PHE H 31 0.75 21.58 23.48
C PHE H 31 1.64 20.37 23.26
N ASP H 32 2.04 20.11 22.01
CA ASP H 32 2.88 18.96 21.71
C ASP H 32 4.28 19.10 22.30
N ASP H 33 4.68 20.31 22.67
CA ASP H 33 6.02 20.53 23.22
C ASP H 33 6.17 20.00 24.64
N VAL H 34 5.07 19.91 25.40
CA VAL H 34 5.17 19.65 26.83
C VAL H 34 4.32 18.44 27.21
N LEU H 35 4.71 17.83 28.32
CA LEU H 35 3.93 16.78 28.97
C LEU H 35 3.82 17.10 30.45
N LEU H 36 2.77 16.57 31.08
CA LEU H 36 2.61 16.72 32.52
C LEU H 36 3.45 15.67 33.25
N LEU H 37 4.31 16.13 34.14
CA LEU H 37 5.11 15.23 34.95
C LEU H 37 4.26 14.59 36.04
N PRO H 38 4.34 13.28 36.26
CA PRO H 38 3.66 12.68 37.40
C PRO H 38 4.22 13.22 38.71
N ALA H 39 3.35 13.32 39.71
CA ALA H 39 3.74 13.82 41.02
C ALA H 39 3.08 12.98 42.10
N ALA H 40 3.44 13.25 43.35
CA ALA H 40 2.84 12.55 44.48
C ALA H 40 1.33 12.74 44.48
N SER H 41 0.60 11.63 44.53
CA SER H 41 -0.84 11.65 44.29
C SER H 41 -1.55 10.69 45.24
N ASP H 42 -2.51 11.23 45.99
CA ASP H 42 -3.52 10.42 46.68
C ASP H 42 -4.88 10.54 46.02
N VAL H 43 -4.91 11.05 44.79
CA VAL H 43 -6.15 11.43 44.11
C VAL H 43 -6.61 10.28 43.24
N VAL H 44 -7.86 9.85 43.45
CA VAL H 44 -8.52 8.90 42.56
C VAL H 44 -9.20 9.70 41.45
N PRO H 45 -9.05 9.33 40.19
CA PRO H 45 -9.68 10.11 39.11
C PRO H 45 -11.17 10.30 39.27
N ALA H 46 -11.90 9.29 39.75
CA ALA H 46 -13.34 9.41 39.93
C ALA H 46 -13.71 10.47 40.97
N THR H 47 -12.88 10.64 42.00
CA THR H 47 -13.14 11.61 43.05
C THR H 47 -12.49 12.96 42.81
N ALA H 48 -11.82 13.15 41.68
CA ALA H 48 -11.21 14.44 41.38
C ALA H 48 -12.28 15.48 41.14
N ASP H 49 -12.09 16.67 41.73
CA ASP H 49 -13.06 17.76 41.64
C ASP H 49 -12.67 18.64 40.45
N THR H 50 -13.45 18.57 39.38
CA THR H 50 -13.15 19.29 38.15
C THR H 50 -13.80 20.66 38.07
N SER H 51 -14.42 21.14 39.14
CA SER H 51 -15.04 22.45 39.11
C SER H 51 -13.99 23.55 38.93
N SER H 52 -14.38 24.59 38.21
CA SER H 52 -13.46 25.69 37.92
C SER H 52 -14.26 26.97 37.67
N GLN H 53 -13.58 28.10 37.77
CA GLN H 53 -14.21 29.40 37.59
C GLN H 53 -14.19 29.78 36.12
N LEU H 54 -15.38 29.95 35.53
CA LEU H 54 -15.46 30.53 34.20
C LEU H 54 -15.16 32.02 34.24
N THR H 55 -15.76 32.73 35.19
CA THR H 55 -15.49 34.14 35.41
C THR H 55 -15.23 34.36 36.90
N LYS H 56 -15.19 35.63 37.32
CA LYS H 56 -14.99 35.93 38.72
C LYS H 56 -16.11 35.38 39.59
N ARG H 57 -17.34 35.34 39.07
CA ARG H 57 -18.51 34.99 39.84
C ARG H 57 -19.21 33.70 39.41
N ILE H 58 -18.80 33.10 38.30
CA ILE H 58 -19.45 31.91 37.76
C ILE H 58 -18.49 30.74 37.85
N ARG H 59 -18.91 29.67 38.52
CA ARG H 59 -18.14 28.44 38.65
C ARG H 59 -18.87 27.31 37.95
N LEU H 60 -18.15 26.58 37.10
CA LEU H 60 -18.71 25.48 36.33
C LEU H 60 -18.34 24.14 36.96
N ARG H 61 -19.27 23.18 36.88
CA ARG H 61 -18.95 21.83 37.33
C ARG H 61 -17.86 21.21 36.46
N VAL H 62 -17.96 21.37 35.14
CA VAL H 62 -16.98 20.87 34.19
C VAL H 62 -16.41 22.07 33.44
N PRO H 63 -15.10 22.29 33.45
CA PRO H 63 -14.51 23.53 32.92
C PRO H 63 -14.41 23.53 31.39
N LEU H 64 -15.54 23.33 30.72
CA LEU H 64 -15.56 23.26 29.27
C LEU H 64 -16.64 24.20 28.74
N VAL H 65 -16.25 25.09 27.83
CA VAL H 65 -17.17 26.03 27.20
C VAL H 65 -17.18 25.81 25.70
N SER H 66 -18.37 25.70 25.12
CA SER H 66 -18.48 25.54 23.68
C SER H 66 -18.15 26.88 23.00
N SER H 67 -17.34 26.83 21.95
CA SER H 67 -16.92 28.05 21.26
C SER H 67 -18.09 28.76 20.61
N ALA H 68 -18.01 30.09 20.55
CA ALA H 68 -19.02 30.92 19.90
C ALA H 68 -18.84 30.92 18.38
N MET H 69 -18.88 29.71 17.80
CA MET H 69 -18.74 29.52 16.36
C MET H 69 -20.09 29.15 15.75
N ASP H 70 -20.36 29.71 14.57
CA ASP H 70 -21.63 29.46 13.90
C ASP H 70 -21.91 27.96 13.77
N THR H 71 -20.87 27.17 13.52
CA THR H 71 -21.01 25.73 13.31
C THR H 71 -21.02 24.94 14.61
N VAL H 72 -20.94 25.60 15.77
CA VAL H 72 -20.77 24.90 17.02
C VAL H 72 -21.94 25.12 17.98
N THR H 73 -22.22 26.38 18.31
CA THR H 73 -23.11 26.70 19.43
C THR H 73 -24.30 27.53 18.97
N GLU H 74 -25.49 26.96 19.08
CA GLU H 74 -26.71 27.72 19.24
C GLU H 74 -27.53 27.03 20.33
N SER H 75 -28.81 27.36 20.41
CA SER H 75 -29.60 27.06 21.61
C SER H 75 -29.50 25.60 22.04
N ARG H 76 -29.56 24.66 21.09
CA ARG H 76 -29.49 23.25 21.44
C ARG H 76 -28.14 22.89 22.07
N MET H 77 -27.05 23.35 21.44
CA MET H 77 -25.72 23.08 22.00
C MET H 77 -25.53 23.76 23.34
N ALA H 78 -26.04 24.99 23.48
CA ALA H 78 -25.92 25.70 24.75
C ALA H 78 -26.65 24.96 25.87
N ILE H 79 -27.86 24.47 25.58
CA ILE H 79 -28.60 23.71 26.58
C ILE H 79 -27.86 22.42 26.93
N ALA H 80 -27.36 21.72 25.93
CA ALA H 80 -26.65 20.46 26.18
C ALA H 80 -25.39 20.70 27.01
N MET H 81 -24.64 21.75 26.71
CA MET H 81 -23.43 22.06 27.48
C MET H 81 -23.77 22.46 28.90
N ALA H 82 -24.83 23.26 29.08
CA ALA H 82 -25.23 23.66 30.43
C ALA H 82 -25.66 22.44 31.25
N ARG H 83 -26.38 21.51 30.63
CA ARG H 83 -26.79 20.31 31.33
C ARG H 83 -25.60 19.42 31.67
N ALA H 84 -24.57 19.42 30.82
CA ALA H 84 -23.36 18.64 31.04
C ALA H 84 -22.48 19.21 32.13
N GLY H 85 -22.80 20.39 32.66
CA GLY H 85 -22.00 21.03 33.68
C GLY H 85 -21.13 22.16 33.21
N GLY H 86 -21.01 22.35 31.91
CA GLY H 86 -20.26 23.46 31.34
C GLY H 86 -21.16 24.62 30.99
N MET H 87 -20.83 25.28 29.88
CA MET H 87 -21.65 26.37 29.37
C MET H 87 -21.40 26.51 27.88
N GLY H 88 -22.25 27.29 27.22
CA GLY H 88 -22.08 27.58 25.82
C GLY H 88 -22.22 29.07 25.57
N VAL H 89 -21.48 29.54 24.57
CA VAL H 89 -21.56 30.92 24.11
C VAL H 89 -22.24 30.93 22.75
N LEU H 90 -23.32 31.69 22.64
CA LEU H 90 -24.07 31.76 21.39
C LEU H 90 -23.35 32.61 20.36
N HIS H 91 -23.20 32.09 19.16
CA HIS H 91 -22.49 32.80 18.10
C HIS H 91 -23.29 34.02 17.63
N ARG H 92 -22.57 35.04 17.18
CA ARG H 92 -23.18 36.30 16.76
C ARG H 92 -23.26 36.43 15.24
N ASN H 93 -23.06 35.35 14.49
CA ASN H 93 -23.16 35.41 13.04
C ASN H 93 -24.62 35.31 12.60
N LEU H 94 -25.47 36.15 13.17
CA LEU H 94 -26.90 36.14 12.90
C LEU H 94 -27.51 37.44 13.40
N PRO H 95 -28.75 37.76 13.01
CA PRO H 95 -29.39 38.99 13.49
C PRO H 95 -29.58 39.05 15.00
N VAL H 96 -29.71 40.28 15.49
CA VAL H 96 -29.80 40.51 16.93
C VAL H 96 -31.03 39.84 17.54
N ALA H 97 -32.18 39.98 16.88
CA ALA H 97 -33.41 39.40 17.41
C ALA H 97 -33.31 37.88 17.49
N GLU H 98 -32.66 37.26 16.51
CA GLU H 98 -32.49 35.81 16.54
C GLU H 98 -31.60 35.37 17.71
N GLN H 99 -30.52 36.11 17.97
CA GLN H 99 -29.63 35.76 19.08
C GLN H 99 -30.35 35.94 20.42
N ALA H 100 -31.11 37.03 20.56
CA ALA H 100 -31.89 37.21 21.78
C ALA H 100 -32.92 36.09 21.93
N GLY H 101 -33.54 35.66 20.83
CA GLY H 101 -34.46 34.56 20.89
C GLY H 101 -33.81 33.26 21.32
N GLN H 102 -32.59 33.01 20.84
CA GLN H 102 -31.86 31.83 21.28
C GLN H 102 -31.49 31.91 22.75
N VAL H 103 -31.11 33.11 23.21
CA VAL H 103 -30.84 33.31 24.64
C VAL H 103 -32.08 32.96 25.45
N GLU H 104 -33.24 33.45 25.03
CA GLU H 104 -34.48 33.18 25.73
C GLU H 104 -34.84 31.69 25.67
N THR H 105 -34.58 31.04 24.53
CA THR H 105 -34.84 29.62 24.41
C THR H 105 -34.00 28.83 25.39
N VAL H 106 -32.73 29.18 25.54
CA VAL H 106 -31.88 28.49 26.51
C VAL H 106 -32.36 28.77 27.93
N LYS H 107 -32.70 30.03 28.23
CA LYS H 107 -33.03 30.40 29.60
C LYS H 107 -34.35 29.79 30.05
N ARG H 108 -35.34 29.73 29.17
CA ARG H 108 -36.68 29.30 29.59
C ARG H 108 -36.75 27.79 29.82
N SER H 109 -35.82 27.02 29.28
CA SER H 109 -35.83 25.57 29.48
C SER H 109 -35.26 25.20 30.84
N LYS H 231 -26.52 26.42 36.29
CA LYS H 231 -27.74 27.18 36.55
C LYS H 231 -27.45 28.45 37.34
N ASP H 232 -28.27 29.48 37.13
CA ASP H 232 -28.15 30.72 37.87
C ASP H 232 -28.89 30.63 39.19
N SER H 233 -29.03 31.77 39.87
CA SER H 233 -29.71 31.81 41.16
C SER H 233 -31.21 31.53 41.04
N ASP H 234 -31.78 31.70 39.85
CA ASP H 234 -33.20 31.46 39.62
C ASP H 234 -33.50 30.07 39.12
N GLY H 235 -32.49 29.21 38.98
CA GLY H 235 -32.69 27.85 38.52
C GLY H 235 -32.67 27.66 37.03
N ARG H 236 -32.49 28.71 36.25
CA ARG H 236 -32.44 28.60 34.80
C ARG H 236 -31.02 28.32 34.33
N LEU H 237 -30.93 27.67 33.17
CA LEU H 237 -29.63 27.31 32.62
C LEU H 237 -28.80 28.54 32.31
N LEU H 238 -27.50 28.47 32.60
CA LEU H 238 -26.59 29.56 32.31
C LEU H 238 -26.21 29.57 30.83
N VAL H 239 -26.17 30.76 30.24
CA VAL H 239 -25.84 30.91 28.84
C VAL H 239 -25.01 32.17 28.64
N GLY H 240 -24.11 32.11 27.67
CA GLY H 240 -23.35 33.28 27.26
C GLY H 240 -23.58 33.63 25.82
N ALA H 241 -23.23 34.85 25.43
CA ALA H 241 -23.42 35.30 24.06
C ALA H 241 -22.24 36.17 23.64
N ALA H 242 -21.89 36.07 22.36
CA ALA H 242 -20.80 36.85 21.80
C ALA H 242 -21.32 38.16 21.23
N VAL H 243 -20.51 39.21 21.35
CA VAL H 243 -20.79 40.52 20.76
C VAL H 243 -19.51 41.03 20.12
N GLY H 244 -19.68 41.95 19.18
CA GLY H 244 -18.58 42.60 18.50
C GLY H 244 -18.27 43.97 19.05
N VAL H 245 -17.79 44.85 18.18
CA VAL H 245 -17.47 46.23 18.55
C VAL H 245 -18.24 47.16 17.62
N GLY H 246 -18.82 48.21 18.19
CA GLY H 246 -19.58 49.20 17.44
C GLY H 246 -20.94 49.46 18.07
N ASP H 247 -21.60 50.47 17.51
CA ASP H 247 -22.93 50.86 17.98
C ASP H 247 -23.95 49.75 17.74
N ASP H 248 -23.87 49.08 16.58
CA ASP H 248 -24.69 47.90 16.36
C ASP H 248 -24.37 46.82 17.38
N ALA H 249 -23.08 46.65 17.72
CA ALA H 249 -22.70 45.71 18.76
C ALA H 249 -23.24 46.14 20.11
N TRP H 250 -23.26 47.45 20.39
CA TRP H 250 -23.83 47.92 21.65
C TRP H 250 -25.32 47.61 21.74
N THR H 251 -26.05 47.85 20.65
CA THR H 251 -27.48 47.51 20.63
C THR H 251 -27.68 46.02 20.82
N ARG H 252 -26.85 45.20 20.15
CA ARG H 252 -26.93 43.75 20.32
C ARG H 252 -26.67 43.36 21.76
N ALA H 253 -25.66 43.95 22.40
CA ALA H 253 -25.33 43.60 23.77
C ALA H 253 -26.46 43.96 24.72
N MET H 254 -27.04 45.14 24.55
CA MET H 254 -28.15 45.53 25.42
C MET H 254 -29.37 44.63 25.20
N THR H 255 -29.65 44.26 23.95
CA THR H 255 -30.75 43.34 23.69
C THR H 255 -30.50 41.98 24.34
N LEU H 256 -29.28 41.46 24.24
CA LEU H 256 -28.96 40.18 24.83
C LEU H 256 -29.06 40.23 26.36
N VAL H 257 -28.64 41.36 26.95
CA VAL H 257 -28.80 41.53 28.39
C VAL H 257 -30.27 41.53 28.78
N ASP H 258 -31.10 42.23 27.99
CA ASP H 258 -32.54 42.24 28.27
C ASP H 258 -33.15 40.86 28.16
N ALA H 259 -32.66 40.03 27.23
CA ALA H 259 -33.16 38.67 27.09
C ALA H 259 -32.75 37.76 28.24
N GLY H 260 -31.85 38.20 29.10
CA GLY H 260 -31.45 37.44 30.27
C GLY H 260 -30.15 36.70 30.16
N VAL H 261 -29.23 37.15 29.30
CA VAL H 261 -27.95 36.47 29.15
C VAL H 261 -27.12 36.66 30.42
N ASP H 262 -26.24 35.70 30.68
CA ASP H 262 -25.44 35.73 31.89
C ASP H 262 -24.00 36.17 31.64
N VAL H 263 -23.44 35.84 30.48
CA VAL H 263 -22.08 36.22 30.13
C VAL H 263 -22.10 36.89 28.76
N LEU H 264 -21.44 38.04 28.66
CA LEU H 264 -21.19 38.71 27.40
C LEU H 264 -19.72 38.53 27.07
N ILE H 265 -19.42 38.03 25.89
CA ILE H 265 -18.04 37.85 25.45
C ILE H 265 -17.80 38.85 24.32
N VAL H 266 -16.93 39.82 24.57
CA VAL H 266 -16.52 40.71 23.49
C VAL H 266 -15.46 39.95 22.70
N ASP H 267 -15.93 39.20 21.71
CA ASP H 267 -15.13 38.24 20.96
C ASP H 267 -14.53 38.91 19.74
N THR H 268 -13.20 39.02 19.73
CA THR H 268 -12.47 39.65 18.64
C THR H 268 -11.26 38.79 18.31
N ALA H 269 -10.82 38.85 17.06
CA ALA H 269 -9.61 38.14 16.68
C ALA H 269 -8.38 38.75 17.36
N HIS H 270 -8.40 40.06 17.59
CA HIS H 270 -7.26 40.77 18.17
C HIS H 270 -7.80 41.79 19.16
N ALA H 271 -7.80 41.44 20.44
CA ALA H 271 -8.40 42.27 21.48
C ALA H 271 -7.47 43.35 22.01
N HIS H 272 -6.21 43.38 21.57
CA HIS H 272 -5.29 44.44 21.99
C HIS H 272 -5.52 45.69 21.13
N ASN H 273 -6.77 46.16 21.16
CA ASN H 273 -7.21 47.27 20.35
C ASN H 273 -7.99 48.23 21.25
N ARG H 274 -7.84 49.53 21.00
CA ARG H 274 -8.48 50.52 21.86
C ARG H 274 -9.99 50.41 21.81
N GLY H 275 -10.55 50.11 20.64
CA GLY H 275 -11.99 49.96 20.54
C GLY H 275 -12.53 48.80 21.37
N VAL H 276 -11.82 47.67 21.37
CA VAL H 276 -12.25 46.52 22.15
C VAL H 276 -12.21 46.85 23.64
N LEU H 277 -11.14 47.50 24.10
CA LEU H 277 -11.04 47.86 25.50
C LEU H 277 -12.12 48.86 25.89
N ASP H 278 -12.40 49.82 25.01
CA ASP H 278 -13.47 50.78 25.28
C ASP H 278 -14.82 50.09 25.39
N MET H 279 -15.10 49.15 24.49
CA MET H 279 -16.36 48.42 24.54
C MET H 279 -16.46 47.59 25.82
N VAL H 280 -15.36 46.95 26.22
CA VAL H 280 -15.36 46.16 27.44
C VAL H 280 -15.64 47.05 28.65
N SER H 281 -14.97 48.20 28.72
CA SER H 281 -15.15 49.11 29.84
C SER H 281 -16.58 49.66 29.88
N ARG H 282 -17.13 50.02 28.71
CA ARG H 282 -18.51 50.52 28.67
C ARG H 282 -19.49 49.46 29.13
N LEU H 283 -19.33 48.22 28.66
CA LEU H 283 -20.22 47.15 29.10
C LEU H 283 -20.10 46.89 30.59
N LYS H 284 -18.87 46.93 31.12
CA LYS H 284 -18.69 46.72 32.55
C LYS H 284 -19.36 47.82 33.37
N GLN H 285 -19.26 49.06 32.93
CA GLN H 285 -19.91 50.15 33.65
C GLN H 285 -21.43 50.07 33.54
N ALA H 286 -21.94 49.68 32.37
CA ALA H 286 -23.38 49.70 32.16
C ALA H 286 -24.06 48.51 32.83
N VAL H 287 -23.67 47.29 32.45
CA VAL H 287 -24.37 46.08 32.85
C VAL H 287 -23.46 45.15 33.64
N GLY H 288 -22.39 45.68 34.23
CA GLY H 288 -21.48 44.85 35.00
C GLY H 288 -22.06 44.31 36.28
N GLU H 289 -23.14 44.91 36.78
CA GLU H 289 -23.78 44.44 38.00
C GLU H 289 -24.65 43.22 37.76
N ARG H 290 -25.03 42.96 36.51
CA ARG H 290 -25.98 41.90 36.20
C ARG H 290 -25.39 40.80 35.32
N VAL H 291 -24.41 41.11 34.48
CA VAL H 291 -23.76 40.12 33.62
C VAL H 291 -22.25 40.23 33.80
N ASP H 292 -21.55 39.21 33.33
CA ASP H 292 -20.09 39.18 33.35
C ASP H 292 -19.58 39.47 31.96
N VAL H 293 -18.44 40.17 31.87
CA VAL H 293 -17.86 40.58 30.59
C VAL H 293 -16.53 39.87 30.41
N VAL H 294 -16.36 39.18 29.28
CA VAL H 294 -15.15 38.44 28.98
C VAL H 294 -14.46 39.09 27.80
N GLY H 295 -13.17 39.38 27.95
CA GLY H 295 -12.41 40.01 26.89
C GLY H 295 -11.98 39.02 25.82
N GLY H 296 -11.80 39.55 24.61
CA GLY H 296 -11.55 38.76 23.43
C GLY H 296 -10.18 38.09 23.46
N ASN H 297 -9.83 37.55 22.30
CA ASN H 297 -8.62 36.74 22.20
C ASN H 297 -7.37 37.61 22.26
N VAL H 298 -6.49 37.30 23.20
CA VAL H 298 -5.19 37.92 23.34
C VAL H 298 -4.16 36.81 23.39
N ALA H 299 -2.90 37.18 23.17
CA ALA H 299 -1.82 36.20 23.16
C ALA H 299 -0.58 36.66 23.91
N THR H 300 -0.57 37.87 24.45
CA THR H 300 0.60 38.42 25.12
C THR H 300 0.22 38.86 26.53
N ARG H 301 1.24 39.08 27.35
CA ARG H 301 1.02 39.55 28.72
C ARG H 301 0.46 40.97 28.73
N ALA H 302 0.96 41.84 27.86
CA ALA H 302 0.52 43.23 27.85
C ALA H 302 -0.96 43.33 27.46
N ALA H 303 -1.40 42.56 26.48
CA ALA H 303 -2.79 42.58 26.08
C ALA H 303 -3.70 42.08 27.21
N ALA H 304 -3.28 41.02 27.90
CA ALA H 304 -4.06 40.52 29.03
C ALA H 304 -4.13 41.56 30.14
N ALA H 305 -3.03 42.24 30.42
CA ALA H 305 -3.04 43.29 31.43
C ALA H 305 -3.96 44.44 31.01
N ALA H 306 -3.95 44.78 29.73
CA ALA H 306 -4.85 45.82 29.24
C ALA H 306 -6.32 45.42 29.43
N LEU H 307 -6.64 44.16 29.12
CA LEU H 307 -8.01 43.68 29.32
C LEU H 307 -8.39 43.68 30.79
N VAL H 308 -7.46 43.32 31.67
CA VAL H 308 -7.73 43.36 33.10
C VAL H 308 -7.98 44.80 33.56
N GLU H 309 -7.19 45.75 33.06
CA GLU H 309 -7.40 47.15 33.41
C GLU H 309 -8.74 47.67 32.90
N ALA H 310 -9.23 47.11 31.78
CA ALA H 310 -10.51 47.54 31.23
C ALA H 310 -11.70 47.01 32.01
N GLY H 311 -11.50 46.12 32.97
CA GLY H 311 -12.58 45.58 33.77
C GLY H 311 -13.13 44.25 33.33
N ALA H 312 -12.41 43.50 32.50
CA ALA H 312 -12.89 42.21 32.05
C ALA H 312 -12.94 41.22 33.20
N ASP H 313 -14.04 40.48 33.29
CA ASP H 313 -14.18 39.45 34.32
C ASP H 313 -13.47 38.15 33.96
N ALA H 314 -13.12 37.97 32.68
CA ALA H 314 -12.32 36.84 32.23
C ALA H 314 -11.58 37.25 30.98
N VAL H 315 -10.49 36.57 30.70
CA VAL H 315 -9.65 36.89 29.54
C VAL H 315 -9.57 35.65 28.66
N LYS H 316 -9.94 35.79 27.38
CA LYS H 316 -9.82 34.67 26.45
C LYS H 316 -8.49 34.77 25.72
N VAL H 317 -7.82 33.62 25.58
CA VAL H 317 -6.43 33.57 25.15
C VAL H 317 -6.31 32.70 23.91
N GLY H 318 -5.63 33.22 22.90
CA GLY H 318 -5.28 32.47 21.71
C GLY H 318 -5.41 33.28 20.45
N VAL H 319 -4.32 33.39 19.71
CA VAL H 319 -4.25 34.13 18.45
C VAL H 319 -3.44 33.28 17.49
N GLY H 320 -4.12 32.64 16.54
CA GLY H 320 -3.49 31.67 15.67
C GLY H 320 -2.78 30.56 16.43
N PRO H 321 -3.49 29.86 17.33
CA PRO H 321 -2.83 28.86 18.16
C PRO H 321 -2.52 27.55 17.44
N GLY H 322 -3.25 27.23 16.37
CA GLY H 322 -2.99 26.02 15.64
C GLY H 322 -1.76 26.12 14.76
N SER H 323 -1.15 24.96 14.49
CA SER H 323 0.09 24.95 13.72
C SER H 323 -0.15 25.31 12.26
N ILE H 324 -1.18 24.73 11.66
CA ILE H 324 -1.48 24.96 10.24
C ILE H 324 -2.53 26.06 10.09
N CYS H 325 -2.70 26.89 11.13
CA CYS H 325 -3.74 27.89 11.18
C CYS H 325 -3.62 28.89 10.04
N THR H 326 -4.77 29.35 9.57
CA THR H 326 -4.81 30.32 8.47
C THR H 326 -4.12 31.62 8.85
N THR H 327 -4.27 32.06 10.10
CA THR H 327 -3.61 33.29 10.54
C THR H 327 -2.10 33.17 10.40
N ARG H 328 -1.53 32.01 10.72
CA ARG H 328 -0.09 31.82 10.59
C ARG H 328 0.34 31.77 9.13
N VAL H 329 -0.44 31.09 8.29
CA VAL H 329 -0.05 30.89 6.89
C VAL H 329 -0.16 32.19 6.11
N VAL H 330 -1.26 32.92 6.29
CA VAL H 330 -1.56 34.07 5.44
C VAL H 330 -0.94 35.36 6.00
N ALA H 331 -1.11 35.61 7.29
CA ALA H 331 -0.60 36.84 7.89
C ALA H 331 0.76 36.67 8.54
N GLY H 332 1.21 35.44 8.77
CA GLY H 332 2.44 35.22 9.50
C GLY H 332 2.37 35.58 10.96
N VAL H 333 1.16 35.59 11.53
CA VAL H 333 0.93 36.02 12.91
C VAL H 333 0.47 34.81 13.72
N GLY H 334 0.97 34.69 14.93
CA GLY H 334 0.53 33.62 15.79
C GLY H 334 1.31 33.62 17.09
N ALA H 335 0.85 32.78 18.00
CA ALA H 335 1.51 32.57 19.28
C ALA H 335 1.22 31.15 19.75
N PRO H 336 2.25 30.34 20.01
CA PRO H 336 2.00 29.00 20.56
C PRO H 336 1.23 29.10 21.87
N GLN H 337 0.26 28.18 22.04
CA GLN H 337 -0.80 28.39 23.01
C GLN H 337 -0.31 28.24 24.45
N ILE H 338 0.64 27.32 24.71
CA ILE H 338 1.11 27.14 26.08
C ILE H 338 1.83 28.39 26.57
N THR H 339 2.71 28.96 25.74
CA THR H 339 3.42 30.17 26.12
C THR H 339 2.46 31.35 26.28
N ALA H 340 1.50 31.48 25.36
CA ALA H 340 0.52 32.56 25.46
C ALA H 340 -0.31 32.45 26.73
N ILE H 341 -0.72 31.22 27.09
CA ILE H 341 -1.47 31.01 28.32
C ILE H 341 -0.61 31.38 29.53
N LEU H 342 0.66 30.98 29.51
CA LEU H 342 1.54 31.33 30.63
C LEU H 342 1.68 32.83 30.79
N GLU H 343 1.84 33.55 29.68
CA GLU H 343 1.98 35.00 29.75
C GLU H 343 0.68 35.66 30.23
N ALA H 344 -0.46 35.24 29.69
CA ALA H 344 -1.73 35.81 30.11
C ALA H 344 -2.03 35.49 31.56
N VAL H 345 -1.67 34.30 32.02
CA VAL H 345 -1.85 33.95 33.42
C VAL H 345 -0.96 34.81 34.31
N ALA H 346 0.29 35.03 33.89
CA ALA H 346 1.16 35.94 34.64
C ALA H 346 0.53 37.32 34.75
N ALA H 347 -0.19 37.75 33.71
CA ALA H 347 -0.85 39.06 33.77
C ALA H 347 -2.11 39.05 34.64
N CYS H 348 -2.85 37.94 34.65
CA CYS H 348 -4.21 37.94 35.19
C CYS H 348 -4.33 37.32 36.59
N LYS H 349 -3.45 36.41 36.96
CA LYS H 349 -3.54 35.73 38.24
C LYS H 349 -3.49 36.66 39.46
N PRO H 350 -2.61 37.67 39.52
CA PRO H 350 -2.61 38.55 40.71
C PRO H 350 -3.92 39.25 40.95
N TYR H 351 -4.74 39.46 39.91
CA TYR H 351 -6.02 40.11 40.05
C TYR H 351 -7.19 39.12 40.11
N GLY H 352 -6.91 37.82 40.07
CA GLY H 352 -7.98 36.85 40.16
C GLY H 352 -8.88 36.74 38.95
N VAL H 353 -8.40 37.14 37.78
CA VAL H 353 -9.20 37.10 36.56
C VAL H 353 -8.97 35.75 35.88
N PRO H 354 -10.01 34.95 35.66
CA PRO H 354 -9.82 33.65 35.02
C PRO H 354 -9.39 33.76 33.57
N VAL H 355 -8.71 32.71 33.11
CA VAL H 355 -8.21 32.62 31.74
C VAL H 355 -8.88 31.47 31.01
N ILE H 356 -9.39 31.76 29.81
CA ILE H 356 -10.07 30.78 28.97
C ILE H 356 -9.16 30.49 27.79
N ALA H 357 -8.68 29.25 27.71
CA ALA H 357 -7.81 28.83 26.61
C ALA H 357 -8.66 28.50 25.40
N ASP H 358 -8.52 29.25 24.31
CA ASP H 358 -9.35 29.08 23.13
C ASP H 358 -8.47 28.75 21.94
N GLY H 359 -8.62 27.53 21.41
CA GLY H 359 -7.98 27.13 20.19
C GLY H 359 -6.76 26.25 20.42
N GLY H 360 -6.42 25.48 19.38
CA GLY H 360 -5.25 24.62 19.40
C GLY H 360 -5.43 23.27 20.06
N LEU H 361 -6.63 22.92 20.52
CA LEU H 361 -6.86 21.68 21.24
C LEU H 361 -7.18 20.55 20.27
N GLN H 362 -6.55 19.40 20.50
CA GLN H 362 -6.71 18.25 19.63
C GLN H 362 -7.13 17.01 20.42
N TYR H 363 -6.68 16.91 21.66
CA TYR H 363 -6.93 15.75 22.50
C TYR H 363 -7.18 16.19 23.92
N SER H 364 -7.79 15.30 24.71
CA SER H 364 -8.08 15.63 26.11
C SER H 364 -6.82 15.93 26.91
N GLY H 365 -5.70 15.33 26.51
CA GLY H 365 -4.43 15.69 27.09
C GLY H 365 -4.10 17.16 26.91
N ASP H 366 -4.49 17.74 25.77
CA ASP H 366 -4.30 19.17 25.57
C ASP H 366 -5.18 19.99 26.51
N ILE H 367 -6.39 19.51 26.82
CA ILE H 367 -7.21 20.17 27.84
C ILE H 367 -6.48 20.18 29.16
N ALA H 368 -5.92 19.03 29.55
CA ALA H 368 -5.18 18.95 30.80
C ALA H 368 -3.97 19.88 30.79
N LYS H 369 -3.24 19.94 29.67
CA LYS H 369 -2.07 20.80 29.57
C LYS H 369 -2.45 22.27 29.67
N ALA H 370 -3.52 22.66 28.99
CA ALA H 370 -3.97 24.05 29.06
C ALA H 370 -4.39 24.44 30.47
N LEU H 371 -5.12 23.56 31.15
CA LEU H 371 -5.52 23.87 32.52
C LEU H 371 -4.31 23.91 33.45
N ALA H 372 -3.34 23.02 33.26
CA ALA H 372 -2.15 23.02 34.10
C ALA H 372 -1.27 24.24 33.85
N ALA H 373 -1.28 24.76 32.61
CA ALA H 373 -0.51 25.96 32.31
C ALA H 373 -1.04 27.19 33.02
N GLY H 374 -2.23 27.13 33.59
CA GLY H 374 -2.76 28.26 34.33
C GLY H 374 -4.14 28.70 33.91
N ALA H 375 -4.66 28.16 32.81
CA ALA H 375 -6.01 28.51 32.38
C ALA H 375 -7.04 27.95 33.36
N SER H 376 -8.14 28.68 33.52
CA SER H 376 -9.24 28.23 34.34
C SER H 376 -10.25 27.43 33.55
N THR H 377 -10.50 27.79 32.30
CA THR H 377 -11.41 27.01 31.47
C THR H 377 -10.82 26.85 30.08
N ALA H 378 -11.29 25.82 29.36
CA ALA H 378 -10.93 25.60 27.98
C ALA H 378 -12.17 25.69 27.10
N MET H 379 -12.03 26.39 25.97
CA MET H 379 -13.11 26.60 25.04
C MET H 379 -13.02 25.58 23.91
N LEU H 380 -14.08 24.80 23.73
CA LEU H 380 -14.09 23.71 22.76
C LEU H 380 -14.72 24.19 21.46
N GLY H 381 -13.95 24.10 20.37
CA GLY H 381 -14.39 24.57 19.08
C GLY H 381 -14.64 23.46 18.09
N SER H 382 -13.65 23.20 17.23
CA SER H 382 -13.78 22.18 16.19
C SER H 382 -14.03 20.80 16.75
N LEU H 383 -13.66 20.54 18.01
CA LEU H 383 -13.97 19.26 18.62
C LEU H 383 -15.46 19.02 18.74
N LEU H 384 -16.24 20.09 18.85
CA LEU H 384 -17.70 19.99 18.99
C LEU H 384 -18.44 20.42 17.73
N ALA H 385 -17.73 20.66 16.62
CA ALA H 385 -18.37 21.22 15.44
C ALA H 385 -19.37 20.26 14.82
N GLY H 386 -19.03 18.97 14.75
CA GLY H 386 -19.88 17.99 14.10
C GLY H 386 -20.80 17.19 15.01
N THR H 387 -20.86 17.50 16.30
CA THR H 387 -21.68 16.72 17.21
C THR H 387 -23.17 16.95 16.92
N ALA H 388 -23.98 15.97 17.33
CA ALA H 388 -25.41 16.02 17.04
C ALA H 388 -26.08 17.25 17.66
N GLU H 389 -25.59 17.70 18.82
CA GLU H 389 -26.17 18.86 19.47
C GLU H 389 -25.78 20.16 18.79
N SER H 390 -24.73 20.15 17.98
CA SER H 390 -24.33 21.33 17.23
C SER H 390 -25.32 21.62 16.12
N PRO H 391 -25.36 22.85 15.62
CA PRO H 391 -26.30 23.17 14.53
C PRO H 391 -26.00 22.37 13.28
N GLY H 392 -26.96 22.38 12.37
CA GLY H 392 -26.86 21.63 11.14
C GLY H 392 -27.77 20.41 11.14
N GLU H 393 -28.11 19.97 9.94
CA GLU H 393 -28.94 18.79 9.74
C GLU H 393 -28.09 17.63 9.25
N LEU H 394 -28.46 16.43 9.64
CA LEU H 394 -27.73 15.24 9.23
C LEU H 394 -28.04 14.89 7.78
N ILE H 395 -26.98 14.68 6.99
CA ILE H 395 -27.11 14.19 5.63
C ILE H 395 -26.19 12.99 5.48
N PHE H 396 -26.46 12.18 4.46
CA PHE H 396 -25.72 10.96 4.21
C PHE H 396 -25.23 11.00 2.77
N VAL H 397 -23.92 11.21 2.60
CA VAL H 397 -23.32 11.40 1.28
C VAL H 397 -22.13 10.46 1.15
N ASN H 398 -22.08 9.75 0.02
CA ASN H 398 -20.93 8.91 -0.35
C ASN H 398 -20.60 7.89 0.73
N GLY H 399 -21.63 7.39 1.40
CA GLY H 399 -21.47 6.37 2.42
C GLY H 399 -21.06 6.88 3.78
N LYS H 400 -20.97 8.19 3.98
CA LYS H 400 -20.61 8.75 5.27
C LYS H 400 -21.61 9.83 5.66
N GLN H 401 -21.73 10.05 6.96
CA GLN H 401 -22.68 11.01 7.50
C GLN H 401 -21.99 12.36 7.74
N PHE H 402 -22.68 13.43 7.39
CA PHE H 402 -22.17 14.80 7.51
C PHE H 402 -23.28 15.70 8.06
N LYS H 403 -22.93 16.95 8.31
CA LYS H 403 -23.89 17.96 8.71
C LYS H 403 -23.90 19.08 7.68
N SER H 404 -25.10 19.49 7.27
CA SER H 404 -25.28 20.53 6.27
C SER H 404 -26.19 21.62 6.82
N TYR H 405 -25.91 22.86 6.43
CA TYR H 405 -26.60 24.02 7.00
C TYR H 405 -27.53 24.66 5.99
N ARG H 427 -20.33 38.32 4.98
CA ARG H 427 -21.68 38.39 5.54
C ARG H 427 -21.91 39.69 6.29
N TYR H 428 -23.18 40.03 6.49
CA TYR H 428 -23.55 41.28 7.14
C TYR H 428 -23.15 41.32 8.61
N PHE H 429 -22.87 40.16 9.22
CA PHE H 429 -22.58 40.11 10.64
C PHE H 429 -21.12 39.74 10.94
N GLN H 430 -20.36 39.28 9.96
CA GLN H 430 -18.94 39.01 10.13
C GLN H 430 -18.17 40.31 9.93
N ASP H 431 -18.35 41.22 10.89
CA ASP H 431 -17.78 42.56 10.83
C ASP H 431 -16.40 42.64 11.46
N ASP H 432 -15.86 41.53 11.94
CA ASP H 432 -14.56 41.51 12.59
C ASP H 432 -13.46 41.49 11.53
N VAL H 433 -12.66 42.55 11.49
CA VAL H 433 -11.42 42.49 10.72
C VAL H 433 -10.44 41.56 11.42
N LEU H 434 -9.45 41.08 10.66
CA LEU H 434 -8.41 40.18 11.11
C LEU H 434 -8.94 38.79 11.44
N SER H 435 -10.24 38.54 11.30
CA SER H 435 -10.77 37.20 11.48
C SER H 435 -10.40 36.32 10.29
N GLU H 436 -10.35 35.01 10.53
CA GLU H 436 -9.86 34.08 9.53
C GLU H 436 -10.72 34.08 8.26
N ASP H 437 -11.99 34.43 8.37
CA ASP H 437 -12.82 34.47 7.18
C ASP H 437 -12.42 35.60 6.23
N LYS H 438 -11.70 36.60 6.72
CA LYS H 438 -11.19 37.65 5.85
C LYS H 438 -9.90 37.26 5.14
N LEU H 439 -9.25 36.18 5.57
CA LEU H 439 -7.97 35.77 5.03
C LEU H 439 -8.07 34.68 3.99
N VAL H 440 -9.07 33.81 4.09
CA VAL H 440 -9.27 32.70 3.16
C VAL H 440 -9.66 33.26 1.79
N PRO H 441 -9.35 32.55 0.70
CA PRO H 441 -9.76 33.04 -0.62
C PRO H 441 -11.27 33.12 -0.80
N GLU H 442 -12.03 32.25 -0.14
CA GLU H 442 -13.48 32.27 -0.27
C GLU H 442 -14.16 31.78 1.01
N ARG H 447 -18.54 20.56 4.16
CA ARG H 447 -19.32 19.60 4.91
C ARG H 447 -18.54 19.07 6.11
N VAL H 448 -18.92 19.51 7.30
CA VAL H 448 -18.28 19.06 8.54
C VAL H 448 -18.77 17.65 8.87
N PRO H 449 -17.88 16.69 9.02
CA PRO H 449 -18.31 15.31 9.30
C PRO H 449 -18.99 15.18 10.66
N PHE H 450 -19.92 14.24 10.73
CA PHE H 450 -20.62 13.96 11.98
C PHE H 450 -19.66 13.38 13.01
N ARG H 451 -19.85 13.77 14.27
CA ARG H 451 -18.96 13.35 15.35
C ARG H 451 -19.68 12.65 16.49
N GLY H 452 -20.99 12.43 16.38
CA GLY H 452 -21.74 11.71 17.39
C GLY H 452 -22.31 12.60 18.48
N PRO H 453 -22.87 11.99 19.51
CA PRO H 453 -23.49 12.77 20.59
C PRO H 453 -22.45 13.53 21.41
N LEU H 454 -22.88 14.66 21.96
CA LEU H 454 -22.00 15.47 22.79
C LEU H 454 -21.60 14.75 24.07
N GLY H 455 -22.47 13.88 24.58
CA GLY H 455 -22.19 13.20 25.84
C GLY H 455 -20.94 12.35 25.78
N THR H 456 -20.76 11.61 24.68
CA THR H 456 -19.56 10.78 24.54
C THR H 456 -18.29 11.63 24.51
N VAL H 457 -18.32 12.73 23.76
CA VAL H 457 -17.14 13.59 23.64
C VAL H 457 -16.79 14.21 24.99
N ILE H 458 -17.80 14.74 25.68
CA ILE H 458 -17.55 15.36 26.98
C ILE H 458 -17.09 14.32 27.99
N HIS H 459 -17.65 13.11 27.92
CA HIS H 459 -17.21 12.04 28.82
C HIS H 459 -15.76 11.69 28.58
N GLN H 460 -15.35 11.57 27.33
CA GLN H 460 -13.96 11.24 27.02
C GLN H 460 -13.02 12.35 27.50
N LEU H 461 -13.39 13.61 27.24
CA LEU H 461 -12.54 14.72 27.67
C LEU H 461 -12.42 14.77 29.18
N THR H 462 -13.53 14.58 29.89
CA THR H 462 -13.49 14.59 31.34
C THR H 462 -12.70 13.41 31.89
N GLY H 463 -12.78 12.26 31.23
CA GLY H 463 -11.97 11.12 31.65
C GLY H 463 -10.49 11.40 31.50
N GLY H 464 -10.09 12.01 30.39
CA GLY H 464 -8.70 12.41 30.24
C GLY H 464 -8.27 13.40 31.29
N LEU H 465 -9.12 14.39 31.57
CA LEU H 465 -8.78 15.39 32.60
C LEU H 465 -8.65 14.76 33.97
N ARG H 466 -9.55 13.84 34.32
CA ARG H 466 -9.48 13.18 35.61
C ARG H 466 -8.25 12.29 35.70
N ALA H 467 -7.89 11.63 34.60
CA ALA H 467 -6.66 10.84 34.59
C ALA H 467 -5.43 11.72 34.82
N ALA H 468 -5.41 12.90 34.18
CA ALA H 468 -4.30 13.82 34.42
C ALA H 468 -4.28 14.30 35.87
N MET H 469 -5.45 14.57 36.44
CA MET H 469 -5.51 14.99 37.84
C MET H 469 -5.01 13.90 38.77
N GLY H 470 -5.35 12.64 38.47
CA GLY H 470 -4.83 11.53 39.25
C GLY H 470 -3.33 11.35 39.11
N TYR H 471 -2.80 11.55 37.90
CA TYR H 471 -1.37 11.40 37.68
C TYR H 471 -0.57 12.51 38.36
N THR H 472 -1.10 13.74 38.36
CA THR H 472 -0.37 14.88 38.91
C THR H 472 -0.68 15.15 40.37
N GLY H 473 -1.58 14.37 40.98
CA GLY H 473 -1.94 14.60 42.37
C GLY H 473 -2.71 15.88 42.62
N SER H 474 -3.62 16.25 41.73
CA SER H 474 -4.40 17.47 41.83
C SER H 474 -5.83 17.11 42.22
N ALA H 475 -6.21 17.44 43.45
CA ALA H 475 -7.59 17.20 43.87
C ALA H 475 -8.55 18.18 43.23
N THR H 476 -8.08 19.37 42.87
CA THR H 476 -8.89 20.40 42.26
C THR H 476 -8.17 20.96 41.04
N ILE H 477 -8.90 21.79 40.28
CA ILE H 477 -8.30 22.46 39.12
C ILE H 477 -7.26 23.48 39.58
N GLU H 478 -7.49 24.14 40.72
CA GLU H 478 -6.49 25.06 41.25
C GLU H 478 -5.19 24.35 41.57
N GLN H 479 -5.27 23.12 42.07
CA GLN H 479 -4.04 22.34 42.30
C GLN H 479 -3.43 21.88 40.98
N LEU H 480 -4.26 21.63 39.97
CA LEU H 480 -3.74 21.26 38.66
C LEU H 480 -2.99 22.42 38.03
N GLN H 481 -3.38 23.65 38.32
CA GLN H 481 -2.72 24.82 37.78
C GLN H 481 -1.30 25.00 38.31
N GLN H 482 -0.92 24.26 39.34
CA GLN H 482 0.43 24.29 39.89
C GLN H 482 1.31 23.15 39.39
N ALA H 483 0.81 22.30 38.51
CA ALA H 483 1.59 21.16 38.03
C ALA H 483 2.71 21.62 37.11
N GLN H 484 3.74 20.79 37.01
CA GLN H 484 4.92 21.10 36.22
C GLN H 484 4.87 20.42 34.86
N PHE H 485 5.61 21.00 33.92
CA PHE H 485 5.76 20.46 32.58
C PHE H 485 7.17 19.91 32.39
N VAL H 486 7.28 18.93 31.50
CA VAL H 486 8.54 18.48 30.95
C VAL H 486 8.50 18.74 29.45
N GLN H 487 9.54 19.37 28.93
CA GLN H 487 9.60 19.68 27.51
C GLN H 487 10.26 18.52 26.77
N ILE H 488 9.61 18.07 25.72
CA ILE H 488 10.10 16.95 24.92
C ILE H 488 10.72 17.48 23.64
N THR H 489 11.67 16.72 23.10
CA THR H 489 12.32 17.07 21.85
C THR H 489 11.48 16.59 20.67
N ALA H 490 11.99 16.83 19.46
CA ALA H 490 11.29 16.39 18.25
C ALA H 490 11.16 14.88 18.18
N ALA H 491 12.17 14.16 18.68
CA ALA H 491 12.12 12.70 18.67
C ALA H 491 10.91 12.17 19.43
N GLY H 492 10.42 12.92 20.41
CA GLY H 492 9.25 12.51 21.16
C GLY H 492 7.95 12.59 20.40
N LEU H 493 7.93 13.28 19.26
CA LEU H 493 6.73 13.36 18.43
C LEU H 493 6.71 12.33 17.31
N LYS H 494 7.76 11.54 17.15
CA LYS H 494 7.84 10.59 16.04
C LYS H 494 6.89 9.41 16.26
N GLU H 495 6.34 8.91 15.17
CA GLU H 495 5.47 7.73 15.22
C GLU H 495 6.26 6.46 14.89
PG ATP I . 12.32 -44.15 28.10
O1G ATP I . 13.66 -43.54 27.71
O2G ATP I . 11.16 -43.57 27.33
O3G ATP I . 12.09 -44.14 29.60
PB ATP I . 13.16 -46.55 26.50
O1B ATP I . 12.15 -47.21 25.67
O2B ATP I . 14.18 -45.69 25.86
O3B ATP I . 12.42 -45.71 27.64
PA ATP I . 13.64 -49.22 27.58
O1A ATP I . 13.29 -49.82 26.28
O2A ATP I . 12.72 -49.38 28.73
O3A ATP I . 13.92 -47.66 27.37
O5' ATP I . 15.08 -49.76 27.99
C5' ATP I . 15.58 -49.55 29.32
C4' ATP I . 16.74 -50.50 29.60
O4' ATP I . 16.32 -51.86 29.37
C3' ATP I . 17.98 -50.29 28.75
O3' ATP I . 19.15 -50.64 29.49
C2' ATP I . 17.77 -51.28 27.60
O2' ATP I . 19.00 -51.69 27.01
C1' ATP I . 17.09 -52.43 28.33
N9 ATP I . 16.21 -53.24 27.50
C8 ATP I . 15.34 -52.79 26.52
N7 ATP I . 14.66 -53.75 25.95
C5 ATP I . 15.10 -54.90 26.59
C6 ATP I . 14.75 -56.26 26.43
N6 ATP I . 13.84 -56.70 25.56
N1 ATP I . 15.38 -57.15 27.23
C2 ATP I . 16.29 -56.72 28.10
N3 ATP I . 16.68 -55.46 28.34
C4 ATP I . 16.06 -54.60 27.54
PG ATP J . 7.41 -44.49 25.27
O1G ATP J . 8.48 -44.16 26.27
O2G ATP J . 6.73 -45.81 25.55
O3G ATP J . 6.41 -43.37 25.06
PB ATP J . 9.72 -44.58 23.35
O1B ATP J . 10.52 -45.58 24.08
O2B ATP J . 10.14 -43.16 23.35
O3B ATP J . 8.20 -44.66 23.86
PA ATP J . 9.44 -46.51 21.15
O1A ATP J . 9.22 -47.52 22.20
O2A ATP J . 10.57 -46.67 20.21
O3A ATP J . 9.53 -45.06 21.83
O5' ATP J . 8.09 -46.36 20.31
C5' ATP J . 8.16 -46.10 18.90
C4' ATP J . 7.35 -47.12 18.15
O4' ATP J . 7.87 -47.24 16.81
C3' ATP J . 7.39 -48.54 18.73
O3' ATP J . 6.34 -48.75 19.68
C2' ATP J . 7.24 -49.41 17.48
O2' ATP J . 5.89 -49.52 17.07
C1' ATP J . 8.05 -48.60 16.46
N9 ATP J . 9.48 -48.89 16.46
C8 ATP J . 10.37 -48.72 17.50
N7 ATP J . 11.59 -49.07 17.20
C5 ATP J . 11.52 -49.48 15.89
C6 ATP J . 12.49 -49.96 14.98
N6 ATP J . 13.77 -50.13 15.29
N1 ATP J . 12.07 -50.28 13.74
C2 ATP J . 10.78 -50.13 13.42
N3 ATP J . 9.78 -49.69 14.19
C4 ATP J . 10.22 -49.38 15.41
MG MG K . 9.76 -44.90 27.68
MG MG L . 10.93 -44.41 25.57
PG ATP M . 8.78 -44.37 31.58
O1G ATP M . 7.30 -44.68 31.60
O2G ATP M . 9.08 -42.89 31.63
O3G ATP M . 9.53 -45.08 30.47
PB ATP M . 9.33 -44.63 34.53
O1B ATP M . 9.86 -43.26 34.73
O2B ATP M . 7.99 -44.98 35.07
O3B ATP M . 9.36 -44.99 32.97
PA ATP M . 11.89 -45.51 35.66
O1A ATP M . 11.87 -44.40 36.63
O2A ATP M . 12.85 -45.46 34.54
O3A ATP M . 10.41 -45.68 35.08
O5' ATP M . 12.08 -46.86 36.49
C5' ATP M . 11.96 -48.13 35.82
C4' ATP M . 11.59 -49.17 36.85
O4' ATP M . 12.48 -49.06 37.99
C3' ATP M . 10.17 -49.07 37.41
O3' ATP M . 9.59 -50.36 37.58
C2' ATP M . 10.37 -48.36 38.75
O2' ATP M . 9.38 -48.75 39.70
C1' ATP M . 11.74 -48.88 39.17
N9 ATP M . 12.48 -47.98 40.04
C8 ATP M . 12.25 -46.64 40.21
N7 ATP M . 13.09 -46.05 41.04
C5 ATP M . 13.93 -47.08 41.44
C6 ATP M . 15.04 -47.11 42.30
N6 ATP M . 15.51 -46.04 42.95
N1 ATP M . 15.65 -48.30 42.49
C2 ATP M . 15.19 -49.37 41.83
N3 ATP M . 14.16 -49.45 40.98
C4 ATP M . 13.57 -48.26 40.83
PG ATP N . 10.85 -38.38 31.59
O1G ATP N . 9.89 -39.42 31.07
O2G ATP N . 12.27 -38.89 31.70
O3G ATP N . 10.76 -37.06 30.85
PB ATP N . 9.23 -38.58 34.12
O1B ATP N . 9.81 -39.58 35.03
O2B ATP N . 8.03 -38.94 33.34
O3B ATP N . 10.37 -38.09 33.12
PA ATP N . 8.84 -36.94 36.49
O1A ATP N . 9.88 -37.71 37.21
O2A ATP N . 7.43 -37.07 36.91
O3A ATP N . 8.94 -37.24 34.93
O5' ATP N . 9.24 -35.39 36.56
C5' ATP N . 8.62 -34.53 37.53
C4' ATP N . 9.64 -33.58 38.11
O4' ATP N . 9.13 -33.01 39.33
C3' ATP N . 10.99 -34.23 38.44
O3' ATP N . 11.98 -33.82 37.51
C2' ATP N . 11.31 -33.72 39.86
O2' ATP N . 12.11 -32.55 39.82
C1' ATP N . 9.93 -33.42 40.42
N9 ATP N . 9.27 -34.53 41.11
C8 ATP N . 9.14 -35.82 40.67
N7 ATP N . 8.46 -36.60 41.47
C5 ATP N . 8.12 -35.75 42.53
C6 ATP N . 7.38 -35.96 43.71
N6 ATP N . 6.84 -37.12 44.05
N1 ATP N . 7.22 -34.91 44.54
C2 ATP N . 7.76 -33.72 44.20
N3 ATP N . 8.46 -33.41 43.10
C4 ATP N . 8.61 -34.47 42.31
MG MG O . 10.63 -41.81 30.39
MG MG P . 9.65 -41.60 33.37
#